data_4D6U
#
_entry.id   4D6U
#
_cell.length_a   129.490
_cell.length_b   129.490
_cell.length_c   719.936
_cell.angle_alpha   90.00
_cell.angle_beta   90.00
_cell.angle_gamma   120.00
#
_symmetry.space_group_name_H-M   'P 65'
#
loop_
_entity.id
_entity.type
_entity.pdbx_description
1 polymer 'CYTOCHROME B-C1 COMPLEX SUBUNIT 1, MITOCHONDRIAL'
2 polymer 'CYTOCHROME B-C1 COMPLEX SUBUNIT 2, MITOCHONDRIAL'
3 polymer 'CYTOCHROME B'
4 polymer 'CYTOCHROME C1, HEME PROTEIN, MITOCHONDRIAL'
5 polymer 'CYTOCHROME B-C1 COMPLEX SUBUNIT RIESKE, MITOCHONDRIAL'
6 polymer 'CYTOCHROME B-C1 COMPLEX SUBUNIT 7'
7 polymer 'CYTOCHROME B-C1 COMPLEX SUBUNIT 8'
8 polymer 'CYTOCHROME B-C1 COMPLEX SUBUNIT 6, MITOCHONDRIAL'
9 polymer 'CYTOCHROME B-C1 COMPLEX SUBUNIT 9'
10 polymer 'CYTOCHROME B-C1 COMPLEX SUBUNIT 1, MITOCHONDRIAL'
11 polymer 'CYTOCHROME B-C1 COMPLEX SUBUNIT 2, MITOCHONDRIAL'
12 polymer 'CYTOCHROME B-C1 COMPLEX SUBUNIT RIESKE, MITOCHONDRIAL'
13 non-polymer 'PROTOPORPHYRIN IX CONTAINING FE'
14 non-polymer 3-chloro-6-(hydroxymethyl)-2-methyl-5-{4-[3-(trifluoromethoxy)phenoxy]phenyl}pyridin-4-ol
15 non-polymer 'PHOSPHATE ION'
16 non-polymer 1,2-dioleoyl-sn-glycero-3-phosphoethanolamine
17 non-polymer 'HEME C'
18 non-polymer CARDIOLIPIN
19 non-polymer 'FE2/S2 (INORGANIC) CLUSTER'
20 non-polymer GLYCEROL
#
loop_
_entity_poly.entity_id
_entity_poly.type
_entity_poly.pdbx_seq_one_letter_code
_entity_poly.pdbx_strand_id
1 'polypeptide(L)'
;MAASAVCRAAGAGTRVLLRTRRSPALLRSSDLRGTATYAQALQSVPETQVSQLDNGLRVASEQSSQPTCTVGVWIDAGSR
YESEKNNGAGYFVEHLAFKGTKNRPGNALEKEVESMGAHLNAYSTREHTAYYIKALSKDLPKAVELLADIVQNCSLEDSQ
IEKERDVILQELQENDTSMRDVVFNYLHATAFQGTPLAQSVEGPSENVRKLSRADLTEYLSRHYKAPRMVLAAAGGLEHR
QLLDLAQKHFSGLSGTYDEDAVPTLSPCRFTGSQICHREDGLPLAHVAIAVEGPGWAHPDNVALQVANAIIGHYDCTYGG
GAHLSSPLASIAATNKLCQSFQTFNICYADTGLLGAHFVCDHMSIDDMMFVLQGQWMRLCTSATESEVLRGKNLLRNALV
SHLDGTTPVCEDIGRSLLTYGRRIPLAEWESRIAEVDARVVREVCSKYFYDQCPAVAGFGPIEQLPDYNRIRSGMFWLRF
;
A
2 'polypeptide(L)'
;MKLLTRAGSLSRFYSLKVAPKVKATEAPAGVPPHPQDLEFTRLPNGLVIASLENYAPASRIGLFIKAGSRYENSNNLGTS
HLLRLASSLTTKGASSFKITRGIEAVGGKLSVTSTRENMAYTVECLRDDVDILMEFLLNVTTAPEFRRWEVAALQPQLRI
DKAVALQNPQAHVIENLHAAAYRNALANSLYCPDYRIGKVTPVELHDYVQNHFTSARMALIGLGVSHPVLKQVAEQFLNI
RGGLGLSGAKAKYHGGEIREQNGDSLVHAALVAESAAIGSAEANAFSVLQHVLGAGPHVKRGSNATSSLYQAVAKGVHQP
FDVSAFNASYSDSGLFGFYTISQAASAGDVIKAAYNQVKTIAQGNLSNPDVQAAKNKLKAGYLMSVESSEGFLDEVGSQA
LAAGSYTPPSTVLQQIDAVADADVINAAKKFVSGRKSMAASGNLGHTPFIDEL
;
B
3 'polypeptide(L)'
;MTNIRKSHPLMKIVNNAFIDLPAPSNISSWWNFGSLLGICLILQILTGLFLAMHYTSDTTTAFSSVTHICRDVNYGWIIR
YMHANGASMFFICLYMHVGRGLYYGSYTFLETWNIGVILLLTVMATAFMGYVLPWGQMSFWGATVITNLLSAIPYIGTNL
VEWIWGGFSVDKATLTRFFAFHFILPFIIMAIAMVHLLFLHETGSNNPTGISSDVDKIPFHPYYTIKDILGALLLILALM
LLVLFAPDLLGDPDNYTPANPLNTPPHIKPEWYFLFAYAILRSIPNKLGGVLALAFSILILALIPLLHTSKQRSMMFRPL
SQCLFWALVADLLTLTWIGGQPVEHPYITIGQLASVLYFLLILVLMPTAGTIENKLLKW
;
C,P
4 'polypeptide(L)'
;MAAAAATLRGAMVGPRGAGLPGARARGLLCGARPGQLPLRTPQAVSLSSKSGLSRGRKVILSALGMLAAGGAGLAVALHS
AVSASDLELHPPSYPWSHRGLLSSLDHTSIRRGFQVYKQVCSSCHSMDYVAYRHLVGVCYTEDEAKALAEEVEVQDGPNE
DGEMFMRPGKLSDYFPKPYPNPEAARAANNGALPPDLSYIVRARHGGEDYVFSLLTGYCEPPTGVSLREGLYFNPYFPGQ
AIGMAPPIYNEVLEFDDGTPATMSQVAKDVCTFLRWAAEPEHDHRKRMGLKMLLMMGLLLPLVYAMKRHKWSVLKSRKLA
YRPPK
;
D,Q
5 'polypeptide(L)'
;MLSVAARSGPFAPVLSATSRGVAGALRPLVQAAVPATSESPVLDLKRSVLCRESLRGQAAGRPLVASVSLNVPASVRYSH
TDIKVPDFSDYRRPEVLDSTKSSKESSEARKGFSYLVTATTTVGVAYAAKNVVSQFVSSMSASADVLAMSKIEIKLSDIP
EGKNMAFKWRGKPLFVRHRTKKEIDQEAAVEVSQLRDPQHDLERVKKPEWVILIGVCTHLGCVPIANAGDFGGYYCPCHG
SHYDASGRIRKGPAPLNLEVPSYEFTSDDMVIVG
;
E,I,R
6 'polypeptide(L)'
;MAGRPAVSASSRWLEGIRKWYYNAAGFNKLGLMRDDTIHENDDVKEAIRRLPENLYDDRVFRIKRALDLSMRQQILPKEQ
WTKYEEDKSYLEPYLKEVIRERKEREEWAKK
;
F,S
7 'polypeptide(L)'
;MGRQFGHLTRVRHVITYSLSPFEQRAFPHYFSKGIPNVLRRTRACILRVAPPFVAFYLVYTWGTQEFEKSKRKNPAAYEN
DR
;
G,T
8 'polypeptide(L)'
;MGLEDEQRMLTGSGDPKEEEEEEEELVDPLTTVREQCEQLEKCVKARERLELCDERVSSRSQTEEDCTEELLDFLHARDH
CVAHKLFNSLK
;
H,U
9 'polypeptide(L)' MVAPTLTARLYSLLFRRTSTFALTIVVGALFFERAFDQGADAIYEHINEGKLWKHIKHKYENKE J,W
10 'polypeptide(L)'
;MAASAVCRAAGAGTRVLLRTRRSPALLRSSDLRGTATYAQALQSVPETQVSQLDNGLRVASEQSSQPTCTVGVWIDAGSR
YESEKNNGAGYFVEHLAFKGTKNRPGNALEKEVESMGAHLNAYSTREHTAYYIKALSKDLPKAVELLADIVQNCSLEDSQ
IEKERDVILQELQENDTSMRDVVFNYLHATAFQGTPLAQSVEGPSENVRKLSRADLTEYLSRHYKAPRMVLAAAGGLEHR
QLLDLAQKHFSGLSGTYDEDAVPTLSPCRFTGSQICHREDGLPLAHVAIAVEGPGWAHPDNVALQVANAIIGHYDCTYGG
GAHLSSPLASIAATNKLCQSFQTFNICYADTGLLGAHFVCDHMSIDDMMFVLQGQWMRLCTSATESEVLRGKNLLRNALV
SHLDGTTPVCEDIGRSLLTYGRRIPLAEWESRIAEVDARVVREVCSKYFYDQCPAVAGFGPIEQLPDYNRIRSGMFWLKF
;
N
11 'polypeptide(L)'
;MKLLTRAGSLSRFYSLKVAPKVKATEAPAGVPPHPQDLEFTRLPNGLVIASLENYAPASRIGLFIKAGSRYENSNNLGTS
HLLRLASSLTTKGASSFKITRGIEAVGGKLSVTSTRENMAYTVECLRDDVDILMEFLLNVTTAPEFRRWEVAALQPQLRI
DKAVALQNPQAHVIENLHAAAYRNALANSLYCPDYRIGKVTPVELHDYVQNHFTSARMALIGLGVSHPVLKQVAEQFLNI
RGGLGLSGAKAKYHGGEIREQNGDSLVHAALVAESAAIGSAEANAFSVLQHVLGAGPHVKRGSNATSSLYQAVAKGVHEP
FDVSAFNASYSDSGLFGFYTISQAASAGDVIKAAYNQVKTIAQGNLSNPDVQAAKNKLKAGYLMSVESSEGFLDEVGSQA
LAAGSYTPPSTVLQQIDAVADADVINAAKKFVSGRKSMAASGNLGHTPFIDEL
;
O
12 'polypeptide(L)'
;MLSVAARSGPFAPVLSATSRGVAGALRPLVQAAVPATSESPVLDLKRSVLCRESLRGQAAGRPVVASVSLNVPASVRYSH
TDIKVPDFSDYRRPEVLDSTKSSKESSEARKGFSYLVTATTTVGVAYAAKNVVSQFVSSMSASADVLAMSKIEIKLSDIP
EGKNMAFKWRGKPLFVRHRTKKEIDQEAAVEVSQLRDPQHDLERVKKPEWVILIGVCTHLGCVPIANAGDFGGYYCPCHG
SHYDASGRIRKGPAPLNLEVPSYEFTSDDMVIVG
;
V
#
# COMPACT_ATOMS: atom_id res chain seq x y z
N ALA A 36 -27.01 48.05 -35.09
CA ALA A 36 -25.65 47.77 -35.66
C ALA A 36 -25.04 46.48 -35.08
N THR A 37 -25.34 45.36 -35.75
CA THR A 37 -24.96 44.01 -35.26
C THR A 37 -23.54 43.57 -35.65
N TYR A 38 -23.08 42.47 -35.05
CA TYR A 38 -21.81 41.79 -35.42
C TYR A 38 -21.89 41.31 -36.88
N ALA A 39 -23.04 40.76 -37.26
CA ALA A 39 -23.32 40.35 -38.64
C ALA A 39 -23.00 41.47 -39.65
N GLN A 40 -23.51 42.67 -39.35
CA GLN A 40 -23.25 43.87 -40.15
C GLN A 40 -21.84 44.41 -39.95
N ALA A 41 -21.28 44.22 -38.75
CA ALA A 41 -19.93 44.73 -38.43
C ALA A 41 -18.86 44.19 -39.37
N LEU A 42 -19.08 42.95 -39.82
CA LEU A 42 -18.19 42.31 -40.78
C LEU A 42 -18.22 43.02 -42.14
N GLN A 43 -19.34 43.70 -42.43
CA GLN A 43 -19.48 44.41 -43.70
C GLN A 43 -18.56 45.64 -43.77
N SER A 44 -18.53 46.43 -42.70
CA SER A 44 -17.77 47.68 -42.68
C SER A 44 -16.24 47.50 -42.63
N VAL A 45 -15.78 46.25 -42.74
CA VAL A 45 -14.35 45.95 -42.77
C VAL A 45 -13.79 46.27 -44.16
N PRO A 46 -12.73 47.12 -44.21
CA PRO A 46 -12.08 47.46 -45.48
C PRO A 46 -11.56 46.22 -46.21
N GLU A 47 -12.06 46.00 -47.43
CA GLU A 47 -11.65 44.86 -48.24
C GLU A 47 -10.22 45.06 -48.74
N THR A 48 -9.29 44.26 -48.22
CA THR A 48 -7.86 44.41 -48.52
C THR A 48 -7.61 44.48 -50.03
N GLN A 49 -6.84 45.48 -50.45
CA GLN A 49 -6.54 45.71 -51.86
C GLN A 49 -5.22 45.04 -52.26
N VAL A 50 -5.23 44.41 -53.42
CA VAL A 50 -4.11 43.62 -53.90
C VAL A 50 -3.83 43.82 -55.38
N SER A 51 -2.61 44.25 -55.68
CA SER A 51 -2.13 44.44 -57.05
C SER A 51 -0.91 43.56 -57.31
N GLN A 52 -0.44 43.55 -58.56
CA GLN A 52 0.77 42.81 -58.93
C GLN A 52 1.66 43.60 -59.89
N LEU A 53 2.95 43.28 -59.90
CA LEU A 53 3.91 43.86 -60.86
C LEU A 53 4.24 42.90 -61.99
N ASP A 54 4.66 43.46 -63.12
CA ASP A 54 5.15 42.69 -64.27
C ASP A 54 6.29 41.76 -63.84
N ASN A 55 7.09 42.23 -62.88
CA ASN A 55 8.18 41.43 -62.33
C ASN A 55 7.74 40.45 -61.21
N GLY A 56 6.42 40.35 -60.97
CA GLY A 56 5.86 39.29 -60.11
C GLY A 56 5.39 39.71 -58.72
N LEU A 57 6.19 40.54 -58.04
CA LEU A 57 5.91 41.04 -56.69
C LEU A 57 4.46 41.46 -56.48
N ARG A 58 3.79 40.75 -55.58
CA ARG A 58 2.44 41.10 -55.19
C ARG A 58 2.44 42.24 -54.18
N VAL A 59 1.55 43.19 -54.41
CA VAL A 59 1.39 44.35 -53.53
C VAL A 59 0.04 44.18 -52.82
N ALA A 60 0.04 44.38 -51.51
CA ALA A 60 -1.13 44.10 -50.69
C ALA A 60 -1.29 45.13 -49.56
N SER A 61 -2.53 45.58 -49.34
CA SER A 61 -2.77 46.71 -48.44
C SER A 61 -4.16 46.76 -47.82
N GLU A 62 -4.24 47.08 -46.53
CA GLU A 62 -5.53 47.43 -45.90
C GLU A 62 -5.55 48.85 -45.33
N GLN A 63 -6.52 49.62 -45.83
CA GLN A 63 -6.66 51.02 -45.53
C GLN A 63 -7.63 51.28 -44.37
N SER A 64 -7.11 51.95 -43.34
CA SER A 64 -7.91 52.59 -42.30
C SER A 64 -7.43 54.01 -42.18
N SER A 65 -8.10 54.81 -41.36
CA SER A 65 -7.65 56.20 -41.14
C SER A 65 -6.56 56.28 -40.06
N GLN A 66 -5.83 55.18 -39.87
CA GLN A 66 -4.79 55.08 -38.84
C GLN A 66 -3.61 56.02 -39.17
N PRO A 67 -3.25 56.93 -38.25
CA PRO A 67 -2.12 57.87 -38.39
C PRO A 67 -0.76 57.18 -38.48
N THR A 68 -0.62 56.03 -37.81
CA THR A 68 0.52 55.14 -38.02
C THR A 68 0.09 53.94 -38.86
N CYS A 69 1.06 53.22 -39.40
CA CYS A 69 0.82 52.10 -40.29
C CYS A 69 1.95 51.10 -40.19
N THR A 70 1.68 49.88 -40.69
CA THR A 70 2.74 48.87 -40.76
C THR A 70 2.91 48.43 -42.20
N VAL A 71 4.17 48.32 -42.62
CA VAL A 71 4.49 47.92 -44.00
C VAL A 71 5.67 46.96 -43.97
N GLY A 72 5.54 45.84 -44.68
CA GLY A 72 6.60 44.84 -44.72
C GLY A 72 6.65 43.96 -45.95
N VAL A 73 7.75 43.22 -46.05
CA VAL A 73 7.97 42.24 -47.11
C VAL A 73 7.92 40.84 -46.52
N TRP A 74 7.06 40.02 -47.15
CA TRP A 74 6.87 38.61 -46.80
C TRP A 74 7.33 37.70 -47.94
N ILE A 75 8.06 36.64 -47.58
CA ILE A 75 8.77 35.81 -48.55
C ILE A 75 8.66 34.32 -48.21
N ASP A 76 8.32 33.50 -49.21
CA ASP A 76 8.30 32.05 -49.06
C ASP A 76 9.73 31.50 -49.04
N ALA A 77 10.37 31.56 -47.89
CA ALA A 77 11.73 31.04 -47.71
C ALA A 77 11.97 30.58 -46.28
N GLY A 78 12.86 29.62 -46.11
CA GLY A 78 13.21 29.11 -44.78
C GLY A 78 13.71 27.68 -44.71
N SER A 79 13.65 27.12 -43.51
CA SER A 79 14.26 25.82 -43.20
C SER A 79 13.59 24.59 -43.82
N ARG A 80 12.39 24.75 -44.38
CA ARG A 80 11.80 23.70 -45.25
C ARG A 80 12.38 23.75 -46.67
N TYR A 81 12.71 24.97 -47.13
CA TYR A 81 13.35 25.13 -48.43
C TYR A 81 14.84 24.83 -48.32
N GLU A 82 15.41 25.02 -47.12
CA GLU A 82 16.81 24.66 -46.86
C GLU A 82 17.05 23.16 -47.01
N SER A 83 18.32 22.78 -47.04
CA SER A 83 18.73 21.38 -47.11
C SER A 83 19.91 21.10 -46.19
N GLU A 84 20.19 19.80 -46.04
CA GLU A 84 21.12 19.28 -45.04
C GLU A 84 22.43 20.06 -44.87
N LYS A 85 23.01 20.49 -45.99
CA LYS A 85 24.29 21.21 -45.97
C LYS A 85 24.12 22.70 -45.69
N ASN A 86 23.01 23.29 -46.12
CA ASN A 86 22.80 24.73 -45.97
C ASN A 86 21.81 25.12 -44.88
N ASN A 87 21.41 24.14 -44.06
CA ASN A 87 20.55 24.41 -42.92
C ASN A 87 21.17 25.50 -42.05
N GLY A 88 20.37 26.45 -41.58
CA GLY A 88 20.82 27.51 -40.67
C GLY A 88 21.26 28.80 -41.35
N ALA A 89 20.99 28.91 -42.64
CA ALA A 89 21.38 30.08 -43.42
C ALA A 89 20.32 31.17 -43.43
N GLY A 90 19.05 30.81 -43.61
CA GLY A 90 17.95 31.79 -43.60
C GLY A 90 18.03 32.63 -42.32
N TYR A 91 18.32 31.93 -41.24
CA TYR A 91 18.56 32.52 -39.92
C TYR A 91 19.77 33.48 -39.95
N PHE A 92 20.86 33.02 -40.56
CA PHE A 92 22.07 33.82 -40.69
C PHE A 92 21.83 35.11 -41.50
N VAL A 93 21.10 35.00 -42.61
CA VAL A 93 20.69 36.16 -43.42
C VAL A 93 19.79 37.07 -42.59
N GLU A 94 18.72 36.52 -42.02
CA GLU A 94 17.85 37.29 -41.13
C GLU A 94 18.67 38.06 -40.09
N HIS A 95 19.72 37.42 -39.58
CA HIS A 95 20.67 38.09 -38.70
C HIS A 95 21.35 39.30 -39.34
N LEU A 96 21.95 39.09 -40.51
CA LEU A 96 22.82 40.10 -41.14
C LEU A 96 22.05 41.23 -41.82
N ALA A 97 20.80 40.95 -42.19
CA ALA A 97 19.98 41.87 -42.99
C ALA A 97 19.89 43.29 -42.44
N PHE A 98 19.96 43.44 -41.13
CA PHE A 98 19.86 44.76 -40.51
C PHE A 98 21.21 45.42 -40.23
N LYS A 99 22.32 44.77 -40.63
CA LYS A 99 23.67 45.31 -40.41
C LYS A 99 24.16 46.15 -41.60
N GLY A 100 23.26 46.97 -42.14
CA GLY A 100 23.59 47.88 -43.23
C GLY A 100 23.62 47.27 -44.61
N THR A 101 23.23 48.06 -45.61
CA THR A 101 23.18 47.60 -47.00
C THR A 101 24.35 48.20 -47.79
N LYS A 102 24.31 48.12 -49.11
CA LYS A 102 25.32 48.81 -49.94
C LYS A 102 25.08 50.31 -50.03
N ASN A 103 23.82 50.71 -50.17
CA ASN A 103 23.45 52.13 -50.23
C ASN A 103 23.54 52.84 -48.87
N ARG A 104 23.43 52.06 -47.79
CA ARG A 104 23.57 52.56 -46.42
C ARG A 104 24.50 51.62 -45.65
N PRO A 105 25.83 51.87 -45.73
CA PRO A 105 26.79 50.94 -45.11
C PRO A 105 26.89 51.08 -43.60
N GLY A 106 27.51 50.09 -42.97
CA GLY A 106 27.65 50.05 -41.53
C GLY A 106 26.32 49.97 -40.79
N ASN A 107 26.12 50.91 -39.87
CA ASN A 107 24.84 51.05 -39.18
C ASN A 107 24.17 52.38 -39.55
N ALA A 108 23.98 52.56 -40.86
CA ALA A 108 23.22 53.68 -41.38
C ALA A 108 21.75 53.25 -41.47
N LEU A 109 21.52 52.12 -42.16
CA LEU A 109 20.20 51.49 -42.26
C LEU A 109 19.46 51.45 -40.92
N GLU A 110 20.22 51.17 -39.87
CA GLU A 110 19.70 51.18 -38.51
C GLU A 110 19.34 52.60 -38.09
N LYS A 111 20.30 53.51 -38.20
CA LYS A 111 20.15 54.90 -37.73
C LYS A 111 19.00 55.65 -38.39
N GLU A 112 18.89 55.48 -39.70
CA GLU A 112 17.87 56.15 -40.48
C GLU A 112 16.47 55.77 -40.00
N VAL A 113 16.30 54.50 -39.63
CA VAL A 113 15.01 54.00 -39.14
C VAL A 113 14.81 54.34 -37.66
N GLU A 114 15.87 54.18 -36.87
CA GLU A 114 15.83 54.55 -35.45
C GLU A 114 15.45 56.02 -35.25
N SER A 115 16.14 56.92 -35.97
CA SER A 115 15.99 58.37 -35.77
C SER A 115 14.66 58.95 -36.25
N MET A 116 14.01 58.31 -37.23
CA MET A 116 12.73 58.78 -37.76
C MET A 116 11.50 58.34 -36.92
N GLY A 117 11.77 57.71 -35.77
CA GLY A 117 10.74 57.31 -34.83
C GLY A 117 10.25 55.89 -35.01
N ALA A 118 10.14 55.47 -36.26
CA ALA A 118 9.59 54.16 -36.64
C ALA A 118 10.35 52.93 -36.13
N HIS A 119 9.69 51.76 -36.21
CA HIS A 119 10.22 50.46 -35.73
C HIS A 119 10.47 49.48 -36.87
N LEU A 120 11.55 48.70 -36.76
CA LEU A 120 11.93 47.71 -37.78
C LEU A 120 12.14 46.34 -37.12
N ASN A 121 11.51 45.33 -37.70
CA ASN A 121 11.57 43.96 -37.16
C ASN A 121 11.60 42.92 -38.29
N ALA A 122 11.96 41.69 -37.94
CA ALA A 122 12.02 40.58 -38.90
C ALA A 122 11.91 39.21 -38.22
N TYR A 123 11.45 38.21 -38.94
CA TYR A 123 11.48 36.82 -38.44
C TYR A 123 11.55 35.76 -39.54
N SER A 124 12.14 34.62 -39.17
CA SER A 124 12.21 33.42 -40.01
C SER A 124 11.45 32.26 -39.35
N THR A 125 10.78 31.46 -40.17
CA THR A 125 10.15 30.22 -39.71
C THR A 125 10.61 29.09 -40.64
N ARG A 126 9.94 27.94 -40.57
CA ARG A 126 10.25 26.82 -41.46
C ARG A 126 9.72 27.03 -42.87
N GLU A 127 8.65 27.81 -43.01
CA GLU A 127 8.04 28.03 -44.31
C GLU A 127 7.99 29.50 -44.77
N HIS A 128 8.21 30.44 -43.85
CA HIS A 128 8.03 31.87 -44.15
C HIS A 128 9.16 32.74 -43.61
N THR A 129 9.38 33.85 -44.30
CA THR A 129 10.32 34.87 -43.84
C THR A 129 9.65 36.24 -43.94
N ALA A 130 9.78 37.07 -42.89
CA ALA A 130 9.12 38.39 -42.89
C ALA A 130 10.05 39.50 -42.41
N TYR A 131 10.08 40.61 -43.15
CA TYR A 131 10.82 41.81 -42.72
C TYR A 131 9.86 42.98 -42.75
N TYR A 132 9.52 43.54 -41.58
CA TYR A 132 8.49 44.58 -41.54
C TYR A 132 8.83 45.79 -40.66
N ILE A 133 8.21 46.92 -41.02
CA ILE A 133 8.43 48.21 -40.39
C ILE A 133 7.10 48.83 -39.97
N LYS A 134 7.04 49.23 -38.71
CA LYS A 134 5.96 50.07 -38.21
C LYS A 134 6.39 51.51 -38.36
N ALA A 135 5.60 52.32 -39.08
CA ALA A 135 5.97 53.72 -39.31
C ALA A 135 4.77 54.64 -39.12
N LEU A 136 5.02 55.94 -39.15
CA LEU A 136 3.96 56.94 -39.28
C LEU A 136 3.49 56.96 -40.73
N SER A 137 2.20 57.20 -40.95
CA SER A 137 1.63 57.22 -42.31
C SER A 137 2.53 58.00 -43.28
N LYS A 138 2.80 59.26 -42.95
CA LYS A 138 3.63 60.15 -43.78
C LYS A 138 4.98 59.53 -44.17
N ASP A 139 5.53 58.67 -43.31
CA ASP A 139 6.81 58.01 -43.57
C ASP A 139 6.72 56.88 -44.62
N LEU A 140 5.50 56.45 -44.98
CA LEU A 140 5.32 55.28 -45.88
C LEU A 140 6.33 55.24 -47.05
N PRO A 141 6.42 56.31 -47.87
CA PRO A 141 7.37 56.34 -48.99
C PRO A 141 8.82 56.13 -48.60
N LYS A 142 9.22 56.71 -47.47
CA LYS A 142 10.57 56.55 -46.95
C LYS A 142 10.78 55.12 -46.44
N ALA A 143 9.74 54.58 -45.79
CA ALA A 143 9.76 53.19 -45.32
C ALA A 143 9.92 52.19 -46.46
N VAL A 144 8.94 52.19 -47.38
CA VAL A 144 8.92 51.20 -48.50
C VAL A 144 10.28 51.06 -49.17
N GLU A 145 10.97 52.19 -49.34
CA GLU A 145 12.32 52.24 -49.91
C GLU A 145 13.35 51.40 -49.14
N LEU A 146 13.41 51.57 -47.83
CA LEU A 146 14.41 50.89 -46.99
C LEU A 146 14.31 49.38 -47.11
N LEU A 147 13.09 48.84 -46.96
CA LEU A 147 12.83 47.39 -47.10
C LEU A 147 13.45 46.84 -48.37
N ALA A 148 13.09 47.46 -49.50
CA ALA A 148 13.65 47.13 -50.81
C ALA A 148 15.17 47.04 -50.74
N ASP A 149 15.80 47.97 -50.00
CA ASP A 149 17.25 48.01 -49.85
C ASP A 149 17.73 46.80 -49.03
N ILE A 150 16.99 46.50 -47.96
CA ILE A 150 17.33 45.39 -47.05
C ILE A 150 17.27 44.07 -47.81
N VAL A 151 16.19 43.87 -48.55
CA VAL A 151 16.01 42.65 -49.35
C VAL A 151 17.02 42.61 -50.51
N GLN A 152 17.06 43.65 -51.33
CA GLN A 152 17.91 43.67 -52.54
C GLN A 152 19.40 43.85 -52.26
N ASN A 153 19.79 45.00 -51.72
CA ASN A 153 21.20 45.41 -51.71
C ASN A 153 21.91 45.15 -50.38
N CYS A 154 21.66 43.97 -49.83
CA CYS A 154 22.26 43.53 -48.57
C CYS A 154 23.78 43.43 -48.69
N SER A 155 24.47 43.88 -47.64
CA SER A 155 25.93 43.90 -47.63
C SER A 155 26.55 42.51 -47.44
N LEU A 156 26.19 41.84 -46.34
CA LEU A 156 26.79 40.56 -45.94
C LEU A 156 28.29 40.73 -45.68
N GLU A 157 28.65 41.69 -44.85
CA GLU A 157 30.06 42.01 -44.55
C GLU A 157 30.83 40.81 -44.02
N ASP A 158 31.99 40.54 -44.64
CA ASP A 158 32.81 39.38 -44.29
C ASP A 158 33.33 39.41 -42.85
N SER A 159 33.52 40.62 -42.31
CA SER A 159 33.83 40.78 -40.89
C SER A 159 32.58 40.66 -40.03
N GLN A 160 31.42 40.97 -40.61
CA GLN A 160 30.13 40.86 -39.90
C GLN A 160 29.68 39.41 -39.74
N ILE A 161 29.87 38.60 -40.79
CA ILE A 161 29.57 37.17 -40.75
C ILE A 161 30.21 36.49 -39.54
N GLU A 162 31.50 36.76 -39.33
CA GLU A 162 32.25 36.24 -38.18
C GLU A 162 31.79 36.84 -36.86
N LYS A 163 31.07 37.97 -36.93
CA LYS A 163 30.46 38.59 -35.75
C LYS A 163 29.11 37.95 -35.39
N GLU A 164 28.29 37.66 -36.41
CA GLU A 164 26.99 37.00 -36.23
C GLU A 164 27.12 35.50 -35.95
N ARG A 165 28.15 34.87 -36.54
CA ARG A 165 28.48 33.47 -36.23
C ARG A 165 28.54 33.26 -34.71
N ASP A 166 29.31 34.12 -34.03
CA ASP A 166 29.42 34.10 -32.57
C ASP A 166 28.10 34.40 -31.88
N VAL A 167 27.25 35.18 -32.54
CA VAL A 167 25.94 35.51 -31.99
C VAL A 167 25.08 34.24 -31.98
N ILE A 168 24.81 33.74 -33.18
CA ILE A 168 23.92 32.59 -33.35
C ILE A 168 24.38 31.39 -32.52
N LEU A 169 25.67 31.10 -32.55
CA LEU A 169 26.22 30.00 -31.73
C LEU A 169 25.78 30.13 -30.27
N GLN A 170 25.73 31.36 -29.75
CA GLN A 170 25.25 31.60 -28.39
C GLN A 170 23.72 31.65 -28.31
N GLU A 171 23.10 32.08 -29.41
CA GLU A 171 21.64 32.06 -29.53
C GLU A 171 21.08 30.63 -29.45
N LEU A 172 21.88 29.65 -29.88
CA LEU A 172 21.49 28.25 -29.79
C LEU A 172 21.66 27.66 -28.38
N GLN A 173 22.55 28.26 -27.59
CA GLN A 173 22.72 27.85 -26.19
C GLN A 173 21.54 28.31 -25.33
N GLU A 174 20.97 29.45 -25.70
CA GLU A 174 19.79 29.98 -25.03
C GLU A 174 18.59 29.02 -25.20
N ASN A 175 18.25 28.75 -26.45
CA ASN A 175 17.20 27.78 -26.81
C ASN A 175 17.34 26.46 -26.05
N ASP A 176 18.58 25.96 -25.98
CA ASP A 176 18.91 24.74 -25.24
C ASP A 176 18.41 24.72 -23.80
N THR A 177 18.14 25.89 -23.24
CA THR A 177 17.43 25.99 -21.97
C THR A 177 16.18 26.84 -22.16
N SER A 178 15.26 26.33 -22.98
CA SER A 178 13.93 26.92 -23.18
C SER A 178 12.98 25.80 -23.60
N MET A 179 12.65 24.96 -22.63
CA MET A 179 12.15 23.62 -22.89
C MET A 179 11.05 23.53 -23.96
N ARG A 180 10.16 24.51 -24.00
CA ARG A 180 9.12 24.54 -25.01
C ARG A 180 9.68 24.42 -26.44
N ASP A 181 10.64 25.29 -26.74
CA ASP A 181 11.34 25.31 -28.04
C ASP A 181 11.99 23.97 -28.35
N VAL A 182 12.68 23.43 -27.36
CA VAL A 182 13.40 22.16 -27.48
C VAL A 182 12.41 21.03 -27.81
N VAL A 183 11.37 20.92 -27.00
CA VAL A 183 10.32 19.90 -27.23
C VAL A 183 9.60 20.10 -28.57
N PHE A 184 9.34 21.35 -28.96
CA PHE A 184 8.73 21.61 -30.27
C PHE A 184 9.63 21.20 -31.44
N ASN A 185 10.88 21.67 -31.41
CA ASN A 185 11.89 21.22 -32.38
C ASN A 185 12.00 19.70 -32.42
N TYR A 186 12.02 19.07 -31.25
CA TYR A 186 11.99 17.59 -31.17
C TYR A 186 10.76 17.02 -31.89
N LEU A 187 9.59 17.58 -31.56
CA LEU A 187 8.33 17.15 -32.17
C LEU A 187 8.44 17.24 -33.67
N HIS A 188 8.94 18.36 -34.18
CA HIS A 188 9.20 18.48 -35.62
C HIS A 188 10.14 17.38 -36.12
N ALA A 189 11.27 17.23 -35.42
CA ALA A 189 12.29 16.25 -35.79
C ALA A 189 11.70 14.87 -35.96
N THR A 190 11.06 14.37 -34.91
CA THR A 190 10.56 12.99 -34.94
C THR A 190 9.22 12.84 -35.69
N ALA A 191 8.46 13.93 -35.83
CA ALA A 191 7.22 13.89 -36.62
C ALA A 191 7.49 13.91 -38.13
N PHE A 192 8.49 14.69 -38.54
CA PHE A 192 8.83 14.81 -39.96
C PHE A 192 10.18 14.18 -40.32
N GLN A 193 10.69 13.33 -39.42
CA GLN A 193 12.00 12.66 -39.60
C GLN A 193 12.35 12.29 -41.02
N GLY A 194 13.58 12.63 -41.41
CA GLY A 194 14.12 12.35 -42.74
C GLY A 194 13.67 13.27 -43.86
N THR A 195 12.89 14.30 -43.51
CA THR A 195 12.43 15.28 -44.50
C THR A 195 13.04 16.66 -44.19
N PRO A 196 12.75 17.65 -45.05
CA PRO A 196 13.12 19.04 -44.76
C PRO A 196 12.42 19.65 -43.54
N LEU A 197 11.12 19.42 -43.41
CA LEU A 197 10.35 20.00 -42.30
C LEU A 197 10.94 19.70 -40.94
N ALA A 198 11.43 18.47 -40.78
CA ALA A 198 12.13 18.05 -39.56
C ALA A 198 13.25 19.01 -39.15
N GLN A 199 13.72 19.82 -40.09
CA GLN A 199 14.81 20.75 -39.83
C GLN A 199 14.38 21.94 -38.99
N SER A 200 15.27 22.30 -38.07
CA SER A 200 15.13 23.48 -37.23
C SER A 200 15.45 24.75 -38.03
N VAL A 201 14.79 25.85 -37.69
CA VAL A 201 14.97 27.15 -38.37
C VAL A 201 16.36 27.73 -38.07
N GLU A 202 16.87 27.41 -36.88
CA GLU A 202 18.18 27.90 -36.41
C GLU A 202 19.33 27.10 -37.02
N GLY A 203 19.11 25.79 -37.18
CA GLY A 203 20.07 24.89 -37.84
C GLY A 203 21.12 24.31 -36.91
N PRO A 204 21.68 23.14 -37.29
CA PRO A 204 22.74 22.45 -36.55
C PRO A 204 23.97 23.33 -36.30
N SER A 205 24.37 23.42 -35.03
CA SER A 205 25.48 24.28 -34.61
C SER A 205 26.71 24.16 -35.51
N GLU A 206 26.90 23.00 -36.14
CA GLU A 206 27.99 22.81 -37.10
C GLU A 206 27.86 23.80 -38.23
N ASN A 207 26.75 23.69 -38.96
CA ASN A 207 26.49 24.54 -40.12
C ASN A 207 26.75 26.02 -39.84
N VAL A 208 26.16 26.53 -38.76
CA VAL A 208 26.34 27.93 -38.36
C VAL A 208 27.84 28.32 -38.34
N ARG A 209 28.70 27.40 -37.89
CA ARG A 209 30.16 27.67 -37.80
C ARG A 209 30.93 27.43 -39.11
N LYS A 210 30.26 26.89 -40.13
CA LYS A 210 30.91 26.57 -41.42
C LYS A 210 30.18 27.12 -42.66
N LEU A 211 29.15 27.94 -42.46
CA LEU A 211 28.47 28.62 -43.56
C LEU A 211 29.28 29.83 -43.99
N SER A 212 29.67 29.87 -45.28
CA SER A 212 30.40 31.01 -45.85
C SER A 212 29.53 31.80 -46.81
N ARG A 213 29.90 33.07 -46.99
CA ARG A 213 29.17 34.00 -47.88
C ARG A 213 28.54 33.31 -49.10
N ALA A 214 29.36 32.52 -49.80
CA ALA A 214 28.95 31.79 -51.02
C ALA A 214 27.57 31.13 -50.90
N ASP A 215 27.38 30.45 -49.77
CA ASP A 215 26.12 29.75 -49.51
C ASP A 215 24.99 30.76 -49.33
N LEU A 216 25.26 31.80 -48.54
CA LEU A 216 24.25 32.78 -48.15
C LEU A 216 23.75 33.56 -49.33
N THR A 217 24.71 34.03 -50.12
CA THR A 217 24.44 34.79 -51.33
C THR A 217 23.63 33.96 -52.33
N GLU A 218 24.07 32.71 -52.54
CA GLU A 218 23.34 31.80 -53.40
C GLU A 218 21.92 31.58 -52.90
N TYR A 219 21.78 31.21 -51.62
CA TYR A 219 20.45 31.10 -51.00
C TYR A 219 19.64 32.34 -51.36
N LEU A 220 20.15 33.50 -50.95
CA LEU A 220 19.46 34.79 -51.13
C LEU A 220 19.00 34.97 -52.59
N SER A 221 19.94 34.86 -53.52
CA SER A 221 19.63 35.09 -54.94
C SER A 221 18.66 34.06 -55.51
N ARG A 222 18.80 32.81 -55.09
CA ARG A 222 17.95 31.72 -55.57
C ARG A 222 16.53 31.73 -54.97
N HIS A 223 16.40 32.28 -53.77
CA HIS A 223 15.11 32.26 -53.04
C HIS A 223 14.34 33.58 -53.00
N TYR A 224 15.05 34.71 -52.92
CA TYR A 224 14.38 36.01 -52.88
C TYR A 224 13.96 36.48 -54.27
N LYS A 225 12.98 35.79 -54.82
CA LYS A 225 12.46 36.07 -56.16
C LYS A 225 11.14 36.83 -56.06
N ALA A 226 10.99 37.82 -56.92
CA ALA A 226 9.83 38.74 -56.90
C ALA A 226 8.43 38.10 -57.03
N PRO A 227 8.28 37.00 -57.81
CA PRO A 227 6.98 36.31 -57.78
C PRO A 227 6.74 35.54 -56.49
N ARG A 228 7.83 35.22 -55.78
CA ARG A 228 7.72 34.48 -54.51
C ARG A 228 7.81 35.42 -53.30
N MET A 229 7.29 36.64 -53.48
CA MET A 229 7.30 37.67 -52.44
C MET A 229 6.02 38.48 -52.45
N VAL A 230 5.72 39.09 -51.30
CA VAL A 230 4.58 39.97 -51.15
C VAL A 230 5.01 41.20 -50.35
N LEU A 231 4.52 42.36 -50.77
CA LEU A 231 4.70 43.63 -50.05
C LEU A 231 3.37 44.05 -49.42
N ALA A 232 3.25 43.85 -48.11
CA ALA A 232 2.00 44.10 -47.40
C ALA A 232 2.07 45.39 -46.59
N ALA A 233 0.94 46.08 -46.48
CA ALA A 233 0.87 47.30 -45.68
C ALA A 233 -0.55 47.51 -45.16
N ALA A 234 -0.65 48.07 -43.97
CA ALA A 234 -1.94 48.32 -43.36
C ALA A 234 -1.91 49.55 -42.48
N GLY A 235 -3.03 50.26 -42.47
CA GLY A 235 -3.19 51.47 -41.66
C GLY A 235 -3.59 52.66 -42.50
N GLY A 236 -3.08 53.83 -42.15
CA GLY A 236 -3.30 55.05 -42.94
C GLY A 236 -2.46 55.10 -44.19
N LEU A 237 -2.99 54.53 -45.27
CA LEU A 237 -2.41 54.66 -46.61
C LEU A 237 -3.40 54.19 -47.69
N GLU A 238 -3.34 54.84 -48.84
CA GLU A 238 -4.18 54.48 -49.99
C GLU A 238 -3.40 53.53 -50.89
N HIS A 239 -4.02 52.39 -51.18
CA HIS A 239 -3.38 51.30 -51.93
C HIS A 239 -2.36 51.76 -52.97
N ARG A 240 -2.85 52.49 -53.97
CA ARG A 240 -2.05 52.88 -55.13
C ARG A 240 -0.78 53.70 -54.79
N GLN A 241 -0.72 54.30 -53.60
CA GLN A 241 0.51 54.96 -53.11
C GLN A 241 1.64 53.96 -52.93
N LEU A 242 1.29 52.81 -52.38
CA LEU A 242 2.24 51.72 -52.16
C LEU A 242 2.74 51.19 -53.51
N LEU A 243 1.78 50.83 -54.38
CA LEU A 243 2.07 50.24 -55.71
C LEU A 243 3.13 51.00 -56.50
N ASP A 244 3.00 52.33 -56.55
CA ASP A 244 3.97 53.19 -57.25
C ASP A 244 5.34 53.20 -56.56
N LEU A 245 5.36 53.06 -55.23
CA LEU A 245 6.61 52.93 -54.48
C LEU A 245 7.26 51.56 -54.72
N ALA A 246 6.43 50.53 -54.89
CA ALA A 246 6.91 49.19 -55.29
C ALA A 246 7.46 49.22 -56.73
N GLN A 247 6.77 49.94 -57.61
CA GLN A 247 7.29 50.18 -58.96
C GLN A 247 8.56 51.03 -58.92
N LYS A 248 8.67 51.88 -57.90
CA LYS A 248 9.84 52.75 -57.73
C LYS A 248 11.09 52.02 -57.24
N HIS A 249 10.93 51.27 -56.15
CA HIS A 249 12.08 50.66 -55.49
C HIS A 249 12.18 49.13 -55.69
N PHE A 250 11.04 48.47 -55.90
CA PHE A 250 11.01 46.99 -56.07
C PHE A 250 10.99 46.51 -57.52
N SER A 251 10.53 47.34 -58.46
CA SER A 251 10.72 47.02 -59.88
C SER A 251 12.18 46.68 -60.15
N GLY A 252 13.08 47.36 -59.42
CA GLY A 252 14.52 47.13 -59.51
C GLY A 252 15.03 45.82 -58.91
N LEU A 253 14.13 45.02 -58.33
CA LEU A 253 14.48 43.69 -57.80
C LEU A 253 14.46 42.64 -58.90
N SER A 254 15.26 41.58 -58.71
CA SER A 254 15.20 40.40 -59.56
C SER A 254 13.74 40.01 -59.79
N GLY A 255 13.29 40.22 -61.03
CA GLY A 255 11.87 40.22 -61.36
C GLY A 255 11.29 38.96 -61.99
N THR A 256 12.15 38.06 -62.43
CA THR A 256 11.70 36.74 -62.88
C THR A 256 12.72 35.73 -62.40
N TYR A 257 12.62 34.51 -62.93
CA TYR A 257 13.45 33.42 -62.52
C TYR A 257 13.96 32.65 -63.71
N ASP A 258 15.10 31.99 -63.53
CA ASP A 258 15.60 31.04 -64.53
C ASP A 258 14.85 29.71 -64.41
N GLU A 259 15.02 28.83 -65.40
CA GLU A 259 14.08 27.72 -65.65
C GLU A 259 13.95 26.66 -64.54
N ASP A 260 15.01 25.87 -64.30
CA ASP A 260 14.94 24.78 -63.31
C ASP A 260 15.85 25.00 -62.08
N ALA A 261 16.04 26.25 -61.70
CA ALA A 261 16.82 26.57 -60.50
C ALA A 261 15.93 26.95 -59.30
N VAL A 262 14.88 27.73 -59.55
CA VAL A 262 13.90 28.05 -58.50
C VAL A 262 13.11 26.76 -58.20
N PRO A 263 13.35 26.17 -57.01
CA PRO A 263 13.00 24.77 -56.73
C PRO A 263 11.51 24.47 -56.53
N THR A 264 11.21 23.19 -56.32
CA THR A 264 9.84 22.73 -55.99
C THR A 264 9.81 22.05 -54.61
N LEU A 265 8.66 22.05 -53.95
CA LEU A 265 8.53 21.50 -52.58
C LEU A 265 8.03 20.05 -52.58
N SER A 266 8.84 19.17 -51.98
CA SER A 266 8.48 17.78 -51.78
C SER A 266 7.56 17.62 -50.57
N PRO A 267 6.43 16.90 -50.72
CA PRO A 267 5.64 16.56 -49.54
C PRO A 267 6.51 15.89 -48.47
N CYS A 268 6.31 16.29 -47.21
CA CYS A 268 7.10 15.73 -46.12
C CYS A 268 6.33 14.64 -45.42
N ARG A 269 6.94 13.47 -45.34
CA ARG A 269 6.30 12.30 -44.73
C ARG A 269 6.24 12.41 -43.21
N PHE A 270 5.00 12.36 -42.71
CA PHE A 270 4.70 12.35 -41.29
C PHE A 270 4.85 10.93 -40.75
N THR A 271 5.66 10.81 -39.70
CA THR A 271 5.99 9.51 -39.13
C THR A 271 5.51 9.41 -37.69
N GLY A 272 4.59 8.50 -37.44
CA GLY A 272 4.18 8.18 -36.08
C GLY A 272 5.39 7.72 -35.29
N SER A 273 5.84 8.53 -34.34
CA SER A 273 7.04 8.21 -33.56
C SER A 273 7.17 9.00 -32.26
N GLN A 274 8.22 8.66 -31.52
CA GLN A 274 8.45 9.23 -30.21
C GLN A 274 9.91 9.62 -30.00
N ILE A 275 10.11 10.78 -29.39
CA ILE A 275 11.46 11.25 -29.00
C ILE A 275 11.41 11.65 -27.54
N CYS A 276 12.22 10.95 -26.73
CA CYS A 276 12.14 11.05 -25.28
C CYS A 276 13.46 11.45 -24.65
N HIS A 277 13.69 12.75 -24.58
CA HIS A 277 14.84 13.28 -23.87
C HIS A 277 14.59 13.26 -22.36
N ARG A 278 15.06 12.18 -21.74
CA ARG A 278 15.00 11.98 -20.30
C ARG A 278 16.11 12.76 -19.60
N GLU A 279 15.75 13.91 -19.05
CA GLU A 279 16.65 14.68 -18.21
C GLU A 279 15.99 14.97 -16.87
N ASP A 280 16.42 14.22 -15.86
CA ASP A 280 15.81 14.30 -14.54
C ASP A 280 16.17 15.59 -13.79
N GLY A 281 17.36 16.13 -14.04
CA GLY A 281 17.80 17.37 -13.40
C GLY A 281 16.87 18.56 -13.56
N LEU A 282 16.06 18.54 -14.63
CA LEU A 282 15.13 19.63 -14.90
C LEU A 282 13.91 19.54 -14.00
N PRO A 283 13.48 20.69 -13.44
CA PRO A 283 12.34 20.85 -12.54
C PRO A 283 11.01 20.31 -13.06
N LEU A 284 10.69 20.60 -14.31
CA LEU A 284 9.43 20.13 -14.89
C LEU A 284 9.56 19.38 -16.20
N ALA A 285 8.59 18.51 -16.45
CA ALA A 285 8.53 17.76 -17.70
C ALA A 285 7.72 18.54 -18.72
N HIS A 286 8.26 18.62 -19.94
CA HIS A 286 7.54 19.16 -21.09
C HIS A 286 7.17 18.01 -22.00
N VAL A 287 5.93 18.00 -22.48
CA VAL A 287 5.56 17.00 -23.49
C VAL A 287 4.64 17.61 -24.57
N ALA A 288 4.93 17.28 -25.83
CA ALA A 288 4.10 17.66 -26.97
C ALA A 288 3.66 16.41 -27.74
N ILE A 289 2.37 16.30 -28.00
CA ILE A 289 1.84 15.16 -28.74
C ILE A 289 0.98 15.69 -29.88
N ALA A 290 1.09 15.09 -31.07
CA ALA A 290 0.28 15.58 -32.19
C ALA A 290 0.11 14.57 -33.31
N VAL A 291 -1.07 14.57 -33.93
CA VAL A 291 -1.31 13.83 -35.19
C VAL A 291 -1.09 14.75 -36.37
N GLU A 292 -1.02 14.14 -37.56
CA GLU A 292 -0.81 14.88 -38.80
C GLU A 292 -1.95 15.85 -39.09
N GLY A 293 -1.62 17.14 -39.10
CA GLY A 293 -2.55 18.19 -39.46
C GLY A 293 -2.91 18.13 -40.93
N PRO A 294 -3.74 19.07 -41.39
CA PRO A 294 -4.21 19.03 -42.77
C PRO A 294 -3.40 19.89 -43.75
N GLY A 295 -2.86 21.02 -43.28
CA GLY A 295 -2.15 21.97 -44.13
C GLY A 295 -2.96 23.23 -44.37
N TRP A 296 -2.24 24.31 -44.67
CA TRP A 296 -2.81 25.64 -44.88
C TRP A 296 -4.01 25.52 -45.82
N ALA A 297 -3.88 24.57 -46.73
CA ALA A 297 -4.89 24.27 -47.75
C ALA A 297 -6.26 23.93 -47.21
N HIS A 298 -6.30 23.06 -46.20
CA HIS A 298 -7.53 22.26 -46.00
C HIS A 298 -8.67 23.03 -45.28
N PRO A 299 -9.91 22.91 -45.79
CA PRO A 299 -11.09 23.57 -45.20
C PRO A 299 -11.40 23.12 -43.76
N ASP A 300 -11.01 21.89 -43.42
CA ASP A 300 -11.18 21.36 -42.07
C ASP A 300 -10.55 22.26 -41.00
N ASN A 301 -9.47 22.95 -41.35
CA ASN A 301 -8.76 23.87 -40.42
C ASN A 301 -9.62 24.89 -39.68
N VAL A 302 -10.89 25.02 -40.07
CA VAL A 302 -11.87 25.77 -39.31
C VAL A 302 -12.40 24.88 -38.19
N ALA A 303 -13.08 23.79 -38.57
CA ALA A 303 -13.64 22.83 -37.61
C ALA A 303 -12.59 22.31 -36.61
N LEU A 304 -11.35 22.13 -37.09
CA LEU A 304 -10.22 21.77 -36.23
C LEU A 304 -9.87 22.87 -35.21
N GLN A 305 -9.93 24.14 -35.64
CA GLN A 305 -9.70 25.26 -34.73
C GLN A 305 -10.83 25.38 -33.71
N VAL A 306 -12.07 25.25 -34.20
CA VAL A 306 -13.24 25.21 -33.32
C VAL A 306 -13.12 24.07 -32.31
N ALA A 307 -12.66 22.89 -32.76
CA ALA A 307 -12.39 21.76 -31.85
C ALA A 307 -11.28 22.07 -30.85
N ASN A 308 -10.13 22.53 -31.35
CA ASN A 308 -9.03 22.99 -30.47
C ASN A 308 -9.50 23.99 -29.42
N ALA A 309 -10.42 24.86 -29.81
CA ALA A 309 -11.03 25.81 -28.88
C ALA A 309 -11.84 25.14 -27.76
N ILE A 310 -12.47 24.01 -28.06
CA ILE A 310 -13.31 23.32 -27.08
C ILE A 310 -12.49 22.69 -25.96
N ILE A 311 -11.38 22.07 -26.32
CA ILE A 311 -10.43 21.53 -25.35
C ILE A 311 -9.59 22.69 -24.74
N GLY A 312 -9.39 23.75 -25.52
CA GLY A 312 -8.86 25.00 -25.01
C GLY A 312 -7.39 25.01 -24.61
N HIS A 313 -7.13 25.67 -23.49
CA HIS A 313 -5.77 25.96 -23.04
C HIS A 313 -5.82 26.46 -21.60
N TYR A 314 -4.73 26.28 -20.86
CA TYR A 314 -4.72 26.62 -19.42
C TYR A 314 -3.32 26.76 -18.84
N ASP A 315 -3.19 27.64 -17.84
CA ASP A 315 -2.02 27.66 -16.95
C ASP A 315 -2.36 28.18 -15.55
N CYS A 316 -1.53 27.79 -14.59
CA CYS A 316 -1.82 28.00 -13.16
C CYS A 316 -2.23 29.42 -12.70
N THR A 317 -2.02 30.43 -13.54
CA THR A 317 -2.43 31.81 -13.19
C THR A 317 -3.82 32.20 -13.71
N TYR A 318 -4.51 31.26 -14.38
CA TYR A 318 -5.89 31.51 -14.81
C TYR A 318 -6.81 31.69 -13.60
N GLY A 319 -7.79 32.57 -13.76
CA GLY A 319 -8.80 32.83 -12.72
C GLY A 319 -9.86 31.75 -12.64
N GLY A 320 -10.17 31.16 -13.79
CA GLY A 320 -11.20 30.13 -13.91
C GLY A 320 -11.13 28.99 -12.91
N GLY A 321 -9.99 28.31 -12.87
CA GLY A 321 -9.80 27.18 -11.96
C GLY A 321 -10.77 26.04 -12.25
N ALA A 322 -11.49 25.59 -11.22
CA ALA A 322 -12.40 24.46 -11.34
C ALA A 322 -13.56 24.73 -12.30
N HIS A 323 -14.10 25.96 -12.23
CA HIS A 323 -15.30 26.33 -12.97
C HIS A 323 -15.04 26.47 -14.47
N LEU A 324 -13.80 26.22 -14.89
CA LEU A 324 -13.42 26.35 -16.30
C LEU A 324 -14.23 25.44 -17.21
N SER A 325 -14.49 25.94 -18.41
CA SER A 325 -15.38 25.29 -19.35
C SER A 325 -14.77 24.03 -19.96
N SER A 326 -13.47 24.07 -20.24
CA SER A 326 -12.79 22.90 -20.74
C SER A 326 -12.61 21.88 -19.64
N PRO A 327 -13.30 20.72 -19.78
CA PRO A 327 -13.16 19.67 -18.79
C PRO A 327 -11.70 19.44 -18.45
N LEU A 328 -10.85 19.31 -19.48
CA LEU A 328 -9.42 19.11 -19.28
C LEU A 328 -8.85 20.23 -18.40
N ALA A 329 -9.16 21.47 -18.74
CA ALA A 329 -8.67 22.61 -17.96
C ALA A 329 -9.11 22.50 -16.51
N SER A 330 -10.41 22.25 -16.29
CA SER A 330 -10.96 22.20 -14.92
C SER A 330 -10.37 21.04 -14.11
N ILE A 331 -10.24 19.87 -14.75
CA ILE A 331 -9.61 18.69 -14.12
C ILE A 331 -8.17 19.05 -13.74
N ALA A 332 -7.42 19.49 -14.75
CA ALA A 332 -6.02 19.89 -14.57
C ALA A 332 -5.87 20.87 -13.41
N ALA A 333 -6.79 21.83 -13.37
CA ALA A 333 -6.81 22.86 -12.35
C ALA A 333 -7.14 22.34 -10.95
N THR A 334 -8.27 21.64 -10.81
CA THR A 334 -8.65 21.12 -9.50
C THR A 334 -7.62 20.14 -8.98
N ASN A 335 -7.12 19.27 -9.85
CA ASN A 335 -6.18 18.25 -9.39
C ASN A 335 -4.70 18.64 -9.47
N LYS A 336 -4.44 19.84 -9.97
CA LYS A 336 -3.06 20.27 -10.28
C LYS A 336 -2.29 19.32 -11.12
N LEU A 337 -2.93 18.84 -12.17
CA LEU A 337 -2.28 17.86 -12.99
C LEU A 337 -1.08 18.45 -13.73
N CYS A 338 -1.21 19.69 -14.16
CA CYS A 338 -0.14 20.37 -14.87
C CYS A 338 -0.10 21.79 -14.41
N GLN A 339 1.00 22.48 -14.71
CA GLN A 339 1.04 23.89 -14.40
C GLN A 339 0.69 24.72 -15.68
N SER A 340 0.79 24.09 -16.86
CA SER A 340 0.29 24.68 -18.14
C SER A 340 0.10 23.66 -19.26
N PHE A 341 -0.97 23.83 -20.06
CA PHE A 341 -1.18 23.05 -21.28
C PHE A 341 -1.85 23.90 -22.36
N GLN A 342 -1.47 23.67 -23.61
CA GLN A 342 -2.13 24.35 -24.74
C GLN A 342 -2.24 23.43 -25.95
N THR A 343 -3.42 23.44 -26.57
CA THR A 343 -3.64 22.73 -27.83
C THR A 343 -3.10 23.58 -28.98
N PHE A 344 -2.71 22.92 -30.07
CA PHE A 344 -2.17 23.63 -31.23
C PHE A 344 -2.55 22.98 -32.57
N ASN A 345 -2.59 23.82 -33.59
CA ASN A 345 -2.66 23.39 -34.98
C ASN A 345 -1.61 24.14 -35.79
N ILE A 346 -0.38 23.62 -35.75
CA ILE A 346 0.68 24.17 -36.56
C ILE A 346 0.39 23.75 -37.99
N CYS A 347 0.45 24.71 -38.91
CA CYS A 347 0.14 24.43 -40.30
C CYS A 347 1.31 24.70 -41.22
N TYR A 348 1.43 23.83 -42.23
CA TYR A 348 2.41 23.98 -43.29
C TYR A 348 1.72 23.75 -44.63
N ALA A 349 2.50 23.60 -45.70
CA ALA A 349 1.96 23.54 -47.06
C ALA A 349 0.89 22.45 -47.22
N ASP A 350 1.32 21.21 -47.17
CA ASP A 350 0.44 20.08 -47.45
C ASP A 350 0.27 19.22 -46.20
N THR A 351 0.86 19.67 -45.08
CA THR A 351 0.78 18.95 -43.81
C THR A 351 0.82 19.91 -42.62
N GLY A 352 0.66 19.34 -41.42
CA GLY A 352 0.68 20.13 -40.19
C GLY A 352 0.88 19.28 -38.95
N LEU A 353 0.87 19.94 -37.80
CA LEU A 353 0.88 19.26 -36.52
C LEU A 353 -0.36 19.65 -35.74
N LEU A 354 -1.19 18.66 -35.43
CA LEU A 354 -2.44 18.92 -34.71
C LEU A 354 -2.44 18.14 -33.41
N GLY A 355 -2.34 18.84 -32.30
CA GLY A 355 -2.29 18.19 -31.00
C GLY A 355 -2.23 19.13 -29.82
N ALA A 356 -1.37 18.80 -28.86
CA ALA A 356 -1.25 19.58 -27.62
C ALA A 356 0.10 19.47 -26.92
N HIS A 357 0.36 20.44 -26.07
CA HIS A 357 1.58 20.51 -25.27
C HIS A 357 1.20 20.71 -23.81
N PHE A 358 1.90 20.03 -22.91
CA PHE A 358 1.79 20.33 -21.49
C PHE A 358 3.13 20.31 -20.75
N VAL A 359 3.16 21.09 -19.68
CA VAL A 359 4.28 21.19 -18.78
C VAL A 359 3.78 20.76 -17.42
N CYS A 360 4.44 19.78 -16.82
CA CYS A 360 3.96 19.25 -15.53
C CYS A 360 5.00 18.60 -14.64
N ASP A 361 4.51 18.27 -13.45
CA ASP A 361 5.27 17.60 -12.41
C ASP A 361 5.55 16.16 -12.80
N HIS A 362 6.72 15.71 -12.36
CA HIS A 362 7.33 14.44 -12.79
C HIS A 362 6.45 13.21 -12.47
N MET A 363 5.36 13.42 -11.74
CA MET A 363 4.39 12.38 -11.41
C MET A 363 2.98 12.56 -12.01
N SER A 364 2.76 13.55 -12.88
CA SER A 364 1.40 13.85 -13.37
C SER A 364 1.16 13.57 -14.87
N ILE A 365 2.25 13.16 -15.51
CA ILE A 365 2.33 13.04 -16.96
C ILE A 365 1.24 12.08 -17.48
N ASP A 366 1.28 10.84 -17.00
CA ASP A 366 0.31 9.81 -17.38
C ASP A 366 -1.12 10.35 -17.31
N ASP A 367 -1.46 10.93 -16.16
CA ASP A 367 -2.82 11.44 -15.92
C ASP A 367 -3.15 12.55 -16.91
N MET A 368 -2.29 13.57 -16.99
CA MET A 368 -2.51 14.65 -17.96
C MET A 368 -2.77 14.09 -19.37
N MET A 369 -1.86 13.23 -19.80
CA MET A 369 -1.99 12.53 -21.08
C MET A 369 -3.36 11.88 -21.21
N PHE A 370 -3.73 11.08 -20.20
CA PHE A 370 -5.00 10.33 -20.21
C PHE A 370 -6.23 11.23 -20.31
N VAL A 371 -6.27 12.26 -19.48
CA VAL A 371 -7.38 13.24 -19.55
C VAL A 371 -7.41 13.85 -20.96
N LEU A 372 -6.24 14.29 -21.42
CA LEU A 372 -6.12 14.88 -22.76
C LEU A 372 -6.64 13.99 -23.90
N GLN A 373 -6.08 12.80 -24.03
CA GLN A 373 -6.52 11.84 -25.05
C GLN A 373 -8.02 11.56 -24.86
N GLY A 374 -8.41 11.31 -23.61
CA GLY A 374 -9.81 11.20 -23.23
C GLY A 374 -10.68 12.28 -23.89
N GLN A 375 -10.23 13.52 -23.78
CA GLN A 375 -10.96 14.61 -24.44
C GLN A 375 -11.02 14.44 -25.96
N TRP A 376 -9.89 14.05 -26.57
CA TRP A 376 -9.85 13.84 -28.01
C TRP A 376 -10.88 12.81 -28.42
N MET A 377 -10.84 11.67 -27.74
CA MET A 377 -11.78 10.59 -28.02
C MET A 377 -13.24 11.04 -27.80
N ARG A 378 -13.50 11.65 -26.64
CA ARG A 378 -14.85 12.13 -26.31
C ARG A 378 -15.36 13.11 -27.36
N LEU A 379 -14.49 14.02 -27.82
CA LEU A 379 -14.81 14.87 -28.96
C LEU A 379 -15.13 14.05 -30.19
N CYS A 380 -14.20 13.18 -30.57
CA CYS A 380 -14.34 12.33 -31.76
C CYS A 380 -15.69 11.64 -31.80
N THR A 381 -16.03 10.97 -30.70
CA THR A 381 -17.21 10.13 -30.67
C THR A 381 -18.52 10.85 -30.29
N SER A 382 -18.42 11.89 -29.45
CA SER A 382 -19.63 12.55 -28.90
C SER A 382 -19.42 14.00 -28.48
N ALA A 383 -19.17 14.87 -29.44
CA ALA A 383 -19.14 16.31 -29.17
C ALA A 383 -20.56 16.83 -28.98
N THR A 384 -20.82 17.43 -27.82
CA THR A 384 -22.15 18.00 -27.53
C THR A 384 -22.35 19.29 -28.34
N GLU A 385 -23.61 19.60 -28.63
CA GLU A 385 -23.93 20.69 -29.55
C GLU A 385 -23.50 22.07 -29.04
N SER A 386 -23.91 22.40 -27.82
CA SER A 386 -23.59 23.71 -27.25
C SER A 386 -22.08 23.93 -27.11
N GLU A 387 -21.37 22.89 -26.67
CA GLU A 387 -19.92 23.02 -26.45
C GLU A 387 -19.17 23.31 -27.74
N VAL A 388 -19.78 22.99 -28.87
CA VAL A 388 -19.27 23.41 -30.18
C VAL A 388 -19.48 24.92 -30.33
N LEU A 389 -20.71 25.38 -30.08
CA LEU A 389 -21.06 26.80 -30.14
C LEU A 389 -20.16 27.63 -29.22
N ARG A 390 -19.75 27.03 -28.10
CA ARG A 390 -18.73 27.64 -27.22
C ARG A 390 -17.40 27.84 -27.95
N GLY A 391 -16.95 26.83 -28.68
CA GLY A 391 -15.72 26.93 -29.48
C GLY A 391 -15.85 27.99 -30.56
N LYS A 392 -16.88 27.81 -31.39
CA LYS A 392 -17.21 28.74 -32.45
C LYS A 392 -17.01 30.22 -32.04
N ASN A 393 -17.67 30.61 -30.95
CA ASN A 393 -17.56 31.97 -30.41
C ASN A 393 -16.16 32.33 -29.91
N LEU A 394 -15.49 31.36 -29.29
CA LEU A 394 -14.12 31.57 -28.78
C LEU A 394 -13.19 31.88 -29.94
N LEU A 395 -13.33 31.10 -31.01
CA LEU A 395 -12.58 31.33 -32.24
C LEU A 395 -12.96 32.66 -32.89
N ARG A 396 -14.28 32.88 -33.03
CA ARG A 396 -14.82 34.14 -33.54
C ARG A 396 -14.13 35.30 -32.85
N ASN A 397 -14.13 35.30 -31.52
CA ASN A 397 -13.41 36.31 -30.72
C ASN A 397 -11.92 36.33 -31.04
N ALA A 398 -11.32 35.13 -31.06
CA ALA A 398 -9.90 34.97 -31.33
C ALA A 398 -9.49 35.73 -32.58
N LEU A 399 -10.08 35.38 -33.73
CA LEU A 399 -9.67 36.06 -34.95
C LEU A 399 -9.86 37.56 -34.97
N VAL A 400 -11.03 38.03 -34.52
CA VAL A 400 -11.30 39.46 -34.54
C VAL A 400 -10.36 40.20 -33.59
N SER A 401 -10.33 39.83 -32.31
CA SER A 401 -9.45 40.53 -31.37
C SER A 401 -7.96 40.24 -31.64
N HIS A 402 -7.69 39.29 -32.54
CA HIS A 402 -6.34 39.11 -33.10
C HIS A 402 -5.99 40.22 -34.11
N LEU A 403 -6.96 40.60 -34.96
CA LEU A 403 -6.69 41.59 -36.02
C LEU A 403 -6.94 43.02 -35.55
N ASP A 404 -6.29 43.38 -34.45
CA ASP A 404 -6.47 44.66 -33.81
C ASP A 404 -5.11 45.36 -33.72
N GLY A 405 -4.97 46.42 -34.51
CA GLY A 405 -3.70 47.12 -34.70
C GLY A 405 -3.43 47.17 -36.19
N THR A 406 -2.18 47.42 -36.54
CA THR A 406 -1.73 47.28 -37.93
C THR A 406 -0.77 46.10 -38.04
N THR A 407 0.21 46.07 -37.15
CA THR A 407 1.15 44.96 -37.04
C THR A 407 0.50 43.57 -37.20
N PRO A 408 -0.70 43.36 -36.61
CA PRO A 408 -1.43 42.13 -36.93
C PRO A 408 -1.82 42.04 -38.40
N VAL A 409 -2.60 43.01 -38.84
CA VAL A 409 -3.28 42.93 -40.15
C VAL A 409 -2.26 42.87 -41.30
N CYS A 410 -1.22 43.70 -41.23
CA CYS A 410 -0.12 43.63 -42.21
C CYS A 410 0.46 42.21 -42.25
N GLU A 411 0.62 41.60 -41.07
CA GLU A 411 1.21 40.27 -40.97
C GLU A 411 0.26 39.21 -41.53
N ASP A 412 -1.03 39.40 -41.28
CA ASP A 412 -2.05 38.59 -41.92
C ASP A 412 -1.86 38.70 -43.43
N ILE A 413 -2.08 39.90 -43.96
CA ILE A 413 -2.06 40.10 -45.41
C ILE A 413 -0.77 39.57 -46.04
N GLY A 414 0.36 39.77 -45.37
CA GLY A 414 1.65 39.27 -45.86
C GLY A 414 1.70 37.77 -46.06
N ARG A 415 1.03 37.05 -45.17
CA ARG A 415 1.09 35.58 -45.13
C ARG A 415 -0.07 34.93 -45.91
N SER A 416 -1.25 35.53 -45.78
CA SER A 416 -2.46 35.14 -46.51
C SER A 416 -2.16 34.85 -47.98
N LEU A 417 -1.43 35.77 -48.60
CA LEU A 417 -1.05 35.63 -50.01
C LEU A 417 0.00 34.53 -50.21
N LEU A 418 0.92 34.41 -49.25
CA LEU A 418 1.97 33.38 -49.31
C LEU A 418 1.45 31.97 -49.08
N THR A 419 0.27 31.82 -48.47
CA THR A 419 -0.31 30.50 -48.24
C THR A 419 -1.61 30.28 -49.00
N TYR A 420 -2.64 31.02 -48.62
CA TYR A 420 -3.97 30.85 -49.21
C TYR A 420 -3.99 31.33 -50.66
N GLY A 421 -3.08 32.26 -50.99
CA GLY A 421 -3.03 32.84 -52.35
C GLY A 421 -3.87 34.10 -52.45
N ARG A 422 -4.81 34.23 -51.51
CA ARG A 422 -5.56 35.47 -51.27
C ARG A 422 -5.51 35.83 -49.81
N ARG A 423 -6.07 36.98 -49.48
CA ARG A 423 -6.46 37.25 -48.11
C ARG A 423 -7.93 36.91 -47.98
N ILE A 424 -8.34 36.50 -46.78
CA ILE A 424 -9.70 36.04 -46.58
C ILE A 424 -10.49 36.97 -45.65
N PRO A 425 -11.73 37.31 -46.06
CA PRO A 425 -12.64 38.11 -45.23
C PRO A 425 -13.06 37.43 -43.93
N LEU A 426 -13.09 38.24 -42.87
CA LEU A 426 -13.64 37.84 -41.59
C LEU A 426 -15.09 37.38 -41.74
N ALA A 427 -15.80 38.02 -42.66
CA ALA A 427 -17.17 37.63 -43.02
C ALA A 427 -17.23 36.27 -43.71
N GLU A 428 -16.13 35.86 -44.32
CA GLU A 428 -15.99 34.52 -44.92
C GLU A 428 -15.63 33.50 -43.83
N TRP A 429 -14.56 33.79 -43.08
CA TRP A 429 -14.22 32.95 -41.91
C TRP A 429 -15.47 32.70 -41.05
N GLU A 430 -16.24 33.77 -40.83
CA GLU A 430 -17.54 33.69 -40.12
C GLU A 430 -18.49 32.66 -40.77
N SER A 431 -18.63 32.71 -42.10
CA SER A 431 -19.49 31.77 -42.84
C SER A 431 -18.99 30.35 -42.61
N ARG A 432 -17.68 30.20 -42.74
CA ARG A 432 -17.04 28.88 -42.53
C ARG A 432 -17.28 28.34 -41.12
N ILE A 433 -17.20 29.22 -40.13
CA ILE A 433 -17.43 28.84 -38.72
C ILE A 433 -18.91 28.51 -38.46
N ALA A 434 -19.79 29.38 -38.94
CA ALA A 434 -21.24 29.23 -38.73
C ALA A 434 -21.81 27.93 -39.29
N GLU A 435 -21.05 27.25 -40.16
CA GLU A 435 -21.44 25.95 -40.70
C GLU A 435 -20.98 24.79 -39.82
N VAL A 436 -19.98 25.04 -38.99
CA VAL A 436 -19.42 24.00 -38.12
C VAL A 436 -20.36 23.72 -36.95
N ASP A 437 -20.87 22.49 -36.90
CA ASP A 437 -21.70 22.00 -35.79
C ASP A 437 -21.22 20.62 -35.30
N ALA A 438 -21.85 20.13 -34.23
CA ALA A 438 -21.44 18.88 -33.57
C ALA A 438 -21.04 17.77 -34.54
N ARG A 439 -21.93 17.46 -35.48
CA ARG A 439 -21.69 16.40 -36.47
C ARG A 439 -20.39 16.63 -37.21
N VAL A 440 -20.22 17.86 -37.69
CA VAL A 440 -19.01 18.25 -38.41
C VAL A 440 -17.79 18.14 -37.49
N VAL A 441 -17.85 18.73 -36.30
CA VAL A 441 -16.72 18.65 -35.35
C VAL A 441 -16.33 17.18 -35.14
N ARG A 442 -17.34 16.34 -34.87
CA ARG A 442 -17.11 14.90 -34.72
C ARG A 442 -16.44 14.31 -35.95
N GLU A 443 -17.09 14.41 -37.10
CA GLU A 443 -16.50 13.89 -38.34
C GLU A 443 -15.05 14.33 -38.52
N VAL A 444 -14.81 15.62 -38.30
CA VAL A 444 -13.49 16.25 -38.52
C VAL A 444 -12.43 15.80 -37.52
N CYS A 445 -12.77 15.74 -36.24
CA CYS A 445 -11.84 15.21 -35.24
C CYS A 445 -11.58 13.71 -35.50
N SER A 446 -12.66 12.93 -35.59
CA SER A 446 -12.57 11.49 -35.93
C SER A 446 -11.71 11.26 -37.17
N LYS A 447 -11.82 12.16 -38.14
CA LYS A 447 -10.97 12.14 -39.33
C LYS A 447 -9.48 12.11 -38.97
N TYR A 448 -9.04 13.00 -38.07
CA TYR A 448 -7.59 13.19 -37.86
C TYR A 448 -7.01 12.52 -36.60
N PHE A 449 -7.88 12.16 -35.65
CA PHE A 449 -7.45 11.58 -34.38
C PHE A 449 -7.73 10.08 -34.30
N TYR A 450 -9.00 9.72 -34.40
CA TYR A 450 -9.46 8.36 -34.13
C TYR A 450 -8.60 7.32 -34.85
N ASP A 451 -7.92 6.51 -34.04
CA ASP A 451 -7.02 5.43 -34.48
C ASP A 451 -5.86 5.90 -35.37
N GLN A 452 -5.30 7.05 -35.02
CA GLN A 452 -4.12 7.55 -35.72
C GLN A 452 -2.88 7.45 -34.85
N CYS A 453 -1.76 7.08 -35.47
CA CYS A 453 -0.47 7.07 -34.79
C CYS A 453 0.02 8.50 -34.55
N PRO A 454 0.18 8.90 -33.27
CA PRO A 454 0.63 10.26 -33.03
C PRO A 454 2.14 10.37 -32.91
N ALA A 455 2.63 11.60 -33.05
CA ALA A 455 4.02 11.95 -32.82
C ALA A 455 4.17 12.59 -31.45
N VAL A 456 5.14 12.08 -30.68
CA VAL A 456 5.30 12.44 -29.28
C VAL A 456 6.71 12.88 -28.93
N ALA A 457 6.82 14.09 -28.41
CA ALA A 457 8.10 14.63 -27.98
C ALA A 457 8.04 14.87 -26.48
N GLY A 458 8.97 14.28 -25.74
CA GLY A 458 9.01 14.48 -24.29
C GLY A 458 10.37 14.90 -23.81
N PHE A 459 10.42 15.98 -23.05
CA PHE A 459 11.68 16.50 -22.52
C PHE A 459 11.61 16.69 -21.00
N GLY A 460 12.58 16.10 -20.29
CA GLY A 460 12.73 16.32 -18.83
C GLY A 460 12.63 15.07 -17.95
N PRO A 461 12.13 15.20 -16.71
CA PRO A 461 11.86 14.06 -15.83
C PRO A 461 10.61 13.26 -16.27
N ILE A 462 10.75 12.57 -17.39
CA ILE A 462 9.63 11.94 -18.10
C ILE A 462 9.51 10.44 -17.84
N GLU A 463 10.13 9.97 -16.77
CA GLU A 463 10.07 8.55 -16.46
C GLU A 463 8.62 8.06 -16.40
N GLN A 464 7.69 8.95 -16.09
CA GLN A 464 6.28 8.56 -16.03
C GLN A 464 5.59 8.57 -17.39
N LEU A 465 6.08 9.39 -18.33
CA LEU A 465 5.49 9.49 -19.67
C LEU A 465 5.17 8.10 -20.23
N PRO A 466 3.88 7.85 -20.54
CA PRO A 466 3.39 6.55 -21.00
C PRO A 466 4.15 5.99 -22.19
N ASP A 467 4.15 4.66 -22.28
CA ASP A 467 4.79 3.95 -23.38
C ASP A 467 4.03 4.22 -24.67
N TYR A 468 4.76 4.27 -25.79
CA TYR A 468 4.12 4.58 -27.05
C TYR A 468 3.02 3.57 -27.40
N ASN A 469 3.28 2.29 -27.17
CA ASN A 469 2.22 1.28 -27.35
C ASN A 469 0.96 1.59 -26.56
N ARG A 470 1.13 2.20 -25.40
CA ARG A 470 0.00 2.58 -24.57
C ARG A 470 -0.66 3.85 -25.13
N ILE A 471 0.15 4.89 -25.35
CA ILE A 471 -0.36 6.15 -25.89
C ILE A 471 -1.16 5.90 -27.18
N ARG A 472 -0.61 5.07 -28.06
CA ARG A 472 -1.29 4.66 -29.29
C ARG A 472 -2.70 4.07 -29.02
N SER A 473 -2.80 3.28 -27.94
CA SER A 473 -4.09 2.72 -27.50
C SER A 473 -5.05 3.78 -26.96
N GLY A 474 -4.52 4.94 -26.58
CA GLY A 474 -5.34 6.09 -26.18
C GLY A 474 -6.03 6.78 -27.34
N MET A 475 -5.77 6.30 -28.56
CA MET A 475 -6.31 6.89 -29.76
C MET A 475 -7.52 6.13 -30.31
N PHE A 476 -7.87 4.97 -29.73
CA PHE A 476 -9.06 4.26 -30.18
C PHE A 476 -10.12 4.07 -29.07
N TRP A 477 -11.10 3.21 -29.33
CA TRP A 477 -12.16 2.94 -28.37
C TRP A 477 -11.68 3.21 -26.94
N LEU A 478 -12.27 2.50 -25.98
CA LEU A 478 -11.91 2.65 -24.58
C LEU A 478 -11.54 1.32 -23.96
N ARG A 479 -10.65 1.36 -22.97
CA ARG A 479 -10.21 0.14 -22.29
C ARG A 479 -11.37 -0.52 -21.55
N PRO B 32 -11.68 53.48 -46.40
CA PRO B 32 -11.75 53.41 -44.94
C PRO B 32 -13.09 53.92 -44.41
N PRO B 33 -13.49 53.48 -43.21
CA PRO B 33 -14.71 54.02 -42.57
C PRO B 33 -14.55 55.49 -42.15
N HIS B 34 -15.63 56.09 -41.65
CA HIS B 34 -15.60 57.49 -41.19
C HIS B 34 -15.48 57.59 -39.65
N PRO B 35 -14.28 57.97 -39.14
CA PRO B 35 -13.90 58.21 -37.74
C PRO B 35 -15.03 58.86 -36.94
N GLN B 36 -15.21 58.44 -35.68
CA GLN B 36 -16.31 58.94 -34.84
C GLN B 36 -15.82 59.74 -33.63
N ASP B 37 -16.71 60.59 -33.11
CA ASP B 37 -16.41 61.39 -31.92
C ASP B 37 -16.41 60.53 -30.68
N LEU B 38 -15.26 60.47 -30.00
CA LEU B 38 -15.19 59.80 -28.71
C LEU B 38 -16.06 60.55 -27.73
N GLU B 39 -17.26 60.04 -27.47
CA GLU B 39 -18.22 60.78 -26.63
C GLU B 39 -17.77 60.89 -25.18
N PHE B 40 -18.44 61.76 -24.44
CA PHE B 40 -18.01 62.12 -23.10
C PHE B 40 -19.17 62.65 -22.26
N THR B 41 -19.35 62.10 -21.06
CA THR B 41 -20.30 62.63 -20.08
C THR B 41 -19.66 62.52 -18.70
N ARG B 42 -20.06 63.42 -17.79
CA ARG B 42 -19.54 63.40 -16.43
C ARG B 42 -20.70 63.52 -15.44
N LEU B 43 -21.26 62.37 -15.04
CA LEU B 43 -22.53 62.37 -14.28
C LEU B 43 -22.47 63.17 -12.94
N PRO B 44 -23.65 63.60 -12.42
CA PRO B 44 -23.82 64.39 -11.18
C PRO B 44 -22.78 64.16 -10.06
N ASN B 45 -22.46 62.89 -9.80
CA ASN B 45 -21.55 62.50 -8.72
C ASN B 45 -20.09 62.32 -9.15
N GLY B 46 -19.69 63.03 -10.21
CA GLY B 46 -18.30 63.05 -10.67
C GLY B 46 -17.83 61.82 -11.45
N LEU B 47 -18.76 60.93 -11.80
CA LEU B 47 -18.42 59.71 -12.50
C LEU B 47 -18.35 59.95 -14.01
N VAL B 48 -17.15 59.72 -14.55
CA VAL B 48 -16.85 59.89 -15.96
C VAL B 48 -17.39 58.73 -16.79
N ILE B 49 -17.99 59.04 -17.93
CA ILE B 49 -18.40 58.03 -18.91
C ILE B 49 -17.88 58.47 -20.27
N ALA B 50 -17.20 57.57 -20.96
CA ALA B 50 -16.73 57.82 -22.33
C ALA B 50 -17.09 56.65 -23.26
N SER B 51 -17.30 56.94 -24.54
CA SER B 51 -17.61 55.89 -25.51
C SER B 51 -17.21 56.27 -26.92
N LEU B 52 -16.30 55.48 -27.50
CA LEU B 52 -16.06 55.52 -28.94
C LEU B 52 -16.94 54.47 -29.61
N GLU B 53 -17.81 54.92 -30.50
CA GLU B 53 -18.59 54.02 -31.31
C GLU B 53 -17.88 53.84 -32.65
N ASN B 54 -16.90 52.94 -32.68
CA ASN B 54 -16.09 52.69 -33.87
C ASN B 54 -16.57 51.51 -34.71
N TYR B 55 -17.76 50.99 -34.39
CA TYR B 55 -18.41 49.94 -35.18
C TYR B 55 -17.52 48.73 -35.49
N ALA B 56 -16.65 48.37 -34.56
CA ALA B 56 -15.86 47.14 -34.67
C ALA B 56 -16.80 45.96 -34.41
N PRO B 57 -16.46 44.77 -34.92
CA PRO B 57 -17.21 43.58 -34.47
C PRO B 57 -16.96 43.31 -32.98
N ALA B 58 -15.77 43.70 -32.53
CA ALA B 58 -15.29 43.54 -31.14
C ALA B 58 -15.71 44.72 -30.26
N SER B 59 -16.22 44.41 -29.06
CA SER B 59 -16.63 45.41 -28.07
C SER B 59 -15.73 45.33 -26.87
N ARG B 60 -15.10 46.45 -26.51
CA ARG B 60 -14.21 46.49 -25.35
C ARG B 60 -14.68 47.53 -24.32
N ILE B 61 -15.03 47.06 -23.12
CA ILE B 61 -15.57 47.95 -22.06
C ILE B 61 -14.70 47.91 -20.79
N GLY B 62 -14.17 49.06 -20.40
CA GLY B 62 -13.37 49.18 -19.18
C GLY B 62 -14.03 50.00 -18.09
N LEU B 63 -13.84 49.61 -16.84
CA LEU B 63 -14.24 50.45 -15.71
C LEU B 63 -13.02 50.72 -14.86
N PHE B 64 -12.47 51.92 -15.00
CA PHE B 64 -11.24 52.30 -14.32
C PHE B 64 -11.57 52.90 -12.96
N ILE B 65 -10.87 52.43 -11.94
CA ILE B 65 -11.13 52.85 -10.58
C ILE B 65 -9.82 53.23 -9.92
N LYS B 66 -9.85 54.32 -9.15
CA LYS B 66 -8.68 54.74 -8.37
C LYS B 66 -8.55 53.86 -7.13
N ALA B 67 -7.97 52.68 -7.34
CA ALA B 67 -7.82 51.69 -6.26
C ALA B 67 -6.55 50.83 -6.40
N GLY B 68 -5.42 51.49 -6.70
CA GLY B 68 -4.13 50.81 -6.81
C GLY B 68 -3.46 50.59 -5.46
N SER B 69 -2.17 50.31 -5.49
CA SER B 69 -1.38 50.03 -4.28
C SER B 69 -1.32 51.26 -3.37
N ARG B 70 -1.24 52.45 -3.97
CA ARG B 70 -1.06 53.71 -3.22
C ARG B 70 -2.12 53.96 -2.14
N TYR B 71 -3.29 53.33 -2.28
CA TYR B 71 -4.38 53.51 -1.34
C TYR B 71 -4.44 52.39 -0.29
N GLU B 72 -3.49 51.46 -0.34
CA GLU B 72 -3.32 50.47 0.72
C GLU B 72 -2.61 51.12 1.89
N ASN B 73 -3.17 50.98 3.10
CA ASN B 73 -2.53 51.51 4.31
C ASN B 73 -1.42 50.60 4.84
N SER B 74 -0.75 51.03 5.92
CA SER B 74 0.36 50.26 6.50
C SER B 74 -0.10 48.92 7.10
N ASN B 75 -1.39 48.61 6.99
CA ASN B 75 -1.95 47.39 7.55
C ASN B 75 -2.55 46.47 6.50
N ASN B 76 -3.56 46.94 5.77
CA ASN B 76 -4.23 46.12 4.74
C ASN B 76 -3.44 45.99 3.43
N LEU B 77 -2.17 45.63 3.55
CA LEU B 77 -1.29 45.44 2.41
C LEU B 77 -1.72 44.19 1.64
N GLY B 78 -1.47 44.19 0.33
CA GLY B 78 -1.80 43.02 -0.51
C GLY B 78 -3.26 42.88 -0.90
N THR B 79 -4.14 43.56 -0.15
CA THR B 79 -5.59 43.52 -0.37
C THR B 79 -5.98 43.89 -1.80
N SER B 80 -5.22 44.81 -2.40
CA SER B 80 -5.34 45.12 -3.82
C SER B 80 -5.00 43.89 -4.65
N HIS B 81 -3.81 43.35 -4.41
CA HIS B 81 -3.29 42.21 -5.17
C HIS B 81 -4.25 41.02 -5.14
N LEU B 82 -4.79 40.74 -3.96
CA LEU B 82 -5.83 39.72 -3.83
C LEU B 82 -7.08 40.16 -4.59
N LEU B 83 -7.50 41.42 -4.41
CA LEU B 83 -8.73 41.92 -5.03
C LEU B 83 -8.69 41.78 -6.55
N ARG B 84 -7.47 41.89 -7.08
CA ARG B 84 -7.16 41.69 -8.48
C ARG B 84 -7.46 40.25 -8.91
N LEU B 85 -7.01 39.29 -8.09
CA LEU B 85 -7.22 37.88 -8.41
C LEU B 85 -8.67 37.48 -8.13
N ALA B 86 -9.34 38.30 -7.32
CA ALA B 86 -10.63 37.95 -6.70
C ALA B 86 -11.84 38.12 -7.62
N SER B 87 -11.65 38.77 -8.76
CA SER B 87 -12.71 38.85 -9.76
C SER B 87 -13.20 37.46 -10.11
N SER B 88 -14.51 37.32 -10.31
CA SER B 88 -15.18 36.03 -10.60
C SER B 88 -15.41 35.12 -9.38
N LEU B 89 -15.10 35.62 -8.18
CA LEU B 89 -15.58 34.99 -6.95
C LEU B 89 -17.03 35.40 -6.76
N THR B 90 -17.85 34.50 -6.23
CA THR B 90 -19.29 34.66 -6.20
C THR B 90 -19.73 36.09 -5.89
N THR B 91 -20.56 36.66 -6.75
CA THR B 91 -21.11 38.00 -6.55
C THR B 91 -22.58 37.93 -6.15
N LYS B 92 -23.22 39.09 -6.04
CA LYS B 92 -24.61 39.17 -5.56
C LYS B 92 -25.57 38.44 -6.51
N GLY B 93 -25.49 38.81 -7.78
CA GLY B 93 -26.43 38.31 -8.80
C GLY B 93 -25.94 37.12 -9.60
N ALA B 94 -24.64 36.86 -9.56
CA ALA B 94 -24.03 35.77 -10.31
C ALA B 94 -23.03 34.99 -9.47
N SER B 95 -23.18 33.67 -9.51
CA SER B 95 -22.28 32.79 -8.79
C SER B 95 -20.96 32.63 -9.52
N SER B 96 -19.91 32.35 -8.76
CA SER B 96 -18.54 32.16 -9.30
C SER B 96 -18.54 31.29 -10.55
N PHE B 97 -19.40 30.28 -10.53
CA PHE B 97 -19.62 29.40 -11.68
C PHE B 97 -20.22 30.19 -12.84
N LYS B 98 -21.43 30.71 -12.61
CA LYS B 98 -22.16 31.52 -13.59
C LYS B 98 -21.25 32.54 -14.28
N ILE B 99 -20.46 33.25 -13.48
CA ILE B 99 -19.52 34.23 -14.03
C ILE B 99 -18.52 33.56 -14.99
N THR B 100 -17.87 32.48 -14.55
CA THR B 100 -16.79 31.86 -15.34
C THR B 100 -17.34 31.19 -16.59
N ARG B 101 -18.40 30.37 -16.43
CA ARG B 101 -19.01 29.66 -17.55
C ARG B 101 -19.78 30.57 -18.50
N GLY B 102 -20.41 31.60 -17.94
CA GLY B 102 -21.23 32.55 -18.72
C GLY B 102 -20.46 33.33 -19.78
N ILE B 103 -19.32 33.90 -19.37
CA ILE B 103 -18.42 34.65 -20.28
C ILE B 103 -17.83 33.73 -21.36
N GLU B 104 -17.26 32.61 -20.93
CA GLU B 104 -16.72 31.58 -21.84
C GLU B 104 -17.77 30.94 -22.76
N ALA B 105 -19.04 30.95 -22.35
CA ALA B 105 -20.14 30.49 -23.21
C ALA B 105 -20.31 31.33 -24.48
N VAL B 106 -19.93 32.60 -24.40
CA VAL B 106 -19.93 33.50 -25.56
C VAL B 106 -18.49 33.85 -25.98
N GLY B 107 -17.52 33.33 -25.24
CA GLY B 107 -16.11 33.55 -25.57
C GLY B 107 -15.65 34.97 -25.27
N GLY B 108 -16.20 35.54 -24.22
CA GLY B 108 -15.79 36.87 -23.77
C GLY B 108 -14.45 36.84 -23.03
N LYS B 109 -14.14 37.94 -22.34
CA LYS B 109 -12.92 38.01 -21.52
C LYS B 109 -13.08 39.05 -20.42
N LEU B 110 -12.70 38.66 -19.19
CA LEU B 110 -12.70 39.55 -18.05
C LEU B 110 -11.28 39.71 -17.52
N SER B 111 -10.70 40.88 -17.73
CA SER B 111 -9.33 41.15 -17.30
C SER B 111 -9.33 42.18 -16.21
N VAL B 112 -8.35 42.07 -15.30
CA VAL B 112 -8.14 43.07 -14.24
C VAL B 112 -6.71 43.65 -14.31
N THR B 113 -6.63 44.97 -14.43
CA THR B 113 -5.39 45.62 -14.77
C THR B 113 -4.98 46.66 -13.71
N SER B 114 -4.03 46.31 -12.84
CA SER B 114 -3.68 47.20 -11.72
C SER B 114 -2.40 48.00 -11.92
N THR B 115 -2.52 49.33 -11.81
CA THR B 115 -1.40 50.26 -11.65
C THR B 115 -1.12 50.40 -10.15
N ARG B 116 -0.02 51.05 -9.82
CA ARG B 116 0.21 51.49 -8.43
C ARG B 116 -0.91 52.42 -7.97
N GLU B 117 -1.62 53.01 -8.92
CA GLU B 117 -2.69 53.95 -8.68
C GLU B 117 -4.07 53.45 -9.14
N ASN B 118 -4.14 52.84 -10.32
CA ASN B 118 -5.44 52.53 -10.95
C ASN B 118 -5.74 51.08 -11.26
N MET B 119 -6.88 50.61 -10.76
CA MET B 119 -7.39 49.28 -11.11
C MET B 119 -8.30 49.39 -12.32
N ALA B 120 -8.17 48.46 -13.25
CA ALA B 120 -8.90 48.55 -14.52
C ALA B 120 -9.54 47.24 -14.87
N TYR B 121 -10.83 47.15 -14.56
CA TYR B 121 -11.63 45.97 -14.88
C TYR B 121 -12.11 46.12 -16.30
N THR B 122 -11.53 45.30 -17.19
CA THR B 122 -11.71 45.48 -18.62
C THR B 122 -12.23 44.19 -19.28
N VAL B 123 -13.41 44.31 -19.91
CA VAL B 123 -14.09 43.16 -20.53
C VAL B 123 -14.06 43.23 -22.06
N GLU B 124 -14.00 42.05 -22.68
CA GLU B 124 -13.99 41.91 -24.13
C GLU B 124 -15.05 40.93 -24.60
N CYS B 125 -15.62 41.15 -25.78
CA CYS B 125 -16.53 40.19 -26.43
C CYS B 125 -17.02 40.70 -27.78
N LEU B 126 -17.90 39.94 -28.42
CA LEU B 126 -18.51 40.34 -29.70
C LEU B 126 -19.67 41.30 -29.45
N ARG B 127 -19.78 42.31 -30.32
CA ARG B 127 -20.69 43.45 -30.06
C ARG B 127 -22.17 43.08 -29.82
N ASP B 128 -22.51 41.79 -29.95
CA ASP B 128 -23.88 41.32 -29.71
C ASP B 128 -24.11 40.78 -28.30
N ASP B 129 -23.04 40.63 -27.51
CA ASP B 129 -23.16 40.08 -26.14
C ASP B 129 -22.90 41.16 -25.06
N VAL B 130 -22.79 42.42 -25.52
CA VAL B 130 -22.24 43.52 -24.70
C VAL B 130 -22.93 43.62 -23.35
N ASP B 131 -24.25 43.48 -23.35
CA ASP B 131 -25.03 43.63 -22.13
C ASP B 131 -24.71 42.56 -21.09
N ILE B 132 -24.35 41.34 -21.52
CA ILE B 132 -24.10 40.25 -20.54
C ILE B 132 -22.73 40.43 -19.88
N LEU B 133 -21.75 40.75 -20.71
CA LEU B 133 -20.41 41.13 -20.23
C LEU B 133 -20.46 42.40 -19.37
N MET B 134 -21.33 43.33 -19.74
CA MET B 134 -21.57 44.53 -18.94
C MET B 134 -22.09 44.08 -17.58
N GLU B 135 -23.25 43.42 -17.60
CA GLU B 135 -23.87 42.89 -16.39
C GLU B 135 -22.82 42.21 -15.50
N PHE B 136 -22.21 41.13 -16.01
CA PHE B 136 -21.21 40.39 -15.23
C PHE B 136 -20.15 41.32 -14.62
N LEU B 137 -19.77 42.38 -15.35
CA LEU B 137 -18.77 43.33 -14.87
C LEU B 137 -19.26 44.10 -13.65
N LEU B 138 -20.52 44.49 -13.66
CA LEU B 138 -21.07 45.36 -12.61
C LEU B 138 -21.26 44.61 -11.31
N ASN B 139 -21.49 43.31 -11.42
CA ASN B 139 -21.64 42.45 -10.24
C ASN B 139 -20.32 42.31 -9.50
N VAL B 140 -19.27 42.02 -10.27
CA VAL B 140 -17.89 41.94 -9.77
C VAL B 140 -17.40 43.23 -9.10
N THR B 141 -17.83 44.38 -9.60
CA THR B 141 -17.38 45.68 -9.09
C THR B 141 -18.26 46.24 -7.97
N THR B 142 -19.58 46.20 -8.17
CA THR B 142 -20.53 46.81 -7.23
C THR B 142 -21.11 45.82 -6.22
N ALA B 143 -21.12 44.52 -6.55
CA ALA B 143 -21.82 43.57 -5.68
C ALA B 143 -21.03 42.29 -5.30
N PRO B 144 -19.71 42.41 -5.08
CA PRO B 144 -18.95 41.22 -4.68
C PRO B 144 -19.23 40.82 -3.23
N GLU B 145 -19.43 39.53 -3.00
CA GLU B 145 -19.79 39.01 -1.67
C GLU B 145 -18.58 38.67 -0.79
N PHE B 146 -17.50 38.19 -1.41
CA PHE B 146 -16.27 37.79 -0.70
C PHE B 146 -16.54 36.80 0.44
N ARG B 147 -17.07 35.62 0.09
CA ARG B 147 -17.37 34.59 1.07
C ARG B 147 -16.09 33.97 1.66
N ARG B 148 -16.04 33.92 2.98
CA ARG B 148 -14.85 33.49 3.72
C ARG B 148 -14.21 32.23 3.16
N TRP B 149 -15.04 31.26 2.77
CA TRP B 149 -14.52 29.97 2.26
C TRP B 149 -13.97 30.05 0.85
N GLU B 150 -14.46 30.98 0.05
CA GLU B 150 -13.87 31.26 -1.26
C GLU B 150 -12.58 32.05 -1.05
N VAL B 151 -12.73 33.20 -0.38
CA VAL B 151 -11.62 34.11 -0.10
C VAL B 151 -10.43 33.39 0.53
N ALA B 152 -10.71 32.51 1.50
CA ALA B 152 -9.65 31.71 2.11
C ALA B 152 -9.02 30.69 1.16
N ALA B 153 -9.83 30.14 0.24
CA ALA B 153 -9.34 29.13 -0.71
C ALA B 153 -8.58 29.74 -1.90
N LEU B 154 -8.84 31.02 -2.16
CA LEU B 154 -8.09 31.76 -3.19
C LEU B 154 -6.71 32.21 -2.70
N GLN B 155 -6.58 32.45 -1.39
CA GLN B 155 -5.34 32.99 -0.80
C GLN B 155 -4.02 32.51 -1.46
N PRO B 156 -3.74 31.19 -1.38
CA PRO B 156 -2.43 30.72 -1.87
C PRO B 156 -2.17 30.97 -3.34
N GLN B 157 -3.13 31.56 -4.06
CA GLN B 157 -2.89 32.05 -5.41
C GLN B 157 -1.86 33.17 -5.38
N LEU B 158 -1.97 34.05 -4.38
CA LEU B 158 -1.02 35.15 -4.20
C LEU B 158 0.43 34.64 -4.33
N ARG B 159 0.73 33.59 -3.57
CA ARG B 159 1.99 32.87 -3.62
C ARG B 159 2.42 32.57 -5.07
N ILE B 160 1.49 31.98 -5.84
CA ILE B 160 1.75 31.63 -7.25
C ILE B 160 1.98 32.91 -8.05
N ASP B 161 0.90 33.66 -8.26
CA ASP B 161 0.91 34.87 -9.09
C ASP B 161 2.10 35.77 -8.79
N LYS B 162 2.51 35.82 -7.52
CA LYS B 162 3.70 36.56 -7.13
C LYS B 162 4.97 35.93 -7.73
N ALA B 163 5.27 34.69 -7.36
CA ALA B 163 6.48 34.02 -7.82
C ALA B 163 6.53 33.91 -9.35
N VAL B 164 5.36 33.84 -9.98
CA VAL B 164 5.22 33.90 -11.45
C VAL B 164 5.70 35.22 -12.02
N ALA B 165 5.41 36.30 -11.30
CA ALA B 165 5.80 37.64 -11.74
C ALA B 165 7.26 37.95 -11.38
N LEU B 166 7.72 37.41 -10.24
CA LEU B 166 9.11 37.62 -9.80
C LEU B 166 10.11 36.70 -10.50
N GLN B 167 9.70 36.17 -11.65
CA GLN B 167 10.62 35.52 -12.58
C GLN B 167 11.48 36.62 -13.18
N ASN B 168 10.82 37.72 -13.55
CA ASN B 168 11.48 38.87 -14.14
C ASN B 168 12.29 39.66 -13.09
N PRO B 169 13.63 39.61 -13.18
CA PRO B 169 14.47 40.23 -12.16
C PRO B 169 14.18 41.72 -12.03
N GLN B 170 13.53 42.27 -13.04
CA GLN B 170 13.01 43.63 -13.03
C GLN B 170 12.04 43.84 -11.87
N ALA B 171 11.01 43.01 -11.79
CA ALA B 171 9.94 43.17 -10.79
C ALA B 171 10.52 43.50 -9.42
N HIS B 172 11.47 42.69 -8.94
CA HIS B 172 12.19 42.95 -7.67
C HIS B 172 12.80 44.34 -7.58
N VAL B 173 13.60 44.67 -8.59
CA VAL B 173 14.31 45.95 -8.67
C VAL B 173 13.31 47.11 -8.62
N ILE B 174 12.22 47.00 -9.37
CA ILE B 174 11.19 48.06 -9.41
C ILE B 174 10.38 48.14 -8.12
N GLU B 175 9.99 46.98 -7.57
CA GLU B 175 9.29 46.92 -6.28
C GLU B 175 10.14 47.55 -5.18
N ASN B 176 11.41 47.16 -5.15
CA ASN B 176 12.38 47.80 -4.25
C ASN B 176 12.44 49.32 -4.48
N LEU B 177 12.72 49.70 -5.71
CA LEU B 177 12.94 51.10 -6.09
C LEU B 177 11.91 52.05 -5.48
N HIS B 178 10.64 51.69 -5.59
CA HIS B 178 9.54 52.51 -5.07
C HIS B 178 9.53 52.57 -3.56
N ALA B 179 9.83 51.45 -2.93
CA ALA B 179 9.87 51.37 -1.48
C ALA B 179 11.10 52.08 -0.90
N ALA B 180 12.15 52.21 -1.71
CA ALA B 180 13.34 53.02 -1.36
C ALA B 180 13.05 54.50 -1.60
N ALA B 181 12.43 54.81 -2.73
CA ALA B 181 12.13 56.17 -3.14
C ALA B 181 11.07 56.83 -2.26
N TYR B 182 9.88 56.23 -2.15
CA TYR B 182 8.77 56.86 -1.41
C TYR B 182 8.55 56.19 -0.06
N ARG B 183 7.57 56.69 0.68
CA ARG B 183 7.33 56.23 2.04
C ARG B 183 5.96 55.71 2.32
N ASN B 184 4.98 56.43 1.83
CA ASN B 184 3.64 56.25 2.34
C ASN B 184 2.76 55.48 1.36
N ALA B 185 2.52 56.08 0.19
CA ALA B 185 1.51 55.58 -0.72
C ALA B 185 2.16 54.75 -1.79
N LEU B 186 3.06 55.38 -2.53
CA LEU B 186 3.62 54.72 -3.70
C LEU B 186 4.76 53.78 -3.33
N ALA B 187 5.17 53.81 -2.07
CA ALA B 187 6.12 52.82 -1.54
C ALA B 187 5.56 51.40 -1.61
N ASN B 188 4.24 51.28 -1.76
CA ASN B 188 3.55 50.00 -1.76
C ASN B 188 3.82 49.13 -2.97
N SER B 189 4.08 47.85 -2.72
CA SER B 189 4.29 46.86 -3.77
C SER B 189 2.97 46.50 -4.45
N LEU B 190 3.05 46.20 -5.75
CA LEU B 190 1.87 45.75 -6.51
C LEU B 190 1.44 44.36 -6.12
N TYR B 191 2.43 43.55 -5.72
CA TYR B 191 2.19 42.21 -5.22
C TYR B 191 2.25 42.18 -3.69
N CYS B 192 1.50 41.26 -3.12
CA CYS B 192 1.34 41.15 -1.70
C CYS B 192 2.70 40.85 -1.09
N PRO B 193 3.00 41.46 0.07
CA PRO B 193 4.16 41.03 0.85
C PRO B 193 4.04 39.57 1.30
N ASP B 194 5.16 38.95 1.62
CA ASP B 194 5.17 37.54 2.00
C ASP B 194 4.33 37.34 3.25
N TYR B 195 4.67 38.05 4.32
CA TYR B 195 4.01 37.89 5.63
C TYR B 195 2.49 38.04 5.56
N ARG B 196 2.01 38.80 4.58
CA ARG B 196 0.58 39.05 4.41
C ARG B 196 -0.13 37.96 3.60
N ILE B 197 0.62 37.16 2.84
CA ILE B 197 -0.01 36.12 2.02
C ILE B 197 -0.80 35.17 2.94
N GLY B 198 -2.13 35.12 2.78
CA GLY B 198 -2.99 34.29 3.64
C GLY B 198 -3.72 35.09 4.70
N LYS B 199 -3.13 36.23 5.11
CA LYS B 199 -3.66 37.02 6.23
C LYS B 199 -4.79 37.98 5.83
N VAL B 200 -5.06 38.11 4.54
CA VAL B 200 -6.02 39.08 4.03
C VAL B 200 -7.44 38.61 4.38
N THR B 201 -8.22 39.45 5.04
CA THR B 201 -9.57 39.07 5.51
C THR B 201 -10.67 39.52 4.56
N PRO B 202 -11.75 38.73 4.42
CA PRO B 202 -12.88 39.09 3.58
C PRO B 202 -13.49 40.45 3.94
N VAL B 203 -13.44 40.81 5.22
CA VAL B 203 -13.86 42.13 5.68
C VAL B 203 -12.98 43.22 5.06
N GLU B 204 -11.67 42.98 4.95
CA GLU B 204 -10.76 43.96 4.34
C GLU B 204 -11.07 44.24 2.88
N LEU B 205 -11.61 43.24 2.18
CA LEU B 205 -12.06 43.42 0.79
C LEU B 205 -13.37 44.21 0.73
N HIS B 206 -14.36 43.82 1.53
CA HIS B 206 -15.57 44.63 1.73
C HIS B 206 -15.22 46.10 1.97
N ASP B 207 -14.33 46.31 2.95
CA ASP B 207 -13.84 47.64 3.33
C ASP B 207 -13.13 48.35 2.17
N TYR B 208 -12.14 47.68 1.58
CA TYR B 208 -11.40 48.28 0.47
C TYR B 208 -12.32 48.69 -0.68
N VAL B 209 -13.15 47.74 -1.13
CA VAL B 209 -14.13 47.98 -2.21
C VAL B 209 -15.09 49.11 -1.83
N GLN B 210 -15.71 49.01 -0.66
CA GLN B 210 -16.66 50.04 -0.21
C GLN B 210 -16.02 51.43 -0.14
N ASN B 211 -14.79 51.47 0.35
CA ASN B 211 -14.07 52.73 0.51
C ASN B 211 -13.53 53.31 -0.80
N HIS B 212 -13.10 52.46 -1.74
CA HIS B 212 -12.40 52.95 -2.95
C HIS B 212 -13.12 52.79 -4.29
N PHE B 213 -14.15 51.95 -4.34
CA PHE B 213 -14.94 51.75 -5.56
C PHE B 213 -16.12 52.73 -5.54
N THR B 214 -15.81 54.02 -5.68
CA THR B 214 -16.81 55.07 -5.53
C THR B 214 -16.86 55.99 -6.76
N SER B 215 -18.03 56.59 -6.96
CA SER B 215 -18.32 57.45 -8.12
C SER B 215 -17.28 58.53 -8.39
N ALA B 216 -16.74 59.13 -7.33
CA ALA B 216 -15.70 60.18 -7.46
C ALA B 216 -14.30 59.64 -7.80
N ARG B 217 -14.17 58.32 -7.98
CA ARG B 217 -12.89 57.67 -8.28
C ARG B 217 -13.00 56.71 -9.48
N MET B 218 -14.10 56.77 -10.21
CA MET B 218 -14.42 55.81 -11.28
C MET B 218 -14.66 56.46 -12.64
N ALA B 219 -14.14 55.82 -13.68
CA ALA B 219 -14.40 56.21 -15.06
C ALA B 219 -14.84 54.99 -15.86
N LEU B 220 -16.00 55.08 -16.50
CA LEU B 220 -16.51 54.01 -17.35
C LEU B 220 -16.20 54.33 -18.81
N ILE B 221 -15.35 53.50 -19.43
CA ILE B 221 -14.88 53.68 -20.80
C ILE B 221 -15.45 52.57 -21.70
N GLY B 222 -15.97 52.98 -22.85
CA GLY B 222 -16.59 52.04 -23.78
C GLY B 222 -16.09 52.20 -25.19
N LEU B 223 -15.68 51.08 -25.78
CA LEU B 223 -15.18 51.04 -27.12
C LEU B 223 -16.01 50.03 -27.92
N GLY B 224 -16.63 50.49 -28.99
CA GLY B 224 -17.54 49.67 -29.79
C GLY B 224 -18.91 49.56 -29.13
N VAL B 225 -19.32 50.64 -28.45
CA VAL B 225 -20.62 50.70 -27.80
C VAL B 225 -21.14 52.16 -27.80
N SER B 226 -22.46 52.31 -27.99
CA SER B 226 -23.09 53.63 -28.01
C SER B 226 -23.19 54.24 -26.61
N HIS B 227 -23.16 55.56 -26.56
CA HIS B 227 -23.12 56.32 -25.31
C HIS B 227 -24.39 56.18 -24.45
N PRO B 228 -25.58 56.20 -25.09
CA PRO B 228 -26.85 56.10 -24.35
C PRO B 228 -26.91 54.94 -23.35
N VAL B 229 -26.58 53.74 -23.81
CA VAL B 229 -26.63 52.54 -22.95
C VAL B 229 -25.55 52.54 -21.86
N LEU B 230 -24.36 53.04 -22.19
CA LEU B 230 -23.31 53.23 -21.20
C LEU B 230 -23.73 54.23 -20.14
N LYS B 231 -24.48 55.25 -20.54
CA LYS B 231 -25.12 56.13 -19.56
C LYS B 231 -26.17 55.37 -18.73
N GLN B 232 -27.20 54.88 -19.41
CA GLN B 232 -28.32 54.14 -18.79
C GLN B 232 -27.86 53.09 -17.79
N VAL B 233 -26.83 52.34 -18.14
CA VAL B 233 -26.27 51.34 -17.24
C VAL B 233 -25.62 51.97 -16.00
N ALA B 234 -24.83 53.01 -16.22
CA ALA B 234 -24.08 53.68 -15.14
C ALA B 234 -24.98 54.43 -14.18
N GLU B 235 -26.02 55.08 -14.71
CA GLU B 235 -27.02 55.79 -13.90
C GLU B 235 -27.74 54.82 -12.95
N GLN B 236 -28.17 53.69 -13.51
CA GLN B 236 -29.00 52.74 -12.80
C GLN B 236 -28.20 51.84 -11.88
N PHE B 237 -27.12 51.26 -12.37
CA PHE B 237 -26.49 50.15 -11.64
C PHE B 237 -25.13 50.42 -10.99
N LEU B 238 -24.54 51.56 -11.29
CA LEU B 238 -23.25 51.93 -10.73
C LEU B 238 -23.31 53.04 -9.72
N ASN B 239 -24.51 53.54 -9.51
CA ASN B 239 -24.71 54.68 -8.66
C ASN B 239 -24.57 54.27 -7.19
N ILE B 240 -23.34 53.92 -6.80
CA ILE B 240 -23.05 53.50 -5.41
C ILE B 240 -22.43 54.72 -4.72
N ARG B 241 -22.66 54.81 -3.41
CA ARG B 241 -22.26 55.99 -2.62
C ARG B 241 -20.86 56.48 -3.01
N GLY B 242 -20.81 57.69 -3.57
CA GLY B 242 -19.66 58.15 -4.32
C GLY B 242 -18.64 59.00 -3.59
N GLY B 243 -18.76 59.05 -2.26
CA GLY B 243 -17.82 59.79 -1.43
C GLY B 243 -16.59 58.96 -1.12
N LEU B 244 -15.42 59.41 -1.58
CA LEU B 244 -14.17 58.71 -1.34
C LEU B 244 -14.08 58.25 0.13
N GLY B 245 -14.12 56.93 0.32
CA GLY B 245 -14.18 56.35 1.67
C GLY B 245 -12.84 56.49 2.38
N LEU B 246 -11.77 56.37 1.60
CA LEU B 246 -10.42 56.76 2.01
C LEU B 246 -9.87 57.69 0.91
N SER B 247 -8.87 58.49 1.26
CA SER B 247 -8.12 59.25 0.27
C SER B 247 -6.66 58.81 0.34
N GLY B 248 -5.95 58.97 -0.78
CA GLY B 248 -4.51 58.67 -0.81
C GLY B 248 -3.72 59.68 -0.01
N ALA B 249 -2.45 59.38 0.24
CA ALA B 249 -1.57 60.34 0.89
C ALA B 249 -1.01 61.28 -0.17
N LYS B 250 -0.20 62.23 0.27
CA LYS B 250 0.67 62.95 -0.63
C LYS B 250 2.00 62.22 -0.57
N ALA B 251 2.43 61.68 -1.72
CA ALA B 251 3.61 60.83 -1.77
C ALA B 251 4.85 61.60 -1.34
N LYS B 252 5.13 61.48 -0.04
CA LYS B 252 6.27 62.08 0.61
C LYS B 252 7.48 61.32 0.12
N TYR B 253 8.28 61.98 -0.69
CA TYR B 253 9.49 61.40 -1.25
C TYR B 253 10.54 61.32 -0.15
N HIS B 254 11.16 60.16 -0.06
CA HIS B 254 12.27 59.92 0.86
C HIS B 254 13.57 59.92 0.07
N GLY B 255 13.77 58.86 -0.70
CA GLY B 255 15.05 58.63 -1.39
C GLY B 255 15.94 57.68 -0.61
N GLY B 256 16.81 56.97 -1.31
CA GLY B 256 17.67 55.96 -0.68
C GLY B 256 17.82 54.69 -1.48
N GLU B 257 18.48 53.70 -0.89
CA GLU B 257 18.92 52.52 -1.62
C GLU B 257 18.52 51.19 -0.98
N ILE B 258 18.03 50.26 -1.81
CA ILE B 258 17.83 48.86 -1.37
C ILE B 258 18.65 47.90 -2.23
N ARG B 259 19.38 47.00 -1.58
CA ARG B 259 20.29 46.09 -2.27
C ARG B 259 20.11 44.63 -1.83
N GLU B 260 19.55 43.82 -2.74
CA GLU B 260 19.29 42.39 -2.49
C GLU B 260 20.38 41.50 -3.10
N GLN B 261 21.34 41.11 -2.28
CA GLN B 261 22.42 40.22 -2.71
C GLN B 261 21.85 38.82 -2.97
N ASN B 262 21.84 38.38 -4.23
CA ASN B 262 21.27 37.05 -4.58
C ASN B 262 22.00 36.21 -5.64
N GLY B 263 23.15 36.67 -6.10
CA GLY B 263 24.05 35.87 -6.95
C GLY B 263 23.48 35.33 -8.24
N ASP B 264 22.82 36.17 -9.03
CA ASP B 264 22.46 35.83 -10.39
C ASP B 264 23.68 36.03 -11.29
N SER B 265 23.63 35.47 -12.50
CA SER B 265 24.71 35.63 -13.49
C SER B 265 24.93 37.11 -13.80
N LEU B 266 23.84 37.88 -13.81
CA LEU B 266 23.89 39.32 -14.06
C LEU B 266 23.60 40.13 -12.80
N VAL B 267 23.67 41.45 -12.93
CA VAL B 267 23.32 42.40 -11.87
C VAL B 267 22.32 43.42 -12.42
N HIS B 268 21.14 43.49 -11.82
CA HIS B 268 20.16 44.52 -12.17
C HIS B 268 20.25 45.64 -11.15
N ALA B 269 20.27 46.88 -11.61
CA ALA B 269 20.35 48.05 -10.73
C ALA B 269 19.69 49.28 -11.35
N ALA B 270 18.66 49.81 -10.67
CA ALA B 270 17.96 51.01 -11.12
C ALA B 270 18.30 52.20 -10.23
N LEU B 271 18.65 53.33 -10.87
CA LEU B 271 18.98 54.57 -10.17
C LEU B 271 18.15 55.73 -10.71
N VAL B 272 17.30 56.29 -9.85
CA VAL B 272 16.39 57.38 -10.23
C VAL B 272 16.40 58.53 -9.22
N ALA B 273 15.66 59.56 -9.56
CA ALA B 273 15.50 60.74 -8.74
C ALA B 273 14.08 61.31 -8.91
N GLU B 274 13.75 62.20 -7.96
CA GLU B 274 12.46 62.89 -7.91
C GLU B 274 12.20 63.65 -9.21
N SER B 275 11.22 63.16 -9.97
CA SER B 275 10.80 63.78 -11.23
C SER B 275 9.57 64.65 -11.00
N ALA B 276 8.83 64.94 -12.07
CA ALA B 276 7.59 65.73 -12.01
C ALA B 276 6.35 64.88 -12.35
N ALA B 277 5.21 65.29 -11.82
CA ALA B 277 3.96 64.56 -11.98
C ALA B 277 3.40 64.66 -13.40
N ILE B 278 2.50 63.74 -13.74
CA ILE B 278 1.79 63.75 -15.05
C ILE B 278 0.78 64.89 -15.09
N GLY B 279 0.61 65.46 -16.28
CA GLY B 279 -0.31 66.58 -16.49
C GLY B 279 0.38 67.92 -16.49
N SER B 280 1.62 67.95 -16.00
CA SER B 280 2.46 69.15 -16.06
C SER B 280 3.39 69.10 -17.27
N ALA B 281 3.53 70.24 -17.96
CA ALA B 281 4.43 70.33 -19.10
C ALA B 281 5.88 69.99 -18.73
N GLU B 282 6.17 69.89 -17.44
CA GLU B 282 7.48 69.48 -17.00
C GLU B 282 7.69 67.98 -17.11
N ALA B 283 6.61 67.19 -17.14
CA ALA B 283 6.70 65.76 -17.40
C ALA B 283 7.21 65.52 -18.82
N ASN B 284 6.56 66.20 -19.76
CA ASN B 284 6.95 66.17 -21.17
C ASN B 284 8.48 66.25 -21.34
N ALA B 285 9.08 67.23 -20.66
CA ALA B 285 10.54 67.43 -20.69
C ALA B 285 11.32 66.16 -20.35
N PHE B 286 10.85 65.45 -19.33
CA PHE B 286 11.46 64.19 -18.96
C PHE B 286 11.15 63.13 -20.03
N SER B 287 9.95 63.18 -20.62
CA SER B 287 9.57 62.25 -21.70
C SER B 287 10.46 62.39 -22.94
N VAL B 288 10.85 63.62 -23.24
CA VAL B 288 11.81 63.89 -24.33
C VAL B 288 13.22 63.50 -23.85
N LEU B 289 13.59 63.95 -22.65
CA LEU B 289 14.91 63.64 -22.06
C LEU B 289 15.20 62.14 -22.06
N GLN B 290 14.15 61.34 -21.86
CA GLN B 290 14.25 59.88 -21.93
C GLN B 290 14.70 59.41 -23.30
N HIS B 291 13.92 59.73 -24.33
CA HIS B 291 14.22 59.26 -25.67
C HIS B 291 15.54 59.80 -26.22
N VAL B 292 16.04 60.89 -25.65
CA VAL B 292 17.41 61.35 -25.93
C VAL B 292 18.48 60.42 -25.37
N LEU B 293 18.22 59.82 -24.22
CA LEU B 293 19.19 59.00 -23.53
C LEU B 293 19.04 57.55 -24.00
N GLY B 294 17.87 56.96 -23.73
CA GLY B 294 17.57 55.59 -24.21
C GLY B 294 16.09 55.25 -24.20
N ALA B 295 15.58 54.82 -25.35
CA ALA B 295 14.18 54.41 -25.48
C ALA B 295 14.00 52.89 -25.30
N GLY B 296 14.81 52.13 -26.02
CA GLY B 296 14.67 50.68 -26.10
C GLY B 296 14.85 50.28 -27.55
N PRO B 297 14.75 48.99 -27.86
CA PRO B 297 14.97 48.56 -29.24
C PRO B 297 13.96 49.15 -30.22
N HIS B 298 14.48 49.73 -31.29
CA HIS B 298 13.67 50.17 -32.43
C HIS B 298 13.92 49.25 -33.62
N VAL B 299 15.17 48.85 -33.79
CA VAL B 299 15.58 47.95 -34.84
C VAL B 299 16.03 46.65 -34.21
N LYS B 300 15.43 45.54 -34.66
CA LYS B 300 15.76 44.20 -34.17
C LYS B 300 17.23 43.83 -34.40
N ARG B 301 17.87 43.30 -33.37
CA ARG B 301 19.28 42.87 -33.41
C ARG B 301 20.29 44.03 -33.44
N GLY B 302 19.79 45.27 -33.43
CA GLY B 302 20.64 46.44 -33.57
C GLY B 302 21.55 46.69 -32.38
N SER B 303 22.59 47.51 -32.61
CA SER B 303 23.53 47.91 -31.55
C SER B 303 23.10 49.23 -30.89
N ASN B 304 21.81 49.58 -31.01
CA ASN B 304 21.23 50.79 -30.43
C ASN B 304 22.01 52.08 -30.77
N ALA B 305 22.40 52.18 -32.04
CA ALA B 305 23.28 53.26 -32.54
C ALA B 305 22.92 54.68 -32.08
N THR B 306 21.64 55.00 -32.12
CA THR B 306 21.16 56.34 -31.73
C THR B 306 21.00 56.52 -30.21
N SER B 307 20.96 55.41 -29.46
CA SER B 307 20.72 55.47 -28.01
C SER B 307 21.92 56.03 -27.25
N SER B 308 21.74 57.25 -26.75
CA SER B 308 22.79 58.00 -26.05
C SER B 308 23.46 57.20 -24.92
N LEU B 309 22.65 56.74 -23.96
CA LEU B 309 23.17 55.97 -22.81
C LEU B 309 23.91 54.72 -23.23
N TYR B 310 23.22 53.87 -23.98
CA TYR B 310 23.81 52.64 -24.49
C TYR B 310 25.14 52.97 -25.17
N GLN B 311 25.15 54.02 -25.99
CA GLN B 311 26.38 54.40 -26.71
C GLN B 311 27.49 54.94 -25.79
N ALA B 312 27.11 55.63 -24.71
CA ALA B 312 28.08 56.13 -23.74
C ALA B 312 28.62 55.01 -22.88
N VAL B 313 27.83 53.96 -22.69
CA VAL B 313 28.32 52.78 -22.00
C VAL B 313 28.78 51.73 -23.02
N ALA B 314 28.85 52.11 -24.30
CA ALA B 314 29.27 51.20 -25.36
C ALA B 314 30.68 51.56 -25.70
N LYS B 315 31.38 52.08 -24.69
CA LYS B 315 32.80 52.25 -24.80
C LYS B 315 33.83 51.38 -24.19
N GLY B 316 34.00 51.68 -22.89
CA GLY B 316 35.17 51.61 -22.08
C GLY B 316 34.89 50.22 -21.53
N VAL B 317 33.67 49.73 -21.68
CA VAL B 317 33.35 48.35 -21.28
C VAL B 317 33.08 47.30 -22.35
N HIS B 318 34.06 46.41 -22.52
CA HIS B 318 34.01 45.38 -23.54
C HIS B 318 33.19 44.13 -23.20
N GLN B 319 31.90 44.32 -22.96
CA GLN B 319 31.09 43.25 -22.40
C GLN B 319 29.69 43.17 -22.99
N PRO B 320 29.02 42.04 -22.76
CA PRO B 320 27.55 42.07 -22.76
C PRO B 320 27.06 42.88 -21.55
N PHE B 321 26.17 43.82 -21.82
CA PHE B 321 25.67 44.73 -20.82
C PHE B 321 24.37 45.31 -21.37
N ASP B 322 23.63 46.01 -20.53
CA ASP B 322 22.47 46.75 -21.00
C ASP B 322 22.19 47.91 -20.07
N VAL B 323 21.66 48.98 -20.66
CA VAL B 323 21.28 50.15 -19.87
C VAL B 323 20.12 50.85 -20.61
N SER B 324 19.17 51.41 -19.86
CA SER B 324 18.13 52.25 -20.50
C SER B 324 17.54 53.31 -19.56
N ALA B 325 16.80 54.26 -20.13
CA ALA B 325 16.26 55.39 -19.35
C ALA B 325 14.89 55.08 -18.78
N PHE B 326 14.82 55.03 -17.45
CA PHE B 326 13.58 54.75 -16.74
C PHE B 326 12.87 56.06 -16.39
N ASN B 327 11.58 56.12 -16.71
CA ASN B 327 10.78 57.33 -16.55
C ASN B 327 9.34 57.06 -16.09
N ALA B 328 9.13 57.14 -14.79
CA ALA B 328 7.81 56.90 -14.17
C ALA B 328 7.12 58.23 -13.84
N SER B 329 5.83 58.31 -14.14
CA SER B 329 5.11 59.56 -13.92
C SER B 329 3.67 59.31 -13.51
N TYR B 330 3.36 59.61 -12.25
CA TYR B 330 1.99 59.47 -11.70
C TYR B 330 1.34 60.84 -11.52
N SER B 331 0.05 60.84 -11.17
CA SER B 331 -0.66 62.09 -10.89
C SER B 331 -0.11 62.76 -9.63
N ASP B 332 0.36 61.97 -8.67
CA ASP B 332 0.87 62.48 -7.40
C ASP B 332 2.36 62.88 -7.45
N SER B 333 3.17 62.09 -8.14
CA SER B 333 4.61 62.34 -8.20
C SER B 333 5.22 61.67 -9.43
N GLY B 334 6.53 61.46 -9.42
CA GLY B 334 7.22 60.81 -10.54
C GLY B 334 8.67 60.48 -10.27
N LEU B 335 9.18 59.44 -10.92
CA LEU B 335 10.59 59.03 -10.81
C LEU B 335 11.28 59.15 -12.16
N PHE B 336 12.56 59.56 -12.16
CA PHE B 336 13.33 59.48 -13.42
C PHE B 336 14.80 59.12 -13.22
N GLY B 337 15.29 58.22 -14.07
CA GLY B 337 16.72 57.86 -14.04
C GLY B 337 17.09 56.79 -15.04
N PHE B 338 17.96 55.87 -14.66
CA PHE B 338 18.29 54.77 -15.56
C PHE B 338 18.30 53.40 -14.89
N TYR B 339 18.17 52.37 -15.74
CA TYR B 339 18.21 50.98 -15.34
C TYR B 339 19.38 50.30 -16.04
N THR B 340 20.20 49.65 -15.21
CA THR B 340 21.44 48.97 -15.60
C THR B 340 21.30 47.46 -15.41
N ILE B 341 21.46 46.71 -16.50
CA ILE B 341 21.59 45.26 -16.47
C ILE B 341 23.02 44.92 -16.93
N SER B 342 23.96 44.94 -15.98
CA SER B 342 25.38 44.84 -16.31
C SER B 342 25.92 43.44 -16.01
N GLN B 343 27.23 43.29 -16.15
CA GLN B 343 27.93 42.06 -15.75
C GLN B 343 28.08 41.96 -14.23
N ALA B 344 28.82 40.94 -13.81
CA ALA B 344 29.17 40.77 -12.41
C ALA B 344 30.00 41.96 -11.90
N ALA B 345 31.20 42.10 -12.45
CA ALA B 345 32.13 43.14 -12.02
C ALA B 345 32.01 44.47 -12.80
N SER B 346 31.19 44.50 -13.85
CA SER B 346 31.04 45.69 -14.70
C SER B 346 30.09 46.74 -14.12
N ALA B 347 29.34 46.37 -13.08
CA ALA B 347 28.35 47.25 -12.47
C ALA B 347 28.93 48.63 -12.11
N GLY B 348 30.00 48.63 -11.33
CA GLY B 348 30.74 49.86 -11.00
C GLY B 348 30.99 50.76 -12.18
N ASP B 349 31.38 50.15 -13.30
CA ASP B 349 31.69 50.90 -14.53
C ASP B 349 30.42 51.40 -15.25
N VAL B 350 29.48 50.49 -15.49
CA VAL B 350 28.26 50.81 -16.25
C VAL B 350 27.45 51.92 -15.56
N ILE B 351 27.19 51.76 -14.26
CA ILE B 351 26.35 52.72 -13.52
C ILE B 351 26.99 54.13 -13.48
N LYS B 352 28.30 54.20 -13.33
CA LYS B 352 29.05 55.48 -13.39
C LYS B 352 29.05 56.08 -14.79
N ALA B 353 29.52 55.29 -15.76
CA ALA B 353 29.62 55.72 -17.16
C ALA B 353 28.27 56.17 -17.73
N ALA B 354 27.20 55.46 -17.37
CA ALA B 354 25.86 55.89 -17.75
C ALA B 354 25.51 57.22 -17.09
N TYR B 355 26.01 57.44 -15.88
CA TYR B 355 25.73 58.65 -15.10
C TYR B 355 26.44 59.87 -15.68
N ASN B 356 27.74 59.73 -15.90
CA ASN B 356 28.54 60.81 -16.51
C ASN B 356 27.90 61.34 -17.80
N GLN B 357 27.39 60.41 -18.60
CA GLN B 357 26.64 60.70 -19.83
C GLN B 357 25.39 61.55 -19.59
N VAL B 358 24.69 61.33 -18.49
CA VAL B 358 23.53 62.17 -18.16
C VAL B 358 24.03 63.52 -17.62
N LYS B 359 25.04 63.48 -16.74
CA LYS B 359 25.69 64.72 -16.26
C LYS B 359 26.06 65.67 -17.41
N THR B 360 26.85 65.18 -18.36
CA THR B 360 27.22 66.00 -19.53
C THR B 360 26.05 66.30 -20.49
N ILE B 361 24.81 65.98 -20.09
CA ILE B 361 23.59 66.52 -20.72
C ILE B 361 23.02 67.65 -19.85
N ALA B 362 23.08 67.46 -18.54
CA ALA B 362 22.69 68.51 -17.59
C ALA B 362 23.61 69.72 -17.74
N GLN B 363 24.87 69.46 -18.08
CA GLN B 363 25.80 70.52 -18.45
C GLN B 363 25.48 71.18 -19.80
N GLY B 364 24.64 70.52 -20.61
CA GLY B 364 24.04 71.14 -21.80
C GLY B 364 24.65 70.82 -23.16
N ASN B 365 25.11 69.57 -23.33
CA ASN B 365 25.63 69.12 -24.63
C ASN B 365 24.55 68.39 -25.43
N LEU B 366 23.66 69.17 -26.05
CA LEU B 366 22.44 68.66 -26.68
C LEU B 366 22.05 69.45 -27.93
N SER B 367 22.42 68.93 -29.09
CA SER B 367 22.08 69.58 -30.36
C SER B 367 20.59 69.43 -30.69
N ASN B 368 20.08 70.41 -31.42
CA ASN B 368 18.66 70.46 -31.83
C ASN B 368 18.18 69.19 -32.55
N PRO B 369 19.02 68.59 -33.42
CA PRO B 369 18.73 67.27 -33.99
C PRO B 369 18.42 66.18 -32.94
N ASP B 370 19.08 66.24 -31.80
CA ASP B 370 18.89 65.24 -30.75
C ASP B 370 17.52 65.39 -30.06
N VAL B 371 17.11 66.64 -29.85
CA VAL B 371 15.76 66.96 -29.39
C VAL B 371 14.73 66.60 -30.46
N GLN B 372 15.02 66.94 -31.72
CA GLN B 372 14.08 66.71 -32.82
C GLN B 372 13.91 65.23 -33.19
N ALA B 373 14.93 64.41 -32.92
CA ALA B 373 14.81 62.95 -33.07
C ALA B 373 13.91 62.41 -31.96
N ALA B 374 14.31 62.73 -30.72
CA ALA B 374 13.56 62.32 -29.52
C ALA B 374 12.07 62.70 -29.58
N LYS B 375 11.79 63.93 -30.01
CA LYS B 375 10.41 64.37 -30.23
C LYS B 375 9.68 63.47 -31.23
N ASN B 376 10.40 62.99 -32.25
CA ASN B 376 9.84 62.05 -33.23
C ASN B 376 9.60 60.67 -32.62
N LYS B 377 10.61 60.16 -31.91
CA LYS B 377 10.48 58.88 -31.19
C LYS B 377 9.29 58.88 -30.23
N LEU B 378 9.16 59.95 -29.44
CA LEU B 378 8.03 60.09 -28.51
C LEU B 378 6.71 60.29 -29.28
N LYS B 379 6.71 61.20 -30.26
CA LYS B 379 5.51 61.50 -31.07
C LYS B 379 4.95 60.26 -31.75
N ALA B 380 5.81 59.47 -32.39
CA ALA B 380 5.40 58.22 -33.01
C ALA B 380 5.05 57.19 -31.93
N GLY B 381 6.02 56.95 -31.05
CA GLY B 381 5.86 56.01 -29.92
C GLY B 381 4.53 56.11 -29.21
N TYR B 382 4.08 57.36 -29.00
CA TYR B 382 2.73 57.62 -28.45
C TYR B 382 1.65 57.14 -29.41
N LEU B 383 1.64 57.69 -30.63
CA LEU B 383 0.58 57.38 -31.61
C LEU B 383 0.42 55.88 -31.80
N MET B 384 1.55 55.17 -31.80
CA MET B 384 1.54 53.72 -31.92
C MET B 384 0.88 53.04 -30.73
N SER B 385 1.20 53.52 -29.53
CA SER B 385 0.71 52.87 -28.30
C SER B 385 -0.80 52.93 -28.11
N VAL B 386 -1.47 53.72 -28.93
CA VAL B 386 -2.94 53.82 -28.91
C VAL B 386 -3.53 53.25 -30.19
N GLU B 387 -2.69 52.56 -30.96
CA GLU B 387 -3.08 52.00 -32.24
C GLU B 387 -4.15 50.94 -32.04
N SER B 388 -3.81 49.87 -31.32
CA SER B 388 -4.75 48.79 -31.04
C SER B 388 -5.70 49.18 -29.91
N SER B 389 -6.99 48.83 -30.10
CA SER B 389 -8.04 49.12 -29.12
C SER B 389 -7.66 48.91 -27.64
N GLU B 390 -6.77 47.94 -27.40
CA GLU B 390 -6.32 47.59 -26.04
C GLU B 390 -5.60 48.73 -25.31
N GLY B 391 -4.74 49.44 -26.02
CA GLY B 391 -4.00 50.56 -25.42
C GLY B 391 -4.88 51.79 -25.33
N PHE B 392 -5.47 52.14 -26.48
CA PHE B 392 -6.47 53.20 -26.60
C PHE B 392 -7.39 53.28 -25.40
N LEU B 393 -8.06 52.17 -25.08
CA LEU B 393 -9.02 52.17 -23.97
C LEU B 393 -8.30 52.53 -22.67
N ASP B 394 -7.10 51.96 -22.48
CA ASP B 394 -6.30 52.21 -21.28
C ASP B 394 -5.88 53.68 -21.17
N GLU B 395 -5.62 54.31 -22.31
CA GLU B 395 -5.29 55.72 -22.35
C GLU B 395 -6.54 56.61 -22.11
N VAL B 396 -7.67 56.24 -22.71
CA VAL B 396 -8.95 56.95 -22.49
C VAL B 396 -9.37 56.88 -21.00
N GLY B 397 -9.33 55.67 -20.44
CA GLY B 397 -9.52 55.49 -18.99
C GLY B 397 -8.51 56.26 -18.16
N SER B 398 -7.22 56.10 -18.52
CA SER B 398 -6.11 56.81 -17.88
C SER B 398 -6.37 58.32 -17.79
N GLN B 399 -6.75 58.92 -18.92
CA GLN B 399 -7.08 60.35 -18.95
C GLN B 399 -8.36 60.63 -18.17
N ALA B 400 -9.39 59.80 -18.37
CA ALA B 400 -10.67 59.94 -17.67
C ALA B 400 -10.54 59.90 -16.15
N LEU B 401 -9.53 59.21 -15.62
CA LEU B 401 -9.26 59.23 -14.18
C LEU B 401 -8.19 60.25 -13.75
N ALA B 402 -7.00 60.18 -14.33
CA ALA B 402 -5.88 61.04 -13.92
C ALA B 402 -6.13 62.51 -14.20
N ALA B 403 -6.74 62.83 -15.35
CA ALA B 403 -7.23 64.17 -15.67
C ALA B 403 -8.74 64.06 -15.83
N GLY B 404 -9.42 65.11 -16.28
CA GLY B 404 -10.86 65.04 -16.42
C GLY B 404 -11.41 64.61 -17.76
N SER B 405 -10.72 64.95 -18.85
CA SER B 405 -11.26 64.77 -20.21
C SER B 405 -10.30 64.03 -21.14
N TYR B 406 -10.80 63.67 -22.32
CA TYR B 406 -9.97 63.10 -23.38
C TYR B 406 -9.24 64.22 -24.15
N THR B 407 -7.95 64.02 -24.43
CA THR B 407 -7.11 65.03 -25.10
C THR B 407 -6.50 64.44 -26.41
N PRO B 408 -7.23 64.55 -27.55
CA PRO B 408 -6.86 63.96 -28.84
C PRO B 408 -5.37 64.03 -29.21
N PRO B 409 -4.86 62.98 -29.89
CA PRO B 409 -3.42 62.80 -30.14
C PRO B 409 -2.72 64.10 -30.53
N SER B 410 -3.31 64.82 -31.49
CA SER B 410 -2.77 66.08 -31.98
C SER B 410 -2.31 67.02 -30.88
N THR B 411 -3.10 67.16 -29.82
CA THR B 411 -2.74 68.10 -28.75
C THR B 411 -1.51 67.60 -28.00
N VAL B 412 -1.40 66.29 -27.86
CA VAL B 412 -0.29 65.69 -27.14
C VAL B 412 0.97 65.81 -28.01
N LEU B 413 0.83 65.46 -29.28
CA LEU B 413 1.88 65.63 -30.28
C LEU B 413 2.34 67.08 -30.36
N GLN B 414 1.39 68.01 -30.18
CA GLN B 414 1.69 69.42 -30.13
C GLN B 414 2.48 69.74 -28.88
N GLN B 415 1.98 69.27 -27.74
CA GLN B 415 2.66 69.43 -26.44
C GLN B 415 4.07 68.88 -26.42
N ILE B 416 4.30 67.84 -27.20
CA ILE B 416 5.65 67.31 -27.38
C ILE B 416 6.54 68.35 -28.08
N ASP B 417 5.96 69.05 -29.06
CA ASP B 417 6.69 70.09 -29.79
C ASP B 417 6.82 71.37 -28.98
N ALA B 418 5.88 71.59 -28.05
CA ALA B 418 5.88 72.74 -27.17
C ALA B 418 7.08 72.71 -26.21
N VAL B 419 7.61 71.50 -25.96
CA VAL B 419 8.77 71.32 -25.08
C VAL B 419 10.04 71.90 -25.68
N ALA B 420 10.57 72.92 -25.01
CA ALA B 420 11.79 73.59 -25.45
C ALA B 420 13.02 72.73 -25.15
N ASP B 421 14.16 73.16 -25.70
CA ASP B 421 15.44 72.53 -25.43
C ASP B 421 16.01 72.90 -24.06
N ALA B 422 15.46 73.96 -23.46
CA ALA B 422 15.79 74.33 -22.09
C ALA B 422 15.23 73.30 -21.11
N ASP B 423 13.90 73.15 -21.11
CA ASP B 423 13.16 72.21 -20.22
C ASP B 423 13.83 70.83 -20.08
N VAL B 424 14.40 70.37 -21.19
CA VAL B 424 15.13 69.09 -21.26
C VAL B 424 16.39 69.13 -20.37
N ILE B 425 17.23 70.14 -20.63
CA ILE B 425 18.50 70.27 -19.90
C ILE B 425 18.20 70.65 -18.42
N ASN B 426 17.07 71.32 -18.20
CA ASN B 426 16.56 71.63 -16.85
C ASN B 426 16.02 70.40 -16.11
N ALA B 427 15.42 69.47 -16.85
CA ALA B 427 15.03 68.16 -16.32
C ALA B 427 16.29 67.35 -15.98
N ALA B 428 17.23 67.31 -16.91
CA ALA B 428 18.55 66.68 -16.67
C ALA B 428 19.22 67.29 -15.43
N LYS B 429 19.15 68.62 -15.32
CA LYS B 429 19.67 69.34 -14.15
C LYS B 429 18.92 68.92 -12.88
N LYS B 430 17.59 68.87 -12.97
CA LYS B 430 16.76 68.45 -11.85
C LYS B 430 17.09 67.02 -11.41
N PHE B 431 17.48 66.17 -12.36
CA PHE B 431 17.97 64.82 -12.02
C PHE B 431 19.33 64.90 -11.31
N VAL B 432 20.36 65.36 -12.02
CA VAL B 432 21.73 65.37 -11.47
C VAL B 432 21.80 66.12 -10.11
N SER B 433 20.95 67.13 -9.93
CA SER B 433 20.86 67.83 -8.64
C SER B 433 19.94 67.12 -7.63
N GLY B 434 18.83 66.57 -8.11
CA GLY B 434 17.76 66.03 -7.26
C GLY B 434 18.12 64.86 -6.36
N ARG B 435 17.23 64.58 -5.40
CA ARG B 435 17.46 63.54 -4.40
C ARG B 435 17.44 62.13 -5.03
N LYS B 436 18.30 61.24 -4.52
CA LYS B 436 18.61 59.96 -5.19
C LYS B 436 17.96 58.70 -4.61
N SER B 437 17.51 57.83 -5.52
CA SER B 437 16.95 56.53 -5.16
C SER B 437 17.62 55.43 -5.97
N MET B 438 18.03 54.35 -5.31
CA MET B 438 18.69 53.22 -5.98
C MET B 438 18.17 51.86 -5.50
N ALA B 439 17.89 50.98 -6.46
CA ALA B 439 17.50 49.61 -6.13
C ALA B 439 18.31 48.60 -6.94
N ALA B 440 19.05 47.74 -6.23
CA ALA B 440 19.94 46.79 -6.90
C ALA B 440 19.72 45.35 -6.42
N SER B 441 19.78 44.42 -7.37
CA SER B 441 19.80 42.99 -7.05
C SER B 441 20.65 42.18 -8.04
N GLY B 442 21.27 41.12 -7.50
CA GLY B 442 22.25 40.32 -8.23
C GLY B 442 23.42 40.01 -7.31
N ASN B 443 24.61 39.79 -7.88
CA ASN B 443 25.84 39.75 -7.09
C ASN B 443 26.40 41.16 -7.03
N LEU B 444 26.33 41.78 -5.85
CA LEU B 444 26.53 43.21 -5.70
C LEU B 444 27.88 43.59 -5.08
N GLY B 445 28.89 42.74 -5.33
CA GLY B 445 30.24 42.97 -4.81
C GLY B 445 30.97 44.13 -5.46
N HIS B 446 30.69 44.35 -6.74
CA HIS B 446 31.33 45.42 -7.52
C HIS B 446 30.29 46.46 -7.97
N THR B 447 29.25 46.60 -7.16
CA THR B 447 28.16 47.56 -7.42
C THR B 447 28.29 48.74 -6.44
N PRO B 448 28.28 49.98 -6.97
CA PRO B 448 28.43 51.15 -6.13
C PRO B 448 27.15 51.56 -5.39
N PHE B 449 27.36 52.38 -4.36
CA PHE B 449 26.30 52.94 -3.54
C PHE B 449 26.12 54.40 -3.93
N ILE B 450 25.03 55.00 -3.50
CA ILE B 450 24.73 56.38 -3.89
C ILE B 450 25.88 57.34 -3.59
N ASP B 451 26.54 57.14 -2.44
CA ASP B 451 27.68 57.99 -2.04
C ASP B 451 28.98 57.73 -2.83
N GLU B 452 29.05 56.61 -3.55
CA GLU B 452 30.25 56.26 -4.35
C GLU B 452 30.08 56.68 -5.82
N LEU B 453 29.09 57.52 -6.08
CA LEU B 453 28.58 57.79 -7.42
C LEU B 453 28.91 59.23 -7.85
N LYS C 6 -21.11 0.92 -5.98
CA LYS C 6 -20.95 2.17 -6.78
C LYS C 6 -20.47 1.84 -8.19
N SER C 7 -19.26 1.28 -8.26
CA SER C 7 -18.70 0.80 -9.52
C SER C 7 -17.89 -0.48 -9.26
N HIS C 8 -17.40 -0.65 -8.02
CA HIS C 8 -16.43 -1.69 -7.65
C HIS C 8 -15.07 -1.25 -8.23
N PRO C 9 -14.78 0.08 -8.13
CA PRO C 9 -13.79 0.78 -8.94
C PRO C 9 -12.39 0.86 -8.34
N LEU C 10 -12.30 0.59 -7.06
CA LEU C 10 -11.15 0.98 -6.32
C LEU C 10 -10.12 -0.08 -6.26
N MET C 11 -10.54 -1.34 -6.12
CA MET C 11 -9.56 -2.41 -6.00
C MET C 11 -9.22 -3.09 -7.32
N LYS C 12 -9.89 -2.74 -8.40
CA LYS C 12 -9.35 -3.03 -9.74
C LYS C 12 -8.02 -2.29 -9.93
N ILE C 13 -7.90 -1.12 -9.30
CA ILE C 13 -6.61 -0.41 -9.14
C ILE C 13 -5.71 -1.16 -8.12
N VAL C 14 -6.01 -2.46 -7.90
CA VAL C 14 -5.06 -3.42 -7.33
C VAL C 14 -4.22 -4.04 -8.45
N ASN C 15 -4.67 -3.83 -9.69
CA ASN C 15 -3.90 -4.21 -10.86
C ASN C 15 -3.06 -3.02 -11.30
N ASN C 16 -2.22 -2.63 -10.35
CA ASN C 16 -1.00 -1.88 -10.57
C ASN C 16 0.13 -2.87 -10.60
N ALA C 17 -0.10 -4.04 -9.99
CA ALA C 17 0.87 -5.14 -10.04
C ALA C 17 0.48 -6.20 -11.09
N PHE C 18 -0.31 -5.78 -12.08
CA PHE C 18 -0.59 -6.58 -13.26
C PHE C 18 -0.56 -5.80 -14.60
N ILE C 19 -0.86 -4.51 -14.58
CA ILE C 19 -0.97 -3.70 -15.81
C ILE C 19 0.16 -2.70 -15.97
N ASP C 20 0.24 -1.74 -15.04
CA ASP C 20 1.24 -0.67 -15.08
C ASP C 20 2.47 -1.00 -14.24
N LEU C 21 2.54 -2.25 -13.79
CA LEU C 21 3.73 -2.82 -13.15
C LEU C 21 4.95 -2.63 -14.03
N PRO C 22 5.99 -1.99 -13.47
CA PRO C 22 7.24 -1.80 -14.18
C PRO C 22 8.02 -3.11 -14.23
N ALA C 23 8.22 -3.60 -15.45
CA ALA C 23 8.91 -4.85 -15.71
C ALA C 23 10.24 -4.54 -16.34
N PRO C 24 11.23 -5.45 -16.21
CA PRO C 24 12.48 -5.25 -16.93
C PRO C 24 12.26 -5.47 -18.41
N SER C 25 13.01 -4.73 -19.24
CA SER C 25 12.83 -4.81 -20.69
C SER C 25 13.42 -6.09 -21.27
N ASN C 26 14.33 -6.70 -20.52
CA ASN C 26 15.19 -7.75 -21.06
C ASN C 26 15.02 -9.15 -20.47
N ILE C 27 13.90 -9.43 -19.84
CA ILE C 27 13.68 -10.79 -19.30
C ILE C 27 13.34 -11.72 -20.43
N SER C 28 14.09 -12.82 -20.50
CA SER C 28 13.97 -13.82 -21.57
C SER C 28 12.76 -14.71 -21.32
N SER C 29 12.56 -15.71 -22.18
CA SER C 29 11.44 -16.63 -22.05
C SER C 29 11.47 -17.45 -20.76
N TRP C 30 12.64 -17.53 -20.12
CA TRP C 30 12.75 -18.24 -18.84
C TRP C 30 11.89 -17.59 -17.72
N TRP C 31 11.54 -16.32 -17.89
CA TRP C 31 10.61 -15.64 -16.99
C TRP C 31 9.15 -15.95 -17.33
N ASN C 32 8.93 -16.50 -18.51
CA ASN C 32 7.58 -16.93 -18.93
C ASN C 32 6.98 -18.03 -18.05
N PHE C 33 7.79 -18.67 -17.20
CA PHE C 33 7.37 -19.92 -16.55
C PHE C 33 6.36 -19.79 -15.40
N GLY C 34 6.55 -18.83 -14.50
CA GLY C 34 5.56 -18.54 -13.44
C GLY C 34 4.10 -18.41 -13.89
N SER C 35 3.89 -17.59 -14.92
CA SER C 35 2.61 -17.53 -15.63
C SER C 35 2.10 -18.94 -15.88
N LEU C 36 2.95 -19.76 -16.52
CA LEU C 36 2.59 -21.11 -16.98
C LEU C 36 2.27 -22.02 -15.81
N LEU C 37 3.00 -21.85 -14.71
CA LEU C 37 2.77 -22.58 -13.46
C LEU C 37 1.43 -22.24 -12.90
N GLY C 38 1.14 -20.97 -13.04
CA GLY C 38 -0.19 -20.63 -12.84
C GLY C 38 -1.12 -21.43 -13.78
N ILE C 39 -1.07 -21.11 -15.06
CA ILE C 39 -1.98 -21.75 -15.98
C ILE C 39 -2.22 -23.22 -15.57
N CYS C 40 -1.12 -23.91 -15.24
CA CYS C 40 -1.13 -25.29 -14.73
C CYS C 40 -1.96 -25.44 -13.48
N LEU C 41 -1.72 -24.58 -12.49
CA LEU C 41 -2.54 -24.63 -11.26
C LEU C 41 -4.06 -24.49 -11.53
N ILE C 42 -4.45 -23.46 -12.28
CA ILE C 42 -5.87 -23.21 -12.61
C ILE C 42 -6.48 -24.34 -13.45
N LEU C 43 -5.74 -24.76 -14.48
CA LEU C 43 -6.14 -25.90 -15.32
C LEU C 43 -6.36 -27.15 -14.47
N GLN C 44 -5.33 -27.50 -13.72
CA GLN C 44 -5.40 -28.60 -12.77
C GLN C 44 -6.64 -28.48 -11.89
N ILE C 45 -6.87 -27.30 -11.30
CA ILE C 45 -8.04 -27.13 -10.41
C ILE C 45 -9.37 -27.32 -11.14
N LEU C 46 -9.54 -26.59 -12.24
CA LEU C 46 -10.72 -26.70 -13.07
C LEU C 46 -11.00 -28.16 -13.52
N THR C 47 -9.99 -28.84 -14.08
CA THR C 47 -10.17 -30.25 -14.50
C THR C 47 -10.50 -31.13 -13.28
N GLY C 48 -9.64 -31.03 -12.28
CA GLY C 48 -9.78 -31.75 -11.02
C GLY C 48 -11.17 -31.67 -10.44
N LEU C 49 -11.74 -30.46 -10.43
CA LEU C 49 -13.13 -30.30 -9.98
C LEU C 49 -14.06 -31.22 -10.78
N PHE C 50 -13.92 -31.15 -12.10
CA PHE C 50 -14.80 -31.91 -13.01
C PHE C 50 -14.58 -33.41 -12.94
N LEU C 51 -13.38 -33.82 -12.54
CA LEU C 51 -13.14 -35.23 -12.21
C LEU C 51 -13.82 -35.59 -10.89
N ALA C 52 -13.61 -34.75 -9.88
CA ALA C 52 -14.25 -34.93 -8.57
C ALA C 52 -15.77 -34.94 -8.66
N MET C 53 -16.32 -34.32 -9.70
CA MET C 53 -17.75 -34.49 -10.01
C MET C 53 -18.21 -35.95 -10.20
N HIS C 54 -17.31 -36.83 -10.64
CA HIS C 54 -17.68 -38.24 -10.93
C HIS C 54 -16.85 -39.30 -10.20
N TYR C 55 -15.65 -38.95 -9.74
CA TYR C 55 -14.79 -39.87 -8.96
C TYR C 55 -15.39 -40.26 -7.59
N THR C 56 -15.04 -41.45 -7.10
CA THR C 56 -15.45 -41.90 -5.75
C THR C 56 -14.27 -42.50 -4.97
N SER C 57 -14.10 -42.06 -3.73
CA SER C 57 -12.91 -42.37 -2.96
C SER C 57 -12.92 -43.73 -2.27
N ASP C 58 -13.98 -44.52 -2.45
CA ASP C 58 -14.14 -45.81 -1.76
C ASP C 58 -13.39 -46.91 -2.51
N THR C 59 -12.56 -47.69 -1.81
CA THR C 59 -11.75 -48.74 -2.43
C THR C 59 -12.54 -49.62 -3.41
N THR C 60 -13.77 -49.97 -3.03
CA THR C 60 -14.61 -50.83 -3.85
C THR C 60 -15.02 -50.18 -5.20
N THR C 61 -15.09 -48.86 -5.26
CA THR C 61 -15.58 -48.16 -6.47
C THR C 61 -14.57 -47.22 -7.10
N ALA C 62 -13.39 -47.11 -6.50
CA ALA C 62 -12.43 -46.06 -6.83
C ALA C 62 -11.88 -46.28 -8.22
N PHE C 63 -11.53 -47.51 -8.53
CA PHE C 63 -11.10 -47.84 -9.87
C PHE C 63 -12.30 -47.63 -10.80
N SER C 64 -13.36 -48.39 -10.54
CA SER C 64 -14.59 -48.39 -11.34
C SER C 64 -15.10 -47.00 -11.72
N SER C 65 -14.85 -46.02 -10.87
CA SER C 65 -15.25 -44.65 -11.11
C SER C 65 -14.46 -44.08 -12.27
N VAL C 66 -13.14 -44.09 -12.10
CA VAL C 66 -12.23 -43.53 -13.11
C VAL C 66 -12.61 -44.04 -14.51
N THR C 67 -12.83 -45.34 -14.59
CA THR C 67 -13.22 -46.00 -15.83
C THR C 67 -14.54 -45.48 -16.38
N HIS C 68 -15.52 -45.31 -15.50
CA HIS C 68 -16.81 -44.72 -15.88
C HIS C 68 -16.58 -43.30 -16.41
N ILE C 69 -15.67 -42.57 -15.76
CA ILE C 69 -15.26 -41.22 -16.21
C ILE C 69 -14.73 -41.28 -17.63
N CYS C 70 -13.76 -42.16 -17.85
CA CYS C 70 -13.18 -42.26 -19.17
C CYS C 70 -14.20 -42.69 -20.24
N ARG C 71 -14.91 -43.77 -19.94
CA ARG C 71 -15.71 -44.46 -20.94
C ARG C 71 -17.09 -43.87 -21.13
N ASP C 72 -17.81 -43.62 -20.04
CA ASP C 72 -19.23 -43.20 -20.11
C ASP C 72 -19.49 -41.71 -19.83
N VAL C 73 -18.68 -41.09 -18.97
CA VAL C 73 -18.83 -39.65 -18.70
C VAL C 73 -18.48 -38.86 -19.96
N ASN C 74 -19.40 -38.00 -20.38
CA ASN C 74 -19.22 -37.23 -21.59
C ASN C 74 -17.93 -36.43 -21.58
N TYR C 75 -17.01 -36.84 -22.47
CA TYR C 75 -15.68 -36.23 -22.60
C TYR C 75 -14.76 -36.43 -21.38
N GLY C 76 -15.20 -37.27 -20.46
CA GLY C 76 -14.48 -37.50 -19.22
C GLY C 76 -13.01 -37.74 -19.48
N TRP C 77 -12.72 -38.69 -20.37
CA TRP C 77 -11.34 -39.04 -20.73
C TRP C 77 -10.46 -37.81 -20.99
N ILE C 78 -11.00 -36.82 -21.70
CA ILE C 78 -10.22 -35.60 -21.99
C ILE C 78 -9.82 -34.89 -20.73
N ILE C 79 -10.80 -34.76 -19.85
CA ILE C 79 -10.59 -34.08 -18.61
C ILE C 79 -9.55 -34.87 -17.81
N ARG C 80 -9.77 -36.18 -17.71
CA ARG C 80 -8.86 -37.07 -16.97
C ARG C 80 -7.41 -37.03 -17.44
N TYR C 81 -7.23 -37.07 -18.76
CA TYR C 81 -5.87 -37.01 -19.32
C TYR C 81 -5.27 -35.61 -19.22
N MET C 82 -6.04 -34.58 -19.63
CA MET C 82 -5.61 -33.19 -19.40
C MET C 82 -5.12 -32.98 -17.96
N HIS C 83 -5.85 -33.53 -17.00
CA HIS C 83 -5.40 -33.51 -15.60
C HIS C 83 -4.06 -34.25 -15.40
N ALA C 84 -3.97 -35.46 -15.93
CA ALA C 84 -2.82 -36.34 -15.67
C ALA C 84 -1.51 -35.87 -16.33
N ASN C 85 -1.61 -35.36 -17.55
CA ASN C 85 -0.46 -34.78 -18.25
C ASN C 85 -0.20 -33.34 -17.80
N GLY C 86 -1.30 -32.63 -17.53
CA GLY C 86 -1.21 -31.33 -16.86
C GLY C 86 -0.32 -31.44 -15.63
N ALA C 87 -0.57 -32.47 -14.82
CA ALA C 87 0.31 -32.75 -13.68
C ALA C 87 1.81 -32.75 -14.05
N SER C 88 2.14 -33.38 -15.17
CA SER C 88 3.53 -33.44 -15.63
C SER C 88 4.03 -32.08 -16.10
N MET C 89 3.22 -31.45 -16.94
CA MET C 89 3.51 -30.11 -17.46
C MET C 89 3.86 -29.17 -16.32
N PHE C 90 3.00 -29.18 -15.29
CA PHE C 90 3.24 -28.42 -14.08
C PHE C 90 4.65 -28.67 -13.57
N PHE C 91 5.03 -29.95 -13.43
CA PHE C 91 6.35 -30.31 -12.89
C PHE C 91 7.53 -29.89 -13.78
N ILE C 92 7.38 -30.08 -15.09
CA ILE C 92 8.38 -29.53 -16.02
C ILE C 92 8.52 -28.03 -15.76
N CYS C 93 7.40 -27.32 -15.88
CA CYS C 93 7.34 -25.88 -15.62
C CYS C 93 8.02 -25.49 -14.31
N LEU C 94 7.75 -26.27 -13.26
CA LEU C 94 8.37 -26.12 -11.95
C LEU C 94 9.89 -26.24 -12.04
N TYR C 95 10.38 -27.34 -12.60
CA TYR C 95 11.83 -27.51 -12.65
C TYR C 95 12.50 -26.41 -13.50
N MET C 96 11.90 -26.10 -14.65
CA MET C 96 12.37 -24.95 -15.46
C MET C 96 12.44 -23.66 -14.61
N HIS C 97 11.32 -23.39 -13.93
CA HIS C 97 11.14 -22.22 -13.06
C HIS C 97 12.20 -22.14 -11.95
N VAL C 98 12.48 -23.28 -11.33
CA VAL C 98 13.49 -23.34 -10.28
C VAL C 98 14.87 -23.12 -10.88
N GLY C 99 15.14 -23.85 -11.96
CA GLY C 99 16.41 -23.70 -12.68
C GLY C 99 16.69 -22.25 -12.93
N ARG C 100 15.74 -21.60 -13.61
CA ARG C 100 15.82 -20.16 -13.87
C ARG C 100 16.40 -19.39 -12.68
N GLY C 101 15.73 -19.55 -11.54
CA GLY C 101 16.16 -18.89 -10.31
C GLY C 101 17.60 -19.18 -9.94
N LEU C 102 17.97 -20.46 -10.02
CA LEU C 102 19.32 -20.92 -9.69
C LEU C 102 20.37 -20.34 -10.61
N TYR C 103 20.07 -20.29 -11.91
CA TYR C 103 21.02 -19.73 -12.90
C TYR C 103 21.12 -18.21 -12.81
N TYR C 104 19.98 -17.53 -12.71
CA TYR C 104 20.06 -16.06 -12.67
C TYR C 104 20.18 -15.49 -11.25
N GLY C 105 20.34 -16.36 -10.25
CA GLY C 105 20.61 -15.94 -8.87
C GLY C 105 19.39 -15.41 -8.15
N SER C 106 18.22 -15.57 -8.78
CA SER C 106 17.00 -14.92 -8.31
C SER C 106 16.67 -15.24 -6.85
N TYR C 107 17.25 -16.36 -6.39
CA TYR C 107 17.21 -16.75 -5.00
C TYR C 107 17.72 -15.70 -4.02
N THR C 108 18.23 -14.58 -4.52
CA THR C 108 18.48 -13.45 -3.61
C THR C 108 17.19 -12.85 -3.07
N PHE C 109 16.09 -13.05 -3.80
CA PHE C 109 14.76 -12.66 -3.30
C PHE C 109 14.28 -13.66 -2.23
N LEU C 110 15.05 -13.72 -1.14
CA LEU C 110 14.97 -14.76 -0.13
C LEU C 110 13.57 -15.24 0.21
N GLU C 111 12.68 -14.33 0.59
CA GLU C 111 11.30 -14.72 0.92
C GLU C 111 10.67 -15.38 -0.29
N THR C 112 10.61 -14.65 -1.40
CA THR C 112 9.98 -15.17 -2.61
C THR C 112 10.51 -16.59 -2.84
N TRP C 113 11.82 -16.70 -2.86
CA TRP C 113 12.52 -17.98 -3.02
C TRP C 113 12.02 -19.06 -2.07
N ASN C 114 11.98 -18.73 -0.78
CA ASN C 114 11.63 -19.73 0.25
C ASN C 114 10.17 -20.16 0.15
N ILE C 115 9.31 -19.16 -0.07
CA ILE C 115 7.91 -19.38 -0.38
C ILE C 115 7.82 -20.34 -1.57
N GLY C 116 8.68 -20.12 -2.56
CA GLY C 116 8.80 -21.08 -3.66
C GLY C 116 9.16 -22.48 -3.19
N VAL C 117 10.27 -22.59 -2.48
CA VAL C 117 10.70 -23.88 -1.91
C VAL C 117 9.49 -24.57 -1.28
N ILE C 118 8.71 -23.80 -0.52
CA ILE C 118 7.43 -24.30 0.05
C ILE C 118 6.47 -24.80 -1.04
N LEU C 119 6.01 -23.88 -1.88
CA LEU C 119 5.16 -24.20 -3.02
C LEU C 119 5.53 -25.55 -3.64
N LEU C 120 6.81 -25.69 -3.99
CA LEU C 120 7.29 -26.91 -4.63
C LEU C 120 6.91 -28.16 -3.83
N LEU C 121 7.27 -28.13 -2.56
CA LEU C 121 6.97 -29.24 -1.66
C LEU C 121 5.46 -29.51 -1.66
N THR C 122 4.64 -28.48 -1.54
CA THR C 122 3.18 -28.68 -1.58
C THR C 122 2.69 -29.33 -2.85
N VAL C 123 3.19 -28.82 -3.99
CA VAL C 123 2.78 -29.37 -5.27
C VAL C 123 3.18 -30.83 -5.33
N MET C 124 4.43 -31.11 -4.95
CA MET C 124 4.88 -32.50 -4.84
C MET C 124 3.89 -33.33 -4.01
N ALA C 125 3.64 -32.85 -2.80
CA ALA C 125 2.69 -33.47 -1.87
C ALA C 125 1.34 -33.77 -2.51
N THR C 126 0.74 -32.75 -3.09
CA THR C 126 -0.53 -32.89 -3.81
C THR C 126 -0.42 -33.99 -4.87
N ALA C 127 0.48 -33.77 -5.83
CA ALA C 127 0.67 -34.70 -6.94
C ALA C 127 0.89 -36.15 -6.50
N PHE C 128 1.60 -36.33 -5.39
CA PHE C 128 1.76 -37.67 -4.83
C PHE C 128 0.41 -38.28 -4.49
N MET C 129 -0.42 -37.54 -3.76
CA MET C 129 -1.73 -38.03 -3.33
C MET C 129 -2.62 -38.27 -4.54
N GLY C 130 -2.64 -37.28 -5.44
CA GLY C 130 -3.39 -37.38 -6.68
C GLY C 130 -3.22 -38.72 -7.37
N TYR C 131 -1.98 -39.20 -7.43
CA TYR C 131 -1.64 -40.46 -8.11
C TYR C 131 -2.18 -41.72 -7.40
N VAL C 132 -2.50 -41.62 -6.11
CA VAL C 132 -3.05 -42.78 -5.37
C VAL C 132 -4.54 -42.96 -5.71
N LEU C 133 -5.21 -41.84 -5.90
CA LEU C 133 -6.69 -41.79 -6.07
C LEU C 133 -7.32 -42.85 -6.98
N PRO C 134 -6.73 -43.13 -8.15
CA PRO C 134 -7.37 -44.16 -9.01
C PRO C 134 -7.28 -45.62 -8.49
N TRP C 135 -6.48 -45.88 -7.46
CA TRP C 135 -6.39 -47.22 -6.81
C TRP C 135 -5.89 -48.36 -7.73
N GLY C 136 -4.93 -48.01 -8.57
CA GLY C 136 -4.21 -48.97 -9.38
C GLY C 136 -3.00 -49.54 -8.66
N GLN C 137 -2.46 -50.62 -9.24
CA GLN C 137 -1.27 -51.28 -8.68
C GLN C 137 -0.17 -50.30 -8.27
N MET C 138 0.23 -49.41 -9.17
CA MET C 138 1.25 -48.42 -8.85
C MET C 138 0.73 -47.38 -7.87
N SER C 139 -0.56 -47.09 -7.92
CA SER C 139 -1.19 -46.15 -7.00
C SER C 139 -1.03 -46.63 -5.57
N PHE C 140 -1.37 -47.89 -5.35
CA PHE C 140 -1.25 -48.49 -4.01
C PHE C 140 0.22 -48.63 -3.58
N TRP C 141 0.96 -49.47 -4.29
CA TRP C 141 2.33 -49.79 -3.89
C TRP C 141 3.22 -48.55 -3.90
N GLY C 142 2.89 -47.58 -4.73
CA GLY C 142 3.54 -46.26 -4.68
C GLY C 142 3.39 -45.65 -3.31
N ALA C 143 2.15 -45.58 -2.84
CA ALA C 143 1.87 -45.04 -1.52
C ALA C 143 2.51 -45.90 -0.41
N THR C 144 2.33 -47.21 -0.47
CA THR C 144 2.91 -48.10 0.56
C THR C 144 4.42 -47.91 0.63
N VAL C 145 5.08 -47.95 -0.52
CA VAL C 145 6.54 -47.79 -0.55
C VAL C 145 6.93 -46.39 -0.07
N ILE C 146 6.33 -45.36 -0.66
CA ILE C 146 6.73 -43.99 -0.38
C ILE C 146 6.46 -43.60 1.08
N THR C 147 5.22 -43.74 1.52
CA THR C 147 4.83 -43.35 2.89
C THR C 147 5.70 -44.04 3.94
N ASN C 148 5.81 -45.37 3.82
CA ASN C 148 6.51 -46.22 4.78
C ASN C 148 7.83 -45.64 5.26
N LEU C 149 8.51 -44.93 4.36
CA LEU C 149 9.76 -44.25 4.66
C LEU C 149 9.74 -43.48 5.98
N LEU C 150 8.61 -42.87 6.30
CA LEU C 150 8.50 -42.12 7.58
C LEU C 150 8.87 -42.98 8.79
N SER C 151 8.54 -44.27 8.73
CA SER C 151 8.91 -45.21 9.79
C SER C 151 10.41 -45.50 9.84
N ALA C 152 11.19 -44.70 9.14
CA ALA C 152 12.63 -44.64 9.35
C ALA C 152 12.97 -43.64 10.46
N ILE C 153 12.13 -42.60 10.59
CA ILE C 153 12.29 -41.63 11.68
C ILE C 153 12.26 -42.42 13.00
N PRO C 154 13.26 -42.18 13.88
CA PRO C 154 13.37 -43.00 15.08
C PRO C 154 12.21 -42.82 16.09
N TYR C 155 11.89 -43.91 16.78
CA TYR C 155 10.85 -43.98 17.83
C TYR C 155 9.43 -43.79 17.30
N ILE C 156 9.16 -42.61 16.74
CA ILE C 156 7.78 -42.16 16.54
C ILE C 156 7.31 -42.49 15.13
N GLY C 157 8.24 -42.45 14.19
CA GLY C 157 7.94 -42.65 12.77
C GLY C 157 6.99 -43.81 12.52
N THR C 158 7.30 -44.94 13.13
CA THR C 158 6.51 -46.16 12.97
C THR C 158 5.02 -45.96 13.32
N ASN C 159 4.77 -45.17 14.37
CA ASN C 159 3.40 -44.78 14.74
C ASN C 159 2.87 -43.71 13.78
N LEU C 160 3.70 -42.70 13.56
CA LEU C 160 3.39 -41.60 12.64
C LEU C 160 2.79 -42.13 11.33
N VAL C 161 3.49 -43.07 10.72
CA VAL C 161 3.05 -43.76 9.50
C VAL C 161 1.65 -44.34 9.63
N GLU C 162 1.39 -45.02 10.73
CA GLU C 162 0.09 -45.65 10.93
C GLU C 162 -0.99 -44.59 11.21
N TRP C 163 -0.57 -43.44 11.74
CA TRP C 163 -1.47 -42.31 11.97
C TRP C 163 -1.85 -41.68 10.64
N ILE C 164 -0.84 -41.51 9.79
CA ILE C 164 -1.10 -41.13 8.42
C ILE C 164 -2.07 -42.12 7.77
N TRP C 165 -1.69 -43.40 7.71
CA TRP C 165 -2.50 -44.42 7.03
C TRP C 165 -3.92 -44.56 7.59
N GLY C 166 -4.04 -44.44 8.91
CA GLY C 166 -5.28 -44.74 9.60
C GLY C 166 -5.53 -46.24 9.61
N GLY C 167 -4.50 -46.98 10.02
CA GLY C 167 -4.57 -48.43 10.05
C GLY C 167 -3.20 -49.07 10.04
N PHE C 168 -3.16 -50.31 9.54
CA PHE C 168 -1.92 -51.09 9.47
C PHE C 168 -1.33 -51.19 8.06
N SER C 169 -2.11 -50.78 7.06
CA SER C 169 -1.64 -50.70 5.67
C SER C 169 -2.28 -49.51 4.98
N VAL C 170 -1.73 -49.14 3.83
CA VAL C 170 -2.36 -48.15 2.97
C VAL C 170 -3.70 -48.77 2.57
N ASP C 171 -4.80 -48.14 3.00
CA ASP C 171 -6.11 -48.75 2.83
C ASP C 171 -7.20 -47.75 2.44
N LYS C 172 -8.44 -48.23 2.39
CA LYS C 172 -9.61 -47.40 2.14
C LYS C 172 -9.63 -46.20 3.08
N ALA C 173 -9.25 -46.44 4.33
CA ALA C 173 -9.09 -45.38 5.32
C ALA C 173 -8.20 -44.24 4.77
N THR C 174 -7.07 -44.63 4.20
CA THR C 174 -6.13 -43.70 3.57
C THR C 174 -6.75 -43.05 2.32
N LEU C 175 -7.13 -43.90 1.37
CA LEU C 175 -7.60 -43.43 0.06
C LEU C 175 -8.63 -42.32 0.16
N THR C 176 -9.51 -42.41 1.16
CA THR C 176 -10.56 -41.41 1.34
C THR C 176 -10.01 -40.07 1.83
N ARG C 177 -9.06 -40.11 2.77
CA ARG C 177 -8.44 -38.88 3.28
C ARG C 177 -7.51 -38.26 2.25
N PHE C 178 -6.76 -39.11 1.56
CA PHE C 178 -5.89 -38.66 0.47
C PHE C 178 -6.63 -37.84 -0.59
N PHE C 179 -7.84 -38.28 -0.93
CA PHE C 179 -8.73 -37.50 -1.79
C PHE C 179 -9.10 -36.15 -1.17
N ALA C 180 -9.39 -36.18 0.13
CA ALA C 180 -9.80 -34.96 0.87
C ALA C 180 -8.70 -33.92 0.86
N PHE C 181 -7.47 -34.37 1.14
CA PHE C 181 -6.28 -33.52 1.07
C PHE C 181 -5.97 -33.07 -0.35
N HIS C 182 -5.90 -34.05 -1.25
CA HIS C 182 -5.69 -33.75 -2.66
C HIS C 182 -6.66 -32.71 -3.21
N PHE C 183 -7.91 -32.74 -2.73
CA PHE C 183 -8.88 -31.70 -3.10
C PHE C 183 -8.46 -30.35 -2.52
N ILE C 184 -8.05 -30.32 -1.25
CA ILE C 184 -7.82 -29.03 -0.56
C ILE C 184 -6.49 -28.36 -0.96
N LEU C 185 -5.40 -29.12 -0.93
CA LEU C 185 -4.04 -28.55 -1.07
C LEU C 185 -3.84 -27.51 -2.17
N PRO C 186 -4.29 -27.81 -3.41
CA PRO C 186 -4.26 -26.85 -4.51
C PRO C 186 -4.63 -25.44 -4.09
N PHE C 187 -5.61 -25.33 -3.21
CA PHE C 187 -6.06 -24.03 -2.79
C PHE C 187 -5.03 -23.38 -1.88
N ILE C 188 -4.54 -24.13 -0.90
CA ILE C 188 -3.47 -23.66 -0.01
C ILE C 188 -2.29 -23.19 -0.86
N ILE C 189 -1.97 -23.99 -1.88
CA ILE C 189 -0.95 -23.66 -2.88
C ILE C 189 -1.31 -22.35 -3.60
N MET C 190 -2.58 -22.20 -3.96
CA MET C 190 -3.00 -20.98 -4.64
C MET C 190 -2.89 -19.74 -3.73
N ALA C 191 -3.20 -19.91 -2.45
CA ALA C 191 -3.03 -18.86 -1.48
C ALA C 191 -1.56 -18.50 -1.33
N ILE C 192 -0.75 -19.52 -1.04
CA ILE C 192 0.71 -19.34 -0.93
C ILE C 192 1.22 -18.59 -2.16
N ALA C 193 0.78 -19.03 -3.33
CA ALA C 193 1.14 -18.36 -4.58
C ALA C 193 1.01 -16.83 -4.49
N MET C 194 -0.10 -16.36 -3.94
CA MET C 194 -0.32 -14.92 -3.80
C MET C 194 0.66 -14.24 -2.87
N VAL C 195 1.07 -14.95 -1.85
CA VAL C 195 2.10 -14.46 -0.96
C VAL C 195 3.41 -14.37 -1.75
N HIS C 196 3.70 -15.47 -2.44
CA HIS C 196 4.86 -15.64 -3.31
C HIS C 196 5.00 -14.49 -4.29
N LEU C 197 3.88 -14.11 -4.89
CA LEU C 197 3.83 -12.93 -5.73
C LEU C 197 4.00 -11.64 -4.91
N LEU C 198 3.22 -11.53 -3.84
CA LEU C 198 3.23 -10.34 -2.97
C LEU C 198 4.67 -9.95 -2.62
N PHE C 199 5.46 -10.94 -2.21
CA PHE C 199 6.89 -10.71 -1.90
C PHE C 199 7.79 -10.39 -3.09
N LEU C 200 7.47 -10.93 -4.25
CA LEU C 200 8.19 -10.57 -5.46
C LEU C 200 8.00 -9.13 -5.88
N HIS C 201 6.75 -8.66 -5.93
CA HIS C 201 6.50 -7.29 -6.42
C HIS C 201 6.81 -6.22 -5.39
N GLU C 202 7.44 -6.62 -4.29
CA GLU C 202 8.12 -5.69 -3.38
C GLU C 202 9.36 -5.23 -4.13
N THR C 203 9.95 -6.15 -4.89
CA THR C 203 11.24 -5.96 -5.52
C THR C 203 11.14 -5.85 -7.05
N GLY C 204 10.05 -6.36 -7.63
CA GLY C 204 9.95 -6.52 -9.08
C GLY C 204 10.86 -7.65 -9.53
N SER C 205 10.75 -8.04 -10.80
CA SER C 205 11.51 -9.20 -11.31
C SER C 205 13.02 -8.96 -11.49
N ASN C 206 13.79 -10.04 -11.34
CA ASN C 206 15.19 -10.09 -11.73
C ASN C 206 15.27 -10.01 -13.26
N ASN C 207 16.49 -9.96 -13.79
CA ASN C 207 16.68 -10.08 -15.25
C ASN C 207 17.99 -10.83 -15.58
N PRO C 208 18.06 -11.42 -16.79
CA PRO C 208 19.17 -12.27 -17.18
C PRO C 208 20.55 -11.73 -16.84
N THR C 209 20.75 -10.41 -16.95
CA THR C 209 22.06 -9.82 -16.72
C THR C 209 22.47 -9.86 -15.26
N GLY C 210 21.47 -9.77 -14.38
CA GLY C 210 21.72 -9.66 -12.96
C GLY C 210 22.08 -8.24 -12.54
N ILE C 211 21.79 -7.27 -13.41
CA ILE C 211 22.08 -5.85 -13.17
C ILE C 211 20.76 -5.08 -13.03
N SER C 212 20.60 -4.38 -11.91
CA SER C 212 19.37 -3.65 -11.60
C SER C 212 18.79 -2.90 -12.79
N SER C 213 17.55 -3.24 -13.15
CA SER C 213 16.92 -2.74 -14.38
C SER C 213 16.04 -1.48 -14.21
N ASP C 214 16.14 -0.83 -13.05
CA ASP C 214 15.35 0.37 -12.77
C ASP C 214 15.65 1.49 -13.75
N VAL C 215 16.81 1.44 -14.37
CA VAL C 215 17.21 2.40 -15.40
C VAL C 215 16.41 2.22 -16.70
N ASP C 216 15.73 1.07 -16.83
CA ASP C 216 15.07 0.69 -18.09
C ASP C 216 13.91 -0.27 -17.82
N LYS C 217 12.78 0.29 -17.41
CA LYS C 217 11.56 -0.48 -17.18
C LYS C 217 10.53 -0.25 -18.27
N ILE C 218 9.72 -1.28 -18.54
CA ILE C 218 8.57 -1.15 -19.44
C ILE C 218 7.33 -1.69 -18.75
N PRO C 219 6.15 -1.14 -19.08
CA PRO C 219 4.91 -1.55 -18.46
C PRO C 219 4.58 -2.99 -18.82
N PHE C 220 4.19 -3.78 -17.84
CA PHE C 220 3.83 -5.19 -18.11
C PHE C 220 2.83 -5.37 -19.25
N HIS C 221 1.96 -4.38 -19.42
CA HIS C 221 1.02 -4.39 -20.51
C HIS C 221 1.33 -3.23 -21.42
N PRO C 222 1.38 -3.44 -22.73
CA PRO C 222 0.94 -4.67 -23.38
C PRO C 222 2.05 -5.68 -23.68
N TYR C 223 3.28 -5.38 -23.28
CA TYR C 223 4.42 -6.19 -23.70
C TYR C 223 4.38 -7.61 -23.13
N TYR C 224 4.44 -7.71 -21.80
CA TYR C 224 4.57 -9.02 -21.17
C TYR C 224 3.27 -9.82 -21.08
N THR C 225 2.14 -9.15 -21.31
CA THR C 225 0.86 -9.85 -21.45
C THR C 225 0.94 -10.69 -22.72
N ILE C 226 1.07 -10.01 -23.85
CA ILE C 226 1.07 -10.71 -25.14
C ILE C 226 2.17 -11.79 -25.17
N LYS C 227 3.32 -11.50 -24.58
CA LYS C 227 4.39 -12.51 -24.51
C LYS C 227 3.87 -13.74 -23.78
N ASP C 228 3.23 -13.51 -22.64
CA ASP C 228 2.73 -14.61 -21.80
C ASP C 228 1.53 -15.35 -22.42
N ILE C 229 0.71 -14.66 -23.21
CA ILE C 229 -0.38 -15.35 -23.92
C ILE C 229 0.23 -16.37 -24.89
N LEU C 230 1.22 -15.89 -25.64
CA LEU C 230 2.01 -16.71 -26.57
C LEU C 230 2.70 -17.86 -25.87
N GLY C 231 3.33 -17.55 -24.73
CA GLY C 231 3.91 -18.56 -23.86
C GLY C 231 2.92 -19.63 -23.40
N ALA C 232 1.73 -19.21 -22.97
CA ALA C 232 0.65 -20.13 -22.60
C ALA C 232 0.25 -21.00 -23.78
N LEU C 233 -0.08 -20.34 -24.90
CA LEU C 233 -0.40 -21.03 -26.16
C LEU C 233 0.48 -22.29 -26.41
N LEU C 234 1.79 -22.11 -26.21
CA LEU C 234 2.78 -23.19 -26.38
C LEU C 234 2.63 -24.31 -25.35
N LEU C 235 2.43 -23.95 -24.10
CA LEU C 235 2.17 -24.94 -23.04
C LEU C 235 0.91 -25.73 -23.38
N ILE C 236 -0.08 -25.01 -23.89
CA ILE C 236 -1.32 -25.61 -24.37
C ILE C 236 -1.05 -26.60 -25.50
N LEU C 237 -0.25 -26.16 -26.49
CA LEU C 237 0.15 -27.06 -27.57
C LEU C 237 0.82 -28.32 -27.02
N ALA C 238 1.86 -28.10 -26.22
CA ALA C 238 2.64 -29.14 -25.57
C ALA C 238 1.75 -30.13 -24.80
N LEU C 239 0.83 -29.61 -23.99
CA LEU C 239 -0.11 -30.46 -23.28
C LEU C 239 -0.96 -31.26 -24.27
N MET C 240 -1.66 -30.53 -25.14
CA MET C 240 -2.60 -31.14 -26.08
C MET C 240 -1.98 -32.20 -27.01
N LEU C 241 -0.70 -32.01 -27.36
CA LEU C 241 0.06 -33.06 -28.05
C LEU C 241 0.07 -34.33 -27.22
N LEU C 242 0.47 -34.23 -25.96
CA LEU C 242 0.46 -35.40 -25.05
C LEU C 242 -0.94 -35.99 -24.94
N VAL C 243 -1.88 -35.14 -24.55
CA VAL C 243 -3.26 -35.59 -24.30
C VAL C 243 -3.85 -36.29 -25.52
N LEU C 244 -3.70 -35.67 -26.69
CA LEU C 244 -4.36 -36.16 -27.92
C LEU C 244 -3.54 -37.17 -28.76
N PHE C 245 -2.23 -37.22 -28.58
CA PHE C 245 -1.41 -38.17 -29.35
C PHE C 245 -0.76 -39.22 -28.46
N ALA C 246 -0.22 -38.80 -27.31
CA ALA C 246 0.57 -39.68 -26.46
C ALA C 246 0.06 -39.72 -25.04
N PRO C 247 -1.24 -39.95 -24.87
CA PRO C 247 -1.90 -39.79 -23.57
C PRO C 247 -1.31 -40.65 -22.46
N ASP C 248 -0.66 -41.75 -22.82
CA ASP C 248 -0.06 -42.62 -21.83
C ASP C 248 1.47 -42.52 -21.77
N LEU C 249 2.05 -41.63 -22.59
CA LEU C 249 3.51 -41.52 -22.70
C LEU C 249 4.24 -41.45 -21.36
N LEU C 250 3.82 -40.53 -20.50
CA LEU C 250 4.45 -40.34 -19.19
C LEU C 250 3.78 -41.19 -18.09
N GLY C 251 2.92 -42.13 -18.50
CA GLY C 251 2.17 -42.97 -17.56
C GLY C 251 2.70 -44.39 -17.48
N ASP C 252 2.46 -45.03 -16.35
CA ASP C 252 2.89 -46.41 -16.15
C ASP C 252 1.70 -47.36 -16.39
N PRO C 253 1.95 -48.47 -17.09
CA PRO C 253 0.88 -49.42 -17.42
C PRO C 253 0.33 -50.21 -16.24
N ASP C 254 1.18 -50.51 -15.25
CA ASP C 254 0.74 -51.30 -14.08
C ASP C 254 -0.50 -50.69 -13.43
N ASN C 255 -0.57 -49.35 -13.44
CA ASN C 255 -1.69 -48.63 -12.81
C ASN C 255 -3.01 -48.80 -13.57
N TYR C 256 -2.96 -49.49 -14.71
CA TYR C 256 -4.18 -49.91 -15.42
C TYR C 256 -4.67 -51.27 -14.93
N THR C 257 -3.98 -51.86 -13.96
CA THR C 257 -4.53 -53.02 -13.25
C THR C 257 -4.82 -52.67 -11.78
N PRO C 258 -6.09 -52.90 -11.34
CA PRO C 258 -6.56 -52.55 -10.00
C PRO C 258 -5.60 -52.99 -8.90
N ALA C 259 -5.44 -52.16 -7.88
CA ALA C 259 -4.53 -52.49 -6.78
C ALA C 259 -4.81 -53.87 -6.16
N ASN C 260 -3.74 -54.55 -5.76
CA ASN C 260 -3.84 -55.84 -5.07
C ASN C 260 -2.73 -55.99 -4.02
N PRO C 261 -3.11 -55.87 -2.72
CA PRO C 261 -2.15 -55.91 -1.60
C PRO C 261 -1.43 -57.24 -1.41
N LEU C 262 -1.77 -58.25 -2.20
CA LEU C 262 -1.20 -59.57 -2.06
C LEU C 262 -0.10 -59.84 -3.09
N ASN C 263 0.06 -58.93 -4.05
CA ASN C 263 0.93 -59.19 -5.19
C ASN C 263 1.63 -57.93 -5.65
N THR C 264 2.91 -57.81 -5.28
CA THR C 264 3.68 -56.61 -5.58
C THR C 264 4.16 -56.62 -7.04
N PRO C 265 4.03 -55.49 -7.76
CA PRO C 265 4.56 -55.37 -9.11
C PRO C 265 6.08 -55.56 -9.16
N PRO C 266 6.61 -55.95 -10.34
CA PRO C 266 8.03 -56.29 -10.44
C PRO C 266 8.93 -55.09 -10.19
N HIS C 267 8.65 -53.98 -10.90
CA HIS C 267 9.50 -52.80 -10.85
C HIS C 267 8.76 -51.54 -10.38
N ILE C 268 8.61 -51.46 -9.07
CA ILE C 268 8.01 -50.32 -8.39
C ILE C 268 8.89 -49.09 -8.56
N LYS C 269 8.31 -48.03 -9.13
CA LYS C 269 8.97 -46.72 -9.23
C LYS C 269 7.90 -45.63 -9.07
N PRO C 270 8.27 -44.50 -8.44
CA PRO C 270 7.31 -43.39 -8.43
C PRO C 270 7.30 -42.70 -9.79
N GLU C 271 6.25 -41.93 -10.07
CA GLU C 271 6.15 -41.25 -11.36
C GLU C 271 7.31 -40.24 -11.63
N TRP C 272 7.58 -40.05 -12.92
CA TRP C 272 8.87 -39.51 -13.39
C TRP C 272 9.50 -38.36 -12.59
N TYR C 273 8.71 -37.32 -12.33
CA TYR C 273 9.21 -36.12 -11.66
C TYR C 273 9.75 -36.38 -10.28
N PHE C 274 9.52 -37.58 -9.73
CA PHE C 274 10.13 -37.91 -8.45
C PHE C 274 11.45 -38.68 -8.60
N LEU C 275 11.63 -39.35 -9.74
CA LEU C 275 12.70 -40.35 -9.90
C LEU C 275 14.06 -39.93 -9.36
N PHE C 276 14.47 -38.72 -9.71
CA PHE C 276 15.79 -38.25 -9.31
C PHE C 276 16.03 -38.34 -7.82
N ALA C 277 15.00 -38.11 -7.02
CA ALA C 277 15.19 -38.21 -5.59
C ALA C 277 15.14 -39.69 -5.16
N TYR C 278 14.32 -40.49 -5.85
CA TYR C 278 14.24 -41.94 -5.59
C TYR C 278 15.65 -42.53 -5.75
N ALA C 279 16.32 -42.16 -6.84
CA ALA C 279 17.71 -42.57 -7.07
C ALA C 279 18.68 -42.22 -5.92
N ILE C 280 18.61 -40.96 -5.48
CA ILE C 280 19.42 -40.45 -4.36
C ILE C 280 19.12 -41.19 -3.06
N LEU C 281 17.85 -41.53 -2.85
CA LEU C 281 17.49 -42.37 -1.72
C LEU C 281 18.09 -43.76 -1.87
N ARG C 282 17.99 -44.34 -3.07
CA ARG C 282 18.53 -45.69 -3.30
C ARG C 282 20.07 -45.77 -3.33
N SER C 283 20.73 -44.64 -3.51
CA SER C 283 22.20 -44.58 -3.38
C SER C 283 22.69 -44.95 -1.99
N ILE C 284 22.08 -44.39 -0.96
CA ILE C 284 22.44 -44.65 0.44
C ILE C 284 21.94 -46.03 0.92
N PRO C 285 22.82 -46.82 1.57
CA PRO C 285 22.50 -48.14 2.12
C PRO C 285 21.62 -48.08 3.37
N ASN C 286 21.88 -47.09 4.23
CA ASN C 286 21.13 -46.92 5.48
C ASN C 286 19.71 -46.41 5.23
N LYS C 287 18.78 -47.00 5.96
CA LYS C 287 17.35 -46.66 5.83
C LYS C 287 17.12 -45.17 6.03
N LEU C 288 17.47 -44.69 7.22
CA LEU C 288 17.29 -43.30 7.60
C LEU C 288 18.15 -42.39 6.74
N GLY C 289 19.43 -42.75 6.62
CA GLY C 289 20.34 -42.09 5.70
C GLY C 289 19.69 -41.79 4.35
N GLY C 290 19.08 -42.81 3.76
CA GLY C 290 18.31 -42.65 2.51
C GLY C 290 17.23 -41.58 2.62
N VAL C 291 16.46 -41.65 3.70
CA VAL C 291 15.35 -40.73 3.93
C VAL C 291 15.85 -39.29 4.04
N LEU C 292 16.79 -39.06 4.95
CA LEU C 292 17.36 -37.75 5.19
C LEU C 292 18.09 -37.21 3.94
N ALA C 293 18.77 -38.10 3.21
CA ALA C 293 19.39 -37.75 1.93
C ALA C 293 18.33 -37.27 0.94
N LEU C 294 17.25 -38.06 0.82
CA LEU C 294 16.09 -37.69 0.01
C LEU C 294 15.49 -36.35 0.44
N ALA C 295 15.48 -36.09 1.74
CA ALA C 295 15.01 -34.79 2.25
C ALA C 295 15.93 -33.66 1.80
N PHE C 296 17.20 -33.76 2.22
CA PHE C 296 18.22 -32.76 1.85
C PHE C 296 18.16 -32.49 0.36
N SER C 297 17.97 -33.56 -0.42
CA SER C 297 17.91 -33.47 -1.88
C SER C 297 16.92 -32.39 -2.39
N ILE C 298 15.86 -32.15 -1.63
CA ILE C 298 14.88 -31.12 -1.96
C ILE C 298 15.07 -29.88 -1.08
N LEU C 299 15.41 -30.09 0.18
CA LEU C 299 15.54 -28.96 1.11
C LEU C 299 16.74 -28.07 0.87
N ILE C 300 17.78 -28.59 0.20
CA ILE C 300 19.02 -27.82 -0.08
C ILE C 300 18.76 -26.52 -0.89
N LEU C 301 17.63 -26.49 -1.59
CA LEU C 301 17.12 -25.28 -2.23
C LEU C 301 17.04 -24.11 -1.25
N ALA C 302 16.73 -24.43 0.01
CA ALA C 302 16.76 -23.46 1.10
C ALA C 302 18.16 -22.99 1.46
N LEU C 303 19.13 -23.90 1.36
CA LEU C 303 20.53 -23.58 1.59
C LEU C 303 21.17 -22.76 0.47
N ILE C 304 20.79 -23.04 -0.78
CA ILE C 304 21.35 -22.34 -1.96
C ILE C 304 21.75 -20.86 -1.73
N PRO C 305 20.82 -19.99 -1.27
CA PRO C 305 21.15 -18.55 -1.10
C PRO C 305 22.32 -18.26 -0.16
N LEU C 306 22.54 -19.13 0.81
CA LEU C 306 23.66 -18.97 1.74
C LEU C 306 24.96 -19.38 1.09
N LEU C 307 24.90 -20.01 -0.08
CA LEU C 307 26.06 -20.57 -0.74
C LEU C 307 26.56 -19.71 -1.89
N HIS C 308 25.83 -18.65 -2.22
CA HIS C 308 26.29 -17.71 -3.25
C HIS C 308 27.55 -16.98 -2.79
N THR C 309 28.51 -16.84 -3.70
CA THR C 309 29.80 -16.24 -3.39
C THR C 309 30.31 -15.26 -4.46
N SER C 310 29.87 -15.44 -5.71
CA SER C 310 30.29 -14.54 -6.79
C SER C 310 29.73 -13.14 -6.58
N LYS C 311 30.58 -12.13 -6.80
CA LYS C 311 30.18 -10.73 -6.63
C LYS C 311 29.20 -10.29 -7.73
N GLN C 312 29.12 -11.09 -8.79
CA GLN C 312 28.10 -10.93 -9.81
C GLN C 312 26.88 -11.75 -9.42
N ARG C 313 25.71 -11.19 -9.65
CA ARG C 313 24.45 -11.84 -9.30
C ARG C 313 24.14 -13.02 -10.22
N SER C 314 24.15 -12.74 -11.51
CA SER C 314 23.77 -13.71 -12.54
C SER C 314 24.95 -14.50 -13.09
N MET C 315 24.67 -15.74 -13.49
CA MET C 315 25.69 -16.60 -14.10
C MET C 315 26.02 -16.17 -15.53
N MET C 316 25.29 -15.20 -16.07
CA MET C 316 25.50 -14.77 -17.46
C MET C 316 26.97 -14.53 -17.73
N PHE C 317 27.62 -13.79 -16.84
CA PHE C 317 29.02 -13.44 -17.01
C PHE C 317 29.95 -14.35 -16.18
N ARG C 318 29.53 -15.60 -15.97
CA ARG C 318 30.23 -16.52 -15.07
C ARG C 318 30.47 -17.93 -15.67
N PRO C 319 31.50 -18.01 -16.53
CA PRO C 319 31.93 -19.19 -17.28
C PRO C 319 31.99 -20.46 -16.48
N LEU C 320 32.79 -20.48 -15.42
CA LEU C 320 32.99 -21.69 -14.62
C LEU C 320 31.63 -22.19 -14.12
N SER C 321 31.00 -21.41 -13.23
CA SER C 321 29.66 -21.70 -12.73
C SER C 321 28.77 -22.25 -13.86
N GLN C 322 28.67 -21.47 -14.94
CA GLN C 322 27.87 -21.87 -16.11
C GLN C 322 27.98 -23.35 -16.49
N CYS C 323 29.21 -23.89 -16.46
CA CYS C 323 29.42 -25.30 -16.77
C CYS C 323 28.85 -26.14 -15.63
N LEU C 324 29.33 -25.87 -14.42
CA LEU C 324 28.94 -26.66 -13.25
C LEU C 324 27.42 -26.78 -13.16
N PHE C 325 26.72 -25.71 -13.54
CA PHE C 325 25.25 -25.72 -13.57
C PHE C 325 24.72 -26.79 -14.52
N TRP C 326 25.17 -26.72 -15.77
CA TRP C 326 24.70 -27.67 -16.76
C TRP C 326 25.11 -29.09 -16.37
N ALA C 327 26.25 -29.18 -15.71
CA ALA C 327 26.68 -30.39 -15.05
C ALA C 327 25.62 -30.86 -14.06
N LEU C 328 25.14 -29.94 -13.23
CA LEU C 328 24.04 -30.24 -12.31
C LEU C 328 22.81 -30.76 -13.08
N VAL C 329 22.39 -30.03 -14.11
CA VAL C 329 21.22 -30.48 -14.90
C VAL C 329 21.41 -31.90 -15.45
N ALA C 330 22.59 -32.13 -16.03
CA ALA C 330 22.93 -33.44 -16.60
C ALA C 330 22.97 -34.54 -15.55
N ASP C 331 23.51 -34.20 -14.38
CA ASP C 331 23.52 -35.12 -13.24
C ASP C 331 22.10 -35.43 -12.76
N LEU C 332 21.22 -34.42 -12.79
CA LEU C 332 19.80 -34.63 -12.45
C LEU C 332 19.12 -35.51 -13.48
N LEU C 333 19.42 -35.27 -14.75
CA LEU C 333 18.97 -36.16 -15.83
C LEU C 333 19.44 -37.61 -15.62
N THR C 334 20.73 -37.76 -15.36
CA THR C 334 21.35 -39.04 -15.03
C THR C 334 20.58 -39.71 -13.90
N LEU C 335 20.55 -39.06 -12.74
CA LEU C 335 19.81 -39.58 -11.58
C LEU C 335 18.35 -39.91 -11.91
N THR C 336 17.73 -39.10 -12.76
CA THR C 336 16.37 -39.35 -13.23
C THR C 336 16.28 -40.67 -14.02
N TRP C 337 17.26 -40.90 -14.92
CA TRP C 337 17.33 -42.17 -15.66
C TRP C 337 17.63 -43.36 -14.72
N ILE C 338 18.68 -43.22 -13.91
CA ILE C 338 19.08 -44.22 -12.90
C ILE C 338 17.94 -44.60 -11.95
N GLY C 339 17.14 -43.61 -11.53
CA GLY C 339 15.96 -43.86 -10.69
C GLY C 339 14.88 -44.68 -11.39
N GLY C 340 14.88 -44.64 -12.73
CA GLY C 340 13.93 -45.43 -13.53
C GLY C 340 14.30 -46.90 -13.67
N GLN C 341 15.59 -47.20 -13.48
CA GLN C 341 16.11 -48.56 -13.68
C GLN C 341 16.08 -49.41 -12.42
N PRO C 342 16.08 -50.74 -12.58
CA PRO C 342 16.20 -51.60 -11.42
C PRO C 342 17.58 -51.46 -10.79
N VAL C 343 17.65 -51.73 -9.50
CA VAL C 343 18.88 -51.52 -8.74
C VAL C 343 19.82 -52.70 -9.00
N GLU C 344 20.48 -52.65 -10.15
CA GLU C 344 21.45 -53.65 -10.55
C GLU C 344 22.61 -53.00 -11.29
N HIS C 345 23.73 -53.71 -11.42
CA HIS C 345 24.95 -53.17 -12.04
C HIS C 345 24.71 -52.81 -13.51
N PRO C 346 25.19 -51.64 -13.95
CA PRO C 346 26.02 -50.70 -13.17
C PRO C 346 25.24 -49.59 -12.48
N TYR C 347 23.93 -49.62 -12.64
CA TYR C 347 23.07 -48.51 -12.22
C TYR C 347 23.31 -48.03 -10.79
N ILE C 348 23.72 -48.94 -9.92
CA ILE C 348 23.90 -48.62 -8.50
C ILE C 348 25.13 -47.75 -8.32
N THR C 349 26.17 -47.99 -9.11
CA THR C 349 27.43 -47.21 -9.00
C THR C 349 27.25 -45.83 -9.60
N ILE C 350 26.74 -45.82 -10.84
CA ILE C 350 26.41 -44.57 -11.52
C ILE C 350 25.46 -43.74 -10.63
N GLY C 351 24.49 -44.42 -10.02
CA GLY C 351 23.68 -43.86 -8.95
C GLY C 351 24.52 -43.21 -7.85
N GLN C 352 25.46 -43.97 -7.28
CA GLN C 352 26.36 -43.47 -6.23
C GLN C 352 26.98 -42.16 -6.68
N LEU C 353 27.76 -42.29 -7.75
CA LEU C 353 28.60 -41.21 -8.24
C LEU C 353 27.77 -39.97 -8.60
N ALA C 354 26.66 -40.20 -9.29
CA ALA C 354 25.71 -39.11 -9.57
C ALA C 354 25.22 -38.45 -8.28
N SER C 355 24.81 -39.27 -7.30
CA SER C 355 24.30 -38.75 -6.03
C SER C 355 25.33 -37.91 -5.31
N VAL C 356 26.53 -38.46 -5.14
CA VAL C 356 27.62 -37.70 -4.50
C VAL C 356 27.98 -36.43 -5.29
N LEU C 357 27.97 -36.57 -6.61
CA LEU C 357 28.20 -35.43 -7.50
C LEU C 357 27.18 -34.33 -7.27
N TYR C 358 25.91 -34.69 -7.18
CA TYR C 358 24.82 -33.73 -6.92
C TYR C 358 25.18 -32.78 -5.78
N PHE C 359 25.42 -33.35 -4.61
CA PHE C 359 25.69 -32.55 -3.41
C PHE C 359 27.09 -31.93 -3.44
N LEU C 360 28.06 -32.63 -4.03
CA LEU C 360 29.41 -32.05 -4.22
C LEU C 360 29.38 -30.74 -5.04
N LEU C 361 28.62 -30.78 -6.14
CA LEU C 361 28.41 -29.59 -7.00
C LEU C 361 27.87 -28.41 -6.21
N ILE C 362 26.69 -28.59 -5.64
CA ILE C 362 26.00 -27.52 -4.91
C ILE C 362 26.72 -27.05 -3.64
N LEU C 363 27.23 -27.99 -2.84
CA LEU C 363 27.87 -27.65 -1.57
C LEU C 363 29.33 -27.24 -1.72
N VAL C 364 30.11 -28.00 -2.48
CA VAL C 364 31.55 -27.74 -2.54
C VAL C 364 31.93 -26.92 -3.77
N LEU C 365 31.63 -27.46 -4.94
CA LEU C 365 32.22 -26.94 -6.19
C LEU C 365 31.73 -25.54 -6.56
N MET C 366 30.42 -25.41 -6.73
CA MET C 366 29.82 -24.18 -7.29
C MET C 366 30.15 -22.93 -6.49
N PRO C 367 30.13 -23.04 -5.15
CA PRO C 367 30.61 -21.90 -4.34
C PRO C 367 32.08 -21.55 -4.58
N THR C 368 32.93 -22.56 -4.79
CA THR C 368 34.35 -22.33 -5.08
C THR C 368 34.54 -21.68 -6.45
N ALA C 369 33.88 -22.26 -7.46
CA ALA C 369 33.87 -21.68 -8.80
C ALA C 369 33.61 -20.18 -8.73
N GLY C 370 32.56 -19.81 -8.00
CA GLY C 370 32.21 -18.40 -7.77
C GLY C 370 33.30 -17.57 -7.10
N THR C 371 34.03 -18.17 -6.16
CA THR C 371 35.15 -17.49 -5.49
C THR C 371 36.27 -17.27 -6.49
N ILE C 372 36.76 -18.37 -7.07
CA ILE C 372 37.82 -18.29 -8.09
C ILE C 372 37.45 -17.22 -9.15
N GLU C 373 36.23 -17.32 -9.67
CA GLU C 373 35.72 -16.33 -10.65
C GLU C 373 35.95 -14.89 -10.25
N ASN C 374 35.83 -14.60 -8.96
CA ASN C 374 36.13 -13.26 -8.47
C ASN C 374 37.63 -13.02 -8.44
N LYS C 375 38.40 -13.98 -7.92
CA LYS C 375 39.85 -13.86 -7.91
C LYS C 375 40.31 -13.46 -9.29
N LEU C 376 39.75 -14.12 -10.31
CA LEU C 376 40.13 -13.88 -11.71
C LEU C 376 39.76 -12.48 -12.23
N LEU C 377 38.76 -11.86 -11.61
CA LEU C 377 38.32 -10.52 -12.01
C LEU C 377 38.82 -9.46 -11.03
N LYS C 378 39.88 -9.78 -10.30
CA LYS C 378 40.45 -8.86 -9.33
C LYS C 378 39.37 -8.22 -8.47
N TRP C 379 38.56 -9.06 -7.83
CA TRP C 379 37.48 -8.57 -6.97
C TRP C 379 37.93 -8.47 -5.53
N ASP D 86 14.44 -64.65 -15.76
CA ASP D 86 15.21 -63.37 -15.68
C ASP D 86 15.85 -62.85 -16.99
N LEU D 87 15.58 -63.50 -18.13
CA LEU D 87 15.80 -62.89 -19.45
C LEU D 87 14.46 -62.72 -20.17
N GLU D 88 14.36 -61.68 -20.98
CA GLU D 88 13.08 -61.37 -21.61
C GLU D 88 13.24 -60.94 -23.07
N LEU D 89 12.30 -61.40 -23.89
CA LEU D 89 12.22 -61.07 -25.31
C LEU D 89 11.14 -60.01 -25.52
N HIS D 90 11.56 -58.85 -26.03
CA HIS D 90 10.60 -57.78 -26.32
C HIS D 90 9.96 -57.95 -27.69
N PRO D 91 8.64 -57.68 -27.78
CA PRO D 91 7.86 -57.76 -29.00
C PRO D 91 8.41 -56.94 -30.16
N PRO D 92 8.13 -57.36 -31.40
CA PRO D 92 8.46 -56.55 -32.58
C PRO D 92 7.40 -55.49 -32.87
N SER D 93 7.66 -54.66 -33.90
CA SER D 93 6.81 -53.50 -34.22
C SER D 93 5.86 -53.76 -35.40
N TYR D 94 4.95 -54.71 -35.21
CA TYR D 94 3.95 -55.05 -36.22
C TYR D 94 3.16 -53.81 -36.58
N PRO D 95 3.03 -53.50 -37.88
CA PRO D 95 2.44 -52.24 -38.28
C PRO D 95 0.94 -52.31 -38.43
N TRP D 96 0.22 -51.77 -37.44
CA TRP D 96 -1.24 -51.84 -37.41
C TRP D 96 -1.88 -50.72 -38.24
N SER D 97 -3.06 -51.02 -38.79
CA SER D 97 -3.83 -50.06 -39.59
C SER D 97 -4.11 -48.75 -38.85
N HIS D 98 -4.01 -48.81 -37.53
CA HIS D 98 -4.20 -47.66 -36.64
C HIS D 98 -2.91 -47.19 -35.96
N ARG D 99 -1.76 -47.58 -36.49
CA ARG D 99 -0.48 -47.26 -35.87
C ARG D 99 -0.21 -45.77 -35.83
N GLY D 100 -0.26 -45.12 -37.00
CA GLY D 100 0.15 -43.72 -37.16
C GLY D 100 -0.67 -42.69 -36.41
N LEU D 101 -0.06 -41.52 -36.20
CA LEU D 101 -0.61 -40.47 -35.32
C LEU D 101 -2.01 -39.99 -35.67
N LEU D 102 -2.40 -40.05 -36.95
CA LEU D 102 -3.77 -39.72 -37.37
C LEU D 102 -4.61 -40.94 -37.75
N SER D 103 -4.00 -42.13 -37.66
CA SER D 103 -4.61 -43.37 -38.14
C SER D 103 -5.64 -43.95 -37.16
N SER D 104 -6.83 -44.23 -37.67
CA SER D 104 -7.94 -44.72 -36.84
C SER D 104 -7.99 -46.24 -36.82
N LEU D 105 -8.74 -46.78 -35.87
CA LEU D 105 -8.97 -48.22 -35.78
C LEU D 105 -9.79 -48.74 -36.97
N ASP D 106 -9.58 -50.01 -37.30
CA ASP D 106 -10.33 -50.68 -38.34
C ASP D 106 -11.57 -51.38 -37.76
N HIS D 107 -12.73 -50.71 -37.89
CA HIS D 107 -13.99 -51.15 -37.28
C HIS D 107 -14.45 -52.54 -37.75
N THR D 108 -14.07 -52.91 -38.98
CA THR D 108 -14.29 -54.25 -39.49
C THR D 108 -13.50 -55.22 -38.61
N SER D 109 -12.22 -54.94 -38.44
CA SER D 109 -11.32 -55.77 -37.64
C SER D 109 -11.74 -55.80 -36.19
N ILE D 110 -12.30 -54.68 -35.71
CA ILE D 110 -12.91 -54.66 -34.37
C ILE D 110 -14.09 -55.63 -34.34
N ARG D 111 -14.98 -55.47 -35.32
CA ARG D 111 -16.15 -56.35 -35.44
C ARG D 111 -15.76 -57.82 -35.42
N ARG D 112 -14.78 -58.18 -36.24
CA ARG D 112 -14.28 -59.56 -36.27
C ARG D 112 -13.71 -59.92 -34.91
N GLY D 113 -12.74 -59.12 -34.47
CA GLY D 113 -12.07 -59.28 -33.18
C GLY D 113 -13.00 -59.56 -32.01
N PHE D 114 -14.14 -58.86 -31.98
CA PHE D 114 -15.16 -59.10 -30.95
C PHE D 114 -15.60 -60.56 -30.94
N GLN D 115 -15.97 -61.05 -32.12
CA GLN D 115 -16.40 -62.43 -32.27
C GLN D 115 -15.33 -63.37 -31.74
N VAL D 116 -14.06 -63.02 -31.97
CA VAL D 116 -12.94 -63.80 -31.44
C VAL D 116 -12.99 -63.87 -29.91
N TYR D 117 -13.32 -62.75 -29.27
CA TYR D 117 -13.47 -62.74 -27.81
C TYR D 117 -14.64 -63.62 -27.42
N LYS D 118 -15.82 -63.26 -27.96
CA LYS D 118 -17.09 -63.92 -27.65
C LYS D 118 -17.03 -65.44 -27.84
N GLN D 119 -16.28 -65.88 -28.85
CA GLN D 119 -16.14 -67.32 -29.14
C GLN D 119 -14.99 -67.95 -28.34
N VAL D 120 -13.79 -67.36 -28.42
CA VAL D 120 -12.60 -68.02 -27.91
C VAL D 120 -12.32 -67.74 -26.44
N CYS D 121 -12.57 -66.52 -25.96
CA CYS D 121 -12.11 -66.18 -24.59
C CYS D 121 -13.17 -65.77 -23.55
N SER D 122 -14.37 -65.44 -24.00
CA SER D 122 -15.46 -65.07 -23.09
C SER D 122 -15.69 -66.13 -22.00
N SER D 123 -15.02 -67.27 -22.13
CA SER D 123 -15.15 -68.39 -21.19
C SER D 123 -14.06 -68.45 -20.10
N CYS D 124 -13.02 -67.63 -20.22
CA CYS D 124 -12.00 -67.53 -19.15
C CYS D 124 -11.61 -66.09 -18.85
N HIS D 125 -11.87 -65.20 -19.80
CA HIS D 125 -11.45 -63.82 -19.69
C HIS D 125 -12.61 -62.90 -19.54
N SER D 126 -12.66 -62.23 -18.39
CA SER D 126 -13.65 -61.20 -18.14
C SER D 126 -13.29 -59.92 -18.87
N MET D 127 -14.33 -59.20 -19.30
CA MET D 127 -14.17 -57.87 -19.86
C MET D 127 -15.23 -57.01 -19.21
N ASP D 128 -15.03 -56.79 -17.92
CA ASP D 128 -16.02 -56.22 -17.01
C ASP D 128 -16.52 -54.83 -17.41
N TYR D 129 -15.70 -54.07 -18.14
CA TYR D 129 -15.98 -52.65 -18.40
C TYR D 129 -16.58 -52.39 -19.77
N VAL D 130 -16.99 -53.45 -20.46
CA VAL D 130 -17.68 -53.30 -21.74
C VAL D 130 -19.10 -53.89 -21.66
N ALA D 131 -20.03 -53.20 -22.32
CA ALA D 131 -21.43 -53.59 -22.41
C ALA D 131 -21.88 -53.52 -23.85
N TYR D 132 -22.90 -54.30 -24.19
CA TYR D 132 -23.31 -54.46 -25.59
C TYR D 132 -23.58 -53.12 -26.28
N ARG D 133 -24.24 -52.21 -25.57
CA ARG D 133 -24.49 -50.86 -26.11
C ARG D 133 -23.22 -50.21 -26.62
N HIS D 134 -22.12 -50.37 -25.88
CA HIS D 134 -20.82 -49.85 -26.29
C HIS D 134 -20.46 -50.24 -27.73
N LEU D 135 -20.92 -51.40 -28.19
CA LEU D 135 -20.66 -51.86 -29.56
C LEU D 135 -21.47 -51.08 -30.60
N VAL D 136 -22.69 -50.69 -30.23
CA VAL D 136 -23.59 -49.98 -31.16
C VAL D 136 -22.88 -48.77 -31.78
N GLY D 137 -22.80 -48.76 -33.10
CA GLY D 137 -22.17 -47.63 -33.81
C GLY D 137 -20.65 -47.67 -33.88
N VAL D 138 -20.05 -48.72 -33.31
CA VAL D 138 -18.64 -48.99 -33.47
C VAL D 138 -18.46 -50.06 -34.53
N CYS D 139 -18.94 -51.25 -34.24
CA CYS D 139 -18.79 -52.40 -35.12
C CYS D 139 -20.08 -53.21 -35.30
N TYR D 140 -21.17 -52.75 -34.68
CA TYR D 140 -22.49 -53.37 -34.81
C TYR D 140 -23.59 -52.32 -34.82
N THR D 141 -24.72 -52.71 -35.44
CA THR D 141 -25.94 -51.92 -35.38
C THR D 141 -26.63 -52.21 -34.06
N GLU D 142 -27.59 -51.35 -33.69
CA GLU D 142 -28.34 -51.51 -32.44
C GLU D 142 -29.03 -52.87 -32.41
N ASP D 143 -29.63 -53.24 -33.54
CA ASP D 143 -30.34 -54.50 -33.68
C ASP D 143 -29.37 -55.67 -33.52
N GLU D 144 -28.26 -55.62 -34.26
CA GLU D 144 -27.22 -56.64 -34.16
C GLU D 144 -26.76 -56.78 -32.70
N ALA D 145 -26.50 -55.65 -32.06
CA ALA D 145 -26.03 -55.61 -30.68
C ALA D 145 -27.05 -56.19 -29.69
N LYS D 146 -28.30 -55.76 -29.83
CA LYS D 146 -29.37 -56.28 -28.99
C LYS D 146 -29.51 -57.79 -29.20
N ALA D 147 -29.46 -58.21 -30.46
CA ALA D 147 -29.48 -59.63 -30.81
C ALA D 147 -28.32 -60.36 -30.15
N LEU D 148 -27.16 -59.69 -30.11
CA LEU D 148 -26.00 -60.23 -29.40
C LEU D 148 -26.19 -60.26 -27.88
N ALA D 149 -27.07 -59.40 -27.38
CA ALA D 149 -27.43 -59.40 -25.97
C ALA D 149 -28.40 -60.55 -25.63
N GLU D 150 -29.55 -60.59 -26.31
CA GLU D 150 -30.59 -61.60 -26.05
C GLU D 150 -30.11 -63.04 -26.21
N GLU D 151 -28.93 -63.19 -26.81
CA GLU D 151 -28.25 -64.47 -26.88
C GLU D 151 -27.88 -65.03 -25.51
N VAL D 152 -27.70 -64.16 -24.52
CA VAL D 152 -27.17 -64.61 -23.21
C VAL D 152 -28.12 -64.38 -22.02
N GLU D 153 -28.13 -65.35 -21.12
CA GLU D 153 -28.89 -65.30 -19.88
C GLU D 153 -28.08 -64.56 -18.82
N VAL D 154 -28.63 -63.43 -18.36
CA VAL D 154 -28.03 -62.65 -17.26
C VAL D 154 -28.99 -62.66 -16.07
N GLN D 155 -28.42 -62.63 -14.87
CA GLN D 155 -29.22 -62.63 -13.65
C GLN D 155 -29.82 -61.25 -13.38
N ASP D 156 -31.00 -61.27 -12.75
CA ASP D 156 -31.71 -60.07 -12.34
C ASP D 156 -32.50 -60.38 -11.07
N GLY D 157 -33.25 -59.38 -10.61
CA GLY D 157 -34.02 -59.49 -9.37
C GLY D 157 -33.64 -58.36 -8.44
N PRO D 158 -34.18 -58.38 -7.22
CA PRO D 158 -35.09 -59.44 -6.77
C PRO D 158 -36.54 -59.12 -7.14
N ASN D 159 -37.30 -60.17 -7.39
CA ASN D 159 -38.71 -60.07 -7.73
C ASN D 159 -39.58 -59.91 -6.47
N GLU D 160 -40.90 -59.96 -6.66
CA GLU D 160 -41.89 -59.86 -5.57
C GLU D 160 -41.57 -60.76 -4.37
N ASP D 161 -41.19 -62.01 -4.65
CA ASP D 161 -40.89 -63.00 -3.62
C ASP D 161 -39.47 -62.86 -3.07
N GLY D 162 -38.73 -61.88 -3.55
CA GLY D 162 -37.37 -61.67 -3.10
C GLY D 162 -36.51 -62.83 -3.52
N GLU D 163 -36.49 -63.10 -4.83
CA GLU D 163 -35.66 -64.16 -5.41
C GLU D 163 -35.06 -63.72 -6.74
N MET D 164 -33.78 -64.02 -6.91
CA MET D 164 -33.07 -63.66 -8.13
C MET D 164 -33.44 -64.63 -9.24
N PHE D 165 -33.59 -64.09 -10.45
CA PHE D 165 -34.03 -64.89 -11.60
C PHE D 165 -33.28 -64.47 -12.87
N MET D 166 -33.08 -65.42 -13.79
CA MET D 166 -32.34 -65.14 -15.03
C MET D 166 -33.27 -64.54 -16.08
N ARG D 167 -32.68 -63.79 -17.00
CA ARG D 167 -33.43 -63.21 -18.13
C ARG D 167 -32.50 -62.99 -19.31
N PRO D 168 -33.07 -62.76 -20.50
CA PRO D 168 -32.21 -62.47 -21.64
C PRO D 168 -31.54 -61.10 -21.49
N GLY D 169 -30.31 -60.99 -21.99
CA GLY D 169 -29.59 -59.74 -21.92
C GLY D 169 -30.20 -58.64 -22.78
N LYS D 170 -29.91 -57.40 -22.42
CA LYS D 170 -30.30 -56.22 -23.20
C LYS D 170 -29.09 -55.29 -23.38
N LEU D 171 -29.21 -54.32 -24.29
CA LEU D 171 -28.09 -53.44 -24.65
C LEU D 171 -27.22 -52.98 -23.46
N SER D 172 -27.88 -52.63 -22.36
CA SER D 172 -27.21 -52.07 -21.17
C SER D 172 -26.48 -53.10 -20.27
N ASP D 173 -26.39 -54.35 -20.72
CA ASP D 173 -25.71 -55.39 -19.92
C ASP D 173 -24.22 -55.44 -20.21
N TYR D 174 -23.42 -55.44 -19.14
CA TYR D 174 -21.98 -55.60 -19.24
C TYR D 174 -21.64 -57.05 -19.52
N PHE D 175 -20.72 -57.27 -20.47
CA PHE D 175 -20.33 -58.63 -20.92
C PHE D 175 -20.28 -59.67 -19.80
N PRO D 176 -20.84 -60.87 -20.05
CA PRO D 176 -21.00 -61.85 -18.99
C PRO D 176 -19.67 -62.33 -18.49
N LYS D 177 -19.56 -62.59 -17.18
CA LYS D 177 -18.26 -63.06 -16.65
C LYS D 177 -18.15 -64.53 -16.70
N PRO D 178 -16.92 -64.98 -16.92
CA PRO D 178 -16.57 -66.38 -16.96
C PRO D 178 -16.67 -67.09 -15.60
N TYR D 179 -16.35 -66.41 -14.50
CA TYR D 179 -16.42 -67.02 -13.17
C TYR D 179 -17.18 -66.10 -12.22
N PRO D 180 -17.55 -66.60 -11.02
CA PRO D 180 -18.02 -65.70 -9.98
C PRO D 180 -16.91 -64.94 -9.23
N ASN D 181 -15.70 -65.51 -9.17
CA ASN D 181 -14.59 -64.87 -8.44
C ASN D 181 -13.18 -65.43 -8.72
N PRO D 182 -12.12 -64.62 -8.42
CA PRO D 182 -10.70 -64.98 -8.62
C PRO D 182 -10.34 -66.36 -8.14
N GLU D 183 -10.93 -66.77 -7.03
CA GLU D 183 -10.71 -68.09 -6.45
C GLU D 183 -11.30 -69.19 -7.37
N ALA D 184 -12.52 -68.99 -7.85
CA ALA D 184 -13.17 -69.94 -8.77
C ALA D 184 -12.40 -69.99 -10.08
N ALA D 185 -12.01 -68.80 -10.53
CA ALA D 185 -11.15 -68.66 -11.71
C ALA D 185 -9.82 -69.42 -11.59
N ARG D 186 -9.11 -69.24 -10.47
CA ARG D 186 -7.86 -69.96 -10.22
C ARG D 186 -8.12 -71.46 -10.15
N ALA D 187 -9.04 -71.85 -9.26
CA ALA D 187 -9.37 -73.27 -9.04
C ALA D 187 -9.84 -73.99 -10.31
N ALA D 188 -10.51 -73.27 -11.21
CA ALA D 188 -10.93 -73.86 -12.49
C ALA D 188 -9.81 -73.85 -13.56
N ASN D 189 -8.70 -73.19 -13.27
CA ASN D 189 -7.49 -73.33 -14.07
C ASN D 189 -6.44 -73.92 -13.15
N ASN D 190 -5.19 -74.07 -13.60
CA ASN D 190 -4.18 -74.60 -12.69
C ASN D 190 -3.65 -73.54 -11.73
N GLY D 191 -4.55 -73.02 -10.89
CA GLY D 191 -4.22 -71.99 -9.90
C GLY D 191 -3.80 -70.67 -10.52
N ALA D 192 -4.02 -70.54 -11.84
CA ALA D 192 -3.70 -69.35 -12.59
C ALA D 192 -4.99 -68.63 -12.93
N LEU D 193 -5.05 -67.35 -12.59
CA LEU D 193 -6.22 -66.51 -12.86
C LEU D 193 -6.03 -65.77 -14.18
N PRO D 194 -6.91 -66.03 -15.16
CA PRO D 194 -6.89 -65.26 -16.41
C PRO D 194 -7.29 -63.80 -16.17
N PRO D 195 -6.34 -62.88 -16.36
CA PRO D 195 -6.59 -61.48 -16.12
C PRO D 195 -7.70 -60.87 -16.99
N ASP D 196 -8.35 -59.84 -16.46
CA ASP D 196 -9.41 -59.11 -17.16
C ASP D 196 -8.81 -58.46 -18.41
N LEU D 197 -9.56 -58.53 -19.51
CA LEU D 197 -9.05 -58.06 -20.81
C LEU D 197 -9.50 -56.64 -21.19
N SER D 198 -10.34 -56.01 -20.38
CA SER D 198 -10.81 -54.66 -20.68
C SER D 198 -9.65 -53.76 -21.02
N TYR D 199 -8.70 -53.63 -20.09
CA TYR D 199 -7.55 -52.71 -20.24
C TYR D 199 -6.21 -53.39 -20.54
N ILE D 200 -6.24 -54.68 -20.88
CA ILE D 200 -5.01 -55.48 -21.02
C ILE D 200 -3.96 -54.87 -21.96
N VAL D 201 -4.46 -54.26 -23.02
CA VAL D 201 -3.62 -53.63 -24.03
C VAL D 201 -2.81 -52.48 -23.41
N ARG D 202 -3.41 -51.78 -22.46
CA ARG D 202 -2.74 -50.66 -21.77
C ARG D 202 -2.09 -51.10 -20.47
N ALA D 203 -2.44 -52.28 -20.00
CA ALA D 203 -1.94 -52.80 -18.74
C ALA D 203 -0.62 -53.51 -18.94
N ARG D 204 -0.21 -53.70 -20.19
CA ARG D 204 1.05 -54.39 -20.49
C ARG D 204 1.95 -53.54 -21.39
N HIS D 205 3.27 -53.58 -21.13
CA HIS D 205 4.25 -52.89 -21.99
C HIS D 205 4.19 -53.46 -23.40
N GLY D 206 4.19 -52.59 -24.41
CA GLY D 206 4.22 -53.03 -25.81
C GLY D 206 2.85 -53.15 -26.46
N GLY D 207 1.84 -53.46 -25.65
CA GLY D 207 0.45 -53.44 -26.09
C GLY D 207 0.07 -54.56 -27.04
N GLU D 208 -0.67 -54.20 -28.09
CA GLU D 208 -1.11 -55.18 -29.08
C GLU D 208 0.09 -55.95 -29.65
N ASP D 209 1.16 -55.21 -29.99
CA ASP D 209 2.42 -55.80 -30.44
C ASP D 209 2.87 -56.91 -29.51
N TYR D 210 2.63 -56.73 -28.22
CA TYR D 210 2.84 -57.80 -27.25
C TYR D 210 1.78 -58.88 -27.42
N VAL D 211 0.51 -58.51 -27.29
CA VAL D 211 -0.53 -59.53 -27.17
C VAL D 211 -0.52 -60.49 -28.38
N PHE D 212 -0.44 -59.91 -29.56
CA PHE D 212 -0.24 -60.62 -30.81
C PHE D 212 0.93 -61.60 -30.71
N SER D 213 2.08 -61.07 -30.29
CA SER D 213 3.34 -61.83 -30.15
C SER D 213 3.23 -62.99 -29.15
N LEU D 214 2.48 -62.77 -28.08
CA LEU D 214 2.19 -63.85 -27.14
C LEU D 214 1.28 -64.88 -27.81
N LEU D 215 0.10 -64.42 -28.20
CA LEU D 215 -0.89 -65.30 -28.83
C LEU D 215 -0.28 -66.18 -29.92
N THR D 216 0.48 -65.59 -30.85
CA THR D 216 1.07 -66.35 -31.97
C THR D 216 2.45 -66.96 -31.67
N GLY D 217 3.17 -66.40 -30.70
CA GLY D 217 4.57 -66.78 -30.46
C GLY D 217 4.85 -68.09 -29.73
N TYR D 218 3.79 -68.82 -29.36
CA TYR D 218 3.92 -70.10 -28.66
C TYR D 218 4.90 -71.04 -29.37
N CYS D 219 5.75 -71.74 -28.60
CA CYS D 219 6.70 -72.67 -29.19
C CYS D 219 7.18 -73.74 -28.21
N GLU D 220 8.24 -74.48 -28.61
CA GLU D 220 8.76 -75.61 -27.84
C GLU D 220 9.81 -75.17 -26.83
N PRO D 221 9.81 -75.77 -25.63
CA PRO D 221 10.88 -75.51 -24.67
C PRO D 221 12.23 -76.03 -25.20
N PRO D 222 13.27 -75.18 -25.18
CA PRO D 222 14.56 -75.60 -25.72
C PRO D 222 15.32 -76.49 -24.75
N THR D 223 16.23 -77.30 -25.30
CA THR D 223 17.06 -78.17 -24.49
C THR D 223 17.53 -77.45 -23.24
N GLY D 224 17.09 -77.96 -22.10
CA GLY D 224 17.41 -77.38 -20.80
C GLY D 224 16.18 -76.96 -20.03
N VAL D 225 15.17 -76.48 -20.73
CA VAL D 225 13.95 -76.01 -20.05
C VAL D 225 12.89 -77.11 -19.97
N SER D 226 12.55 -77.53 -18.75
CA SER D 226 11.33 -78.33 -18.50
C SER D 226 10.32 -77.41 -17.79
N LEU D 227 9.08 -77.86 -17.65
CA LEU D 227 8.04 -77.04 -17.03
C LEU D 227 7.14 -77.84 -16.10
N ARG D 228 6.37 -77.13 -15.28
CA ARG D 228 5.29 -77.74 -14.48
C ARG D 228 4.16 -78.15 -15.41
N GLU D 229 3.34 -79.09 -14.98
CA GLU D 229 2.15 -79.43 -15.75
C GLU D 229 1.17 -78.26 -15.67
N GLY D 230 0.49 -78.01 -16.77
CA GLY D 230 -0.40 -76.86 -16.88
C GLY D 230 0.32 -75.59 -17.28
N LEU D 231 1.65 -75.62 -17.23
CA LEU D 231 2.47 -74.52 -17.73
C LEU D 231 2.91 -74.81 -19.16
N TYR D 232 2.75 -73.83 -20.02
CA TYR D 232 3.16 -73.91 -21.42
C TYR D 232 4.24 -72.88 -21.68
N PHE D 233 5.16 -73.21 -22.58
CA PHE D 233 6.25 -72.32 -22.91
C PHE D 233 5.88 -71.36 -24.04
N ASN D 234 5.91 -70.06 -23.69
CA ASN D 234 5.76 -68.97 -24.63
C ASN D 234 6.91 -68.00 -24.42
N PRO D 235 7.79 -67.87 -25.43
CA PRO D 235 9.00 -67.04 -25.33
C PRO D 235 8.75 -65.55 -25.08
N TYR D 236 7.56 -65.07 -25.42
CA TYR D 236 7.24 -63.65 -25.24
C TYR D 236 6.76 -63.31 -23.82
N PHE D 237 6.12 -64.26 -23.16
CA PHE D 237 5.74 -64.12 -21.75
C PHE D 237 6.99 -63.99 -20.87
N PRO D 238 6.94 -63.14 -19.83
CA PRO D 238 8.06 -63.04 -18.89
C PRO D 238 8.20 -64.27 -18.01
N GLY D 239 9.41 -64.79 -17.89
CA GLY D 239 9.63 -66.06 -17.20
C GLY D 239 9.40 -67.23 -18.14
N GLN D 240 8.78 -66.94 -19.29
CA GLN D 240 8.58 -67.93 -20.34
C GLN D 240 7.68 -69.10 -19.98
N ALA D 241 7.08 -69.10 -18.80
CA ALA D 241 6.18 -70.17 -18.41
C ALA D 241 4.81 -69.58 -18.23
N ILE D 242 3.99 -69.65 -19.27
CA ILE D 242 2.63 -69.10 -19.15
C ILE D 242 1.68 -70.20 -18.69
N GLY D 243 0.68 -69.82 -17.91
CA GLY D 243 -0.36 -70.74 -17.44
C GLY D 243 -1.49 -70.93 -18.43
N MET D 244 -1.41 -70.21 -19.55
CA MET D 244 -2.48 -70.16 -20.55
C MET D 244 -2.29 -71.21 -21.64
N ALA D 245 -3.36 -72.00 -21.83
CA ALA D 245 -3.44 -72.94 -22.93
C ALA D 245 -3.50 -72.17 -24.25
N PRO D 246 -2.54 -72.44 -25.18
CA PRO D 246 -2.49 -71.73 -26.45
C PRO D 246 -3.89 -71.59 -27.01
N PRO D 247 -4.43 -70.36 -27.05
CA PRO D 247 -5.86 -70.13 -27.15
C PRO D 247 -6.42 -70.07 -28.55
N ILE D 248 -5.57 -69.79 -29.53
CA ILE D 248 -5.99 -69.79 -30.91
C ILE D 248 -5.08 -70.65 -31.78
N TYR D 249 -5.74 -71.40 -32.65
CA TYR D 249 -5.11 -72.17 -33.72
C TYR D 249 -5.92 -71.85 -34.97
N ASN D 250 -5.47 -72.34 -36.13
CA ASN D 250 -6.22 -72.13 -37.38
C ASN D 250 -7.68 -72.59 -37.32
N GLU D 251 -8.55 -71.72 -37.80
CA GLU D 251 -10.00 -71.96 -37.88
C GLU D 251 -10.64 -72.32 -36.53
N VAL D 252 -10.31 -71.52 -35.52
CA VAL D 252 -10.86 -71.70 -34.16
C VAL D 252 -12.32 -71.21 -34.09
N LEU D 253 -12.68 -70.34 -35.03
CA LEU D 253 -14.08 -69.98 -35.27
C LEU D 253 -14.21 -69.70 -36.76
N GLU D 254 -15.36 -69.19 -37.17
CA GLU D 254 -15.51 -68.69 -38.53
C GLU D 254 -16.26 -67.35 -38.52
N PHE D 255 -15.76 -66.40 -39.29
CA PHE D 255 -16.24 -65.01 -39.25
C PHE D 255 -17.51 -64.76 -40.09
N ASP D 256 -18.35 -63.85 -39.59
CA ASP D 256 -19.59 -63.46 -40.27
C ASP D 256 -19.37 -63.05 -41.73
N ASP D 257 -18.36 -62.23 -41.97
CA ASP D 257 -18.04 -61.78 -43.32
C ASP D 257 -17.33 -62.87 -44.13
N GLY D 258 -16.91 -63.94 -43.45
CA GLY D 258 -16.23 -65.05 -44.11
C GLY D 258 -14.85 -64.67 -44.58
N THR D 259 -14.05 -64.13 -43.68
CA THR D 259 -12.65 -63.85 -43.98
C THR D 259 -11.88 -65.12 -43.66
N PRO D 260 -10.74 -65.34 -44.33
CA PRO D 260 -9.82 -66.43 -43.98
C PRO D 260 -9.57 -66.52 -42.48
N ALA D 261 -10.15 -67.54 -41.85
CA ALA D 261 -10.02 -67.75 -40.41
C ALA D 261 -8.69 -68.41 -40.07
N THR D 262 -7.59 -67.77 -40.44
CA THR D 262 -6.26 -68.24 -40.07
C THR D 262 -6.01 -67.96 -38.59
N MET D 263 -4.85 -68.40 -38.08
CA MET D 263 -4.48 -68.06 -36.71
C MET D 263 -4.05 -66.59 -36.61
N SER D 264 -3.01 -66.25 -37.36
CA SER D 264 -2.47 -64.89 -37.33
C SER D 264 -3.52 -63.85 -37.74
N GLN D 265 -4.45 -64.21 -38.62
CA GLN D 265 -5.56 -63.32 -39.00
C GLN D 265 -6.55 -63.12 -37.85
N VAL D 266 -6.63 -64.10 -36.95
CA VAL D 266 -7.46 -63.99 -35.75
C VAL D 266 -6.77 -63.06 -34.74
N ALA D 267 -5.53 -63.41 -34.36
CA ALA D 267 -4.77 -62.61 -33.38
C ALA D 267 -4.84 -61.10 -33.68
N LYS D 268 -4.54 -60.77 -34.94
CA LYS D 268 -4.66 -59.39 -35.46
C LYS D 268 -6.00 -58.77 -35.11
N ASP D 269 -7.08 -59.46 -35.48
CA ASP D 269 -8.43 -58.93 -35.29
C ASP D 269 -8.77 -58.80 -33.80
N VAL D 270 -8.49 -59.83 -33.01
CA VAL D 270 -8.76 -59.75 -31.56
C VAL D 270 -7.90 -58.68 -30.88
N CYS D 271 -6.67 -58.45 -31.37
CA CYS D 271 -5.85 -57.31 -30.91
C CYS D 271 -6.47 -55.97 -31.30
N THR D 272 -6.81 -55.81 -32.57
CA THR D 272 -7.52 -54.60 -33.05
C THR D 272 -8.81 -54.36 -32.26
N PHE D 273 -9.46 -55.43 -31.79
CA PHE D 273 -10.62 -55.28 -30.89
C PHE D 273 -10.21 -54.85 -29.48
N LEU D 274 -9.34 -55.65 -28.86
CA LEU D 274 -8.83 -55.34 -27.51
C LEU D 274 -8.30 -53.92 -27.38
N ARG D 275 -7.69 -53.40 -28.46
CA ARG D 275 -7.27 -52.00 -28.50
C ARG D 275 -8.44 -51.04 -28.30
N TRP D 276 -9.52 -51.29 -29.05
CA TRP D 276 -10.75 -50.50 -28.93
C TRP D 276 -11.35 -50.65 -27.54
N ALA D 277 -11.41 -51.89 -27.07
CA ALA D 277 -11.90 -52.20 -25.73
C ALA D 277 -11.14 -51.39 -24.69
N ALA D 278 -9.81 -51.40 -24.78
CA ALA D 278 -8.99 -50.63 -23.86
C ALA D 278 -9.05 -49.11 -24.08
N GLU D 279 -9.36 -48.67 -25.30
CA GLU D 279 -9.33 -47.24 -25.61
C GLU D 279 -10.43 -46.75 -26.59
N PRO D 280 -11.72 -46.93 -26.23
CA PRO D 280 -12.82 -46.55 -27.13
C PRO D 280 -12.75 -45.15 -27.74
N GLU D 281 -11.96 -44.26 -27.16
CA GLU D 281 -11.84 -42.87 -27.64
C GLU D 281 -10.85 -42.70 -28.80
N HIS D 282 -10.07 -43.75 -29.04
CA HIS D 282 -8.92 -43.73 -29.95
C HIS D 282 -9.18 -42.91 -31.21
N ASP D 283 -10.21 -43.29 -31.94
CA ASP D 283 -10.55 -42.65 -33.20
C ASP D 283 -10.84 -41.16 -33.01
N HIS D 284 -11.67 -40.83 -32.02
CA HIS D 284 -12.10 -39.44 -31.86
C HIS D 284 -10.89 -38.59 -31.42
N ARG D 285 -10.17 -39.09 -30.42
CA ARG D 285 -8.94 -38.47 -29.90
C ARG D 285 -8.00 -37.98 -31.00
N LYS D 286 -7.71 -38.87 -31.94
CA LYS D 286 -6.84 -38.57 -33.07
C LYS D 286 -7.46 -37.58 -34.06
N ARG D 287 -8.79 -37.57 -34.17
CA ARG D 287 -9.49 -36.60 -35.00
C ARG D 287 -9.36 -35.22 -34.38
N MET D 288 -9.55 -35.16 -33.07
CA MET D 288 -9.32 -33.91 -32.34
C MET D 288 -7.87 -33.48 -32.52
N GLY D 289 -6.95 -34.40 -32.29
CA GLY D 289 -5.52 -34.17 -32.54
C GLY D 289 -5.24 -33.35 -33.79
N LEU D 290 -5.77 -33.81 -34.92
CA LEU D 290 -5.63 -33.10 -36.20
C LEU D 290 -6.14 -31.67 -36.15
N LYS D 291 -7.33 -31.48 -35.56
CA LYS D 291 -7.96 -30.16 -35.48
C LYS D 291 -7.12 -29.24 -34.61
N MET D 292 -6.66 -29.76 -33.49
CA MET D 292 -5.69 -29.07 -32.63
C MET D 292 -4.43 -28.68 -33.41
N LEU D 293 -3.93 -29.62 -34.23
CA LEU D 293 -2.74 -29.37 -35.06
C LEU D 293 -2.94 -28.24 -36.06
N LEU D 294 -3.98 -28.38 -36.88
CA LEU D 294 -4.33 -27.32 -37.83
C LEU D 294 -4.57 -25.97 -37.14
N MET D 295 -5.27 -26.03 -36.02
CA MET D 295 -5.55 -24.83 -35.23
C MET D 295 -4.32 -24.13 -34.66
N MET D 296 -3.47 -24.87 -33.94
CA MET D 296 -2.20 -24.33 -33.45
C MET D 296 -1.39 -23.80 -34.63
N GLY D 297 -1.38 -24.60 -35.69
CA GLY D 297 -0.79 -24.22 -36.97
C GLY D 297 -1.26 -22.87 -37.47
N LEU D 298 -2.56 -22.60 -37.35
CA LEU D 298 -3.10 -21.29 -37.72
C LEU D 298 -2.80 -20.16 -36.71
N LEU D 299 -3.03 -20.43 -35.43
CA LEU D 299 -2.96 -19.41 -34.37
C LEU D 299 -1.53 -19.01 -33.94
N LEU D 300 -0.71 -20.04 -33.71
CA LEU D 300 0.62 -19.82 -33.15
C LEU D 300 1.50 -18.84 -33.94
N PRO D 301 1.32 -18.75 -35.27
CA PRO D 301 1.99 -17.66 -35.97
C PRO D 301 1.27 -16.33 -35.78
N LEU D 302 -0.04 -16.36 -35.94
CA LEU D 302 -0.86 -15.16 -35.77
C LEU D 302 -0.52 -14.43 -34.49
N VAL D 303 -0.43 -15.17 -33.39
CA VAL D 303 -0.15 -14.57 -32.06
C VAL D 303 1.26 -14.01 -31.94
N TYR D 304 2.22 -14.84 -32.33
CA TYR D 304 3.62 -14.47 -32.37
C TYR D 304 3.76 -13.15 -33.15
N ALA D 305 3.03 -13.07 -34.25
CA ALA D 305 2.94 -11.86 -35.06
C ALA D 305 2.45 -10.64 -34.26
N MET D 306 1.43 -10.83 -33.43
CA MET D 306 0.93 -9.74 -32.57
C MET D 306 1.98 -9.35 -31.53
N LYS D 307 2.59 -10.37 -30.92
CA LYS D 307 3.72 -10.15 -30.01
C LYS D 307 4.77 -9.28 -30.67
N ARG D 308 5.19 -9.64 -31.87
CA ARG D 308 6.22 -8.85 -32.56
C ARG D 308 5.72 -7.47 -33.00
N HIS D 309 4.45 -7.39 -33.39
CA HIS D 309 3.80 -6.10 -33.69
C HIS D 309 3.90 -5.17 -32.50
N LYS D 310 3.55 -5.70 -31.33
CA LYS D 310 3.67 -4.94 -30.09
C LYS D 310 5.14 -4.61 -29.75
N TRP D 311 6.01 -5.61 -29.75
CA TRP D 311 7.41 -5.42 -29.32
C TRP D 311 8.28 -4.61 -30.29
N SER D 312 7.84 -4.49 -31.56
CA SER D 312 8.54 -3.70 -32.56
C SER D 312 9.10 -2.38 -31.99
N VAL D 313 8.20 -1.60 -31.39
CA VAL D 313 8.51 -0.29 -30.78
C VAL D 313 9.77 -0.33 -29.92
N LEU D 314 9.94 -1.44 -29.22
CA LEU D 314 11.09 -1.67 -28.36
C LEU D 314 12.27 -2.28 -29.10
N LYS D 315 12.01 -3.25 -29.98
CA LYS D 315 13.11 -3.90 -30.71
C LYS D 315 13.82 -2.95 -31.70
N SER D 316 13.09 -1.97 -32.23
CA SER D 316 13.65 -1.03 -33.22
C SER D 316 14.42 0.14 -32.59
N ARG D 317 14.10 0.49 -31.34
CA ARG D 317 14.56 1.75 -30.72
C ARG D 317 16.08 1.96 -30.73
N LYS D 318 16.46 3.23 -30.56
CA LYS D 318 17.85 3.64 -30.51
C LYS D 318 18.03 4.56 -29.30
N LEU D 319 19.12 4.36 -28.56
CA LEU D 319 19.47 5.20 -27.41
C LEU D 319 20.61 6.15 -27.76
N ALA D 320 20.61 7.34 -27.16
CA ALA D 320 21.66 8.33 -27.43
C ALA D 320 22.07 9.08 -26.17
N TYR D 321 23.32 8.84 -25.76
CA TYR D 321 23.87 9.49 -24.57
C TYR D 321 24.38 10.87 -24.95
N ARG D 322 23.85 11.90 -24.30
CA ARG D 322 24.19 13.28 -24.66
C ARG D 322 24.55 14.14 -23.44
N PRO D 323 25.59 13.73 -22.68
CA PRO D 323 25.98 14.57 -21.56
C PRO D 323 26.72 15.83 -22.01
N PRO D 324 26.45 16.97 -21.36
CA PRO D 324 27.15 18.20 -21.72
C PRO D 324 28.35 18.51 -20.85
N LYS D 325 28.96 19.66 -21.16
CA LYS D 325 30.03 20.24 -20.37
C LYS D 325 29.91 21.77 -20.47
N SER E 79 24.31 22.24 -29.11
CA SER E 79 22.89 22.63 -29.32
C SER E 79 21.96 21.41 -29.31
N HIS E 80 20.69 21.67 -29.01
CA HIS E 80 19.66 20.66 -29.09
C HIS E 80 19.24 20.39 -30.54
N THR E 81 19.72 21.23 -31.47
CA THR E 81 19.39 21.10 -32.90
C THR E 81 20.38 20.24 -33.68
N ASP E 82 21.49 19.85 -33.04
CA ASP E 82 22.41 18.85 -33.59
C ASP E 82 21.78 17.45 -33.51
N ILE E 83 20.85 17.32 -32.56
CA ILE E 83 20.12 16.10 -32.34
C ILE E 83 19.22 15.88 -33.55
N LYS E 84 19.66 15.01 -34.45
CA LYS E 84 18.81 14.55 -35.55
C LYS E 84 18.42 13.09 -35.34
N VAL E 85 17.13 12.82 -35.54
CA VAL E 85 16.53 11.48 -35.45
C VAL E 85 17.28 10.46 -36.32
N PRO E 86 17.68 9.32 -35.73
CA PRO E 86 18.32 8.26 -36.52
C PRO E 86 17.45 7.72 -37.63
N ASP E 87 18.06 6.98 -38.54
CA ASP E 87 17.37 6.50 -39.73
C ASP E 87 16.73 5.12 -39.50
N PHE E 88 15.40 5.08 -39.61
CA PHE E 88 14.61 3.85 -39.38
C PHE E 88 14.21 3.13 -40.68
N SER E 89 14.72 3.64 -41.80
CA SER E 89 14.43 3.04 -43.11
C SER E 89 14.90 1.58 -43.19
N ASP E 90 15.70 1.15 -42.22
CA ASP E 90 16.07 -0.25 -42.04
C ASP E 90 14.86 -1.10 -41.61
N TYR E 91 14.09 -0.60 -40.64
CA TYR E 91 12.96 -1.35 -40.09
C TYR E 91 11.62 -0.95 -40.67
N ARG E 92 11.55 0.17 -41.38
CA ARG E 92 10.26 0.67 -41.89
C ARG E 92 9.43 -0.33 -42.74
N ARG E 93 8.13 -0.05 -42.81
CA ARG E 93 7.22 -0.75 -43.74
C ARG E 93 7.41 -0.15 -45.13
N PRO E 94 7.57 -1.00 -46.15
CA PRO E 94 7.81 -0.54 -47.51
C PRO E 94 6.99 0.70 -47.86
N GLU E 95 5.67 0.54 -47.75
CA GLU E 95 4.71 1.59 -48.13
C GLU E 95 4.96 2.97 -47.52
N VAL E 96 5.76 3.04 -46.44
CA VAL E 96 6.16 4.34 -45.89
C VAL E 96 7.68 4.52 -45.90
N LEU E 97 8.31 4.21 -47.03
CA LEU E 97 9.75 4.45 -47.19
C LEU E 97 10.09 5.78 -47.85
N ASP E 98 9.19 6.26 -48.71
CA ASP E 98 9.45 7.48 -49.46
C ASP E 98 9.24 8.73 -48.61
N SER E 99 10.35 9.31 -48.17
CA SER E 99 10.34 10.53 -47.32
C SER E 99 9.82 11.79 -48.04
N THR E 100 9.21 11.60 -49.22
CA THR E 100 8.54 12.66 -49.94
C THR E 100 7.14 12.24 -50.37
N LYS E 101 6.68 11.09 -49.88
CA LYS E 101 5.35 10.60 -50.17
C LYS E 101 4.56 10.56 -48.86
N SER E 102 3.30 11.02 -48.94
CA SER E 102 2.43 11.10 -47.77
C SER E 102 2.03 9.70 -47.28
N SER E 103 2.12 9.50 -45.96
CA SER E 103 1.77 8.22 -45.32
C SER E 103 0.24 7.94 -45.36
N LYS E 104 -0.55 9.01 -45.31
CA LYS E 104 -2.02 8.95 -45.17
C LYS E 104 -2.75 7.92 -46.06
N GLU E 105 -2.18 7.57 -47.21
CA GLU E 105 -2.73 6.47 -48.02
C GLU E 105 -2.59 5.16 -47.39
N SER E 106 -1.33 4.84 -47.10
CA SER E 106 -1.00 3.47 -46.77
C SER E 106 -1.58 3.13 -45.39
N SER E 107 -1.64 4.10 -44.49
CA SER E 107 -2.13 3.86 -43.12
C SER E 107 -3.42 3.02 -43.11
N GLU E 108 -4.33 3.39 -44.00
CA GLU E 108 -5.58 2.66 -44.21
C GLU E 108 -5.36 1.15 -44.29
N ALA E 109 -4.49 0.75 -45.21
CA ALA E 109 -4.16 -0.66 -45.42
C ALA E 109 -3.30 -1.21 -44.28
N ARG E 110 -2.31 -0.43 -43.86
CA ARG E 110 -1.37 -0.81 -42.82
C ARG E 110 -2.07 -1.22 -41.53
N LYS E 111 -3.01 -0.38 -41.09
CA LYS E 111 -3.77 -0.66 -39.88
C LYS E 111 -4.60 -1.92 -40.08
N GLY E 112 -5.49 -1.86 -41.08
CA GLY E 112 -6.32 -3.01 -41.46
C GLY E 112 -5.58 -4.33 -41.44
N PHE E 113 -4.42 -4.35 -42.10
CA PHE E 113 -3.59 -5.54 -42.16
C PHE E 113 -3.28 -6.09 -40.77
N SER E 114 -2.84 -5.21 -39.87
CA SER E 114 -2.43 -5.65 -38.54
C SER E 114 -3.64 -6.00 -37.67
N TYR E 115 -4.70 -5.19 -37.76
CA TYR E 115 -5.95 -5.48 -37.04
C TYR E 115 -6.61 -6.76 -37.55
N LEU E 116 -6.25 -7.17 -38.77
CA LEU E 116 -6.72 -8.44 -39.32
C LEU E 116 -6.17 -9.59 -38.52
N VAL E 117 -4.84 -9.62 -38.40
CA VAL E 117 -4.12 -10.65 -37.63
C VAL E 117 -4.85 -10.91 -36.32
N THR E 118 -5.09 -9.81 -35.62
CA THR E 118 -5.83 -9.80 -34.38
C THR E 118 -7.21 -10.44 -34.57
N ALA E 119 -7.99 -9.91 -35.49
CA ALA E 119 -9.36 -10.44 -35.75
C ALA E 119 -9.38 -11.97 -35.97
N THR E 120 -8.49 -12.44 -36.84
CA THR E 120 -8.37 -13.88 -37.12
C THR E 120 -7.95 -14.65 -35.86
N THR E 121 -6.85 -14.21 -35.27
CA THR E 121 -6.41 -14.79 -34.00
C THR E 121 -7.63 -14.96 -33.09
N THR E 122 -8.43 -13.89 -32.97
CA THR E 122 -9.66 -13.89 -32.15
C THR E 122 -10.69 -14.91 -32.63
N VAL E 123 -10.86 -15.02 -33.94
CA VAL E 123 -11.76 -16.04 -34.46
C VAL E 123 -11.32 -17.45 -34.07
N GLY E 124 -10.05 -17.75 -34.36
CA GLY E 124 -9.47 -19.05 -34.00
C GLY E 124 -9.60 -19.34 -32.52
N VAL E 125 -9.14 -18.38 -31.71
CA VAL E 125 -9.29 -18.44 -30.26
C VAL E 125 -10.75 -18.73 -29.85
N ALA E 126 -11.69 -17.99 -30.45
CA ALA E 126 -13.11 -18.15 -30.17
C ALA E 126 -13.56 -19.58 -30.47
N TYR E 127 -13.29 -20.02 -31.69
CA TYR E 127 -13.53 -21.42 -32.04
C TYR E 127 -12.99 -22.34 -30.95
N ALA E 128 -11.70 -22.19 -30.67
CA ALA E 128 -11.03 -23.05 -29.70
C ALA E 128 -11.84 -23.08 -28.40
N ALA E 129 -12.06 -21.91 -27.81
CA ALA E 129 -12.72 -21.78 -26.52
C ALA E 129 -14.10 -22.44 -26.55
N LYS E 130 -14.87 -22.00 -27.54
CA LYS E 130 -16.19 -22.54 -27.79
C LYS E 130 -16.14 -24.05 -27.61
N ASN E 131 -15.13 -24.67 -28.24
CA ASN E 131 -15.02 -26.12 -28.22
C ASN E 131 -14.70 -26.75 -26.88
N VAL E 132 -13.78 -26.20 -26.11
CA VAL E 132 -13.48 -26.83 -24.81
C VAL E 132 -14.52 -26.47 -23.77
N VAL E 133 -15.13 -25.30 -23.87
CA VAL E 133 -16.19 -24.93 -22.93
C VAL E 133 -17.30 -26.02 -22.98
N SER E 134 -17.94 -26.07 -24.13
CA SER E 134 -19.06 -26.98 -24.37
C SER E 134 -18.76 -28.44 -24.01
N GLN E 135 -17.50 -28.84 -24.15
CA GLN E 135 -17.05 -30.15 -23.72
C GLN E 135 -17.19 -30.32 -22.22
N PHE E 136 -16.55 -29.39 -21.52
CA PHE E 136 -16.58 -29.39 -20.06
C PHE E 136 -18.02 -29.30 -19.58
N VAL E 137 -18.85 -28.58 -20.32
CA VAL E 137 -20.28 -28.51 -20.00
C VAL E 137 -20.97 -29.87 -20.20
N SER E 138 -20.82 -30.41 -21.41
CA SER E 138 -21.33 -31.75 -21.73
C SER E 138 -20.92 -32.78 -20.69
N SER E 139 -19.70 -32.65 -20.15
CA SER E 139 -19.25 -33.47 -19.00
C SER E 139 -20.35 -33.75 -17.98
N MET E 140 -21.30 -32.81 -17.87
CA MET E 140 -22.28 -32.84 -16.80
C MET E 140 -23.67 -33.33 -17.17
N SER E 141 -23.98 -33.40 -18.47
CA SER E 141 -25.23 -34.02 -18.88
C SER E 141 -25.12 -35.52 -18.68
N ALA E 142 -26.26 -36.18 -18.54
CA ALA E 142 -26.32 -37.62 -18.30
C ALA E 142 -25.35 -38.39 -19.20
N SER E 143 -24.60 -39.29 -18.58
CA SER E 143 -23.68 -40.17 -19.29
C SER E 143 -24.44 -41.26 -20.04
N ALA E 144 -23.78 -41.86 -21.04
CA ALA E 144 -24.34 -43.03 -21.75
C ALA E 144 -24.74 -44.12 -20.76
N ASP E 145 -24.07 -44.12 -19.62
CA ASP E 145 -24.41 -44.98 -18.48
C ASP E 145 -25.82 -44.72 -17.96
N VAL E 146 -26.15 -43.45 -17.71
CA VAL E 146 -27.48 -43.08 -17.20
C VAL E 146 -28.51 -43.20 -18.32
N LEU E 147 -28.11 -42.80 -19.52
CA LEU E 147 -28.97 -42.88 -20.71
C LEU E 147 -29.29 -44.33 -21.10
N ALA E 148 -28.38 -45.26 -20.80
CA ALA E 148 -28.61 -46.68 -21.06
C ALA E 148 -29.97 -47.14 -20.53
N MET E 149 -30.28 -46.70 -19.32
CA MET E 149 -31.49 -47.10 -18.63
C MET E 149 -32.66 -46.23 -19.03
N SER E 150 -32.37 -45.05 -19.56
CA SER E 150 -33.40 -44.06 -19.90
C SER E 150 -34.52 -44.72 -20.73
N LYS E 151 -34.12 -45.40 -21.80
CA LYS E 151 -35.03 -46.16 -22.68
C LYS E 151 -36.46 -45.59 -22.73
N TRP F 13 51.36 -17.80 -17.10
CA TRP F 13 51.27 -16.80 -16.02
C TRP F 13 49.79 -16.46 -15.73
N LEU F 14 49.52 -15.85 -14.56
CA LEU F 14 48.14 -15.56 -14.13
C LEU F 14 47.50 -14.49 -15.02
N GLU F 15 48.30 -13.50 -15.40
CA GLU F 15 47.83 -12.34 -16.14
C GLU F 15 47.33 -12.70 -17.55
N GLY F 16 47.73 -13.87 -18.03
CA GLY F 16 47.13 -14.45 -19.23
C GLY F 16 45.74 -14.98 -18.94
N ILE F 17 45.65 -15.74 -17.84
CA ILE F 17 44.40 -16.42 -17.47
C ILE F 17 43.34 -15.36 -17.15
N ARG F 18 43.66 -14.41 -16.27
CA ARG F 18 42.78 -13.27 -15.99
C ARG F 18 42.26 -12.62 -17.28
N LYS F 19 43.17 -12.41 -18.23
CA LYS F 19 42.88 -11.79 -19.53
C LYS F 19 41.95 -12.65 -20.36
N TRP F 20 42.14 -13.95 -20.28
CA TRP F 20 41.22 -14.87 -20.94
C TRP F 20 39.83 -14.78 -20.32
N TYR F 21 39.78 -15.05 -19.01
CA TYR F 21 38.52 -15.08 -18.25
C TYR F 21 37.75 -13.77 -18.38
N TYR F 22 38.44 -12.63 -18.33
CA TYR F 22 37.77 -11.36 -18.58
C TYR F 22 36.96 -11.42 -19.88
N ASN F 23 37.60 -11.96 -20.93
CA ASN F 23 37.00 -12.00 -22.25
C ASN F 23 35.96 -13.11 -22.36
N ALA F 24 36.12 -14.12 -21.52
CA ALA F 24 35.18 -15.25 -21.43
C ALA F 24 33.87 -14.86 -20.72
N ALA F 25 33.98 -14.12 -19.61
CA ALA F 25 32.82 -13.56 -18.91
C ALA F 25 31.99 -12.76 -19.90
N GLY F 26 32.66 -11.90 -20.65
CA GLY F 26 32.10 -11.34 -21.87
C GLY F 26 31.01 -10.30 -21.68
N PHE F 27 31.05 -9.61 -20.54
CA PHE F 27 30.19 -8.44 -20.34
C PHE F 27 30.64 -7.32 -21.28
N ASN F 28 31.93 -7.35 -21.63
CA ASN F 28 32.56 -6.39 -22.54
C ASN F 28 31.83 -6.26 -23.87
N LYS F 29 31.34 -7.40 -24.37
CA LYS F 29 30.53 -7.44 -25.59
C LYS F 29 29.30 -6.54 -25.52
N LEU F 30 28.85 -6.26 -24.29
CA LEU F 30 27.71 -5.38 -24.03
C LEU F 30 28.13 -3.94 -23.64
N GLY F 31 29.44 -3.64 -23.70
CA GLY F 31 29.95 -2.32 -23.35
C GLY F 31 29.74 -2.02 -21.87
N LEU F 32 30.15 -2.97 -21.04
CA LEU F 32 30.05 -2.85 -19.61
C LEU F 32 31.43 -2.93 -18.99
N MET F 33 31.62 -2.17 -17.93
CA MET F 33 32.80 -2.29 -17.12
C MET F 33 32.48 -3.20 -15.94
N ARG F 34 33.52 -3.86 -15.42
CA ARG F 34 33.36 -4.81 -14.30
C ARG F 34 32.47 -4.27 -13.17
N ASP F 35 32.81 -3.10 -12.65
CA ASP F 35 32.04 -2.45 -11.57
C ASP F 35 30.59 -2.05 -11.92
N ASP F 36 30.19 -2.30 -13.17
CA ASP F 36 28.79 -2.15 -13.57
C ASP F 36 27.98 -3.40 -13.20
N THR F 37 28.66 -4.54 -13.06
CA THR F 37 27.97 -5.81 -12.86
C THR F 37 27.94 -6.23 -11.41
N ILE F 38 28.58 -5.42 -10.55
CA ILE F 38 28.68 -5.74 -9.13
C ILE F 38 27.30 -5.90 -8.49
N HIS F 39 27.16 -6.95 -7.68
CA HIS F 39 25.90 -7.29 -7.04
C HIS F 39 25.43 -6.16 -6.12
N GLU F 40 24.29 -5.59 -6.46
CA GLU F 40 23.68 -4.52 -5.67
C GLU F 40 23.50 -4.94 -4.22
N ASN F 41 23.98 -4.11 -3.31
CA ASN F 41 23.93 -4.40 -1.89
C ASN F 41 24.21 -3.13 -1.12
N ASP F 42 23.81 -3.06 0.14
CA ASP F 42 23.98 -1.81 0.92
C ASP F 42 25.27 -1.01 0.64
N ASP F 43 26.42 -1.67 0.79
CA ASP F 43 27.73 -1.06 0.51
C ASP F 43 27.81 -0.48 -0.89
N VAL F 44 27.43 -1.31 -1.86
CA VAL F 44 27.40 -0.93 -3.29
C VAL F 44 26.46 0.26 -3.55
N LYS F 45 25.20 0.13 -3.12
CA LYS F 45 24.22 1.21 -3.16
C LYS F 45 24.80 2.50 -2.58
N GLU F 46 25.47 2.40 -1.42
CA GLU F 46 26.09 3.57 -0.80
C GLU F 46 27.18 4.14 -1.70
N ALA F 47 28.19 3.31 -2.01
CA ALA F 47 29.26 3.71 -2.92
C ALA F 47 28.67 4.48 -4.11
N ILE F 48 27.74 3.84 -4.81
CA ILE F 48 27.07 4.42 -5.96
C ILE F 48 26.48 5.80 -5.66
N ARG F 49 25.79 5.95 -4.52
CA ARG F 49 25.25 7.27 -4.19
C ARG F 49 26.37 8.31 -4.12
N ARG F 50 27.53 7.89 -3.62
CA ARG F 50 28.67 8.79 -3.46
C ARG F 50 29.29 9.21 -4.79
N LEU F 51 29.02 8.45 -5.85
CA LEU F 51 29.62 8.70 -7.17
C LEU F 51 29.28 10.09 -7.70
N PRO F 52 30.22 10.70 -8.46
CA PRO F 52 29.99 12.01 -9.08
C PRO F 52 29.12 11.95 -10.33
N GLU F 53 28.43 13.06 -10.56
CA GLU F 53 27.43 13.20 -11.64
C GLU F 53 27.78 12.46 -12.91
N ASN F 54 28.97 12.75 -13.43
CA ASN F 54 29.51 12.05 -14.58
C ASN F 54 29.65 10.53 -14.41
N LEU F 55 30.42 10.11 -13.40
CA LEU F 55 30.69 8.69 -13.17
C LEU F 55 29.38 7.91 -13.00
N TYR F 56 28.41 8.53 -12.34
CA TYR F 56 27.07 7.97 -12.20
C TYR F 56 26.33 7.91 -13.57
N ASP F 57 26.08 9.09 -14.13
CA ASP F 57 25.37 9.20 -15.41
C ASP F 57 25.93 8.33 -16.53
N ASP F 58 27.24 8.08 -16.50
CA ASP F 58 27.88 7.13 -17.43
C ASP F 58 27.37 5.70 -17.18
N ARG F 59 27.51 5.28 -15.92
CA ARG F 59 27.08 3.97 -15.46
C ARG F 59 25.63 3.75 -15.87
N VAL F 60 24.79 4.74 -15.52
CA VAL F 60 23.42 4.81 -16.03
C VAL F 60 23.33 4.31 -17.47
N PHE F 61 24.07 4.97 -18.36
CA PHE F 61 23.92 4.69 -19.80
C PHE F 61 24.52 3.36 -20.22
N ARG F 62 25.70 3.02 -19.69
CA ARG F 62 26.32 1.73 -20.01
C ARG F 62 25.33 0.59 -19.74
N ILE F 63 24.78 0.59 -18.54
CA ILE F 63 23.77 -0.39 -18.13
C ILE F 63 22.51 -0.27 -18.98
N LYS F 64 22.05 0.98 -19.17
CA LYS F 64 20.84 1.22 -19.97
C LYS F 64 20.93 0.67 -21.41
N ARG F 65 22.12 0.76 -22.01
CA ARG F 65 22.37 0.23 -23.34
C ARG F 65 22.59 -1.28 -23.29
N ALA F 66 23.35 -1.73 -22.30
CA ALA F 66 23.58 -3.17 -22.11
C ALA F 66 22.27 -3.96 -21.93
N LEU F 67 21.37 -3.45 -21.10
CA LEU F 67 20.04 -4.08 -20.92
C LEU F 67 19.26 -4.15 -22.25
N ASP F 68 19.22 -3.02 -22.95
CA ASP F 68 18.59 -2.96 -24.27
C ASP F 68 19.19 -3.97 -25.22
N LEU F 69 20.52 -4.07 -25.24
CA LEU F 69 21.19 -5.11 -26.02
C LEU F 69 20.67 -6.48 -25.60
N SER F 70 20.78 -6.78 -24.30
CA SER F 70 20.33 -8.07 -23.76
C SER F 70 18.89 -8.41 -24.17
N MET F 71 18.03 -7.38 -24.24
CA MET F 71 16.65 -7.55 -24.69
C MET F 71 16.52 -7.96 -26.16
N ARG F 72 17.40 -7.41 -26.99
CA ARG F 72 17.42 -7.76 -28.42
C ARG F 72 18.24 -9.02 -28.67
N GLN F 73 18.96 -9.46 -27.63
CA GLN F 73 19.78 -10.66 -27.66
C GLN F 73 21.03 -10.47 -28.52
N GLN F 74 21.30 -9.23 -28.94
CA GLN F 74 22.50 -8.94 -29.72
C GLN F 74 23.56 -8.29 -28.85
N ILE F 75 24.74 -8.12 -29.42
CA ILE F 75 25.86 -7.52 -28.71
C ILE F 75 26.47 -6.40 -29.55
N LEU F 76 27.49 -5.74 -29.03
CA LEU F 76 28.14 -4.64 -29.75
C LEU F 76 29.12 -5.15 -30.80
N PRO F 77 29.39 -4.32 -31.83
CA PRO F 77 30.49 -4.61 -32.75
C PRO F 77 31.83 -4.73 -32.02
N LYS F 78 32.66 -5.69 -32.45
CA LYS F 78 33.94 -6.00 -31.80
C LYS F 78 34.76 -4.77 -31.36
N GLU F 79 34.66 -3.69 -32.14
CA GLU F 79 35.38 -2.45 -31.86
C GLU F 79 34.94 -1.75 -30.57
N GLN F 80 33.63 -1.73 -30.29
CA GLN F 80 33.11 -0.97 -29.14
C GLN F 80 33.12 -1.78 -27.83
N TRP F 81 33.66 -3.00 -27.89
CA TRP F 81 33.78 -3.85 -26.71
C TRP F 81 34.68 -3.21 -25.68
N THR F 82 34.38 -3.45 -24.41
CA THR F 82 35.23 -2.97 -23.31
C THR F 82 36.56 -3.72 -23.30
N LYS F 83 37.65 -2.97 -23.29
CA LYS F 83 38.99 -3.55 -23.42
C LYS F 83 39.62 -3.72 -22.05
N TYR F 84 40.19 -4.90 -21.83
CA TYR F 84 40.82 -5.25 -20.56
C TYR F 84 41.75 -4.13 -20.12
N GLU F 85 42.64 -3.72 -21.01
CA GLU F 85 43.59 -2.67 -20.70
C GLU F 85 42.90 -1.39 -20.27
N GLU F 86 41.80 -1.05 -20.93
CA GLU F 86 41.09 0.21 -20.70
C GLU F 86 39.93 0.16 -19.70
N ASP F 87 39.70 -1.01 -19.09
CA ASP F 87 38.58 -1.20 -18.14
C ASP F 87 38.78 -0.50 -16.78
N LYS F 88 38.16 0.67 -16.64
CA LYS F 88 38.24 1.48 -15.42
C LYS F 88 37.64 0.72 -14.25
N SER F 89 38.27 0.86 -13.09
CA SER F 89 37.72 0.35 -11.83
C SER F 89 37.14 1.52 -11.01
N TYR F 90 36.24 2.26 -11.67
CA TYR F 90 35.71 3.55 -11.17
C TYR F 90 34.99 3.54 -9.81
N LEU F 91 34.34 2.43 -9.49
CA LEU F 91 33.55 2.29 -8.25
C LEU F 91 34.35 1.74 -7.06
N GLU F 92 35.53 1.18 -7.33
CA GLU F 92 36.40 0.58 -6.31
C GLU F 92 36.81 1.54 -5.17
N PRO F 93 37.52 2.66 -5.49
CA PRO F 93 38.00 3.55 -4.40
C PRO F 93 36.90 4.01 -3.44
N TYR F 94 35.70 4.23 -3.95
CA TYR F 94 34.55 4.67 -3.15
C TYR F 94 34.08 3.57 -2.20
N LEU F 95 33.92 2.37 -2.74
CA LEU F 95 33.35 1.24 -2.00
C LEU F 95 34.22 0.80 -0.84
N LYS F 96 35.51 0.58 -1.13
CA LYS F 96 36.50 0.20 -0.13
C LYS F 96 36.35 1.06 1.14
N GLU F 97 36.13 2.36 0.94
CA GLU F 97 35.85 3.30 2.05
C GLU F 97 34.57 2.93 2.79
N VAL F 98 33.48 2.86 2.03
CA VAL F 98 32.17 2.52 2.59
C VAL F 98 32.30 1.29 3.48
N ILE F 99 32.94 0.24 2.94
CA ILE F 99 33.24 -0.97 3.71
C ILE F 99 33.98 -0.61 4.99
N ARG F 100 35.12 0.06 4.85
CA ARG F 100 36.05 0.27 5.98
C ARG F 100 35.40 1.06 7.11
N GLU F 101 34.55 2.01 6.72
CA GLU F 101 33.72 2.76 7.66
C GLU F 101 32.78 1.84 8.45
N ARG F 102 32.17 0.88 7.76
CA ARG F 102 31.26 -0.08 8.39
C ARG F 102 32.00 -1.05 9.29
N LYS F 103 33.16 -1.51 8.81
CA LYS F 103 34.04 -2.34 9.63
C LYS F 103 34.45 -1.59 10.89
N GLU F 104 34.83 -0.32 10.74
CA GLU F 104 35.08 0.56 11.89
C GLU F 104 33.86 0.68 12.82
N ARG F 105 32.68 0.87 12.23
CA ARG F 105 31.41 0.98 12.98
C ARG F 105 31.04 -0.30 13.76
N GLU F 106 31.37 -1.45 13.18
CA GLU F 106 31.24 -2.72 13.90
C GLU F 106 32.30 -2.79 15.01
N GLU F 107 33.57 -2.63 14.61
CA GLU F 107 34.70 -2.62 15.56
C GLU F 107 34.44 -1.77 16.79
N TRP F 108 33.84 -0.60 16.57
CA TRP F 108 33.44 0.29 17.68
C TRP F 108 32.35 -0.35 18.56
N ALA F 109 31.31 -0.88 17.93
CA ALA F 109 30.19 -1.46 18.69
C ALA F 109 30.61 -2.75 19.38
N LYS F 110 31.73 -3.31 18.95
CA LYS F 110 32.41 -4.36 19.70
C LYS F 110 33.02 -3.77 20.98
N ARG G 3 6.41 0.82 -5.99
CA ARG G 3 7.40 1.46 -6.92
C ARG G 3 6.83 1.41 -8.32
N GLN G 4 6.68 2.58 -8.93
CA GLN G 4 6.17 2.66 -10.29
C GLN G 4 6.73 3.86 -11.03
N PHE G 5 6.30 3.98 -12.29
CA PHE G 5 6.80 5.02 -13.19
C PHE G 5 6.70 6.39 -12.51
N GLY G 6 7.85 7.05 -12.41
CA GLY G 6 7.97 8.32 -11.70
C GLY G 6 8.85 8.20 -10.47
N HIS G 7 8.80 7.05 -9.80
CA HIS G 7 9.56 6.85 -8.55
C HIS G 7 10.65 5.77 -8.65
N LEU G 8 10.97 5.32 -9.85
CA LEU G 8 11.89 4.19 -10.02
C LEU G 8 13.35 4.56 -9.73
N THR G 9 13.93 5.44 -10.53
CA THR G 9 15.32 5.91 -10.30
C THR G 9 15.64 7.20 -11.08
N ARG G 10 16.85 7.70 -10.91
CA ARG G 10 17.25 8.96 -11.52
C ARG G 10 18.11 8.74 -12.78
N VAL G 11 17.60 9.16 -13.94
CA VAL G 11 18.25 9.00 -15.25
C VAL G 11 18.46 10.34 -15.91
N ARG G 12 19.72 10.63 -16.25
CA ARG G 12 20.08 11.93 -16.82
C ARG G 12 20.77 11.86 -18.19
N HIS G 13 20.32 12.75 -19.07
CA HIS G 13 20.88 12.98 -20.41
C HIS G 13 20.87 11.77 -21.32
N VAL G 14 19.68 11.18 -21.50
CA VAL G 14 19.52 10.05 -22.41
C VAL G 14 18.36 10.33 -23.34
N ILE G 15 18.56 10.06 -24.62
CA ILE G 15 17.50 10.24 -25.61
C ILE G 15 17.12 8.88 -26.17
N THR G 16 15.81 8.62 -26.20
CA THR G 16 15.28 7.40 -26.79
C THR G 16 14.40 7.75 -27.98
N TYR G 17 14.80 7.26 -29.15
CA TYR G 17 14.01 7.40 -30.36
C TYR G 17 13.34 6.06 -30.63
N SER G 18 12.07 6.10 -31.03
CA SER G 18 11.34 4.87 -31.38
C SER G 18 10.33 5.19 -32.47
N LEU G 19 9.65 4.14 -32.94
CA LEU G 19 8.78 4.24 -34.08
C LEU G 19 7.48 3.45 -33.91
N SER G 20 6.39 3.99 -34.43
CA SER G 20 5.08 3.36 -34.35
C SER G 20 5.09 1.98 -34.95
N PRO G 21 4.44 1.02 -34.27
CA PRO G 21 4.29 -0.35 -34.76
C PRO G 21 3.61 -0.39 -36.14
N PHE G 22 2.74 0.58 -36.41
CA PHE G 22 2.09 0.67 -37.72
C PHE G 22 3.00 1.30 -38.76
N GLU G 23 4.02 2.04 -38.34
CA GLU G 23 4.97 2.68 -39.27
C GLU G 23 6.15 1.79 -39.62
N GLN G 24 6.27 0.63 -38.97
CA GLN G 24 7.39 -0.28 -39.22
C GLN G 24 7.03 -1.75 -39.41
N ARG G 25 7.99 -2.50 -39.95
CA ARG G 25 7.82 -3.92 -40.29
C ARG G 25 7.86 -4.79 -39.02
N ALA G 26 6.98 -5.78 -38.99
CA ALA G 26 6.87 -6.69 -37.86
C ALA G 26 8.09 -7.62 -37.75
N PHE G 27 8.50 -8.22 -38.86
CA PHE G 27 9.65 -9.16 -38.89
C PHE G 27 10.79 -8.61 -39.75
N PRO G 28 11.52 -7.59 -39.26
CA PRO G 28 12.59 -7.03 -40.08
C PRO G 28 13.80 -7.96 -40.21
N HIS G 29 14.37 -8.01 -41.40
CA HIS G 29 15.55 -8.81 -41.71
C HIS G 29 15.58 -10.13 -40.94
N TYR G 30 14.46 -10.84 -40.99
CA TYR G 30 14.23 -12.00 -40.12
C TYR G 30 15.34 -13.05 -40.22
N PHE G 31 15.43 -13.74 -41.35
CA PHE G 31 16.46 -14.76 -41.57
C PHE G 31 17.76 -14.04 -41.95
N SER G 32 17.62 -12.93 -42.67
CA SER G 32 18.74 -12.09 -43.09
C SER G 32 19.73 -11.86 -41.96
N LYS G 33 19.23 -11.32 -40.85
CA LYS G 33 20.06 -11.02 -39.68
C LYS G 33 19.86 -12.02 -38.54
N GLY G 34 18.80 -12.82 -38.62
CA GLY G 34 18.45 -13.75 -37.55
C GLY G 34 19.39 -14.92 -37.44
N ILE G 35 19.33 -15.78 -38.44
CA ILE G 35 20.05 -17.06 -38.44
C ILE G 35 21.53 -16.87 -38.04
N PRO G 36 22.23 -15.87 -38.61
CA PRO G 36 23.62 -15.62 -38.16
C PRO G 36 23.77 -15.31 -36.67
N ASN G 37 22.90 -14.44 -36.17
CA ASN G 37 22.87 -14.07 -34.76
C ASN G 37 22.57 -15.31 -33.91
N VAL G 38 21.62 -16.13 -34.38
CA VAL G 38 21.27 -17.43 -33.75
C VAL G 38 22.51 -18.32 -33.67
N LEU G 39 23.22 -18.43 -34.80
CA LEU G 39 24.39 -19.30 -34.89
C LEU G 39 25.56 -18.79 -34.04
N ARG G 40 25.74 -17.47 -34.00
CA ARG G 40 26.70 -16.86 -33.07
C ARG G 40 26.32 -17.13 -31.62
N ARG G 41 25.03 -17.00 -31.33
CA ARG G 41 24.50 -17.28 -30.00
C ARG G 41 24.76 -18.73 -29.59
N THR G 42 24.40 -19.67 -30.46
CA THR G 42 24.69 -21.10 -30.25
C THR G 42 26.18 -21.33 -30.04
N ARG G 43 26.96 -20.79 -30.96
CA ARG G 43 28.41 -20.80 -30.88
C ARG G 43 28.84 -20.41 -29.45
N ALA G 44 28.40 -19.24 -29.03
CA ALA G 44 28.84 -18.67 -27.74
C ALA G 44 28.77 -19.67 -26.57
N CYS G 45 27.63 -20.33 -26.41
CA CYS G 45 27.34 -21.09 -25.18
C CYS G 45 27.58 -22.61 -25.28
N ILE G 46 27.73 -23.12 -26.50
CA ILE G 46 27.70 -24.57 -26.71
C ILE G 46 28.79 -25.34 -25.97
N LEU G 47 29.98 -24.75 -25.90
CA LEU G 47 31.10 -25.33 -25.15
C LEU G 47 30.79 -25.43 -23.65
N ARG G 48 29.91 -24.55 -23.17
CA ARG G 48 29.47 -24.54 -21.77
C ARG G 48 28.31 -25.49 -21.56
N VAL G 49 27.38 -25.51 -22.53
CA VAL G 49 26.18 -26.36 -22.39
C VAL G 49 26.40 -27.86 -22.71
N ALA G 50 26.99 -28.16 -23.87
CA ALA G 50 26.98 -29.54 -24.43
C ALA G 50 27.78 -30.65 -23.70
N PRO G 51 29.01 -30.33 -23.22
CA PRO G 51 29.83 -31.37 -22.57
C PRO G 51 29.07 -32.19 -21.53
N PRO G 52 28.38 -31.52 -20.57
CA PRO G 52 27.57 -32.24 -19.60
C PRO G 52 26.58 -33.22 -20.20
N PHE G 53 25.99 -32.86 -21.33
CA PHE G 53 24.99 -33.70 -21.97
C PHE G 53 25.60 -34.83 -22.81
N VAL G 54 26.62 -34.51 -23.59
CA VAL G 54 27.41 -35.54 -24.27
C VAL G 54 27.84 -36.59 -23.25
N ALA G 55 28.44 -36.10 -22.17
CA ALA G 55 28.77 -36.92 -21.01
C ALA G 55 27.61 -37.82 -20.58
N PHE G 56 26.40 -37.25 -20.55
CA PHE G 56 25.23 -38.06 -20.22
C PHE G 56 25.02 -39.11 -21.29
N TYR G 57 25.13 -38.70 -22.55
CA TYR G 57 24.93 -39.63 -23.66
C TYR G 57 25.90 -40.82 -23.66
N LEU G 58 27.16 -40.58 -23.35
CA LEU G 58 28.13 -41.69 -23.25
C LEU G 58 27.74 -42.70 -22.14
N VAL G 59 27.59 -42.14 -20.93
CA VAL G 59 27.26 -42.92 -19.72
C VAL G 59 25.93 -43.66 -19.83
N TYR G 60 24.94 -43.01 -20.43
CA TYR G 60 23.65 -43.64 -20.69
C TYR G 60 23.87 -44.94 -21.48
N THR G 61 24.24 -44.79 -22.75
CA THR G 61 24.36 -45.93 -23.65
C THR G 61 25.37 -46.96 -23.13
N TRP G 62 26.51 -46.49 -22.61
CA TRP G 62 27.46 -47.38 -21.93
C TRP G 62 26.74 -48.22 -20.86
N GLY G 63 26.07 -47.53 -19.94
CA GLY G 63 25.40 -48.18 -18.80
C GLY G 63 24.27 -49.09 -19.17
N THR G 64 23.57 -48.76 -20.25
CA THR G 64 22.51 -49.61 -20.78
C THR G 64 23.10 -50.84 -21.47
N GLN G 65 23.94 -50.65 -22.50
CA GLN G 65 24.53 -51.82 -23.18
C GLN G 65 25.23 -52.72 -22.16
N GLU G 66 25.87 -52.08 -21.20
CA GLU G 66 26.53 -52.77 -20.10
C GLU G 66 25.53 -53.56 -19.24
N PHE G 67 24.37 -52.96 -18.95
CA PHE G 67 23.30 -53.67 -18.22
C PHE G 67 22.81 -54.84 -19.06
N GLU G 68 22.87 -54.68 -20.38
CA GLU G 68 22.47 -55.74 -21.27
C GLU G 68 23.48 -56.89 -21.31
N LYS G 69 24.79 -56.59 -21.30
CA LYS G 69 25.80 -57.68 -21.17
C LYS G 69 25.55 -58.57 -19.96
N SER G 70 25.51 -57.94 -18.80
CA SER G 70 25.36 -58.62 -17.52
C SER G 70 24.09 -59.48 -17.38
N LYS G 71 23.08 -59.19 -18.20
CA LYS G 71 21.84 -59.96 -18.17
C LYS G 71 21.88 -61.13 -19.14
N ARG G 72 22.88 -61.13 -20.03
CA ARG G 72 23.04 -62.16 -21.03
C ARG G 72 23.71 -63.35 -20.36
N LYS G 73 24.02 -64.37 -21.16
CA LYS G 73 24.62 -65.60 -20.64
C LYS G 73 26.09 -65.39 -20.27
N ASN G 74 26.53 -66.13 -19.26
CA ASN G 74 27.91 -66.06 -18.80
C ASN G 74 28.80 -66.74 -19.85
N PRO G 75 30.14 -66.93 -19.48
CA PRO G 75 30.94 -67.59 -20.52
C PRO G 75 30.78 -69.09 -20.80
N ALA G 76 30.42 -69.43 -22.04
CA ALA G 76 30.22 -70.82 -22.42
C ALA G 76 30.86 -72.08 -23.01
N ALA G 77 32.18 -72.20 -22.86
CA ALA G 77 32.92 -73.35 -23.37
C ALA G 77 32.85 -74.51 -22.38
N TYR G 78 31.67 -75.11 -22.27
CA TYR G 78 31.48 -76.27 -21.34
C TYR G 78 31.20 -75.94 -19.84
N GLU G 79 30.77 -74.70 -19.58
CA GLU G 79 30.80 -74.08 -18.22
C GLU G 79 29.88 -74.50 -17.04
N ASN G 80 28.65 -74.97 -17.30
CA ASN G 80 27.73 -75.27 -16.19
C ASN G 80 28.14 -76.60 -15.47
N ASP G 81 29.11 -77.27 -16.10
CA ASP G 81 29.70 -78.53 -15.69
C ASP G 81 31.13 -78.31 -16.21
N ARG G 82 32.11 -79.12 -15.84
CA ARG G 82 33.49 -78.91 -16.34
C ARG G 82 33.92 -77.44 -16.27
N LEU H 26 -6.42 -75.73 -45.18
CA LEU H 26 -6.06 -74.27 -45.08
C LEU H 26 -4.78 -74.06 -44.28
N VAL H 27 -3.90 -73.18 -44.78
CA VAL H 27 -2.59 -72.94 -44.15
C VAL H 27 -2.31 -71.46 -43.90
N ASP H 28 -1.52 -71.23 -42.84
CA ASP H 28 -1.32 -69.90 -42.28
C ASP H 28 -0.23 -69.07 -42.95
N PRO H 29 -0.60 -67.89 -43.47
CA PRO H 29 0.32 -66.88 -43.98
C PRO H 29 1.59 -66.72 -43.15
N LEU H 30 1.45 -66.78 -41.84
CA LEU H 30 2.58 -66.77 -40.91
C LEU H 30 3.56 -67.92 -41.19
N THR H 31 3.04 -69.15 -41.14
CA THR H 31 3.86 -70.37 -41.24
C THR H 31 4.67 -70.43 -42.54
N THR H 32 4.32 -69.60 -43.52
CA THR H 32 5.15 -69.37 -44.71
C THR H 32 6.22 -68.32 -44.41
N VAL H 33 5.78 -67.14 -44.03
CA VAL H 33 6.67 -65.98 -43.86
C VAL H 33 7.76 -66.25 -42.82
N ARG H 34 7.47 -67.16 -41.88
CA ARG H 34 8.50 -67.66 -40.96
C ARG H 34 9.58 -68.46 -41.69
N GLU H 35 9.17 -69.44 -42.49
CA GLU H 35 10.12 -70.21 -43.32
C GLU H 35 10.93 -69.24 -44.16
N GLN H 36 10.22 -68.36 -44.85
CA GLN H 36 10.85 -67.36 -45.70
C GLN H 36 11.80 -66.43 -44.94
N CYS H 37 11.49 -66.14 -43.68
CA CYS H 37 12.33 -65.25 -42.87
C CYS H 37 13.57 -65.97 -42.32
N GLU H 38 13.37 -67.10 -41.66
CA GLU H 38 14.51 -67.82 -41.05
C GLU H 38 15.54 -68.36 -42.08
N GLN H 39 15.43 -67.83 -43.30
CA GLN H 39 16.44 -67.99 -44.33
C GLN H 39 17.61 -67.06 -44.06
N LEU H 40 17.29 -65.81 -43.71
CA LEU H 40 18.28 -64.71 -43.66
C LEU H 40 19.45 -64.99 -42.72
N GLU H 41 20.61 -64.44 -43.07
CA GLU H 41 21.88 -64.92 -42.52
C GLU H 41 21.88 -65.02 -41.00
N LYS H 42 21.37 -64.01 -40.31
CA LYS H 42 21.40 -63.98 -38.84
C LYS H 42 20.52 -65.06 -38.20
N CYS H 43 19.44 -65.44 -38.90
CA CYS H 43 18.55 -66.48 -38.38
C CYS H 43 19.28 -67.83 -38.34
N VAL H 44 19.79 -68.23 -39.48
CA VAL H 44 20.59 -69.45 -39.58
C VAL H 44 21.82 -69.34 -38.68
N LYS H 45 22.46 -68.17 -38.66
CA LYS H 45 23.61 -67.93 -37.76
C LYS H 45 23.28 -68.13 -36.27
N ALA H 46 22.10 -67.68 -35.85
CA ALA H 46 21.67 -67.86 -34.46
C ALA H 46 21.29 -69.31 -34.22
N ARG H 47 20.39 -69.84 -35.07
CA ARG H 47 19.97 -71.25 -35.04
C ARG H 47 21.19 -72.18 -34.94
N GLU H 48 22.26 -71.83 -35.66
CA GLU H 48 23.52 -72.55 -35.59
C GLU H 48 24.00 -72.61 -34.16
N ARG H 49 24.17 -71.44 -33.53
CA ARG H 49 24.68 -71.44 -32.17
C ARG H 49 23.65 -71.97 -31.19
N LEU H 50 22.41 -72.13 -31.65
CA LEU H 50 21.41 -72.82 -30.88
C LEU H 50 21.80 -74.28 -30.78
N GLU H 51 22.34 -74.82 -31.86
CA GLU H 51 22.89 -76.18 -31.80
C GLU H 51 24.28 -76.21 -31.17
N LEU H 52 25.11 -75.21 -31.44
CA LEU H 52 26.47 -75.11 -30.88
C LEU H 52 26.48 -75.02 -29.35
N CYS H 53 25.61 -74.18 -28.81
CA CYS H 53 25.31 -74.18 -27.37
C CYS H 53 24.54 -75.40 -26.95
N ASP H 54 23.89 -76.05 -27.93
CA ASP H 54 23.07 -77.23 -27.64
C ASP H 54 23.89 -78.46 -27.34
N GLU H 55 24.95 -78.65 -28.10
CA GLU H 55 25.94 -79.67 -27.79
C GLU H 55 26.42 -79.47 -26.37
N ARG H 56 26.84 -78.24 -26.14
CA ARG H 56 27.37 -77.74 -24.90
C ARG H 56 26.60 -78.33 -23.71
N VAL H 57 25.28 -78.14 -23.76
CA VAL H 57 24.34 -78.49 -22.71
C VAL H 57 23.84 -79.97 -22.81
N SER H 58 23.22 -80.32 -23.94
CA SER H 58 22.64 -81.64 -24.19
C SER H 58 23.64 -82.80 -24.09
N SER H 59 24.91 -82.55 -24.37
CA SER H 59 25.90 -83.62 -24.28
C SER H 59 26.35 -83.95 -22.86
N ARG H 60 26.27 -82.98 -21.93
CA ARG H 60 26.81 -83.18 -20.58
C ARG H 60 25.78 -83.79 -19.59
N SER H 61 26.26 -84.26 -18.44
CA SER H 61 25.45 -85.07 -17.49
C SER H 61 24.41 -84.41 -16.53
N GLN H 62 24.86 -83.58 -15.59
CA GLN H 62 23.94 -82.95 -14.61
C GLN H 62 24.26 -81.49 -14.52
N THR H 63 23.87 -80.68 -15.50
CA THR H 63 24.45 -79.33 -15.49
C THR H 63 23.57 -78.05 -15.22
N GLU H 64 22.24 -78.14 -15.43
CA GLU H 64 21.36 -76.96 -15.21
C GLU H 64 21.49 -75.74 -16.20
N GLU H 65 22.16 -75.86 -17.36
CA GLU H 65 22.08 -74.80 -18.39
C GLU H 65 20.94 -75.09 -19.36
N ASP H 66 20.47 -74.05 -20.05
CA ASP H 66 19.51 -74.18 -21.14
C ASP H 66 19.87 -73.22 -22.26
N CYS H 67 19.38 -73.49 -23.46
CA CYS H 67 19.67 -72.61 -24.59
C CYS H 67 18.52 -71.61 -24.86
N THR H 68 17.68 -71.38 -23.85
CA THR H 68 16.64 -70.34 -23.91
C THR H 68 17.14 -69.08 -24.57
N GLU H 69 18.20 -68.56 -23.96
CA GLU H 69 18.81 -67.31 -24.40
C GLU H 69 18.98 -67.32 -25.91
N GLU H 70 19.46 -68.43 -26.44
CA GLU H 70 19.84 -68.53 -27.86
C GLU H 70 18.61 -68.76 -28.75
N LEU H 71 17.65 -69.51 -28.21
CA LEU H 71 16.33 -69.62 -28.83
C LEU H 71 15.70 -68.25 -29.00
N LEU H 72 15.76 -67.42 -27.96
CA LEU H 72 15.24 -66.05 -28.02
C LEU H 72 16.09 -65.21 -28.97
N ASP H 73 17.42 -65.36 -28.89
CA ASP H 73 18.34 -64.73 -29.84
C ASP H 73 17.85 -64.96 -31.27
N PHE H 74 17.57 -66.22 -31.58
CA PHE H 74 16.98 -66.59 -32.88
C PHE H 74 15.62 -65.90 -33.09
N LEU H 75 14.66 -66.31 -32.27
CA LEU H 75 13.27 -65.86 -32.38
C LEU H 75 13.15 -64.37 -32.61
N HIS H 76 13.99 -63.59 -31.94
CA HIS H 76 13.98 -62.14 -32.13
C HIS H 76 14.36 -61.80 -33.56
N ALA H 77 15.57 -62.21 -33.94
CA ALA H 77 16.10 -61.99 -35.27
C ALA H 77 15.07 -62.40 -36.32
N ARG H 78 14.40 -63.53 -36.07
CA ARG H 78 13.35 -64.00 -36.98
C ARG H 78 12.14 -63.06 -36.99
N ASP H 79 11.52 -62.90 -35.84
CA ASP H 79 10.26 -62.15 -35.74
C ASP H 79 10.38 -60.67 -36.12
N HIS H 80 11.58 -60.09 -35.96
CA HIS H 80 11.80 -58.77 -36.54
C HIS H 80 11.41 -58.84 -38.01
N CYS H 81 12.02 -59.78 -38.73
CA CYS H 81 11.69 -60.03 -40.14
C CYS H 81 10.21 -60.35 -40.29
N VAL H 82 9.74 -61.36 -39.55
CA VAL H 82 8.35 -61.82 -39.65
C VAL H 82 7.41 -60.62 -39.68
N ALA H 83 7.53 -59.78 -38.64
CA ALA H 83 6.66 -58.61 -38.46
C ALA H 83 6.73 -57.64 -39.64
N HIS H 84 7.92 -57.50 -40.20
CA HIS H 84 8.15 -56.57 -41.29
C HIS H 84 7.18 -56.77 -42.46
N LYS H 85 6.71 -58.01 -42.68
CA LYS H 85 5.81 -58.28 -43.80
C LYS H 85 4.59 -59.19 -43.54
N LEU H 86 4.53 -59.82 -42.38
CA LEU H 86 3.47 -60.81 -42.13
C LEU H 86 2.14 -60.18 -42.45
N PHE H 87 2.00 -58.90 -42.11
CA PHE H 87 0.74 -58.20 -42.18
C PHE H 87 0.24 -57.92 -43.59
N ASN H 88 1.11 -58.13 -44.60
CA ASN H 88 0.63 -57.95 -45.97
C ASN H 88 -0.31 -59.06 -46.46
N SER H 89 -0.21 -60.22 -45.80
CA SER H 89 -1.08 -61.36 -46.10
C SER H 89 -2.52 -61.16 -45.59
N LEU H 90 -2.70 -60.25 -44.62
CA LEU H 90 -3.95 -60.11 -43.85
C LEU H 90 -4.75 -58.85 -44.21
N LEU I 50 15.57 30.10 -16.95
CA LEU I 50 15.32 30.74 -18.28
C LEU I 50 16.63 31.29 -18.89
N CYS I 51 16.72 31.27 -20.22
CA CYS I 51 17.91 31.72 -20.96
C CYS I 51 18.09 33.25 -20.92
N ARG I 52 19.27 33.76 -21.33
CA ARG I 52 19.73 35.10 -20.90
C ARG I 52 20.03 36.25 -21.91
N GLU I 53 20.69 35.98 -23.04
CA GLU I 53 21.50 37.03 -23.80
C GLU I 53 20.92 38.38 -24.30
N SER I 54 19.84 38.39 -25.08
CA SER I 54 19.51 39.57 -25.90
C SER I 54 19.00 40.80 -25.12
N LEU I 55 19.93 41.59 -24.57
CA LEU I 55 19.60 42.76 -23.76
C LEU I 55 20.11 44.07 -24.39
N ARG I 56 19.23 44.80 -25.08
CA ARG I 56 19.62 46.07 -25.73
C ARG I 56 18.60 47.20 -25.49
N GLY I 57 18.75 47.92 -24.38
CA GLY I 57 17.69 48.77 -23.85
C GLY I 57 16.49 47.91 -23.48
N GLN I 58 16.72 46.89 -22.65
CA GLN I 58 15.87 45.69 -22.59
C GLN I 58 14.71 45.70 -21.59
N ALA I 59 14.95 46.16 -20.37
CA ALA I 59 13.92 46.18 -19.32
C ALA I 59 12.79 47.13 -19.66
N ALA I 60 11.53 46.75 -19.42
CA ALA I 60 10.51 47.76 -19.67
C ALA I 60 10.35 48.85 -18.70
N GLY I 61 9.86 49.93 -19.31
CA GLY I 61 9.75 51.20 -18.61
C GLY I 61 8.36 51.47 -18.02
N LEU I 64 6.93 49.84 -13.58
CA LEU I 64 6.12 48.62 -13.70
C LEU I 64 4.58 48.80 -13.70
N VAL I 65 3.94 48.09 -14.64
CA VAL I 65 2.50 47.81 -14.67
C VAL I 65 2.25 46.33 -14.43
N ALA I 66 1.61 46.00 -13.32
CA ALA I 66 1.19 44.63 -13.07
C ALA I 66 -0.20 44.41 -13.68
N SER I 67 -0.41 43.23 -14.26
CA SER I 67 -1.70 42.93 -14.88
C SER I 67 -2.04 41.46 -14.73
N VAL I 68 -2.90 41.15 -13.77
CA VAL I 68 -3.45 39.80 -13.65
C VAL I 68 -4.77 39.79 -14.42
N SER I 69 -5.27 38.60 -14.73
CA SER I 69 -6.51 38.49 -15.50
C SER I 69 -7.20 37.16 -15.27
N LEU I 70 -8.33 36.98 -15.94
CA LEU I 70 -9.03 35.69 -16.02
C LEU I 70 -8.39 34.79 -17.07
N ASN I 71 -8.39 35.27 -18.33
CA ASN I 71 -7.89 34.49 -19.46
C ASN I 71 -6.38 34.66 -19.74
N VAL I 72 -6.00 35.84 -20.25
CA VAL I 72 -4.60 36.16 -20.56
C VAL I 72 -3.71 35.86 -19.33
N PRO I 73 -2.60 35.12 -19.53
CA PRO I 73 -1.70 34.83 -18.40
C PRO I 73 -1.14 36.11 -17.78
N ALA I 74 -1.03 36.15 -16.45
CA ALA I 74 -0.62 37.37 -15.74
C ALA I 74 0.68 37.98 -16.30
N SER I 75 0.63 39.27 -16.63
CA SER I 75 1.76 39.98 -17.24
C SER I 75 2.31 41.13 -16.38
N VAL I 76 3.64 41.22 -16.32
CA VAL I 76 4.35 42.28 -15.61
C VAL I 76 4.87 43.33 -16.62
N ARG I 77 3.93 44.04 -17.27
CA ARG I 77 4.29 45.03 -18.30
C ARG I 77 5.22 46.06 -17.72
N TYR I 78 6.24 46.56 -18.42
CA TYR I 78 6.92 47.77 -17.91
C TYR I 78 7.41 47.62 -16.47
N PRO J 4 -8.17 1.68 -53.32
CA PRO J 4 -7.81 1.01 -52.09
C PRO J 4 -7.64 -0.50 -52.32
N THR J 5 -6.84 -1.15 -51.47
CA THR J 5 -6.66 -2.60 -51.54
C THR J 5 -7.58 -3.27 -50.51
N LEU J 6 -7.65 -4.60 -50.57
CA LEU J 6 -8.50 -5.38 -49.66
C LEU J 6 -8.28 -5.05 -48.18
N THR J 7 -7.02 -4.92 -47.74
CA THR J 7 -6.70 -4.51 -46.37
C THR J 7 -7.29 -3.13 -46.02
N ALA J 8 -7.06 -2.18 -46.92
CA ALA J 8 -7.53 -0.81 -46.73
C ALA J 8 -9.05 -0.74 -46.64
N ARG J 9 -9.74 -1.38 -47.57
CA ARG J 9 -11.21 -1.43 -47.54
C ARG J 9 -11.73 -2.20 -46.31
N LEU J 10 -11.13 -3.35 -46.05
CA LEU J 10 -11.45 -4.14 -44.86
C LEU J 10 -11.34 -3.33 -43.59
N TYR J 11 -10.27 -2.51 -43.50
CA TYR J 11 -10.08 -1.62 -42.35
C TYR J 11 -11.28 -0.71 -42.12
N SER J 12 -11.52 0.18 -43.09
CA SER J 12 -12.54 1.23 -42.97
C SER J 12 -13.96 0.67 -43.01
N LEU J 13 -14.15 -0.51 -43.59
CA LEU J 13 -15.46 -1.16 -43.60
C LEU J 13 -15.75 -1.93 -42.33
N LEU J 14 -14.78 -2.74 -41.86
CA LEU J 14 -15.04 -3.67 -40.75
C LEU J 14 -14.22 -3.47 -39.47
N PHE J 15 -12.99 -2.96 -39.58
CA PHE J 15 -12.12 -2.87 -38.39
C PHE J 15 -12.13 -1.50 -37.74
N ARG J 16 -12.70 -0.51 -38.41
CA ARG J 16 -12.65 0.85 -37.88
C ARG J 16 -13.51 1.02 -36.62
N ARG J 17 -14.81 0.75 -36.71
CA ARG J 17 -15.69 0.84 -35.53
C ARG J 17 -15.69 -0.46 -34.71
N THR J 18 -15.34 -0.33 -33.43
CA THR J 18 -15.16 -1.48 -32.52
C THR J 18 -16.42 -2.33 -32.39
N SER J 19 -17.57 -1.72 -32.61
CA SER J 19 -18.83 -2.43 -32.78
C SER J 19 -18.72 -3.42 -33.97
N THR J 20 -18.46 -2.87 -35.14
CA THR J 20 -18.37 -3.69 -36.36
C THR J 20 -17.24 -4.71 -36.24
N PHE J 21 -16.11 -4.31 -35.67
CA PHE J 21 -14.98 -5.22 -35.46
C PHE J 21 -15.40 -6.51 -34.76
N ALA J 22 -16.17 -6.37 -33.70
CA ALA J 22 -16.60 -7.53 -32.93
C ALA J 22 -17.59 -8.36 -33.74
N LEU J 23 -18.61 -7.69 -34.25
CA LEU J 23 -19.59 -8.33 -35.13
C LEU J 23 -18.92 -9.19 -36.21
N THR J 24 -17.93 -8.59 -36.89
CA THR J 24 -17.06 -9.27 -37.85
C THR J 24 -16.48 -10.54 -37.25
N ILE J 25 -15.87 -10.43 -36.06
CA ILE J 25 -15.25 -11.59 -35.40
C ILE J 25 -16.32 -12.66 -35.14
N VAL J 26 -17.51 -12.23 -34.75
CA VAL J 26 -18.65 -13.14 -34.53
C VAL J 26 -19.05 -13.89 -35.81
N VAL J 27 -19.50 -13.13 -36.80
CA VAL J 27 -19.91 -13.67 -38.09
C VAL J 27 -18.84 -14.61 -38.62
N GLY J 28 -17.62 -14.07 -38.65
CA GLY J 28 -16.45 -14.76 -39.15
C GLY J 28 -16.14 -16.04 -38.38
N ALA J 29 -16.36 -16.01 -37.07
CA ALA J 29 -16.18 -17.22 -36.26
C ALA J 29 -17.26 -18.24 -36.56
N LEU J 30 -18.51 -17.78 -36.65
CA LEU J 30 -19.62 -18.64 -37.08
C LEU J 30 -19.32 -19.34 -38.40
N PHE J 31 -19.04 -18.54 -39.42
CA PHE J 31 -18.71 -19.10 -40.76
C PHE J 31 -17.47 -20.01 -40.68
N PHE J 32 -16.41 -19.51 -40.04
CA PHE J 32 -15.18 -20.27 -39.83
C PHE J 32 -15.45 -21.66 -39.28
N GLU J 33 -16.04 -21.71 -38.09
CA GLU J 33 -16.17 -22.96 -37.35
C GLU J 33 -16.62 -24.09 -38.26
N ARG J 34 -17.79 -23.91 -38.86
CA ARG J 34 -18.37 -24.92 -39.74
C ARG J 34 -17.39 -25.31 -40.84
N ALA J 35 -16.80 -24.31 -41.49
CA ALA J 35 -15.85 -24.55 -42.57
C ALA J 35 -14.68 -25.42 -42.09
N PHE J 36 -14.00 -24.98 -41.04
CA PHE J 36 -12.87 -25.74 -40.46
C PHE J 36 -13.29 -27.16 -40.04
N ASP J 37 -14.31 -27.25 -39.18
CA ASP J 37 -14.88 -28.54 -38.76
C ASP J 37 -15.12 -29.45 -39.96
N GLN J 38 -16.00 -29.01 -40.84
CA GLN J 38 -16.39 -29.77 -42.03
C GLN J 38 -15.15 -30.20 -42.85
N GLY J 39 -14.25 -29.25 -43.11
CA GLY J 39 -12.97 -29.52 -43.81
C GLY J 39 -12.04 -30.55 -43.17
N ALA J 40 -11.54 -30.22 -41.98
CA ALA J 40 -10.64 -31.14 -41.27
C ALA J 40 -11.30 -32.51 -41.03
N ASP J 41 -12.62 -32.48 -40.79
CA ASP J 41 -13.39 -33.74 -40.68
C ASP J 41 -13.26 -34.58 -41.95
N ALA J 42 -13.52 -33.96 -43.09
CA ALA J 42 -13.37 -34.65 -44.38
C ALA J 42 -11.93 -35.10 -44.64
N ILE J 43 -10.95 -34.25 -44.26
CA ILE J 43 -9.52 -34.61 -44.34
C ILE J 43 -9.22 -35.88 -43.49
N TYR J 44 -9.64 -35.89 -42.23
CA TYR J 44 -9.50 -37.08 -41.39
C TYR J 44 -10.21 -38.29 -41.99
N GLU J 45 -11.46 -38.10 -42.39
CA GLU J 45 -12.27 -39.18 -42.97
C GLU J 45 -11.64 -39.75 -44.23
N HIS J 46 -10.99 -38.89 -45.03
CA HIS J 46 -10.18 -39.41 -46.15
C HIS J 46 -8.94 -40.15 -45.66
N ILE J 47 -8.14 -39.47 -44.83
CA ILE J 47 -6.92 -40.07 -44.28
C ILE J 47 -7.19 -41.48 -43.77
N ASN J 48 -8.35 -41.66 -43.12
CA ASN J 48 -8.76 -42.97 -42.60
C ASN J 48 -9.88 -43.62 -43.39
N GLU J 49 -9.82 -43.49 -44.72
CA GLU J 49 -10.84 -44.00 -45.63
C GLU J 49 -11.10 -45.51 -45.49
N GLY J 50 -12.39 -45.86 -45.45
CA GLY J 50 -12.85 -47.26 -45.37
C GLY J 50 -12.88 -47.88 -43.98
N LYS J 51 -12.14 -47.28 -43.04
CA LYS J 51 -11.92 -47.87 -41.71
C LYS J 51 -13.02 -47.59 -40.69
N LEU J 52 -13.89 -46.64 -40.99
CA LEU J 52 -14.86 -46.12 -40.03
C LEU J 52 -16.27 -46.68 -40.19
N TRP J 53 -17.03 -46.61 -39.09
CA TRP J 53 -18.37 -47.16 -39.03
C TRP J 53 -19.28 -46.50 -40.04
N LYS J 54 -19.06 -45.21 -40.30
CA LYS J 54 -19.79 -44.51 -41.34
C LYS J 54 -19.44 -45.00 -42.76
N HIS J 55 -18.24 -45.56 -42.94
CA HIS J 55 -17.85 -46.19 -44.22
C HIS J 55 -18.32 -47.64 -44.34
N ILE J 56 -18.24 -48.42 -43.25
CA ILE J 56 -18.78 -49.80 -43.29
C ILE J 56 -20.20 -49.96 -42.71
N LYS J 57 -20.95 -48.86 -42.67
CA LYS J 57 -22.33 -48.84 -42.16
C LYS J 57 -23.27 -49.55 -43.13
N HIS J 58 -23.37 -48.99 -44.34
CA HIS J 58 -24.29 -49.44 -45.40
C HIS J 58 -24.39 -50.96 -45.53
N LYS J 59 -23.28 -51.63 -45.27
CA LYS J 59 -23.21 -53.08 -45.41
C LYS J 59 -24.15 -53.85 -44.47
N TYR J 60 -24.49 -53.27 -43.32
CA TYR J 60 -25.32 -53.98 -42.34
C TYR J 60 -26.68 -53.33 -42.08
N GLU J 61 -27.39 -52.97 -43.16
CA GLU J 61 -28.76 -52.40 -43.10
C GLU J 61 -29.58 -52.81 -44.34
N ALA K 36 48.60 14.96 38.32
CA ALA K 36 47.39 15.61 38.91
C ALA K 36 46.10 15.11 38.24
N THR K 37 45.53 14.04 38.80
CA THR K 37 44.36 13.36 38.21
C THR K 37 43.01 13.96 38.62
N TYR K 38 41.96 13.51 37.92
CA TYR K 38 40.56 13.82 38.28
C TYR K 38 40.29 13.27 39.69
N ALA K 39 40.72 12.03 39.93
CA ALA K 39 40.61 11.40 41.25
C ALA K 39 41.06 12.34 42.37
N GLN K 40 42.24 12.90 42.21
CA GLN K 40 42.80 13.87 43.15
C GLN K 40 42.11 15.23 43.05
N ALA K 41 41.60 15.57 41.87
CA ALA K 41 40.97 16.89 41.66
C ALA K 41 39.78 17.10 42.58
N LEU K 42 39.11 16.00 42.89
CA LEU K 42 37.98 16.01 43.82
C LEU K 42 38.41 16.38 45.24
N GLN K 43 39.67 16.14 45.56
CA GLN K 43 40.19 16.43 46.88
C GLN K 43 40.32 17.95 47.10
N SER K 44 40.87 18.65 46.12
CA SER K 44 41.16 20.09 46.25
C SER K 44 39.90 20.97 46.24
N VAL K 45 38.73 20.35 46.22
CA VAL K 45 37.46 21.08 46.25
C VAL K 45 37.19 21.56 47.68
N PRO K 46 36.89 22.88 47.83
CA PRO K 46 36.64 23.43 49.16
C PRO K 46 35.42 22.79 49.83
N GLU K 47 35.63 22.19 51.00
CA GLU K 47 34.55 21.53 51.72
C GLU K 47 33.60 22.57 52.30
N THR K 48 32.39 22.61 51.75
CA THR K 48 31.38 23.62 52.11
C THR K 48 31.19 23.69 53.63
N GLN K 49 31.26 24.91 54.16
CA GLN K 49 31.13 25.16 55.60
C GLN K 49 29.70 25.51 56.00
N VAL K 50 29.25 24.92 57.11
CA VAL K 50 27.86 25.03 57.55
C VAL K 50 27.74 25.21 59.07
N SER K 51 27.09 26.30 59.47
CA SER K 51 26.79 26.59 60.87
C SER K 51 25.29 26.76 61.07
N GLN K 52 24.86 26.92 62.32
CA GLN K 52 23.45 27.13 62.63
C GLN K 52 23.25 28.22 63.68
N LEU K 53 22.09 28.87 63.67
CA LEU K 53 21.76 29.84 64.71
C LEU K 53 20.84 29.25 65.76
N ASP K 54 20.87 29.84 66.95
CA ASP K 54 19.94 29.49 68.04
C ASP K 54 18.47 29.61 67.58
N ASN K 55 18.21 30.58 66.71
CA ASN K 55 16.87 30.74 66.14
C ASN K 55 16.60 29.84 64.92
N GLY K 56 17.52 28.91 64.63
CA GLY K 56 17.25 27.85 63.65
C GLY K 56 17.92 28.00 62.30
N LEU K 57 17.92 29.23 61.76
CA LEU K 57 18.50 29.53 60.45
C LEU K 57 19.88 28.91 60.23
N ARG K 58 19.94 28.04 59.23
CA ARG K 58 21.19 27.42 58.85
C ARG K 58 21.99 28.38 57.98
N VAL K 59 23.29 28.46 58.26
CA VAL K 59 24.22 29.27 57.49
C VAL K 59 25.17 28.34 56.72
N ALA K 60 25.36 28.62 55.43
CA ALA K 60 26.10 27.71 54.55
C ALA K 60 26.96 28.49 53.54
N SER K 61 28.19 28.02 53.32
CA SER K 61 29.17 28.76 52.52
C SER K 61 30.27 27.95 51.85
N GLU K 62 30.57 28.28 50.61
CA GLU K 62 31.77 27.73 49.96
C GLU K 62 32.75 28.84 49.54
N GLN K 63 33.97 28.70 50.06
CA GLN K 63 35.03 29.68 49.88
C GLN K 63 35.96 29.33 48.72
N SER K 64 36.03 30.27 47.78
CA SER K 64 37.08 30.30 46.77
C SER K 64 37.69 31.70 46.81
N SER K 65 38.74 31.94 46.04
CA SER K 65 39.35 33.27 45.99
C SER K 65 38.65 34.15 44.94
N GLN K 66 37.39 33.83 44.66
CA GLN K 66 36.59 34.55 43.67
C GLN K 66 36.28 35.98 44.15
N PRO K 67 36.59 36.98 43.31
CA PRO K 67 36.38 38.41 43.60
C PRO K 67 34.91 38.78 43.71
N THR K 68 34.07 38.12 42.92
CA THR K 68 32.62 38.22 43.09
C THR K 68 32.13 36.98 43.79
N CYS K 69 30.89 37.04 44.29
CA CYS K 69 30.30 35.96 45.06
C CYS K 69 28.79 35.96 44.93
N THR K 70 28.17 34.85 45.29
CA THR K 70 26.70 34.79 45.29
C THR K 70 26.24 34.46 46.70
N VAL K 71 25.23 35.17 47.16
CA VAL K 71 24.67 34.95 48.48
C VAL K 71 23.14 35.04 48.45
N GLY K 72 22.47 34.07 49.05
CA GLY K 72 21.01 34.05 49.01
C GLY K 72 20.36 33.29 50.15
N VAL K 73 19.04 33.43 50.21
CA VAL K 73 18.18 32.73 51.16
C VAL K 73 17.30 31.72 50.42
N TRP K 74 17.37 30.48 50.91
CA TRP K 74 16.58 29.36 50.40
C TRP K 74 15.60 28.91 51.47
N ILE K 75 14.38 28.63 51.03
CA ILE K 75 13.26 28.39 51.93
C ILE K 75 12.35 27.25 51.44
N ASP K 76 12.03 26.31 52.33
CA ASP K 76 11.08 25.23 52.03
C ASP K 76 9.65 25.77 52.00
N ALA K 77 9.27 26.34 50.87
CA ALA K 77 7.92 26.87 50.68
C ALA K 77 7.50 26.81 49.21
N GLY K 78 6.20 26.70 48.99
CA GLY K 78 5.64 26.68 47.63
C GLY K 78 4.31 25.96 47.45
N SER K 79 4.02 25.66 46.18
CA SER K 79 2.70 25.16 45.77
C SER K 79 2.35 23.76 46.27
N ARG K 80 3.33 23.01 46.77
CA ARG K 80 3.03 21.77 47.48
C ARG K 80 2.56 22.09 48.91
N TYR K 81 3.12 23.14 49.51
CA TYR K 81 2.71 23.54 50.85
C TYR K 81 1.40 24.32 50.79
N GLU K 82 1.16 24.96 49.64
CA GLU K 82 -0.10 25.67 49.39
C GLU K 82 -1.29 24.71 49.40
N SER K 83 -2.50 25.28 49.47
CA SER K 83 -3.73 24.51 49.43
C SER K 83 -4.76 25.15 48.52
N GLU K 84 -5.80 24.38 48.25
CA GLU K 84 -6.80 24.69 47.22
C GLU K 84 -7.29 26.13 47.21
N LYS K 85 -7.45 26.73 48.38
CA LYS K 85 -7.93 28.12 48.47
C LYS K 85 -6.84 29.16 48.33
N ASN K 86 -5.63 28.84 48.80
CA ASN K 86 -4.51 29.79 48.77
C ASN K 86 -3.47 29.50 47.68
N ASN K 87 -3.80 28.62 46.75
CA ASN K 87 -2.94 28.33 45.59
C ASN K 87 -2.63 29.62 44.82
N GLY K 88 -1.37 29.80 44.44
CA GLY K 88 -0.95 30.97 43.66
C GLY K 88 -0.38 32.12 44.48
N ALA K 89 -0.19 31.90 45.78
CA ALA K 89 0.27 32.97 46.70
C ALA K 89 1.78 33.09 46.77
N GLY K 90 2.49 31.96 46.88
CA GLY K 90 3.97 31.97 46.92
C GLY K 90 4.52 32.77 45.76
N TYR K 91 3.89 32.57 44.61
CA TYR K 91 4.18 33.31 43.39
C TYR K 91 3.89 34.82 43.52
N PHE K 92 2.76 35.15 44.13
CA PHE K 92 2.37 36.55 44.35
C PHE K 92 3.36 37.26 45.29
N VAL K 93 3.75 36.57 46.38
CA VAL K 93 4.78 37.06 47.30
C VAL K 93 6.07 37.23 46.53
N GLU K 94 6.51 36.17 45.85
CA GLU K 94 7.71 36.27 45.00
C GLU K 94 7.65 37.49 44.08
N HIS K 95 6.45 37.78 43.57
CA HIS K 95 6.22 39.00 42.80
C HIS K 95 6.52 40.27 43.59
N LEU K 96 5.91 40.38 44.76
CA LEU K 96 5.92 41.63 45.56
C LEU K 96 7.21 41.87 46.32
N ALA K 97 7.93 40.80 46.62
CA ALA K 97 9.13 40.84 47.46
C ALA K 97 10.16 41.89 47.05
N PHE K 98 10.24 42.17 45.76
CA PHE K 98 11.21 43.16 45.24
C PHE K 98 10.65 44.57 45.07
N LYS K 99 9.40 44.79 45.46
CA LYS K 99 8.77 46.11 45.36
C LYS K 99 8.89 46.92 46.67
N GLY K 100 10.08 46.88 47.27
CA GLY K 100 10.41 47.69 48.44
C GLY K 100 9.92 47.12 49.76
N THR K 101 10.72 47.34 50.80
CA THR K 101 10.44 46.82 52.15
C THR K 101 9.94 47.97 53.03
N LYS K 102 9.87 47.76 54.34
CA LYS K 102 9.55 48.85 55.27
C LYS K 102 10.70 49.83 55.52
N ASN K 103 11.90 49.28 55.67
CA ASN K 103 13.09 50.09 55.85
C ASN K 103 13.50 50.80 54.56
N ARG K 104 13.09 50.25 53.43
CA ARG K 104 13.34 50.84 52.11
C ARG K 104 12.05 50.82 51.28
N PRO K 105 11.19 51.83 51.44
CA PRO K 105 9.90 51.87 50.74
C PRO K 105 10.03 52.19 49.24
N GLY K 106 8.94 51.97 48.52
CA GLY K 106 8.87 52.18 47.07
C GLY K 106 9.86 51.32 46.32
N ASN K 107 10.69 51.96 45.47
CA ASN K 107 11.77 51.27 44.76
C ASN K 107 13.13 51.76 45.25
N ALA K 108 13.34 51.64 46.56
CA ALA K 108 14.64 51.90 47.16
C ALA K 108 15.45 50.61 47.15
N LEU K 109 14.84 49.56 47.70
CA LEU K 109 15.41 48.18 47.70
C LEU K 109 15.98 47.80 46.33
N GLU K 110 15.28 48.21 45.27
CA GLU K 110 15.72 48.01 43.89
C GLU K 110 16.95 48.88 43.59
N LYS K 111 16.84 50.18 43.87
CA LYS K 111 17.89 51.13 43.53
C LYS K 111 19.21 50.87 44.22
N GLU K 112 19.13 50.50 45.50
CA GLU K 112 20.31 50.24 46.32
C GLU K 112 21.15 49.09 45.79
N VAL K 113 20.48 48.07 45.28
CA VAL K 113 21.14 46.90 44.68
C VAL K 113 21.53 47.18 43.23
N GLU K 114 20.65 47.85 42.47
CA GLU K 114 20.96 48.26 41.09
C GLU K 114 22.21 49.11 41.01
N SER K 115 22.26 50.16 41.82
CA SER K 115 23.36 51.15 41.77
C SER K 115 24.71 50.63 42.26
N MET K 116 24.71 49.66 43.17
CA MET K 116 25.97 49.10 43.70
C MET K 116 26.62 48.06 42.75
N GLY K 117 26.04 47.88 41.56
CA GLY K 117 26.58 46.99 40.52
C GLY K 117 25.98 45.60 40.53
N ALA K 118 25.74 45.09 41.73
CA ALA K 118 25.30 43.72 41.97
C ALA K 118 23.92 43.36 41.38
N HIS K 119 23.64 42.05 41.34
CA HIS K 119 22.42 41.50 40.76
C HIS K 119 21.55 40.81 41.80
N LEU K 120 20.23 40.94 41.63
CA LEU K 120 19.24 40.34 42.53
C LEU K 120 18.23 39.52 41.74
N ASN K 121 18.00 38.28 42.19
CA ASN K 121 17.07 37.36 41.53
C ASN K 121 16.31 36.48 42.54
N ALA K 122 15.22 35.86 42.09
CA ALA K 122 14.39 35.00 42.92
C ALA K 122 13.60 33.98 42.11
N TYR K 123 13.25 32.86 42.73
CA TYR K 123 12.33 31.90 42.10
C TYR K 123 11.52 31.04 43.08
N SER K 124 10.33 30.65 42.61
CA SER K 124 9.42 29.74 43.32
C SER K 124 9.25 28.45 42.51
N THR K 125 9.17 27.33 43.23
CA THR K 125 8.83 26.04 42.63
C THR K 125 7.70 25.41 43.46
N ARG K 126 7.44 24.12 43.25
CA ARG K 126 6.43 23.40 44.02
C ARG K 126 6.91 23.06 45.43
N GLU K 127 8.21 22.92 45.60
CA GLU K 127 8.77 22.54 46.89
C GLU K 127 9.74 23.56 47.48
N HIS K 128 10.25 24.48 46.67
CA HIS K 128 11.32 25.38 47.10
C HIS K 128 11.08 26.83 46.72
N THR K 129 11.63 27.74 47.53
CA THR K 129 11.64 29.19 47.22
C THR K 129 13.05 29.75 47.45
N ALA K 130 13.54 30.53 46.49
CA ALA K 130 14.88 31.08 46.60
C ALA K 130 14.92 32.58 46.30
N TYR K 131 15.63 33.34 47.15
CA TYR K 131 15.95 34.76 46.86
C TYR K 131 17.46 34.98 46.97
N TYR K 132 18.12 35.28 45.85
CA TYR K 132 19.58 35.37 45.86
C TYR K 132 20.18 36.58 45.12
N ILE K 133 21.37 36.98 45.57
CA ILE K 133 22.09 38.14 45.06
C ILE K 133 23.51 37.77 44.66
N LYS K 134 23.86 38.14 43.44
CA LYS K 134 25.25 38.10 42.99
C LYS K 134 25.86 39.45 43.34
N ALA K 135 26.94 39.44 44.12
CA ALA K 135 27.59 40.69 44.52
C ALA K 135 29.11 40.61 44.38
N LEU K 136 29.78 41.75 44.54
CA LEU K 136 31.24 41.76 44.70
C LEU K 136 31.56 41.31 46.12
N SER K 137 32.69 40.62 46.32
CA SER K 137 33.08 40.10 47.64
C SER K 137 32.91 41.16 48.74
N LYS K 138 33.58 42.30 48.55
CA LYS K 138 33.50 43.41 49.49
C LYS K 138 32.06 43.79 49.87
N ASP K 139 31.11 43.60 48.95
CA ASP K 139 29.69 43.94 49.18
C ASP K 139 28.96 42.96 50.11
N LEU K 140 29.56 41.79 50.39
CA LEU K 140 28.88 40.72 51.15
C LEU K 140 28.03 41.21 52.35
N PRO K 141 28.63 41.95 53.29
CA PRO K 141 27.89 42.52 54.43
C PRO K 141 26.69 43.37 54.05
N LYS K 142 26.84 44.19 53.01
CA LYS K 142 25.74 45.02 52.53
C LYS K 142 24.67 44.15 51.88
N ALA K 143 25.10 43.14 51.13
CA ALA K 143 24.19 42.18 50.50
C ALA K 143 23.35 41.44 51.55
N VAL K 144 24.02 40.71 52.44
CA VAL K 144 23.36 39.86 53.46
C VAL K 144 22.20 40.59 54.14
N GLU K 145 22.45 41.85 54.48
CA GLU K 145 21.47 42.70 55.13
C GLU K 145 20.16 42.81 54.33
N LEU K 146 20.29 43.10 53.03
CA LEU K 146 19.14 43.36 52.16
C LEU K 146 18.19 42.16 52.13
N LEU K 147 18.75 40.98 51.87
CA LEU K 147 17.97 39.73 51.84
C LEU K 147 17.09 39.61 53.08
N ALA K 148 17.72 39.74 54.25
CA ALA K 148 17.05 39.75 55.54
C ALA K 148 15.84 40.69 55.54
N ASP K 149 16.04 41.85 54.93
CA ASP K 149 15.00 42.88 54.80
C ASP K 149 13.87 42.41 53.88
N ILE K 150 14.25 41.83 52.73
CA ILE K 150 13.29 41.30 51.73
C ILE K 150 12.41 40.20 52.34
N VAL K 151 13.06 39.25 53.02
CA VAL K 151 12.33 38.15 53.67
C VAL K 151 11.51 38.65 54.87
N GLN K 152 12.17 39.34 55.81
CA GLN K 152 11.51 39.80 57.05
C GLN K 152 10.52 40.95 56.85
N ASN K 153 11.02 42.11 56.43
CA ASN K 153 10.25 43.37 56.51
C ASN K 153 9.58 43.83 55.21
N CYS K 154 9.01 42.84 54.51
CA CYS K 154 8.31 43.05 53.25
C CYS K 154 7.12 44.01 53.43
N SER K 155 6.93 44.90 52.46
CA SER K 155 5.86 45.88 52.50
C SER K 155 4.49 45.28 52.21
N LEU K 156 4.35 44.64 51.03
CA LEU K 156 3.07 44.13 50.52
C LEU K 156 2.05 45.27 50.34
N GLU K 157 2.46 46.30 49.60
CA GLU K 157 1.64 47.49 49.40
C GLU K 157 0.29 47.16 48.77
N ASP K 158 -0.78 47.66 49.39
CA ASP K 158 -2.15 47.37 48.95
C ASP K 158 -2.44 47.87 47.53
N SER K 159 -1.77 48.96 47.14
CA SER K 159 -1.85 49.44 45.75
C SER K 159 -0.96 48.61 44.83
N GLN K 160 0.09 48.01 45.41
CA GLN K 160 1.02 47.16 44.67
C GLN K 160 0.40 45.80 44.34
N ILE K 161 -0.32 45.23 45.30
CA ILE K 161 -1.05 43.98 45.11
C ILE K 161 -1.95 44.02 43.86
N GLU K 162 -2.70 45.11 43.73
CA GLU K 162 -3.55 45.35 42.56
C GLU K 162 -2.76 45.61 41.28
N LYS K 163 -1.50 45.99 41.43
CA LYS K 163 -0.61 46.15 40.28
C LYS K 163 -0.03 44.82 39.82
N GLU K 164 0.37 43.97 40.77
CA GLU K 164 0.92 42.63 40.46
C GLU K 164 -0.18 41.66 40.05
N ARG K 165 -1.37 41.81 40.62
CA ARG K 165 -2.51 41.01 40.21
C ARG K 165 -2.64 41.05 38.67
N ASP K 166 -2.62 42.26 38.11
CA ASP K 166 -2.67 42.45 36.66
C ASP K 166 -1.48 41.86 35.93
N VAL K 167 -0.34 41.80 36.61
CA VAL K 167 0.87 41.22 36.03
C VAL K 167 0.68 39.71 35.90
N ILE K 168 0.51 39.06 37.03
CA ILE K 168 0.40 37.60 37.07
C ILE K 168 -0.71 37.11 36.12
N LEU K 169 -1.87 37.75 36.18
CA LEU K 169 -2.96 37.37 35.26
C LEU K 169 -2.50 37.33 33.79
N GLN K 170 -1.63 38.25 33.41
CA GLN K 170 -1.06 38.24 32.06
C GLN K 170 0.11 37.28 31.95
N GLU K 171 0.82 37.09 33.05
CA GLU K 171 1.89 36.09 33.09
C GLU K 171 1.33 34.69 32.85
N LEU K 172 0.07 34.47 33.20
CA LEU K 172 -0.58 33.17 32.99
C LEU K 172 -1.06 32.95 31.55
N GLN K 173 -1.31 34.05 30.84
CA GLN K 173 -1.64 33.95 29.41
C GLN K 173 -0.42 33.62 28.58
N GLU K 174 0.75 34.05 29.05
CA GLU K 174 2.02 33.75 28.40
C GLU K 174 2.27 32.24 28.41
N ASN K 175 2.31 31.69 29.62
CA ASN K 175 2.43 30.24 29.82
C ASN K 175 1.48 29.47 28.92
N ASP K 176 0.24 29.93 28.85
CA ASP K 176 -0.80 29.31 28.00
C ASP K 176 -0.38 29.09 26.54
N THR K 177 0.64 29.79 26.08
CA THR K 177 1.28 29.47 24.81
C THR K 177 2.75 29.27 25.06
N SER K 178 3.07 28.20 25.79
CA SER K 178 4.45 27.76 26.01
C SER K 178 4.39 26.26 26.27
N MET K 179 4.11 25.53 25.20
CA MET K 179 3.58 24.16 25.30
C MET K 179 4.29 23.26 26.31
N ARG K 180 5.61 23.39 26.41
CA ARG K 180 6.38 22.62 27.37
C ARG K 180 5.84 22.78 28.81
N ASP K 181 5.71 24.03 29.24
CA ASP K 181 5.15 24.37 30.57
C ASP K 181 3.75 23.80 30.80
N VAL K 182 2.89 23.95 29.78
CA VAL K 182 1.51 23.47 29.81
C VAL K 182 1.47 21.95 29.95
N VAL K 183 2.20 21.25 29.07
CA VAL K 183 2.27 19.79 29.16
C VAL K 183 2.91 19.32 30.48
N PHE K 184 3.94 20.01 30.97
CA PHE K 184 4.52 19.65 32.28
C PHE K 184 3.52 19.84 33.43
N ASN K 185 2.92 21.03 33.50
CA ASN K 185 1.86 21.28 34.48
C ASN K 185 0.75 20.23 34.38
N TYR K 186 0.33 19.91 33.16
CA TYR K 186 -0.64 18.82 32.95
C TYR K 186 -0.14 17.51 33.55
N LEU K 187 1.10 17.16 33.21
CA LEU K 187 1.73 15.94 33.72
C LEU K 187 1.65 15.92 35.22
N HIS K 188 2.01 17.04 35.85
CA HIS K 188 1.87 17.16 37.30
C HIS K 188 0.41 16.92 37.75
N ALA K 189 -0.50 17.62 37.08
CA ALA K 189 -1.94 17.54 37.38
C ALA K 189 -2.45 16.10 37.38
N THR K 190 -2.28 15.42 36.26
CA THR K 190 -2.82 14.07 36.16
C THR K 190 -1.95 13.02 36.86
N ALA K 191 -0.66 13.29 37.05
CA ALA K 191 0.22 12.36 37.79
C ALA K 191 -0.05 12.42 39.30
N PHE K 192 -0.31 13.60 39.83
CA PHE K 192 -0.53 13.72 41.27
C PHE K 192 -1.95 14.15 41.60
N GLN K 193 -2.84 13.93 40.63
CA GLN K 193 -4.26 14.26 40.75
C GLN K 193 -4.85 14.08 42.16
N GLY K 194 -5.55 15.13 42.61
CA GLY K 194 -6.16 15.12 43.91
C GLY K 194 -5.19 15.35 45.04
N THR K 195 -3.91 15.65 44.75
CA THR K 195 -2.97 15.99 45.85
C THR K 195 -2.51 17.44 45.74
N PRO K 196 -1.67 17.90 46.71
CA PRO K 196 -1.02 19.20 46.59
C PRO K 196 -0.05 19.30 45.41
N LEU K 197 0.76 18.27 45.20
CA LEU K 197 1.75 18.29 44.11
C LEU K 197 1.15 18.57 42.74
N ALA K 198 -0.04 18.03 42.48
CA ALA K 198 -0.79 18.32 41.25
C ALA K 198 -0.97 19.81 41.00
N GLN K 199 -0.77 20.63 42.03
CA GLN K 199 -0.93 22.08 41.92
C GLN K 199 0.23 22.77 41.19
N SER K 200 -0.16 23.72 40.33
CA SER K 200 0.76 24.58 39.60
C SER K 200 1.31 25.65 40.52
N VAL K 201 2.55 26.05 40.26
CA VAL K 201 3.24 27.07 41.08
C VAL K 201 2.57 28.43 40.92
N GLU K 202 2.01 28.65 39.73
CA GLU K 202 1.38 29.93 39.39
C GLU K 202 -0.02 30.06 39.99
N GLY K 203 -0.73 28.94 40.07
CA GLY K 203 -2.04 28.89 40.71
C GLY K 203 -3.17 29.27 39.78
N PRO K 204 -4.38 28.72 40.04
CA PRO K 204 -5.57 28.95 39.22
C PRO K 204 -5.91 30.43 39.09
N SER K 205 -6.13 30.87 37.85
CA SER K 205 -6.40 32.29 37.54
C SER K 205 -7.43 32.94 38.46
N GLU K 206 -8.36 32.14 38.98
CA GLU K 206 -9.31 32.63 39.95
C GLU K 206 -8.58 33.17 41.17
N ASN K 207 -7.84 32.30 41.85
CA ASN K 207 -7.12 32.66 43.07
C ASN K 207 -6.30 33.94 42.95
N VAL K 208 -5.49 34.02 41.91
CA VAL K 208 -4.68 35.21 41.65
C VAL K 208 -5.53 36.48 41.72
N ARG K 209 -6.76 36.41 41.20
CA ARG K 209 -7.68 37.56 41.19
C ARG K 209 -8.48 37.76 42.50
N LYS K 210 -8.38 36.84 43.45
CA LYS K 210 -9.13 36.94 44.72
C LYS K 210 -8.28 36.77 45.99
N LEU K 211 -6.96 36.69 45.83
CA LEU K 211 -6.03 36.63 46.96
C LEU K 211 -5.86 38.01 47.56
N SER K 212 -6.16 38.15 48.85
CA SER K 212 -5.98 39.42 49.56
C SER K 212 -4.82 39.32 50.55
N ARG K 213 -4.25 40.49 50.87
CA ARG K 213 -3.14 40.60 51.81
C ARG K 213 -3.19 39.55 52.94
N ALA K 214 -4.36 39.45 53.58
CA ALA K 214 -4.60 38.52 54.69
C ALA K 214 -4.01 37.13 54.47
N ASP K 215 -4.28 36.59 53.29
CA ASP K 215 -3.79 35.28 52.91
C ASP K 215 -2.27 35.27 52.79
N LEU K 216 -1.75 36.30 52.12
CA LEU K 216 -0.31 36.39 51.79
C LEU K 216 0.54 36.53 53.04
N THR K 217 0.10 37.44 53.92
CA THR K 217 0.77 37.70 55.18
C THR K 217 0.77 36.45 56.04
N GLU K 218 -0.38 35.80 56.11
CA GLU K 218 -0.49 34.55 56.84
C GLU K 218 0.47 33.51 56.27
N TYR K 219 0.40 33.30 54.96
CA TYR K 219 1.36 32.43 54.27
C TYR K 219 2.77 32.76 54.75
N LEU K 220 3.19 34.01 54.51
CA LEU K 220 4.54 34.49 54.81
C LEU K 220 4.95 34.19 56.28
N SER K 221 4.14 34.66 57.22
CA SER K 221 4.46 34.47 58.64
C SER K 221 4.46 32.99 59.04
N ARG K 222 3.51 32.22 58.53
CA ARG K 222 3.41 30.80 58.87
C ARG K 222 4.48 29.91 58.22
N HIS K 223 4.99 30.32 57.05
CA HIS K 223 5.95 29.50 56.31
C HIS K 223 7.41 29.96 56.37
N TYR K 224 7.64 31.28 56.43
CA TYR K 224 9.03 31.78 56.48
C TYR K 224 9.62 31.71 57.89
N LYS K 225 9.87 30.48 58.33
CA LYS K 225 10.40 30.22 59.65
C LYS K 225 11.89 29.91 59.58
N ALA K 226 12.62 30.47 60.54
CA ALA K 226 14.09 30.39 60.57
C ALA K 226 14.69 28.97 60.59
N PRO K 227 14.02 27.99 61.22
CA PRO K 227 14.52 26.61 61.07
C PRO K 227 14.23 25.99 59.70
N ARG K 228 13.26 26.53 58.97
CA ARG K 228 12.91 26.01 57.65
C ARG K 228 13.52 26.88 56.54
N MET K 229 14.69 27.45 56.82
CA MET K 229 15.40 28.33 55.90
C MET K 229 16.91 28.08 55.95
N VAL K 230 17.58 28.48 54.88
CA VAL K 230 19.04 28.40 54.80
C VAL K 230 19.57 29.67 54.14
N LEU K 231 20.68 30.16 54.66
CA LEU K 231 21.40 31.28 54.06
C LEU K 231 22.67 30.73 53.41
N ALA K 232 22.70 30.66 52.08
CA ALA K 232 23.84 30.09 51.37
C ALA K 232 24.68 31.19 50.72
N ALA K 233 25.98 30.94 50.64
CA ALA K 233 26.89 31.86 49.98
C ALA K 233 28.11 31.14 49.41
N ALA K 234 28.57 31.60 48.25
CA ALA K 234 29.71 31.00 47.59
C ALA K 234 30.56 32.02 46.84
N GLY K 235 31.88 31.82 46.93
CA GLY K 235 32.84 32.69 46.26
C GLY K 235 33.92 33.22 47.21
N GLY K 236 34.36 34.47 46.99
CA GLY K 236 35.31 35.14 47.88
C GLY K 236 34.68 35.62 49.17
N LEU K 237 34.65 34.75 50.16
CA LEU K 237 34.23 35.10 51.52
C LEU K 237 34.59 33.99 52.51
N GLU K 238 34.94 34.37 53.74
CA GLU K 238 35.26 33.40 54.78
C GLU K 238 34.02 33.13 55.61
N HIS K 239 33.68 31.85 55.75
CA HIS K 239 32.43 31.41 56.37
C HIS K 239 31.98 32.34 57.51
N ARG K 240 32.82 32.47 58.54
CA ARG K 240 32.46 33.20 59.76
C ARG K 240 32.02 34.66 59.55
N GLN K 241 32.42 35.27 58.44
CA GLN K 241 31.94 36.61 58.08
C GLN K 241 30.43 36.62 57.85
N LEU K 242 29.96 35.58 57.17
CA LEU K 242 28.54 35.41 56.87
C LEU K 242 27.77 35.22 58.18
N LEU K 243 28.22 34.24 58.96
CA LEU K 243 27.59 33.86 60.23
C LEU K 243 27.26 35.07 61.12
N ASP K 244 28.24 35.95 61.30
CA ASP K 244 28.05 37.15 62.11
C ASP K 244 27.05 38.14 61.50
N LEU K 245 26.99 38.16 60.16
CA LEU K 245 25.99 38.96 59.44
C LEU K 245 24.57 38.36 59.58
N ALA K 246 24.50 37.02 59.61
CA ALA K 246 23.27 36.30 59.90
C ALA K 246 22.82 36.53 61.36
N GLN K 247 23.77 36.52 62.29
CA GLN K 247 23.49 36.91 63.68
C GLN K 247 23.13 38.39 63.78
N LYS K 248 23.66 39.19 62.86
CA LYS K 248 23.37 40.63 62.83
C LYS K 248 21.97 40.95 62.33
N HIS K 249 21.61 40.40 61.17
CA HIS K 249 20.35 40.78 60.51
C HIS K 249 19.26 39.70 60.55
N PHE K 250 19.67 38.45 60.62
CA PHE K 250 18.72 37.32 60.61
C PHE K 250 18.36 36.82 62.01
N SER K 251 19.21 37.06 63.00
CA SER K 251 18.81 36.80 64.40
C SER K 251 17.49 37.51 64.68
N GLY K 252 17.30 38.67 64.06
CA GLY K 252 16.06 39.44 64.17
C GLY K 252 14.84 38.86 63.47
N LEU K 253 15.00 37.73 62.79
CA LEU K 253 13.89 37.02 62.14
C LEU K 253 13.15 36.12 63.12
N SER K 254 11.86 35.89 62.84
CA SER K 254 11.07 34.89 63.57
C SER K 254 11.87 33.61 63.74
N GLY K 255 12.29 33.37 64.97
CA GLY K 255 13.36 32.40 65.26
C GLY K 255 12.94 31.02 65.72
N THR K 256 11.67 30.87 66.08
CA THR K 256 11.12 29.56 66.38
C THR K 256 9.73 29.50 65.79
N TYR K 257 9.00 28.43 66.10
CA TYR K 257 7.66 28.25 65.59
C TYR K 257 6.71 27.82 66.71
N ASP K 258 5.43 28.15 66.55
CA ASP K 258 4.41 27.72 67.50
C ASP K 258 4.07 26.24 67.25
N GLU K 259 3.30 25.65 68.17
CA GLU K 259 3.23 24.18 68.29
C GLU K 259 2.64 23.41 67.09
N ASP K 260 1.34 23.55 66.84
CA ASP K 260 0.69 22.81 65.74
C ASP K 260 0.19 23.71 64.61
N ALA K 261 0.92 24.79 64.34
CA ALA K 261 0.63 25.66 63.19
C ALA K 261 1.60 25.44 62.03
N VAL K 262 2.89 25.28 62.32
CA VAL K 262 3.89 24.97 61.27
C VAL K 262 3.67 23.53 60.78
N PRO K 263 3.18 23.39 59.53
CA PRO K 263 2.51 22.16 59.11
C PRO K 263 3.44 20.97 58.79
N THR K 264 2.82 19.84 58.44
CA THR K 264 3.55 18.62 58.03
C THR K 264 3.17 18.26 56.59
N LEU K 265 4.05 17.53 55.90
CA LEU K 265 3.81 17.18 54.48
C LEU K 265 3.20 15.80 54.28
N SER K 266 2.04 15.77 53.63
CA SER K 266 1.36 14.54 53.24
C SER K 266 2.01 13.95 52.00
N PRO K 267 2.38 12.66 52.03
CA PRO K 267 2.78 11.98 50.80
C PRO K 267 1.74 12.17 49.70
N CYS K 268 2.19 12.42 48.48
CA CYS K 268 1.28 12.64 47.36
C CYS K 268 1.15 11.38 46.51
N ARG K 269 -0.10 10.95 46.33
CA ARG K 269 -0.40 9.74 45.56
C ARG K 269 -0.23 9.95 44.06
N PHE K 270 0.69 9.16 43.51
CA PHE K 270 0.95 9.10 42.08
C PHE K 270 -0.08 8.20 41.44
N THR K 271 -0.73 8.72 40.41
CA THR K 271 -1.80 8.01 39.74
C THR K 271 -1.46 7.78 38.28
N GLY K 272 -1.40 6.50 37.88
CA GLY K 272 -1.28 6.13 36.48
C GLY K 272 -2.48 6.68 35.72
N SER K 273 -2.24 7.67 34.87
CA SER K 273 -3.31 8.30 34.11
C SER K 273 -2.83 9.10 32.91
N GLN K 274 -3.81 9.63 32.18
CA GLN K 274 -3.54 10.33 30.95
C GLN K 274 -4.36 11.62 30.84
N ILE K 275 -3.70 12.67 30.35
CA ILE K 275 -4.36 13.96 30.05
C ILE K 275 -3.99 14.40 28.62
N CYS K 276 -5.00 14.49 27.77
CA CYS K 276 -4.81 14.65 26.34
C CYS K 276 -5.50 15.87 25.79
N HIS K 277 -4.83 17.01 25.87
CA HIS K 277 -5.32 18.24 25.26
C HIS K 277 -5.10 18.22 23.75
N ARG K 278 -6.15 17.81 23.06
CA ARG K 278 -6.15 17.76 21.61
C ARG K 278 -6.42 19.14 21.05
N GLU K 279 -5.37 19.82 20.62
CA GLU K 279 -5.52 21.11 19.92
C GLU K 279 -4.80 21.05 18.58
N ASP K 280 -5.57 20.84 17.53
CA ASP K 280 -5.02 20.63 16.19
C ASP K 280 -4.41 21.90 15.59
N GLY K 281 -4.94 23.05 15.96
CA GLY K 281 -4.42 24.33 15.48
C GLY K 281 -2.95 24.58 15.76
N LEU K 282 -2.41 23.88 16.76
CA LEU K 282 -1.01 24.03 17.10
C LEU K 282 -0.11 23.25 16.14
N PRO K 283 0.99 23.88 15.71
CA PRO K 283 1.97 23.32 14.77
C PRO K 283 2.56 21.96 15.16
N LEU K 284 2.99 21.80 16.41
CA LEU K 284 3.60 20.54 16.85
C LEU K 284 2.96 19.96 18.06
N ALA K 285 3.10 18.64 18.18
CA ALA K 285 2.61 17.93 19.35
C ALA K 285 3.70 17.87 20.42
N HIS K 286 3.31 18.15 21.66
CA HIS K 286 4.15 17.99 22.83
C HIS K 286 3.64 16.80 23.63
N VAL K 287 4.55 15.94 24.08
CA VAL K 287 4.15 14.85 24.97
C VAL K 287 5.18 14.59 26.07
N ALA K 288 4.69 14.44 27.29
CA ALA K 288 5.51 14.07 28.43
C ALA K 288 4.95 12.79 29.06
N ILE K 289 5.82 11.80 29.24
CA ILE K 289 5.41 10.53 29.83
C ILE K 289 6.36 10.22 30.98
N ALA K 290 5.82 9.72 32.09
CA ALA K 290 6.69 9.42 33.23
C ALA K 290 6.11 8.46 34.25
N VAL K 291 6.98 7.62 34.82
CA VAL K 291 6.61 6.81 35.98
C VAL K 291 7.01 7.51 37.27
N GLU K 292 6.50 6.98 38.38
CA GLU K 292 6.81 7.52 39.69
C GLU K 292 8.31 7.41 40.01
N GLY K 293 8.93 8.58 40.19
CA GLY K 293 10.32 8.69 40.63
C GLY K 293 10.48 8.29 42.09
N PRO K 294 11.70 8.35 42.61
CA PRO K 294 11.97 7.90 43.96
C PRO K 294 11.89 9.00 45.03
N GLY K 295 12.26 10.22 44.66
CA GLY K 295 12.33 11.32 45.61
C GLY K 295 13.77 11.74 45.83
N TRP K 296 13.92 12.94 46.39
CA TRP K 296 15.24 13.50 46.72
C TRP K 296 16.00 12.46 47.53
N ALA K 297 15.22 11.74 48.34
CA ALA K 297 15.73 10.78 49.30
C ALA K 297 16.58 9.65 48.72
N HIS K 298 16.08 9.02 47.67
CA HIS K 298 16.51 7.66 47.37
C HIS K 298 17.88 7.60 46.70
N PRO K 299 18.72 6.65 47.12
CA PRO K 299 20.05 6.43 46.54
C PRO K 299 20.05 6.05 45.05
N ASP K 300 18.95 5.43 44.61
CA ASP K 300 18.75 5.04 43.21
C ASP K 300 18.93 6.23 42.25
N ASN K 301 18.55 7.43 42.70
CA ASN K 301 18.65 8.65 41.89
C ASN K 301 19.98 8.88 41.23
N VAL K 302 21.00 8.11 41.62
CA VAL K 302 22.27 8.11 40.93
C VAL K 302 22.13 7.22 39.68
N ALA K 303 21.93 5.94 39.90
CA ALA K 303 21.77 4.98 38.81
C ALA K 303 20.68 5.41 37.82
N LEU K 304 19.63 6.06 38.33
CA LEU K 304 18.56 6.61 37.49
C LEU K 304 19.05 7.76 36.61
N GLN K 305 19.90 8.61 37.16
CA GLN K 305 20.48 9.70 36.37
C GLN K 305 21.42 9.09 35.34
N VAL K 306 22.25 8.15 35.76
CA VAL K 306 23.18 7.44 34.85
C VAL K 306 22.39 6.80 33.71
N ALA K 307 21.25 6.20 34.05
CA ALA K 307 20.35 5.62 33.05
C ALA K 307 19.77 6.70 32.12
N ASN K 308 19.23 7.75 32.72
CA ASN K 308 18.74 8.89 31.94
C ASN K 308 19.76 9.41 30.96
N ALA K 309 21.02 9.42 31.39
CA ALA K 309 22.13 9.85 30.54
C ALA K 309 22.32 8.92 29.33
N ILE K 310 22.01 7.64 29.50
CA ILE K 310 22.20 6.66 28.44
C ILE K 310 21.21 6.88 27.31
N ILE K 311 19.95 7.10 27.67
CA ILE K 311 18.92 7.43 26.69
C ILE K 311 19.15 8.87 26.18
N GLY K 312 19.71 9.71 27.05
CA GLY K 312 20.20 11.04 26.67
C GLY K 312 19.12 12.05 26.36
N HIS K 313 19.37 12.85 25.33
CA HIS K 313 18.51 14.00 24.97
C HIS K 313 18.92 14.50 23.59
N TYR K 314 18.02 15.18 22.88
CA TYR K 314 18.32 15.57 21.51
C TYR K 314 17.39 16.65 21.01
N ASP K 315 17.90 17.49 20.10
CA ASP K 315 17.09 18.38 19.27
C ASP K 315 17.74 18.69 17.91
N CYS K 316 16.91 19.04 16.94
CA CYS K 316 17.34 19.13 15.52
C CYS K 316 18.61 19.96 15.18
N THR K 317 19.10 20.78 16.11
CA THR K 317 20.33 21.56 15.88
C THR K 317 21.59 20.87 16.40
N TYR K 318 21.44 19.66 16.96
CA TYR K 318 22.61 18.86 17.36
C TYR K 318 23.47 18.51 16.16
N GLY K 319 24.78 18.52 16.37
CA GLY K 319 25.73 18.15 15.33
C GLY K 319 25.75 16.65 15.11
N GLY K 320 25.58 15.90 16.20
CA GLY K 320 25.67 14.44 16.17
C GLY K 320 24.91 13.76 15.05
N GLY K 321 23.59 14.00 14.99
CA GLY K 321 22.75 13.37 13.96
C GLY K 321 22.72 11.85 14.06
N ALA K 322 23.03 11.17 12.96
CA ALA K 322 22.97 9.70 12.90
C ALA K 322 23.98 9.00 13.81
N HIS K 323 25.21 9.51 13.85
CA HIS K 323 26.28 8.83 14.58
C HIS K 323 26.15 8.97 16.11
N LEU K 324 25.04 9.59 16.56
CA LEU K 324 24.78 9.80 17.98
C LEU K 324 24.73 8.49 18.77
N SER K 325 25.20 8.58 20.00
CA SER K 325 25.39 7.40 20.86
C SER K 325 24.06 6.83 21.38
N SER K 326 23.13 7.71 21.71
CA SER K 326 21.80 7.26 22.14
C SER K 326 21.03 6.75 20.94
N PRO K 327 20.78 5.44 20.92
CA PRO K 327 20.00 4.86 19.85
C PRO K 327 18.78 5.71 19.56
N LEU K 328 18.04 6.10 20.60
CA LEU K 328 16.85 6.94 20.44
C LEU K 328 17.17 8.24 19.68
N ALA K 329 18.22 8.91 20.14
CA ALA K 329 18.65 10.14 19.48
C ALA K 329 18.97 9.89 18.02
N SER K 330 19.76 8.86 17.74
CA SER K 330 20.19 8.59 16.35
C SER K 330 19.01 8.20 15.44
N ILE K 331 18.11 7.37 15.97
CA ILE K 331 16.89 6.99 15.24
C ILE K 331 16.08 8.25 14.94
N ALA K 332 15.77 8.97 16.03
CA ALA K 332 15.00 10.21 15.94
C ALA K 332 15.59 11.13 14.89
N ALA K 333 16.92 11.24 14.90
CA ALA K 333 17.67 12.11 14.01
C ALA K 333 17.62 11.64 12.56
N THR K 334 17.99 10.39 12.32
CA THR K 334 17.99 9.86 10.96
C THR K 334 16.59 9.88 10.35
N ASN K 335 15.58 9.51 11.14
CA ASN K 335 14.22 9.43 10.62
C ASN K 335 13.41 10.71 10.82
N LYS K 336 14.06 11.72 11.42
CA LYS K 336 13.41 12.91 12.07
C LYS K 336 12.17 12.83 12.89
N LEU K 337 12.10 11.70 13.57
CA LEU K 337 10.91 11.33 14.29
C LEU K 337 10.38 12.50 15.12
N CYS K 338 11.29 13.30 15.67
CA CYS K 338 10.90 14.44 16.48
C CYS K 338 11.81 15.59 16.21
N GLN K 339 11.43 16.77 16.66
CA GLN K 339 12.35 17.89 16.51
C GLN K 339 13.14 18.16 17.83
N SER K 340 12.61 17.64 18.96
CA SER K 340 13.34 17.58 20.25
C SER K 340 12.77 16.55 21.25
N PHE K 341 13.64 15.88 22.00
CA PHE K 341 13.24 15.03 23.13
C PHE K 341 14.26 15.10 24.25
N GLN K 342 13.78 15.05 25.48
CA GLN K 342 14.65 15.03 26.66
C GLN K 342 14.08 14.15 27.76
N THR K 343 14.96 13.33 28.34
CA THR K 343 14.60 12.54 29.52
C THR K 343 14.71 13.43 30.75
N PHE K 344 13.92 13.11 31.78
CA PHE K 344 13.95 13.89 33.01
C PHE K 344 13.75 13.05 34.27
N ASN K 345 14.33 13.53 35.36
CA ASN K 345 14.05 13.00 36.68
C ASN K 345 13.72 14.15 37.62
N ILE K 346 12.47 14.58 37.58
CA ILE K 346 12.01 15.61 38.49
C ILE K 346 11.92 14.94 39.85
N CYS K 347 12.47 15.60 40.86
CA CYS K 347 12.46 15.03 42.20
C CYS K 347 11.68 15.90 43.19
N TYR K 348 10.96 15.22 44.09
CA TYR K 348 10.28 15.87 45.20
C TYR K 348 10.58 15.12 46.49
N ALA K 349 9.86 15.41 47.57
CA ALA K 349 10.18 14.87 48.89
C ALA K 349 10.27 13.34 48.91
N ASP K 350 9.12 12.70 48.76
CA ASP K 350 9.02 11.25 48.89
C ASP K 350 8.64 10.62 47.55
N THR K 351 8.55 11.44 46.51
CA THR K 351 8.17 10.98 45.17
C THR K 351 8.83 11.85 44.09
N GLY K 352 8.62 11.44 42.84
CA GLY K 352 9.18 12.18 41.71
C GLY K 352 8.52 11.83 40.40
N LEU K 353 9.02 12.45 39.34
CA LEU K 353 8.62 12.09 37.98
C LEU K 353 9.86 11.62 37.23
N LEU K 354 9.83 10.35 36.80
CA LEU K 354 10.93 9.79 36.05
C LEU K 354 10.42 9.36 34.68
N GLY K 355 10.82 10.10 33.64
CA GLY K 355 10.39 9.81 32.28
C GLY K 355 11.01 10.68 31.20
N ALA K 356 10.21 11.09 30.22
CA ALA K 356 10.71 11.84 29.09
C ALA K 356 9.66 12.73 28.45
N HIS K 357 10.14 13.73 27.70
CA HIS K 357 9.29 14.66 26.96
C HIS K 357 9.80 14.75 25.52
N PHE K 358 8.88 14.82 24.58
CA PHE K 358 9.25 15.10 23.19
C PHE K 358 8.25 16.00 22.48
N VAL K 359 8.78 16.70 21.48
CA VAL K 359 8.05 17.59 20.61
C VAL K 359 8.20 17.07 19.18
N CYS K 360 7.05 16.82 18.53
CA CYS K 360 7.10 16.23 17.19
C CYS K 360 5.90 16.48 16.28
N ASP K 361 6.09 16.03 15.06
CA ASP K 361 5.14 16.19 13.99
C ASP K 361 3.90 15.34 14.18
N HIS K 362 2.81 15.88 13.65
CA HIS K 362 1.46 15.37 13.76
C HIS K 362 1.34 13.85 13.43
N MET K 363 2.34 13.30 12.77
CA MET K 363 2.37 11.89 12.37
C MET K 363 3.48 11.00 12.95
N SER K 364 4.26 11.49 13.91
CA SER K 364 5.45 10.73 14.38
C SER K 364 5.37 10.21 15.83
N ILE K 365 4.28 10.58 16.49
CA ILE K 365 4.11 10.41 17.94
C ILE K 365 4.27 8.93 18.30
N ASP K 366 3.45 8.08 17.68
CA ASP K 366 3.48 6.64 17.91
C ASP K 366 4.90 6.10 17.84
N ASP K 367 5.58 6.42 16.75
CA ASP K 367 6.93 5.94 16.53
C ASP K 367 7.90 6.44 17.60
N MET K 368 7.91 7.76 17.82
CA MET K 368 8.75 8.31 18.89
C MET K 368 8.52 7.55 20.20
N MET K 369 7.25 7.49 20.60
CA MET K 369 6.84 6.76 21.79
C MET K 369 7.45 5.36 21.79
N PHE K 370 7.22 4.64 20.70
CA PHE K 370 7.66 3.25 20.55
C PHE K 370 9.17 3.09 20.74
N VAL K 371 9.93 3.92 20.02
CA VAL K 371 11.40 3.89 20.14
C VAL K 371 11.78 4.16 21.58
N LEU K 372 11.16 5.20 22.16
CA LEU K 372 11.42 5.59 23.55
C LEU K 372 11.19 4.45 24.53
N GLN K 373 9.96 3.96 24.60
CA GLN K 373 9.62 2.84 25.47
C GLN K 373 10.56 1.67 25.20
N GLY K 374 10.73 1.36 23.93
CA GLY K 374 11.75 0.40 23.48
C GLY K 374 13.08 0.55 24.21
N GLN K 375 13.57 1.78 24.32
CA GLN K 375 14.82 2.04 25.05
C GLN K 375 14.70 1.76 26.56
N TRP K 376 13.56 2.12 27.14
CA TRP K 376 13.31 1.87 28.56
C TRP K 376 13.37 0.37 28.82
N MET K 377 12.61 -0.40 28.03
CA MET K 377 12.59 -1.86 28.14
C MET K 377 13.98 -2.46 27.89
N ARG K 378 14.62 -2.06 26.78
CA ARG K 378 15.96 -2.57 26.46
C ARG K 378 16.97 -2.27 27.58
N LEU K 379 16.90 -1.09 28.16
CA LEU K 379 17.68 -0.80 29.37
C LEU K 379 17.33 -1.73 30.51
N CYS K 380 16.03 -1.81 30.81
CA CYS K 380 15.52 -2.66 31.89
C CYS K 380 16.06 -4.09 31.80
N THR K 381 15.91 -4.70 30.63
CA THR K 381 16.25 -6.11 30.47
C THR K 381 17.70 -6.35 30.10
N SER K 382 18.33 -5.43 29.38
CA SER K 382 19.67 -5.70 28.86
C SER K 382 20.52 -4.45 28.60
N ALA K 383 20.88 -3.74 29.65
CA ALA K 383 21.83 -2.63 29.54
C ALA K 383 23.25 -3.18 29.37
N THR K 384 23.90 -2.82 28.27
CA THR K 384 25.28 -3.24 28.00
C THR K 384 26.25 -2.52 28.92
N GLU K 385 27.40 -3.15 29.19
CA GLU K 385 28.31 -2.64 30.21
C GLU K 385 28.92 -1.29 29.84
N SER K 386 29.48 -1.19 28.65
CA SER K 386 30.14 0.05 28.23
C SER K 386 29.16 1.24 28.16
N GLU K 387 27.97 1.00 27.62
CA GLU K 387 26.97 2.07 27.48
C GLU K 387 26.53 2.66 28.84
N VAL K 388 26.70 1.89 29.90
CA VAL K 388 26.57 2.40 31.26
C VAL K 388 27.72 3.36 31.58
N LEU K 389 28.95 2.90 31.30
CA LEU K 389 30.15 3.71 31.50
C LEU K 389 30.06 5.03 30.71
N ARG K 390 29.42 4.99 29.54
CA ARG K 390 29.13 6.20 28.80
C ARG K 390 28.26 7.14 29.63
N GLY K 391 27.21 6.60 30.25
CA GLY K 391 26.34 7.40 31.12
C GLY K 391 27.10 7.98 32.31
N LYS K 392 27.72 7.09 33.06
CA LYS K 392 28.54 7.46 34.22
C LYS K 392 29.37 8.72 33.94
N ASN K 393 30.15 8.70 32.86
CA ASN K 393 31.00 9.84 32.46
C ASN K 393 30.22 11.09 32.05
N LEU K 394 29.10 10.88 31.35
CA LEU K 394 28.24 11.99 30.93
C LEU K 394 27.75 12.71 32.17
N LEU K 395 27.32 11.94 33.16
CA LEU K 395 26.86 12.48 34.43
C LEU K 395 28.01 13.14 35.21
N ARG K 396 29.13 12.42 35.31
CA ARG K 396 30.36 12.95 35.92
C ARG K 396 30.67 14.33 35.38
N ASN K 397 30.71 14.46 34.05
CA ASN K 397 30.87 15.76 33.39
C ASN K 397 29.76 16.73 33.76
N ALA K 398 28.52 16.26 33.68
CA ALA K 398 27.33 17.06 34.02
C ALA K 398 27.47 17.75 35.37
N LEU K 399 27.61 16.97 36.43
CA LEU K 399 27.67 17.59 37.75
C LEU K 399 28.79 18.63 37.82
N VAL K 400 30.00 18.25 37.41
CA VAL K 400 31.16 19.13 37.57
C VAL K 400 30.99 20.40 36.73
N SER K 401 30.77 20.26 35.42
CA SER K 401 30.61 21.46 34.59
C SER K 401 29.28 22.19 34.88
N HIS K 402 28.42 21.61 35.73
CA HIS K 402 27.29 22.36 36.32
C HIS K 402 27.71 23.29 37.48
N LEU K 403 28.64 22.85 38.33
CA LEU K 403 29.06 23.66 39.50
C LEU K 403 30.20 24.60 39.14
N ASP K 404 29.98 25.41 38.11
CA ASP K 404 31.01 26.30 37.58
C ASP K 404 30.47 27.74 37.60
N GLY K 405 31.04 28.52 38.50
CA GLY K 405 30.56 29.86 38.82
C GLY K 405 30.36 29.92 40.33
N THR K 406 29.60 30.90 40.78
CA THR K 406 29.15 30.93 42.17
C THR K 406 27.66 30.68 42.18
N THR K 407 26.94 31.39 41.32
CA THR K 407 25.50 31.21 41.13
C THR K 407 25.05 29.74 41.10
N PRO K 408 25.82 28.85 40.43
CA PRO K 408 25.53 27.41 40.59
C PRO K 408 25.68 26.94 42.04
N VAL K 409 26.90 27.09 42.57
CA VAL K 409 27.30 26.45 43.83
C VAL K 409 26.45 26.96 45.01
N CYS K 410 26.22 28.26 45.06
CA CYS K 410 25.31 28.85 46.05
C CYS K 410 23.94 28.19 45.97
N GLU K 411 23.47 27.94 44.74
CA GLU K 411 22.14 27.36 44.51
C GLU K 411 22.10 25.88 44.91
N ASP K 412 23.20 25.18 44.64
CA ASP K 412 23.39 23.84 45.17
C ASP K 412 23.28 23.90 46.69
N ILE K 413 24.22 24.61 47.33
CA ILE K 413 24.29 24.65 48.81
C ILE K 413 22.98 25.08 49.45
N GLY K 414 22.30 26.05 48.85
CA GLY K 414 20.99 26.49 49.32
C GLY K 414 19.95 25.40 49.32
N ARG K 415 20.02 24.51 48.32
CA ARG K 415 19.01 23.46 48.12
C ARG K 415 19.39 22.13 48.81
N SER K 416 20.68 21.77 48.69
CA SER K 416 21.28 20.62 49.35
C SER K 416 20.78 20.45 50.79
N LEU K 417 20.80 21.55 51.54
CA LEU K 417 20.35 21.58 52.93
C LEU K 417 18.83 21.47 53.08
N LEU K 418 18.10 22.05 52.14
CA LEU K 418 16.64 21.98 52.14
C LEU K 418 16.09 20.60 51.76
N THR K 419 16.91 19.78 51.07
CA THR K 419 16.48 18.43 50.68
C THR K 419 17.27 17.34 51.37
N TYR K 420 18.55 17.25 51.03
CA TYR K 420 19.41 16.19 51.56
C TYR K 420 19.71 16.40 53.05
N GLY K 421 19.63 17.64 53.51
CA GLY K 421 19.91 17.95 54.91
C GLY K 421 21.39 18.23 55.12
N ARG K 422 22.21 17.78 54.17
CA ARG K 422 23.61 18.20 54.05
C ARG K 422 23.87 18.70 52.65
N ARG K 423 25.06 19.23 52.41
CA ARG K 423 25.58 19.34 51.06
C ARG K 423 26.46 18.13 50.84
N ILE K 424 26.55 17.68 49.59
CA ILE K 424 27.25 16.45 49.29
C ILE K 424 28.50 16.68 48.43
N PRO K 425 29.62 16.08 48.85
CA PRO K 425 30.86 16.15 48.06
C PRO K 425 30.78 15.51 46.66
N LEU K 426 31.37 16.21 45.70
CA LEU K 426 31.58 15.68 44.35
C LEU K 426 32.33 14.37 44.42
N ALA K 427 33.27 14.27 45.37
CA ALA K 427 34.01 13.02 45.62
C ALA K 427 33.12 11.88 46.18
N GLU K 428 31.99 12.24 46.78
CA GLU K 428 31.00 11.28 47.25
C GLU K 428 30.09 10.88 46.09
N TRP K 429 29.52 11.90 45.41
CA TRP K 429 28.76 11.65 44.17
C TRP K 429 29.54 10.72 43.22
N GLU K 430 30.83 11.01 43.06
CA GLU K 430 31.76 10.17 42.29
C GLU K 430 31.76 8.71 42.80
N SER K 431 31.85 8.52 44.12
CA SER K 431 31.83 7.17 44.74
C SER K 431 30.53 6.47 44.39
N ARG K 432 29.44 7.21 44.55
CA ARG K 432 28.11 6.66 44.24
C ARG K 432 27.99 6.28 42.76
N ILE K 433 28.56 7.10 41.88
CA ILE K 433 28.54 6.82 40.44
C ILE K 433 29.42 5.61 40.07
N ALA K 434 30.65 5.60 40.58
CA ALA K 434 31.62 4.54 40.28
C ALA K 434 31.15 3.12 40.68
N GLU K 435 30.12 3.04 41.52
CA GLU K 435 29.51 1.77 41.90
C GLU K 435 28.42 1.31 40.93
N VAL K 436 27.86 2.24 40.16
CA VAL K 436 26.77 1.94 39.21
C VAL K 436 27.32 1.21 37.99
N ASP K 437 26.89 -0.04 37.81
CA ASP K 437 27.22 -0.84 36.63
C ASP K 437 25.97 -1.51 36.04
N ALA K 438 26.17 -2.22 34.93
CA ALA K 438 25.07 -2.81 34.17
C ALA K 438 24.00 -3.45 35.04
N ARG K 439 24.43 -4.34 35.93
CA ARG K 439 23.52 -5.06 36.82
C ARG K 439 22.64 -4.08 37.61
N VAL K 440 23.31 -3.07 38.18
CA VAL K 440 22.65 -2.01 38.97
C VAL K 440 21.70 -1.18 38.10
N VAL K 441 22.17 -0.70 36.95
CA VAL K 441 21.30 0.06 36.03
C VAL K 441 20.05 -0.76 35.68
N ARG K 442 20.26 -2.01 35.28
CA ARG K 442 19.14 -2.91 34.98
C ARG K 442 18.19 -3.02 36.17
N GLU K 443 18.71 -3.50 37.31
CA GLU K 443 17.88 -3.62 38.53
C GLU K 443 17.08 -2.35 38.81
N VAL K 444 17.77 -1.22 38.71
CA VAL K 444 17.21 0.09 39.05
C VAL K 444 16.15 0.60 38.07
N CYS K 445 16.41 0.48 36.77
CA CYS K 445 15.41 0.82 35.77
C CYS K 445 14.21 -0.14 35.89
N SER K 446 14.50 -1.45 35.86
CA SER K 446 13.49 -2.48 36.06
C SER K 446 12.65 -2.13 37.28
N LYS K 447 13.31 -1.63 38.31
CA LYS K 447 12.61 -1.18 39.53
C LYS K 447 11.48 -0.19 39.25
N TYR K 448 11.75 0.85 38.46
CA TYR K 448 10.77 1.92 38.34
C TYR K 448 9.94 1.90 37.05
N PHE K 449 10.39 1.17 36.05
CA PHE K 449 9.73 1.15 34.75
C PHE K 449 8.94 -0.14 34.54
N TYR K 450 9.66 -1.26 34.54
CA TYR K 450 9.09 -2.54 34.11
C TYR K 450 7.71 -2.82 34.73
N ASP K 451 6.73 -2.92 33.85
CA ASP K 451 5.33 -3.19 34.18
C ASP K 451 4.76 -2.17 35.16
N GLN K 452 5.09 -0.90 34.95
CA GLN K 452 4.51 0.17 35.74
C GLN K 452 3.55 1.00 34.91
N CYS K 453 2.45 1.40 35.55
CA CYS K 453 1.51 2.33 34.92
C CYS K 453 2.17 3.71 34.87
N PRO K 454 2.33 4.28 33.67
CA PRO K 454 2.90 5.62 33.59
C PRO K 454 1.84 6.71 33.52
N ALA K 455 2.29 7.93 33.81
CA ALA K 455 1.49 9.14 33.68
C ALA K 455 1.85 9.86 32.39
N VAL K 456 0.82 10.18 31.61
CA VAL K 456 0.98 10.68 30.25
C VAL K 456 0.23 11.99 30.03
N ALA K 457 1.00 13.02 29.65
CA ALA K 457 0.44 14.31 29.29
C ALA K 457 0.73 14.63 27.85
N GLY K 458 -0.31 14.89 27.07
CA GLY K 458 -0.16 15.20 25.65
C GLY K 458 -0.88 16.48 25.25
N PHE K 459 -0.17 17.39 24.60
CA PHE K 459 -0.75 18.66 24.17
C PHE K 459 -0.51 18.88 22.69
N GLY K 460 -1.59 19.17 21.96
CA GLY K 460 -1.50 19.58 20.56
C GLY K 460 -2.20 18.66 19.56
N PRO K 461 -1.63 18.49 18.34
CA PRO K 461 -2.18 17.61 17.31
C PRO K 461 -1.85 16.15 17.58
N ILE K 462 -2.48 15.64 18.62
CA ILE K 462 -2.08 14.37 19.22
C ILE K 462 -2.97 13.21 18.78
N GLU K 463 -3.69 13.37 17.68
CA GLU K 463 -4.58 12.30 17.23
C GLU K 463 -3.84 10.99 17.05
N GLN K 464 -2.54 11.05 16.81
CA GLN K 464 -1.77 9.83 16.66
C GLN K 464 -1.32 9.22 17.99
N LEU K 465 -1.15 10.07 19.01
CA LEU K 465 -0.71 9.61 20.33
C LEU K 465 -1.43 8.31 20.69
N PRO K 466 -0.67 7.23 20.89
CA PRO K 466 -1.20 5.90 21.21
C PRO K 466 -2.19 5.89 22.38
N ASP K 467 -3.07 4.90 22.36
CA ASP K 467 -4.04 4.68 23.43
C ASP K 467 -3.33 4.26 24.70
N TYR K 468 -3.85 4.68 25.85
CA TYR K 468 -3.21 4.36 27.13
C TYR K 468 -3.10 2.86 27.34
N ASN K 469 -4.14 2.10 27.02
CA ASN K 469 -4.04 0.65 27.06
C ASN K 469 -2.84 0.14 26.27
N ARG K 470 -2.54 0.80 25.15
CA ARG K 470 -1.41 0.40 24.33
C ARG K 470 -0.11 0.84 24.99
N ILE K 471 -0.05 2.10 25.38
CA ILE K 471 1.16 2.65 26.02
C ILE K 471 1.54 1.81 27.22
N ARG K 472 0.55 1.45 28.02
CA ARG K 472 0.75 0.58 29.17
C ARG K 472 1.44 -0.72 28.77
N SER K 473 1.02 -1.28 27.64
CA SER K 473 1.62 -2.50 27.13
C SER K 473 3.08 -2.30 26.70
N GLY K 474 3.47 -1.05 26.44
CA GLY K 474 4.85 -0.72 26.12
C GLY K 474 5.78 -0.81 27.31
N MET K 475 5.22 -1.10 28.49
CA MET K 475 6.01 -1.11 29.72
C MET K 475 6.42 -2.50 30.15
N PHE K 476 5.95 -3.55 29.47
CA PHE K 476 6.43 -4.90 29.77
C PHE K 476 7.19 -5.43 28.58
N TRP K 477 7.61 -6.69 28.67
CA TRP K 477 8.37 -7.34 27.59
C TRP K 477 7.60 -8.53 27.01
N LEU K 478 8.21 -9.19 26.05
CA LEU K 478 7.59 -10.35 25.41
C LEU K 478 6.51 -9.92 24.42
N LYS K 479 6.57 -9.12 24.07
CA LYS K 479 6.15 -8.55 22.80
C LYS K 479 6.53 -9.47 21.64
N PRO L 35 45.10 30.13 43.83
CA PRO L 35 45.22 30.86 42.55
C PRO L 35 46.56 30.65 41.84
N GLN L 36 46.50 30.35 40.54
CA GLN L 36 47.71 30.09 39.74
C GLN L 36 47.94 31.15 38.66
N ASP L 37 49.19 31.23 38.19
CA ASP L 37 49.57 32.14 37.12
C ASP L 37 49.03 31.65 35.78
N LEU L 38 48.17 32.44 35.14
CA LEU L 38 47.74 32.14 33.78
C LEU L 38 48.97 32.26 32.87
N GLU L 39 49.57 31.12 32.55
CA GLU L 39 50.81 31.12 31.76
C GLU L 39 50.60 31.64 30.35
N PHE L 40 51.70 31.89 29.67
CA PHE L 40 51.66 32.55 28.38
C PHE L 40 52.91 32.26 27.54
N THR L 41 52.69 31.86 26.28
CA THR L 41 53.80 31.71 25.31
C THR L 41 53.32 32.24 23.95
N ARG L 42 54.26 32.71 23.15
CA ARG L 42 53.94 33.16 21.80
C ARG L 42 54.96 32.59 20.81
N LEU L 43 54.66 31.40 20.29
CA LEU L 43 55.60 30.64 19.48
C LEU L 43 56.10 31.39 18.23
N PRO L 44 57.28 31.00 17.69
CA PRO L 44 57.96 31.58 16.53
C PRO L 44 57.07 32.19 15.44
N ASN L 45 55.99 31.50 15.06
CA ASN L 45 55.11 31.97 13.98
C ASN L 45 53.88 32.74 14.46
N GLY L 46 54.03 33.43 15.60
CA GLY L 46 52.98 34.32 16.10
C GLY L 46 51.76 33.66 16.73
N LEU L 47 51.85 32.36 16.97
CA LEU L 47 50.74 31.60 17.53
C LEU L 47 50.77 31.65 19.04
N VAL L 48 49.72 32.24 19.61
CA VAL L 48 49.61 32.42 21.05
C VAL L 48 49.20 31.12 21.71
N ILE L 49 49.81 30.85 22.86
CA ILE L 49 49.41 29.73 23.72
C ILE L 49 49.23 30.26 25.14
N ALA L 50 48.07 29.96 25.74
CA ALA L 50 47.80 30.32 27.14
C ALA L 50 47.22 29.12 27.91
N SER L 51 47.51 29.05 29.21
CA SER L 51 46.99 27.95 30.06
C SER L 51 46.88 28.31 31.53
N LEU L 52 45.66 28.32 32.07
CA LEU L 52 45.49 28.36 33.52
C LEU L 52 45.41 26.94 34.04
N GLU L 53 46.34 26.61 34.93
CA GLU L 53 46.30 25.32 35.63
C GLU L 53 45.60 25.53 36.97
N ASN L 54 44.27 25.55 36.94
CA ASN L 54 43.45 25.78 38.13
C ASN L 54 42.97 24.50 38.83
N TYR L 55 43.52 23.35 38.41
CA TYR L 55 43.28 22.05 39.07
C TYR L 55 41.81 21.69 39.27
N ALA L 56 40.94 22.10 38.35
CA ALA L 56 39.54 21.71 38.36
C ALA L 56 39.46 20.24 37.94
N PRO L 57 38.38 19.53 38.32
CA PRO L 57 38.17 18.21 37.71
C PRO L 57 37.87 18.35 36.21
N ALA L 58 37.28 19.51 35.87
CA ALA L 58 36.90 19.85 34.49
C ALA L 58 38.03 20.53 33.72
N SER L 59 38.22 20.07 32.49
CA SER L 59 39.22 20.63 31.57
C SER L 59 38.53 21.28 30.39
N ARG L 60 38.80 22.56 30.16
CA ARG L 60 38.22 23.27 29.03
C ARG L 60 39.30 23.82 28.10
N ILE L 61 39.29 23.39 26.83
CA ILE L 61 40.35 23.82 25.88
C ILE L 61 39.75 24.50 24.64
N GLY L 62 40.13 25.75 24.41
CA GLY L 62 39.64 26.50 23.25
C GLY L 62 40.74 26.78 22.22
N LEU L 63 40.38 26.71 20.94
CA LEU L 63 41.29 27.17 19.88
C LEU L 63 40.62 28.31 19.12
N PHE L 64 41.03 29.54 19.42
CA PHE L 64 40.41 30.74 18.86
C PHE L 64 41.10 31.13 17.56
N ILE L 65 40.30 31.27 16.51
CA ILE L 65 40.82 31.54 15.15
C ILE L 65 40.15 32.79 14.62
N LYS L 66 40.93 33.65 13.99
CA LYS L 66 40.38 34.81 13.30
C LYS L 66 39.73 34.40 12.00
N ALA L 67 38.50 33.91 12.08
CA ALA L 67 37.77 33.40 10.92
C ALA L 67 36.25 33.60 11.02
N GLY L 68 35.83 34.79 11.42
CA GLY L 68 34.41 35.13 11.51
C GLY L 68 33.83 35.57 10.18
N SER L 69 32.66 36.23 10.25
CA SER L 69 31.97 36.69 9.05
C SER L 69 32.79 37.72 8.25
N ARG L 70 33.50 38.57 8.98
CA ARG L 70 34.26 39.69 8.37
C ARG L 70 35.24 39.29 7.29
N TYR L 71 35.69 38.04 7.32
CA TYR L 71 36.66 37.55 6.35
C TYR L 71 36.00 36.81 5.19
N GLU L 72 34.66 36.78 5.19
CA GLU L 72 33.91 36.27 4.03
C GLU L 72 33.85 37.35 2.95
N ASN L 73 34.24 37.01 1.72
CA ASN L 73 34.15 37.94 0.60
C ASN L 73 32.73 38.03 0.04
N SER L 74 32.54 38.87 -0.97
CA SER L 74 31.21 39.08 -1.58
C SER L 74 30.68 37.86 -2.38
N ASN L 75 31.42 36.76 -2.37
CA ASN L 75 31.05 35.53 -3.08
C ASN L 75 30.86 34.33 -2.17
N ASN L 76 31.91 33.95 -1.44
CA ASN L 76 31.85 32.79 -0.53
C ASN L 76 31.13 33.09 0.80
N LEU L 77 29.93 33.67 0.68
CA LEU L 77 29.10 33.99 1.82
C LEU L 77 28.52 32.71 2.44
N GLY L 78 28.30 32.75 3.75
CA GLY L 78 27.76 31.59 4.47
C GLY L 78 28.77 30.49 4.78
N THR L 79 29.90 30.51 4.08
CA THR L 79 30.93 29.49 4.23
C THR L 79 31.37 29.35 5.69
N SER L 80 31.42 30.48 6.41
CA SER L 80 31.68 30.46 7.86
C SER L 80 30.56 29.74 8.59
N HIS L 81 29.33 30.13 8.29
CA HIS L 81 28.14 29.55 8.92
C HIS L 81 28.07 28.03 8.73
N LEU L 82 28.34 27.57 7.51
CA LEU L 82 28.42 26.13 7.25
C LEU L 82 29.62 25.52 7.97
N LEU L 83 30.78 26.17 7.88
CA LEU L 83 32.01 25.68 8.55
C LEU L 83 31.80 25.47 10.04
N ARG L 84 30.96 26.33 10.62
CA ARG L 84 30.53 26.24 12.01
C ARG L 84 29.74 24.96 12.29
N LEU L 85 28.84 24.60 11.37
CA LEU L 85 28.06 23.37 11.52
C LEU L 85 28.89 22.16 11.14
N ALA L 86 29.98 22.40 10.43
CA ALA L 86 30.74 21.36 9.75
C ALA L 86 31.70 20.57 10.65
N SER L 87 31.97 21.05 11.85
CA SER L 87 32.76 20.30 12.82
C SER L 87 32.16 18.90 13.00
N SER L 88 33.02 17.90 13.13
CA SER L 88 32.63 16.48 13.26
C SER L 88 32.25 15.79 11.95
N LEU L 89 32.41 16.48 10.81
CA LEU L 89 32.41 15.81 9.51
C LEU L 89 33.79 15.17 9.32
N THR L 90 33.80 14.01 8.66
CA THR L 90 34.99 13.16 8.58
C THR L 90 36.28 13.97 8.41
N THR L 91 37.23 13.75 9.31
CA THR L 91 38.54 14.42 9.25
C THR L 91 39.62 13.45 8.76
N LYS L 92 40.87 13.89 8.75
CA LYS L 92 41.96 13.07 8.24
C LYS L 92 42.19 11.83 9.09
N GLY L 93 42.31 12.04 10.41
CA GLY L 93 42.66 10.95 11.34
C GLY L 93 41.46 10.32 12.03
N ALA L 94 40.32 10.99 12.00
CA ALA L 94 39.12 10.48 12.64
C ALA L 94 37.89 10.64 11.74
N SER L 95 37.13 9.54 11.62
CA SER L 95 35.89 9.54 10.83
C SER L 95 34.76 10.20 11.59
N SER L 96 33.81 10.77 10.83
CA SER L 96 32.66 11.48 11.39
C SER L 96 32.06 10.70 12.56
N PHE L 97 32.02 9.38 12.40
CA PHE L 97 31.54 8.49 13.43
C PHE L 97 32.45 8.57 14.65
N LYS L 98 33.70 8.16 14.44
CA LYS L 98 34.72 8.17 15.46
C LYS L 98 34.68 9.45 16.28
N ILE L 99 34.56 10.59 15.59
CA ILE L 99 34.48 11.89 16.27
C ILE L 99 33.27 11.98 17.21
N THR L 100 32.08 11.67 16.69
CA THR L 100 30.84 11.82 17.46
C THR L 100 30.75 10.81 18.60
N ARG L 101 31.02 9.55 18.29
CA ARG L 101 30.96 8.48 19.31
C ARG L 101 32.11 8.54 20.32
N GLY L 102 33.29 8.94 19.86
CA GLY L 102 34.49 8.99 20.70
C GLY L 102 34.36 9.96 21.87
N ILE L 103 33.92 11.17 21.57
CA ILE L 103 33.72 12.23 22.58
C ILE L 103 32.63 11.80 23.57
N GLU L 104 31.45 11.48 23.04
CA GLU L 104 30.32 11.00 23.84
C GLU L 104 30.63 9.72 24.64
N ALA L 105 31.59 8.94 24.18
CA ALA L 105 32.07 7.78 24.93
C ALA L 105 32.67 8.20 26.27
N VAL L 106 33.25 9.41 26.33
CA VAL L 106 33.80 9.95 27.58
C VAL L 106 32.98 11.10 28.13
N GLY L 107 31.90 11.43 27.41
CA GLY L 107 30.99 12.48 27.81
C GLY L 107 31.59 13.86 27.66
N GLY L 108 32.47 14.01 26.66
CA GLY L 108 33.08 15.30 26.38
C GLY L 108 32.12 16.25 25.73
N LYS L 109 32.65 17.34 25.16
CA LYS L 109 31.85 18.29 24.41
C LYS L 109 32.69 19.04 23.40
N LEU L 110 32.18 19.13 22.18
CA LEU L 110 32.80 19.90 21.11
C LEU L 110 31.84 21.02 20.68
N SER L 111 32.20 22.26 21.02
CA SER L 111 31.38 23.44 20.68
C SER L 111 32.10 24.36 19.70
N VAL L 112 31.33 25.01 18.82
CA VAL L 112 31.86 25.99 17.88
C VAL L 112 31.16 27.32 18.11
N THR L 113 31.95 28.34 18.41
CA THR L 113 31.45 29.66 18.78
C THR L 113 31.93 30.77 17.85
N SER L 114 31.05 31.24 16.97
CA SER L 114 31.46 32.24 15.96
C SER L 114 31.04 33.66 16.29
N THR L 115 32.03 34.57 16.34
CA THR L 115 31.80 36.01 16.31
C THR L 115 31.74 36.45 14.85
N ARG L 116 31.40 37.71 14.63
CA ARG L 116 31.58 38.33 13.32
C ARG L 116 33.06 38.35 12.95
N GLU L 117 33.93 38.22 13.95
CA GLU L 117 35.39 38.23 13.77
C GLU L 117 36.06 36.90 14.12
N ASN L 118 35.67 36.28 15.22
CA ASN L 118 36.40 35.12 15.77
C ASN L 118 35.65 33.80 15.92
N MET L 119 36.20 32.75 15.32
CA MET L 119 35.67 31.40 15.49
C MET L 119 36.35 30.72 16.66
N ALA L 120 35.57 30.02 17.47
CA ALA L 120 36.09 29.45 18.70
C ALA L 120 35.65 28.00 18.89
N TYR L 121 36.55 27.09 18.53
CA TYR L 121 36.34 25.67 18.72
C TYR L 121 36.76 25.36 20.14
N THR L 122 35.76 25.08 20.98
CA THR L 122 36.00 24.86 22.41
C THR L 122 35.60 23.44 22.76
N VAL L 123 36.51 22.72 23.40
CA VAL L 123 36.22 21.38 23.88
C VAL L 123 36.18 21.33 25.41
N GLU L 124 35.31 20.45 25.90
CA GLU L 124 35.13 20.20 27.34
C GLU L 124 35.23 18.72 27.67
N CYS L 125 35.76 18.39 28.85
CA CYS L 125 35.78 17.00 29.36
C CYS L 125 36.42 16.91 30.75
N LEU L 126 36.50 15.70 31.27
CA LEU L 126 37.16 15.45 32.56
C LEU L 126 38.67 15.43 32.36
N ARG L 127 39.40 15.99 33.34
CA ARG L 127 40.84 16.24 33.17
C ARG L 127 41.70 15.01 32.82
N ASP L 128 41.10 13.83 32.81
CA ASP L 128 41.81 12.60 32.45
C ASP L 128 41.69 12.22 30.99
N ASP L 129 40.81 12.90 30.24
CA ASP L 129 40.57 12.56 28.83
C ASP L 129 41.05 13.66 27.89
N VAL L 130 41.76 14.60 28.50
CA VAL L 130 42.20 15.83 27.87
C VAL L 130 42.89 15.58 26.49
N ASP L 131 43.77 14.60 26.40
CA ASP L 131 44.51 14.33 25.14
C ASP L 131 43.66 13.86 23.95
N ILE L 132 42.58 13.11 24.22
CA ILE L 132 41.73 12.60 23.13
C ILE L 132 40.84 13.72 22.60
N LEU L 133 40.30 14.50 23.53
CA LEU L 133 39.56 15.72 23.18
C LEU L 133 40.47 16.72 22.45
N MET L 134 41.73 16.80 22.87
CA MET L 134 42.72 17.62 22.17
C MET L 134 42.84 17.10 20.75
N GLU L 135 43.25 15.83 20.65
CA GLU L 135 43.41 15.15 19.36
C GLU L 135 42.22 15.44 18.44
N PHE L 136 41.02 14.99 18.84
CA PHE L 136 39.82 15.21 18.02
C PHE L 136 39.66 16.67 17.59
N LEU L 137 40.06 17.60 18.46
CA LEU L 137 39.96 19.04 18.16
C LEU L 137 40.87 19.43 17.01
N LEU L 138 42.09 18.88 17.01
CA LEU L 138 43.10 19.29 16.04
C LEU L 138 42.84 18.72 14.64
N ASN L 139 42.16 17.58 14.58
CA ASN L 139 41.78 16.98 13.29
C ASN L 139 40.72 17.82 12.61
N VAL L 140 39.69 18.19 13.37
CA VAL L 140 38.62 19.11 12.93
C VAL L 140 39.15 20.45 12.40
N THR L 141 40.22 20.96 13.01
CA THR L 141 40.78 22.28 12.67
C THR L 141 41.87 22.22 11.60
N THR L 142 42.83 21.32 11.76
CA THR L 142 43.99 21.25 10.84
C THR L 142 43.82 20.23 9.72
N ALA L 143 42.95 19.23 9.90
CA ALA L 143 42.85 18.14 8.93
C ALA L 143 41.42 17.77 8.43
N PRO L 144 40.52 18.77 8.32
CA PRO L 144 39.19 18.43 7.81
C PRO L 144 39.20 18.11 6.30
N GLU L 145 38.47 17.06 5.92
CA GLU L 145 38.44 16.59 4.53
C GLU L 145 37.33 17.25 3.67
N PHE L 146 36.18 17.52 4.28
CA PHE L 146 35.03 18.10 3.58
C PHE L 146 34.65 17.31 2.33
N ARG L 147 34.21 16.07 2.52
CA ARG L 147 33.76 15.20 1.42
C ARG L 147 32.42 15.64 0.83
N ARG L 148 32.40 15.78 -0.50
CA ARG L 148 31.26 16.34 -1.25
C ARG L 148 29.91 15.77 -0.81
N TRP L 149 29.87 14.46 -0.56
CA TRP L 149 28.61 13.79 -0.19
C TRP L 149 28.19 14.07 1.26
N GLU L 150 29.15 14.35 2.13
CA GLU L 150 28.85 14.83 3.48
C GLU L 150 28.44 16.30 3.43
N VAL L 151 29.34 17.12 2.90
CA VAL L 151 29.13 18.56 2.76
C VAL L 151 27.80 18.89 2.08
N ALA L 152 27.46 18.17 1.01
CA ALA L 152 26.18 18.36 0.33
C ALA L 152 24.99 17.92 1.20
N ALA L 153 25.18 16.89 2.02
CA ALA L 153 24.09 16.36 2.85
C ALA L 153 23.88 17.20 4.11
N LEU L 154 24.92 17.92 4.53
CA LEU L 154 24.82 18.85 5.67
C LEU L 154 24.10 20.15 5.29
N GLN L 155 24.19 20.52 4.03
CA GLN L 155 23.66 21.81 3.53
C GLN L 155 22.34 22.23 4.19
N PRO L 156 21.25 21.46 4.00
CA PRO L 156 19.96 21.90 4.52
C PRO L 156 19.86 22.08 6.03
N GLN L 157 20.94 21.81 6.77
CA GLN L 157 21.03 22.22 8.17
C GLN L 157 21.01 23.76 8.27
N LEU L 158 21.73 24.43 7.36
CA LEU L 158 21.77 25.90 7.35
C LEU L 158 20.35 26.47 7.49
N ARG L 159 19.45 26.01 6.61
CA ARG L 159 18.03 26.35 6.65
C ARG L 159 17.43 26.22 8.05
N ILE L 160 17.70 25.10 8.71
CA ILE L 160 17.22 24.85 10.07
C ILE L 160 17.86 25.84 11.03
N ASP L 161 19.16 25.64 11.29
CA ASP L 161 19.91 26.45 12.26
C ASP L 161 19.67 27.94 12.10
N LYS L 162 19.43 28.38 10.87
CA LYS L 162 19.05 29.78 10.61
C LYS L 162 17.66 30.11 11.18
N ALA L 163 16.63 29.41 10.70
CA ALA L 163 15.26 29.71 11.13
C ALA L 163 15.07 29.47 12.64
N VAL L 164 15.88 28.57 13.19
CA VAL L 164 15.98 28.36 14.63
C VAL L 164 16.43 29.63 15.34
N ALA L 165 17.41 30.32 14.76
CA ALA L 165 18.00 31.52 15.36
C ALA L 165 17.16 32.75 15.10
N LEU L 166 16.54 32.81 13.93
CA LEU L 166 15.68 33.93 13.57
C LEU L 166 14.28 33.85 14.22
N GLN L 167 14.21 33.06 15.30
CA GLN L 167 13.06 33.08 16.20
C GLN L 167 13.11 34.39 16.97
N ASN L 168 14.30 34.72 17.46
CA ASN L 168 14.54 35.97 18.17
C ASN L 168 14.47 37.16 17.20
N PRO L 169 13.39 37.96 17.29
CA PRO L 169 13.25 39.08 16.37
C PRO L 169 14.48 39.98 16.38
N GLN L 170 15.27 39.88 17.44
CA GLN L 170 16.55 40.59 17.53
C GLN L 170 17.46 40.25 16.37
N ALA L 171 17.69 38.95 16.16
CA ALA L 171 18.60 38.48 15.12
C ALA L 171 18.42 39.22 13.79
N HIS L 172 17.18 39.28 13.28
CA HIS L 172 16.82 40.07 12.08
C HIS L 172 17.38 41.50 12.13
N VAL L 173 17.01 42.19 13.22
CA VAL L 173 17.35 43.60 13.46
C VAL L 173 18.87 43.81 13.49
N ILE L 174 19.56 42.96 14.24
CA ILE L 174 21.04 43.06 14.38
C ILE L 174 21.77 42.70 13.07
N GLU L 175 21.31 41.63 12.40
CA GLU L 175 21.85 41.26 11.07
C GLU L 175 21.67 42.40 10.10
N ASN L 176 20.45 42.96 10.06
CA ASN L 176 20.23 44.18 9.28
C ASN L 176 21.22 45.30 9.66
N LEU L 177 21.24 45.63 10.96
CA LEU L 177 21.99 46.80 11.48
C LEU L 177 23.40 46.88 10.95
N HIS L 178 24.10 45.76 11.00
CA HIS L 178 25.47 45.69 10.53
C HIS L 178 25.58 45.89 9.02
N ALA L 179 24.64 45.31 8.27
CA ALA L 179 24.63 45.42 6.80
C ALA L 179 24.23 46.83 6.35
N ALA L 180 23.46 47.53 7.18
CA ALA L 180 23.13 48.93 6.94
C ALA L 180 24.33 49.80 7.30
N ALA L 181 24.92 49.51 8.46
CA ALA L 181 26.02 50.31 9.01
C ALA L 181 27.30 50.20 8.18
N TYR L 182 27.78 48.98 7.98
CA TYR L 182 29.06 48.76 7.30
C TYR L 182 28.86 48.25 5.87
N ARG L 183 29.96 48.05 5.17
CA ARG L 183 29.95 47.74 3.74
C ARG L 183 30.60 46.45 3.34
N ASN L 184 31.78 46.23 3.87
CA ASN L 184 32.70 45.26 3.31
C ASN L 184 32.77 44.01 4.14
N ALA L 185 33.28 44.15 5.35
CA ALA L 185 33.65 43.01 6.18
C ALA L 185 32.55 42.72 7.18
N LEU L 186 32.27 43.69 8.04
CA LEU L 186 31.37 43.46 9.14
C LEU L 186 29.92 43.58 8.71
N ALA L 187 29.69 44.01 7.47
CA ALA L 187 28.37 43.98 6.86
C ALA L 187 27.83 42.55 6.71
N ASN L 188 28.73 41.58 6.82
CA ASN L 188 28.38 40.17 6.66
C ASN L 188 27.56 39.59 7.80
N SER L 189 26.52 38.85 7.42
CA SER L 189 25.65 38.15 8.36
C SER L 189 26.36 36.92 8.92
N LEU L 190 26.10 36.61 10.18
CA LEU L 190 26.66 35.44 10.82
C LEU L 190 26.01 34.17 10.28
N TYR L 191 24.75 34.30 9.88
CA TYR L 191 24.02 33.19 9.23
C TYR L 191 24.04 33.39 7.72
N CYS L 192 24.00 32.26 7.04
CA CYS L 192 24.11 32.21 5.59
C CYS L 192 22.92 32.94 4.99
N PRO L 193 23.16 33.65 3.88
CA PRO L 193 22.05 34.22 3.12
C PRO L 193 21.21 33.13 2.51
N ASP L 194 19.96 33.47 2.16
CA ASP L 194 19.02 32.48 1.62
C ASP L 194 19.54 31.88 0.32
N TYR L 195 19.78 32.73 -0.67
CA TYR L 195 20.22 32.29 -1.99
C TYR L 195 21.46 31.39 -1.94
N ARG L 196 22.29 31.58 -0.91
CA ARG L 196 23.51 30.78 -0.74
C ARG L 196 23.28 29.40 -0.08
N ILE L 197 22.14 29.19 0.61
CA ILE L 197 21.91 27.91 1.27
C ILE L 197 21.88 26.83 0.21
N GLY L 198 22.84 25.91 0.29
CA GLY L 198 22.99 24.83 -0.68
C GLY L 198 24.12 25.06 -1.66
N LYS L 199 24.46 26.32 -1.90
CA LYS L 199 25.43 26.67 -2.93
C LYS L 199 26.88 26.60 -2.46
N VAL L 200 27.09 26.34 -1.16
CA VAL L 200 28.43 26.35 -0.59
C VAL L 200 29.19 25.11 -1.04
N THR L 201 30.36 25.29 -1.66
CA THR L 201 31.14 24.17 -2.24
C THR L 201 32.23 23.66 -1.28
N PRO L 202 32.49 22.34 -1.29
CA PRO L 202 33.53 21.76 -0.44
C PRO L 202 34.92 22.38 -0.70
N VAL L 203 35.16 22.82 -1.93
CA VAL L 203 36.37 23.56 -2.26
C VAL L 203 36.44 24.89 -1.48
N GLU L 204 35.31 25.57 -1.34
CA GLU L 204 35.26 26.85 -0.60
C GLU L 204 35.64 26.68 0.87
N LEU L 205 35.34 25.51 1.42
CA LEU L 205 35.71 25.19 2.80
C LEU L 205 37.22 24.93 2.91
N HIS L 206 37.74 24.06 2.04
CA HIS L 206 39.19 23.85 1.90
C HIS L 206 39.89 25.21 1.83
N ASP L 207 39.40 26.05 0.90
CA ASP L 207 39.94 27.39 0.68
C ASP L 207 39.86 28.25 1.94
N TYR L 208 38.66 28.37 2.52
CA TYR L 208 38.45 29.21 3.70
C TYR L 208 39.36 28.78 4.85
N VAL L 209 39.30 27.48 5.17
CA VAL L 209 40.13 26.90 6.22
C VAL L 209 41.61 27.12 5.94
N GLN L 210 42.06 26.75 4.73
CA GLN L 210 43.46 26.92 4.35
C GLN L 210 43.94 28.38 4.45
N ASN L 211 43.07 29.30 4.03
CA ASN L 211 43.40 30.73 4.03
C ASN L 211 43.32 31.42 5.41
N HIS L 212 42.41 30.96 6.27
CA HIS L 212 42.17 31.64 7.57
C HIS L 212 42.60 30.90 8.84
N PHE L 213 42.78 29.58 8.74
CA PHE L 213 43.19 28.77 9.90
C PHE L 213 44.71 28.72 9.95
N THR L 214 45.33 29.85 10.26
CA THR L 214 46.77 29.99 10.21
C THR L 214 47.38 30.53 11.51
N SER L 215 48.64 30.18 11.74
CA SER L 215 49.38 30.50 12.97
C SER L 215 49.30 31.96 13.43
N ALA L 216 49.36 32.87 12.47
CA ALA L 216 49.29 34.32 12.75
C ALA L 216 47.87 34.81 13.09
N ARG L 217 46.90 33.90 13.09
CA ARG L 217 45.49 34.23 13.35
C ARG L 217 44.87 33.33 14.43
N MET L 218 45.72 32.56 15.13
CA MET L 218 45.25 31.52 16.07
C MET L 218 45.81 31.70 17.48
N ALA L 219 44.95 31.49 18.46
CA ALA L 219 45.32 31.46 19.86
C ALA L 219 44.81 30.18 20.50
N LEU L 220 45.72 29.39 21.06
CA LEU L 220 45.37 28.17 21.78
C LEU L 220 45.27 28.44 23.29
N ILE L 221 44.05 28.34 23.80
CA ILE L 221 43.75 28.63 25.20
C ILE L 221 43.39 27.35 25.96
N GLY L 222 44.00 27.19 27.14
CA GLY L 222 43.80 25.99 27.96
C GLY L 222 43.43 26.32 29.40
N LEU L 223 42.37 25.69 29.86
CA LEU L 223 41.91 25.84 31.23
C LEU L 223 41.82 24.48 31.89
N GLY L 224 42.57 24.29 32.97
CA GLY L 224 42.69 22.99 33.64
C GLY L 224 43.67 22.07 32.93
N VAL L 225 44.73 22.65 32.37
CA VAL L 225 45.78 21.89 31.68
C VAL L 225 47.12 22.61 31.79
N SER L 226 48.20 21.83 31.94
CA SER L 226 49.55 22.39 32.09
C SER L 226 50.08 22.92 30.76
N HIS L 227 50.97 23.91 30.85
CA HIS L 227 51.49 24.63 29.67
C HIS L 227 52.42 23.80 28.77
N PRO L 228 53.32 22.99 29.36
CA PRO L 228 54.23 22.15 28.59
C PRO L 228 53.55 21.35 27.47
N VAL L 229 52.50 20.61 27.83
CA VAL L 229 51.77 19.76 26.85
C VAL L 229 51.01 20.59 25.81
N LEU L 230 50.42 21.70 26.24
CA LEU L 230 49.76 22.63 25.31
C LEU L 230 50.75 23.22 24.31
N LYS L 231 51.97 23.46 24.78
CA LYS L 231 53.06 23.82 23.88
C LYS L 231 53.35 22.64 22.94
N GLN L 232 53.75 21.52 23.53
CA GLN L 232 54.13 20.29 22.82
C GLN L 232 53.15 19.92 21.69
N VAL L 233 51.86 20.02 22.00
CA VAL L 233 50.80 19.74 21.01
C VAL L 233 50.79 20.79 19.88
N ALA L 234 50.90 22.06 20.26
CA ALA L 234 50.83 23.16 19.28
C ALA L 234 52.06 23.21 18.37
N GLU L 235 53.23 22.93 18.93
CA GLU L 235 54.47 22.85 18.16
C GLU L 235 54.39 21.76 17.10
N GLN L 236 53.94 20.58 17.52
CA GLN L 236 53.94 19.39 16.66
C GLN L 236 52.76 19.33 15.68
N PHE L 237 51.54 19.56 16.17
CA PHE L 237 50.36 19.21 15.34
C PHE L 237 49.56 20.34 14.71
N LEU L 238 49.77 21.58 15.13
CA LEU L 238 49.01 22.68 14.55
C LEU L 238 49.93 23.67 13.78
N ASN L 239 51.22 23.32 13.65
CA ASN L 239 52.20 24.14 12.95
C ASN L 239 51.91 24.07 11.45
N ILE L 240 50.81 24.69 11.06
CA ILE L 240 50.39 24.73 9.67
C ILE L 240 50.76 26.11 9.11
N ARG L 241 51.05 26.16 7.81
CA ARG L 241 51.56 27.40 7.18
C ARG L 241 50.81 28.63 7.68
N GLY L 242 51.55 29.50 8.37
CA GLY L 242 50.98 30.53 9.22
C GLY L 242 50.81 31.90 8.61
N GLY L 243 50.99 31.99 7.30
CA GLY L 243 50.84 33.26 6.57
C GLY L 243 49.39 33.52 6.20
N LEU L 244 48.81 34.58 6.76
CA LEU L 244 47.42 34.93 6.48
C LEU L 244 47.10 34.81 4.99
N GLY L 245 46.26 33.81 4.67
CA GLY L 245 45.97 33.45 3.28
C GLY L 245 45.07 34.48 2.64
N LEU L 246 44.16 35.03 3.44
CA LEU L 246 43.44 36.26 3.12
C LEU L 246 43.61 37.18 4.32
N SER L 247 43.42 38.48 4.10
CA SER L 247 43.33 39.46 5.19
C SER L 247 41.97 40.12 5.15
N GLY L 248 41.51 40.60 6.31
CA GLY L 248 40.24 41.32 6.39
C GLY L 248 40.35 42.69 5.74
N ALA L 249 39.22 43.32 5.51
CA ALA L 249 39.21 44.69 5.02
C ALA L 249 39.38 45.63 6.20
N LYS L 250 39.40 46.92 5.93
CA LYS L 250 39.18 47.91 6.95
C LYS L 250 37.70 48.25 6.85
N ALA L 251 36.95 48.01 7.93
CA ALA L 251 35.49 48.14 7.89
C ALA L 251 35.08 49.58 7.58
N LYS L 252 34.81 49.81 6.29
CA LYS L 252 34.49 51.12 5.77
C LYS L 252 33.07 51.32 6.23
N TYR L 253 32.90 52.29 7.12
CA TYR L 253 31.59 52.61 7.66
C TYR L 253 30.82 53.39 6.63
N HIS L 254 29.58 52.97 6.43
CA HIS L 254 28.64 53.64 5.55
C HIS L 254 27.62 54.42 6.34
N GLY L 255 26.73 53.69 7.02
CA GLY L 255 25.59 54.25 7.71
C GLY L 255 24.34 54.19 6.86
N GLY L 256 23.18 54.16 7.51
CA GLY L 256 21.91 54.04 6.79
C GLY L 256 20.89 53.14 7.47
N GLU L 257 19.75 52.93 6.82
CA GLU L 257 18.60 52.28 7.45
C GLU L 257 18.04 51.10 6.66
N ILE L 258 17.75 50.00 7.36
CA ILE L 258 16.99 48.87 6.77
C ILE L 258 15.71 48.63 7.56
N ARG L 259 14.60 48.53 6.85
CA ARG L 259 13.30 48.41 7.48
C ARG L 259 12.47 47.27 6.87
N GLU L 260 12.29 46.20 7.65
CA GLU L 260 11.53 45.01 7.21
C GLU L 260 10.11 45.01 7.77
N GLN L 261 9.15 45.41 6.95
CA GLN L 261 7.74 45.40 7.34
C GLN L 261 7.21 43.95 7.41
N ASN L 262 6.88 43.47 8.62
CA ASN L 262 6.42 42.07 8.78
C ASN L 262 5.25 41.83 9.76
N GLY L 263 4.69 42.90 10.32
CA GLY L 263 3.45 42.81 11.11
C GLY L 263 3.44 41.91 12.33
N ASP L 264 4.49 42.01 13.16
CA ASP L 264 4.48 41.38 14.48
C ASP L 264 3.65 42.23 15.45
N SER L 265 3.26 41.67 16.58
CA SER L 265 2.54 42.41 17.61
C SER L 265 3.35 43.63 18.08
N LEU L 266 4.67 43.46 18.14
CA LEU L 266 5.59 44.53 18.55
C LEU L 266 6.41 45.06 17.38
N VAL L 267 7.22 46.09 17.67
CA VAL L 267 8.15 46.68 16.72
C VAL L 267 9.53 46.74 17.37
N HIS L 268 10.47 46.09 16.72
CA HIS L 268 11.87 46.13 17.15
C HIS L 268 12.62 47.09 16.23
N ALA L 269 13.42 47.99 16.82
CA ALA L 269 14.17 49.01 16.07
C ALA L 269 15.47 49.42 16.78
N ALA L 270 16.60 49.22 16.12
CA ALA L 270 17.90 49.59 16.67
C ALA L 270 18.48 50.79 15.92
N LEU L 271 18.93 51.79 16.70
CA LEU L 271 19.54 53.02 16.16
C LEU L 271 20.91 53.28 16.80
N VAL L 272 21.95 53.21 15.97
CA VAL L 272 23.34 53.35 16.41
C VAL L 272 24.15 54.30 15.54
N ALA L 273 25.39 54.53 15.96
CA ALA L 273 26.33 55.40 15.25
C ALA L 273 27.77 54.89 15.38
N GLU L 274 28.64 55.40 14.51
CA GLU L 274 30.05 55.04 14.50
C GLU L 274 30.69 55.25 15.87
N SER L 275 31.08 54.15 16.51
CA SER L 275 31.75 54.20 17.80
C SER L 275 33.27 54.02 17.61
N ALA L 276 33.96 53.62 18.68
CA ALA L 276 35.40 53.38 18.66
C ALA L 276 35.73 51.89 18.84
N ALA L 277 36.89 51.49 18.35
CA ALA L 277 37.34 50.09 18.42
C ALA L 277 37.75 49.67 19.83
N ILE L 278 37.76 48.36 20.06
CA ILE L 278 38.20 47.79 21.35
C ILE L 278 39.71 47.96 21.50
N GLY L 279 40.16 48.14 22.74
CA GLY L 279 41.60 48.32 23.01
C GLY L 279 41.97 49.77 23.19
N SER L 280 41.11 50.66 22.72
CA SER L 280 41.31 52.08 22.92
C SER L 280 40.53 52.49 24.16
N ALA L 281 41.15 53.33 24.99
CA ALA L 281 40.50 53.88 26.18
C ALA L 281 39.18 54.62 25.84
N GLU L 282 38.96 54.88 24.53
CA GLU L 282 37.70 55.49 24.07
C GLU L 282 36.55 54.50 24.02
N ALA L 283 36.86 53.21 23.97
CA ALA L 283 35.84 52.18 24.10
C ALA L 283 35.24 52.21 25.51
N ASN L 284 36.15 52.21 26.50
CA ASN L 284 35.79 52.33 27.93
C ASN L 284 34.72 53.40 28.17
N ALA L 285 34.92 54.58 27.58
CA ALA L 285 33.97 55.70 27.66
C ALA L 285 32.56 55.28 27.20
N PHE L 286 32.48 54.57 26.08
CA PHE L 286 31.20 54.07 25.59
C PHE L 286 30.66 52.99 26.52
N SER L 287 31.55 52.17 27.06
CA SER L 287 31.17 51.12 28.03
C SER L 287 30.55 51.69 29.30
N VAL L 288 31.09 52.82 29.77
CA VAL L 288 30.52 53.55 30.91
C VAL L 288 29.22 54.24 30.48
N LEU L 289 29.28 54.91 29.32
CA LEU L 289 28.12 55.62 28.74
C LEU L 289 26.90 54.72 28.60
N GLN L 290 27.15 53.45 28.27
CA GLN L 290 26.11 52.44 28.19
C GLN L 290 25.41 52.24 29.53
N HIS L 291 26.16 51.88 30.56
CA HIS L 291 25.60 51.60 31.87
C HIS L 291 24.94 52.82 32.51
N VAL L 292 25.34 54.03 32.08
CA VAL L 292 24.61 55.26 32.44
C VAL L 292 23.22 55.34 31.82
N LEU L 293 23.08 54.82 30.59
CA LEU L 293 21.82 54.94 29.86
C LEU L 293 20.94 53.73 30.16
N GLY L 294 21.40 52.55 29.74
CA GLY L 294 20.67 51.31 30.04
C GLY L 294 21.56 50.08 29.96
N ALA L 295 21.62 49.34 31.06
CA ALA L 295 22.38 48.10 31.11
C ALA L 295 21.49 46.91 30.78
N GLY L 296 20.33 46.85 31.44
CA GLY L 296 19.43 45.70 31.37
C GLY L 296 18.94 45.40 32.77
N PRO L 297 18.04 44.43 32.92
CA PRO L 297 17.64 44.02 34.27
C PRO L 297 18.80 43.60 35.19
N HIS L 298 18.80 44.19 36.38
CA HIS L 298 19.68 43.80 37.47
C HIS L 298 18.84 43.17 38.60
N VAL L 299 17.64 43.69 38.77
CA VAL L 299 16.66 43.17 39.74
C VAL L 299 15.46 42.59 38.98
N LYS L 300 15.15 41.34 39.30
CA LYS L 300 14.03 40.62 38.69
C LYS L 300 12.69 41.29 38.94
N ARG L 301 11.89 41.44 37.90
CA ARG L 301 10.57 42.05 37.97
C ARG L 301 10.58 43.58 38.17
N GLY L 302 11.78 44.15 38.31
CA GLY L 302 11.92 45.58 38.62
C GLY L 302 11.48 46.51 37.51
N SER L 303 11.27 47.78 37.88
CA SER L 303 10.88 48.81 36.91
C SER L 303 12.10 49.56 36.34
N ASN L 304 13.28 48.93 36.42
CA ASN L 304 14.54 49.47 35.93
C ASN L 304 14.81 50.91 36.43
N ALA L 305 14.55 51.12 37.73
CA ALA L 305 14.57 52.45 38.36
C ALA L 305 15.81 53.31 38.06
N THR L 306 16.99 52.68 38.08
CA THR L 306 18.23 53.41 37.83
C THR L 306 18.53 53.58 36.33
N SER L 307 17.87 52.81 35.47
CA SER L 307 18.14 52.86 34.03
C SER L 307 17.64 54.14 33.36
N SER L 308 18.61 54.99 32.99
CA SER L 308 18.36 56.32 32.41
C SER L 308 17.37 56.30 31.25
N LEU L 309 17.69 55.52 30.21
CA LEU L 309 16.85 55.41 29.00
C LEU L 309 15.44 54.95 29.32
N TYR L 310 15.34 53.79 29.97
CA TYR L 310 14.06 53.24 30.36
C TYR L 310 13.27 54.30 31.13
N GLN L 311 13.94 55.01 32.04
CA GLN L 311 13.27 56.03 32.84
C GLN L 311 12.85 57.26 32.04
N ALA L 312 13.64 57.65 31.05
CA ALA L 312 13.29 58.76 30.17
C ALA L 312 12.17 58.40 29.20
N VAL L 313 12.07 57.11 28.87
CA VAL L 313 10.93 56.64 28.09
C VAL L 313 9.83 56.07 29.00
N ALA L 314 10.00 56.27 30.31
CA ALA L 314 9.02 55.78 31.29
C ALA L 314 7.77 56.64 31.29
N LYS L 315 7.96 57.96 31.29
CA LYS L 315 6.85 58.90 31.30
C LYS L 315 6.40 59.24 29.89
N GLY L 316 5.19 59.80 29.77
CA GLY L 316 4.65 60.16 28.48
C GLY L 316 4.00 59.00 27.77
N VAL L 317 4.66 57.85 27.80
CA VAL L 317 4.14 56.65 27.16
C VAL L 317 3.72 55.60 28.19
N HIS L 318 2.43 55.44 28.37
CA HIS L 318 1.90 54.47 29.33
C HIS L 318 1.47 53.19 28.63
N GLU L 319 2.42 52.47 28.07
CA GLU L 319 2.15 51.22 27.37
C GLU L 319 3.39 50.34 27.28
N PRO L 320 3.23 49.07 27.63
CA PRO L 320 4.33 48.12 27.59
C PRO L 320 5.31 48.53 26.48
N PHE L 321 6.58 48.62 26.83
CA PHE L 321 7.63 49.02 25.90
C PHE L 321 8.93 48.51 26.46
N ASP L 322 10.00 48.60 25.68
CA ASP L 322 11.33 48.33 26.19
C ASP L 322 12.37 49.10 25.38
N VAL L 323 13.45 49.49 26.05
CA VAL L 323 14.55 50.18 25.39
C VAL L 323 15.83 49.90 26.15
N SER L 324 16.94 49.74 25.45
CA SER L 324 18.25 49.60 26.12
C SER L 324 19.45 50.03 25.27
N ALA L 325 20.58 50.21 25.93
CA ALA L 325 21.76 50.76 25.26
C ALA L 325 22.57 49.66 24.63
N PHE L 326 22.64 49.68 23.31
CA PHE L 326 23.40 48.69 22.54
C PHE L 326 24.81 49.20 22.25
N ASN L 327 25.81 48.36 22.50
CA ASN L 327 27.23 48.76 22.44
C ASN L 327 28.13 47.65 21.89
N ALA L 328 28.40 47.71 20.58
CA ALA L 328 29.27 46.74 19.90
C ALA L 328 30.68 47.31 19.71
N SER L 329 31.69 46.50 19.97
CA SER L 329 33.06 46.97 19.87
C SER L 329 34.01 45.89 19.37
N TYR L 330 34.46 46.04 18.13
CA TYR L 330 35.41 45.11 17.52
C TYR L 330 36.80 45.71 17.46
N SER L 331 37.77 44.90 17.03
CA SER L 331 39.14 45.37 16.86
C SER L 331 39.22 46.37 15.72
N ASP L 332 38.40 46.15 14.69
CA ASP L 332 38.43 47.00 13.50
C ASP L 332 37.58 48.27 13.64
N SER L 333 36.42 48.16 14.28
CA SER L 333 35.51 49.29 14.43
C SER L 333 34.56 49.08 15.61
N GLY L 334 33.44 49.80 15.63
CA GLY L 334 32.45 49.64 16.70
C GLY L 334 31.16 50.41 16.45
N LEU L 335 30.06 49.89 17.01
CA LEU L 335 28.73 50.54 16.94
C LEU L 335 28.24 50.93 18.34
N PHE L 336 27.58 52.09 18.46
CA PHE L 336 26.93 52.45 19.74
C PHE L 336 25.61 53.18 19.53
N GLY L 337 24.60 52.79 20.29
CA GLY L 337 23.31 53.48 20.29
C GLY L 337 22.27 52.84 21.19
N PHE L 338 21.02 52.78 20.71
CA PHE L 338 19.98 52.10 21.49
C PHE L 338 19.07 51.17 20.67
N TYR L 339 18.46 50.22 21.40
CA TYR L 339 17.53 49.25 20.85
C TYR L 339 16.18 49.45 21.53
N THR L 340 15.16 49.60 20.68
CA THR L 340 13.78 49.89 21.06
C THR L 340 12.88 48.72 20.69
N ILE L 341 12.22 48.14 21.67
CA ILE L 341 11.16 47.15 21.44
C ILE L 341 9.87 47.80 21.89
N SER L 342 9.21 48.50 20.97
CA SER L 342 8.07 49.32 21.36
C SER L 342 6.73 48.68 21.00
N GLN L 343 5.65 49.43 21.20
CA GLN L 343 4.32 49.03 20.73
C GLN L 343 4.19 49.21 19.22
N ALA L 344 2.98 48.96 18.71
CA ALA L 344 2.67 49.21 17.30
C ALA L 344 2.87 50.70 16.97
N ALA L 345 2.05 51.56 17.56
CA ALA L 345 2.09 53.00 17.27
C ALA L 345 3.05 53.80 18.16
N SER L 346 3.64 53.17 19.17
CA SER L 346 4.53 53.88 20.13
C SER L 346 5.96 54.11 19.65
N ALA L 347 6.33 53.47 18.54
CA ALA L 347 7.71 53.53 17.99
C ALA L 347 8.22 54.97 17.82
N GLY L 348 7.44 55.76 17.07
CA GLY L 348 7.71 57.19 16.89
C GLY L 348 8.05 57.89 18.18
N ASP L 349 7.29 57.60 19.22
CA ASP L 349 7.50 58.22 20.53
C ASP L 349 8.75 57.68 21.21
N VAL L 350 8.83 56.37 21.33
CA VAL L 350 9.92 55.71 22.07
C VAL L 350 11.29 56.06 21.46
N ILE L 351 11.40 55.93 20.14
CA ILE L 351 12.71 56.14 19.49
C ILE L 351 13.18 57.61 19.63
N LYS L 352 12.26 58.55 19.55
CA LYS L 352 12.57 59.97 19.79
C LYS L 352 12.90 60.29 21.24
N ALA L 353 11.97 59.92 22.13
CA ALA L 353 12.12 60.18 23.57
C ALA L 353 13.40 59.56 24.12
N ALA L 354 13.72 58.34 23.66
CA ALA L 354 14.99 57.72 24.04
C ALA L 354 16.18 58.52 23.53
N TYR L 355 16.01 59.14 22.36
CA TYR L 355 17.06 59.93 21.71
C TYR L 355 17.31 61.25 22.46
N ASN L 356 16.25 61.98 22.71
CA ASN L 356 16.36 63.23 23.49
C ASN L 356 17.14 63.05 24.78
N GLN L 357 16.86 61.94 25.46
CA GLN L 357 17.56 61.55 26.67
C GLN L 357 19.06 61.37 26.48
N VAL L 358 19.48 60.86 25.33
CA VAL L 358 20.91 60.73 25.05
C VAL L 358 21.45 62.11 24.70
N LYS L 359 20.72 62.84 23.86
CA LYS L 359 21.08 64.22 23.54
C LYS L 359 21.40 65.05 24.78
N THR L 360 20.44 65.11 25.71
CA THR L 360 20.66 65.85 26.97
C THR L 360 21.70 65.20 27.92
N ILE L 361 22.42 64.18 27.45
CA ILE L 361 23.66 63.72 28.09
C ILE L 361 24.87 64.25 27.31
N ALA L 362 24.75 64.28 25.98
CA ALA L 362 25.78 64.91 25.12
C ALA L 362 25.90 66.38 25.44
N GLN L 363 24.77 66.99 25.80
CA GLN L 363 24.76 68.37 26.31
C GLN L 363 25.39 68.49 27.71
N GLY L 364 25.53 67.38 28.43
CA GLY L 364 26.35 67.33 29.64
C GLY L 364 25.63 67.34 30.98
N ASN L 365 24.47 66.70 31.05
CA ASN L 365 23.72 66.57 32.32
C ASN L 365 23.98 65.21 32.99
N LEU L 366 25.12 65.14 33.69
CA LEU L 366 25.64 63.87 34.19
C LEU L 366 26.43 64.06 35.49
N SER L 367 25.78 63.81 36.63
CA SER L 367 26.43 63.94 37.93
C SER L 367 27.44 62.82 38.18
N ASN L 368 28.45 63.12 39.00
CA ASN L 368 29.52 62.18 39.33
C ASN L 368 29.03 60.85 39.90
N PRO L 369 27.99 60.88 40.76
CA PRO L 369 27.28 59.64 41.15
C PRO L 369 26.81 58.74 40.00
N ASP L 370 26.38 59.36 38.89
CA ASP L 370 25.89 58.60 37.73
C ASP L 370 27.03 57.88 37.01
N VAL L 371 28.18 58.55 36.93
CA VAL L 371 29.41 57.92 36.43
C VAL L 371 29.91 56.85 37.40
N GLN L 372 29.86 57.16 38.69
CA GLN L 372 30.34 56.25 39.75
C GLN L 372 29.44 55.00 39.94
N ALA L 373 28.15 55.12 39.60
CA ALA L 373 27.26 53.95 39.55
C ALA L 373 27.59 53.07 38.35
N ALA L 374 27.57 53.68 37.17
CA ALA L 374 27.92 53.01 35.91
C ALA L 374 29.28 52.31 35.97
N LYS L 375 30.29 53.00 36.52
CA LYS L 375 31.60 52.39 36.76
C LYS L 375 31.49 51.14 37.63
N ASN L 376 30.60 51.15 38.62
CA ASN L 376 30.37 49.97 39.46
C ASN L 376 29.65 48.85 38.70
N LYS L 377 28.59 49.22 37.98
CA LYS L 377 27.87 48.28 37.13
C LYS L 377 28.79 47.59 36.14
N LEU L 378 29.64 48.37 35.48
CA LEU L 378 30.62 47.82 34.53
C LEU L 378 31.72 47.02 35.25
N LYS L 379 32.27 47.59 36.33
CA LYS L 379 33.33 46.92 37.11
C LYS L 379 32.88 45.54 37.62
N ALA L 380 31.68 45.48 38.22
CA ALA L 380 31.13 44.19 38.67
C ALA L 380 30.76 43.32 37.47
N GLY L 381 29.93 43.89 36.60
CA GLY L 381 29.48 43.23 35.37
C GLY L 381 30.58 42.52 34.60
N TYR L 382 31.74 43.15 34.51
CA TYR L 382 32.93 42.51 33.96
C TYR L 382 33.35 41.32 34.82
N LEU L 383 33.69 41.59 36.07
CA LEU L 383 34.25 40.56 36.95
C LEU L 383 33.36 39.31 36.98
N MET L 384 32.04 39.53 36.94
CA MET L 384 31.08 38.42 36.91
C MET L 384 31.16 37.59 35.62
N SER L 385 31.29 38.27 34.48
CA SER L 385 31.26 37.59 33.18
C SER L 385 32.47 36.68 32.92
N VAL L 386 33.44 36.70 33.83
CA VAL L 386 34.59 35.81 33.78
C VAL L 386 34.63 34.88 35.01
N GLU L 387 33.52 34.86 35.74
CA GLU L 387 33.39 34.04 36.95
C GLU L 387 33.49 32.55 36.60
N SER L 388 32.55 32.09 35.75
CA SER L 388 32.53 30.69 35.29
C SER L 388 33.53 30.44 34.16
N SER L 389 34.25 29.33 34.28
CA SER L 389 35.27 28.93 33.32
C SER L 389 34.88 29.21 31.87
N GLU L 390 33.59 29.11 31.58
CA GLU L 390 33.06 29.30 30.22
C GLU L 390 33.31 30.70 29.64
N GLY L 391 33.14 31.73 30.47
CA GLY L 391 33.37 33.11 30.00
C GLY L 391 34.85 33.42 30.00
N PHE L 392 35.48 33.17 31.14
CA PHE L 392 36.92 33.24 31.34
C PHE L 392 37.72 32.83 30.10
N LEU L 393 37.48 31.61 29.63
CA LEU L 393 38.20 31.08 28.47
C LEU L 393 37.97 31.95 27.24
N ASP L 394 36.71 32.34 27.04
CA ASP L 394 36.34 33.15 25.89
C ASP L 394 37.03 34.52 25.96
N GLU L 395 37.21 35.04 27.18
CA GLU L 395 37.90 36.32 27.38
C GLU L 395 39.43 36.18 27.19
N VAL L 396 40.02 35.12 27.74
CA VAL L 396 41.46 34.86 27.55
C VAL L 396 41.75 34.68 26.06
N GLY L 397 40.93 33.88 25.38
CA GLY L 397 41.01 33.76 23.91
C GLY L 397 40.82 35.09 23.20
N SER L 398 39.75 35.78 23.57
CA SER L 398 39.43 37.12 23.05
C SER L 398 40.65 38.03 23.11
N GLN L 399 41.29 38.09 24.27
CA GLN L 399 42.49 38.91 24.46
C GLN L 399 43.67 38.39 23.65
N ALA L 400 43.90 37.08 23.73
CA ALA L 400 44.97 36.40 23.00
C ALA L 400 44.89 36.60 21.48
N LEU L 401 43.67 36.79 20.94
CA LEU L 401 43.52 37.14 19.49
C LEU L 401 43.44 38.65 19.21
N ALA L 402 42.46 39.31 19.80
CA ALA L 402 42.21 40.75 19.55
C ALA L 402 43.36 41.64 20.02
N ALA L 403 43.94 41.30 21.17
CA ALA L 403 45.20 41.93 21.61
C ALA L 403 46.22 40.80 21.69
N GLY L 404 47.40 41.07 22.24
CA GLY L 404 48.44 40.04 22.31
C GLY L 404 48.54 39.24 23.59
N SER L 405 48.27 39.87 24.74
CA SER L 405 48.52 39.26 26.06
C SER L 405 47.27 39.27 26.94
N TYR L 406 47.37 38.59 28.07
CA TYR L 406 46.32 38.60 29.09
C TYR L 406 46.49 39.83 29.98
N THR L 407 45.38 40.52 30.27
CA THR L 407 45.38 41.74 31.11
C THR L 407 44.48 41.57 32.36
N PRO L 408 45.04 41.06 33.48
CA PRO L 408 44.31 40.71 34.71
C PRO L 408 43.26 41.73 35.15
N PRO L 409 42.18 41.24 35.79
CA PRO L 409 40.97 42.04 36.06
C PRO L 409 41.30 43.42 36.60
N SER L 410 42.16 43.46 37.61
CA SER L 410 42.59 44.71 38.24
C SER L 410 42.95 45.81 37.24
N THR L 411 43.64 45.47 36.15
CA THR L 411 44.03 46.51 35.17
C THR L 411 42.81 47.04 34.42
N VAL L 412 41.84 46.15 34.15
CA VAL L 412 40.65 46.55 33.39
C VAL L 412 39.73 47.37 34.32
N LEU L 413 39.57 46.88 35.56
CA LEU L 413 38.85 47.60 36.61
C LEU L 413 39.48 48.97 36.86
N GLN L 414 40.80 49.04 36.75
CA GLN L 414 41.54 50.30 36.86
C GLN L 414 41.21 51.19 35.65
N GLN L 415 41.30 50.62 34.45
CA GLN L 415 40.95 51.32 33.21
C GLN L 415 39.53 51.86 33.19
N ILE L 416 38.62 51.17 33.85
CA ILE L 416 37.27 51.66 34.04
C ILE L 416 37.30 52.94 34.89
N ASP L 417 38.14 52.96 35.93
CA ASP L 417 38.27 54.15 36.79
C ASP L 417 39.07 55.27 36.14
N ALA L 418 39.94 54.92 35.21
CA ALA L 418 40.76 55.88 34.45
C ALA L 418 39.90 56.75 33.53
N VAL L 419 38.72 56.24 33.15
CA VAL L 419 37.78 56.98 32.28
C VAL L 419 37.15 58.18 32.98
N ALA L 420 37.44 59.37 32.46
CA ALA L 420 36.94 60.61 33.02
C ALA L 420 35.47 60.81 32.69
N ASP L 421 34.86 61.80 33.35
CA ASP L 421 33.47 62.19 33.09
C ASP L 421 33.37 62.99 31.77
N ALA L 422 34.51 63.49 31.30
CA ALA L 422 34.58 64.15 30.00
C ALA L 422 34.35 63.12 28.90
N ASP L 423 35.23 62.11 28.85
CA ASP L 423 35.19 61.03 27.83
C ASP L 423 33.78 60.46 27.57
N VAL L 424 32.99 60.40 28.64
CA VAL L 424 31.59 59.97 28.58
C VAL L 424 30.75 60.93 27.73
N ILE L 425 30.79 62.20 28.12
CA ILE L 425 30.01 63.23 27.46
C ILE L 425 30.54 63.47 26.04
N ASN L 426 31.83 63.23 25.82
CA ASN L 426 32.44 63.27 24.48
C ASN L 426 32.07 62.06 23.63
N ALA L 427 31.87 60.92 24.27
CA ALA L 427 31.31 59.75 23.59
C ALA L 427 29.85 60.02 23.19
N ALA L 428 29.08 60.56 24.15
CA ALA L 428 27.70 60.97 23.86
C ALA L 428 27.65 62.01 22.71
N LYS L 429 28.58 62.95 22.76
CA LYS L 429 28.74 63.94 21.68
C LYS L 429 29.08 63.26 20.37
N LYS L 430 30.04 62.32 20.41
CA LYS L 430 30.41 61.55 19.22
C LYS L 430 29.25 60.75 18.65
N PHE L 431 28.36 60.26 19.53
CA PHE L 431 27.11 59.65 19.06
C PHE L 431 26.20 60.70 18.45
N VAL L 432 25.73 61.66 19.24
CA VAL L 432 24.73 62.63 18.74
C VAL L 432 25.21 63.33 17.45
N SER L 433 26.53 63.55 17.33
CA SER L 433 27.09 64.14 16.11
C SER L 433 27.37 63.10 15.01
N GLY L 434 27.79 61.90 15.39
CA GLY L 434 28.26 60.87 14.46
C GLY L 434 27.26 60.31 13.45
N ARG L 435 27.79 59.63 12.43
CA ARG L 435 26.99 59.11 11.32
C ARG L 435 25.99 58.04 11.76
N LYS L 436 24.79 58.05 11.18
CA LYS L 436 23.65 57.27 11.70
C LYS L 436 23.31 55.95 10.97
N SER L 437 23.04 54.92 11.78
CA SER L 437 22.60 53.62 11.28
C SER L 437 21.34 53.18 12.01
N MET L 438 20.33 52.74 11.25
CA MET L 438 19.06 52.26 11.82
C MET L 438 18.56 50.96 11.17
N ALA L 439 18.15 50.00 12.02
CA ALA L 439 17.54 48.76 11.54
C ALA L 439 16.24 48.48 12.27
N ALA L 440 15.14 48.39 11.52
CA ALA L 440 13.82 48.19 12.11
C ALA L 440 13.04 47.03 11.48
N SER L 441 12.35 46.27 12.33
CA SER L 441 11.38 45.27 11.87
C SER L 441 10.18 45.12 12.81
N GLY L 442 9.04 44.81 12.19
CA GLY L 442 7.72 44.80 12.83
C GLY L 442 6.69 45.44 11.91
N ASN L 443 5.65 46.03 12.48
CA ASN L 443 4.77 46.93 11.71
C ASN L 443 5.30 48.35 11.86
N LEU L 444 5.81 48.89 10.77
CA LEU L 444 6.62 50.11 10.81
C LEU L 444 5.85 51.34 10.30
N GLY L 445 4.54 51.34 10.48
CA GLY L 445 3.68 52.44 10.04
C GLY L 445 3.87 53.71 10.85
N HIS L 446 4.17 53.57 12.14
CA HIS L 446 4.41 54.70 13.05
C HIS L 446 5.87 54.72 13.53
N THR L 447 6.77 54.21 12.69
CA THR L 447 8.20 54.16 12.99
C THR L 447 8.95 55.23 12.16
N PRO L 448 9.80 56.04 12.81
CA PRO L 448 10.50 57.12 12.11
C PRO L 448 11.74 56.68 11.33
N PHE L 449 12.12 57.52 10.36
CA PHE L 449 13.30 57.33 9.55
C PHE L 449 14.38 58.23 10.15
N ILE L 450 15.63 58.02 9.74
CA ILE L 450 16.76 58.78 10.31
C ILE L 450 16.58 60.29 10.12
N ASP L 451 16.01 60.70 8.99
CA ASP L 451 15.74 62.12 8.73
C ASP L 451 14.57 62.66 9.54
N GLU L 452 13.76 61.79 10.14
CA GLU L 452 12.61 62.23 10.96
C GLU L 452 12.91 62.35 12.48
N LEU L 453 14.18 62.33 12.86
CA LEU L 453 14.59 62.58 14.24
C LEU L 453 14.92 64.04 14.45
N LEU M 10 7.26 -7.83 6.59
CA LEU M 10 6.76 -6.68 5.72
C LEU M 10 5.28 -6.65 5.57
N MET M 11 4.72 -7.80 5.18
CA MET M 11 3.30 -7.88 4.90
C MET M 11 2.52 -8.27 6.15
N LYS M 12 3.22 -8.57 7.26
CA LYS M 12 2.58 -8.57 8.57
C LYS M 12 2.06 -7.17 8.88
N ILE M 13 2.79 -6.15 8.39
CA ILE M 13 2.30 -4.74 8.36
C ILE M 13 1.20 -4.58 7.28
N VAL M 14 0.58 -5.69 6.88
CA VAL M 14 -0.71 -5.66 6.21
C VAL M 14 -1.78 -5.68 7.30
N ASN M 15 -1.37 -5.97 8.54
CA ASN M 15 -2.26 -5.91 9.71
C ASN M 15 -2.23 -4.51 10.34
N ASN M 16 -2.55 -3.56 9.47
CA ASN M 16 -2.98 -2.24 9.81
C ASN M 16 -4.50 -2.23 9.82
N ALA M 17 -5.09 -3.18 9.11
CA ALA M 17 -6.55 -3.38 9.07
C ALA M 17 -7.02 -4.56 9.96
N PHE M 18 -6.18 -4.90 10.94
CA PHE M 18 -6.53 -5.84 12.01
C PHE M 18 -6.07 -5.39 13.39
N ILE M 19 -4.96 -4.64 13.47
CA ILE M 19 -4.38 -4.20 14.74
C ILE M 19 -4.58 -2.71 15.01
N ASP M 20 -3.95 -1.87 14.19
CA ASP M 20 -3.99 -0.41 14.39
C ASP M 20 -5.11 0.27 13.57
N LEU M 21 -5.97 -0.57 12.99
CA LEU M 21 -7.21 -0.14 12.38
C LEU M 21 -8.01 0.71 13.35
N PRO M 22 -8.29 1.95 12.94
CA PRO M 22 -9.15 2.85 13.69
C PRO M 22 -10.60 2.39 13.63
N ALA M 23 -11.15 2.05 14.80
CA ALA M 23 -12.50 1.55 14.91
C ALA M 23 -13.34 2.61 15.62
N PRO M 24 -14.66 2.58 15.42
CA PRO M 24 -15.51 3.46 16.22
C PRO M 24 -15.51 3.01 17.69
N SER M 25 -15.62 3.96 18.60
CA SER M 25 -15.64 3.67 20.04
C SER M 25 -16.98 3.06 20.50
N ASN M 26 -18.03 3.32 19.74
CA ASN M 26 -19.40 3.05 20.17
C ASN M 26 -20.14 1.95 19.42
N ILE M 27 -19.43 1.06 18.73
CA ILE M 27 -20.12 -0.05 18.05
C ILE M 27 -20.54 -1.11 19.06
N SER M 28 -21.83 -1.47 19.00
CA SER M 28 -22.45 -2.39 19.93
C SER M 28 -22.10 -3.84 19.58
N SER M 29 -22.67 -4.77 20.33
CA SER M 29 -22.46 -6.20 20.10
C SER M 29 -22.97 -6.67 18.74
N TRP M 30 -23.87 -5.90 18.13
CA TRP M 30 -24.37 -6.25 16.80
C TRP M 30 -23.27 -6.23 15.71
N TRP M 31 -22.16 -5.55 16.01
CA TRP M 31 -20.96 -5.58 15.15
C TRP M 31 -20.07 -6.81 15.41
N ASN M 32 -20.31 -7.47 16.53
CA ASN M 32 -19.60 -8.70 16.83
C ASN M 32 -19.84 -9.83 15.85
N PHE M 33 -20.86 -9.69 14.99
CA PHE M 33 -21.37 -10.82 14.20
C PHE M 33 -20.48 -11.26 13.03
N GLY M 34 -19.96 -10.32 12.25
CA GLY M 34 -18.99 -10.65 11.19
C GLY M 34 -17.81 -11.55 11.60
N SER M 35 -17.19 -11.19 12.71
CA SER M 35 -16.23 -12.07 13.38
C SER M 35 -16.79 -13.49 13.45
N LEU M 36 -17.98 -13.60 14.07
CA LEU M 36 -18.61 -14.89 14.38
C LEU M 36 -18.92 -15.66 13.11
N LEU M 37 -19.26 -14.94 12.04
CA LEU M 37 -19.44 -15.51 10.71
C LEU M 37 -18.15 -16.08 10.15
N GLY M 38 -17.04 -15.39 10.42
CA GLY M 38 -15.75 -15.94 10.09
C GLY M 38 -15.46 -17.20 10.86
N ILE M 39 -15.58 -17.10 12.19
CA ILE M 39 -15.45 -18.25 13.06
C ILE M 39 -16.26 -19.44 12.54
N CYS M 40 -17.51 -19.18 12.17
CA CYS M 40 -18.38 -20.18 11.55
C CYS M 40 -17.78 -20.76 10.28
N LEU M 41 -17.30 -19.89 9.39
CA LEU M 41 -16.72 -20.34 8.12
C LEU M 41 -15.53 -21.27 8.38
N ILE M 42 -14.62 -20.81 9.23
CA ILE M 42 -13.42 -21.57 9.58
C ILE M 42 -13.74 -22.91 10.30
N LEU M 43 -14.61 -22.84 11.30
CA LEU M 43 -15.08 -24.05 11.98
C LEU M 43 -15.71 -25.04 10.98
N GLN M 44 -16.65 -24.55 10.19
CA GLN M 44 -17.28 -25.33 9.14
C GLN M 44 -16.25 -25.97 8.23
N ILE M 45 -15.29 -25.18 7.75
CA ILE M 45 -14.26 -25.73 6.84
C ILE M 45 -13.46 -26.82 7.53
N LEU M 46 -12.96 -26.49 8.72
CA LEU M 46 -12.18 -27.42 9.53
C LEU M 46 -12.91 -28.75 9.81
N THR M 47 -14.15 -28.67 10.30
CA THR M 47 -14.96 -29.88 10.56
C THR M 47 -15.27 -30.64 9.26
N GLY M 48 -15.78 -29.89 8.29
CA GLY M 48 -16.05 -30.38 6.95
C GLY M 48 -14.90 -31.18 6.37
N LEU M 49 -13.67 -30.67 6.49
CA LEU M 49 -12.49 -31.42 6.01
C LEU M 49 -12.38 -32.80 6.68
N PHE M 50 -12.51 -32.82 8.00
CA PHE M 50 -12.38 -34.06 8.77
C PHE M 50 -13.54 -35.00 8.56
N LEU M 51 -14.69 -34.46 8.13
CA LEU M 51 -15.79 -35.30 7.66
C LEU M 51 -15.50 -35.89 6.27
N ALA M 52 -15.07 -35.03 5.36
CA ALA M 52 -14.67 -35.46 4.04
C ALA M 52 -13.51 -36.49 4.09
N MET M 53 -12.73 -36.47 5.17
CA MET M 53 -11.79 -37.56 5.41
C MET M 53 -12.40 -38.97 5.40
N HIS M 54 -13.69 -39.09 5.75
CA HIS M 54 -14.34 -40.41 5.88
C HIS M 54 -15.64 -40.59 5.09
N TYR M 55 -16.27 -39.48 4.70
CA TYR M 55 -17.47 -39.52 3.86
C TYR M 55 -17.21 -40.08 2.45
N THR M 56 -18.23 -40.69 1.84
CA THR M 56 -18.15 -41.18 0.45
C THR M 56 -19.39 -40.75 -0.34
N SER M 57 -19.19 -40.25 -1.55
CA SER M 57 -20.27 -39.62 -2.33
C SER M 57 -21.14 -40.57 -3.19
N ASP M 58 -20.89 -41.87 -3.08
CA ASP M 58 -21.60 -42.87 -3.87
C ASP M 58 -22.93 -43.26 -3.19
N THR M 59 -24.04 -43.21 -3.93
CA THR M 59 -25.37 -43.51 -3.35
C THR M 59 -25.41 -44.78 -2.51
N THR M 60 -24.69 -45.81 -2.96
CA THR M 60 -24.65 -47.09 -2.25
C THR M 60 -23.99 -47.01 -0.87
N THR M 61 -23.04 -46.08 -0.68
CA THR M 61 -22.28 -45.98 0.56
C THR M 61 -22.46 -44.67 1.31
N ALA M 62 -23.23 -43.75 0.75
CA ALA M 62 -23.30 -42.37 1.22
C ALA M 62 -23.88 -42.28 2.60
N PHE M 63 -24.94 -43.05 2.83
CA PHE M 63 -25.51 -43.16 4.14
C PHE M 63 -24.52 -43.89 5.04
N SER M 64 -24.25 -45.15 4.69
CA SER M 64 -23.39 -46.04 5.46
C SER M 64 -22.11 -45.37 5.95
N SER M 65 -21.64 -44.38 5.20
CA SER M 65 -20.44 -43.62 5.57
C SER M 65 -20.71 -42.80 6.81
N VAL M 66 -21.69 -41.91 6.71
CA VAL M 66 -22.02 -40.97 7.80
C VAL M 66 -22.15 -41.74 9.13
N THR M 67 -22.84 -42.87 9.06
CA THR M 67 -23.07 -43.73 10.23
C THR M 67 -21.77 -44.28 10.79
N HIS M 68 -20.89 -44.71 9.90
CA HIS M 68 -19.57 -45.18 10.28
C HIS M 68 -18.78 -44.03 10.94
N ILE M 69 -18.93 -42.82 10.40
CA ILE M 69 -18.38 -41.60 10.98
C ILE M 69 -18.88 -41.42 12.41
N CYS M 70 -20.20 -41.47 12.59
CA CYS M 70 -20.78 -41.30 13.93
C CYS M 70 -20.36 -42.40 14.91
N ARG M 71 -20.50 -43.65 14.51
CA ARG M 71 -20.40 -44.78 15.39
C ARG M 71 -18.94 -45.23 15.59
N ASP M 72 -18.21 -45.40 14.49
CA ASP M 72 -16.88 -46.01 14.56
C ASP M 72 -15.71 -45.04 14.43
N VAL M 73 -15.90 -43.95 13.69
CA VAL M 73 -14.83 -42.95 13.55
C VAL M 73 -14.64 -42.27 14.89
N ASN M 74 -13.40 -42.27 15.35
CA ASN M 74 -13.06 -41.69 16.66
C ASN M 74 -13.53 -40.25 16.79
N TYR M 75 -14.51 -40.04 17.68
CA TYR M 75 -15.13 -38.73 17.91
C TYR M 75 -15.87 -38.16 16.70
N GLY M 76 -16.03 -38.97 15.67
CA GLY M 76 -16.65 -38.55 14.42
C GLY M 76 -17.91 -37.77 14.66
N TRP M 77 -18.79 -38.37 15.47
CA TRP M 77 -20.07 -37.74 15.83
C TRP M 77 -19.92 -36.28 16.23
N ILE M 78 -18.92 -35.99 17.07
CA ILE M 78 -18.70 -34.61 17.53
C ILE M 78 -18.51 -33.72 16.33
N ILE M 79 -17.68 -34.19 15.40
CA ILE M 79 -17.31 -33.40 14.24
C ILE M 79 -18.55 -33.21 13.37
N ARG M 80 -19.25 -34.33 13.12
CA ARG M 80 -20.49 -34.31 12.35
C ARG M 80 -21.55 -33.36 12.87
N TYR M 81 -21.76 -33.40 14.18
CA TYR M 81 -22.77 -32.53 14.80
C TYR M 81 -22.29 -31.07 14.84
N MET M 82 -21.06 -30.85 15.31
CA MET M 82 -20.47 -29.51 15.25
C MET M 82 -20.64 -28.91 13.85
N HIS M 83 -20.41 -29.73 12.83
CA HIS M 83 -20.70 -29.32 11.46
C HIS M 83 -22.19 -28.94 11.26
N ALA M 84 -23.09 -29.85 11.64
CA ALA M 84 -24.51 -29.72 11.33
C ALA M 84 -25.20 -28.56 12.05
N ASN M 85 -24.84 -28.36 13.32
CA ASN M 85 -25.35 -27.24 14.09
C ASN M 85 -24.57 -25.97 13.77
N GLY M 86 -23.27 -26.13 13.54
CA GLY M 86 -22.43 -25.03 13.02
C GLY M 86 -23.13 -24.38 11.83
N ALA M 87 -23.61 -25.23 10.91
CA ALA M 87 -24.41 -24.76 9.77
C ALA M 87 -25.54 -23.83 10.20
N SER M 88 -26.25 -24.19 11.25
CA SER M 88 -27.33 -23.36 11.76
C SER M 88 -26.78 -22.06 12.35
N MET M 89 -25.80 -22.20 13.24
CA MET M 89 -25.18 -21.05 13.90
C MET M 89 -24.78 -19.96 12.91
N PHE M 90 -24.07 -20.39 11.88
CA PHE M 90 -23.68 -19.51 10.81
C PHE M 90 -24.91 -18.77 10.25
N PHE M 91 -25.98 -19.49 9.97
CA PHE M 91 -27.19 -18.88 9.41
C PHE M 91 -27.85 -17.90 10.37
N ILE M 92 -27.90 -18.24 11.66
CA ILE M 92 -28.35 -17.26 12.66
C ILE M 92 -27.47 -16.00 12.56
N CYS M 93 -26.18 -16.21 12.81
CA CYS M 93 -25.19 -15.15 12.69
C CYS M 93 -25.44 -14.32 11.44
N LEU M 94 -25.68 -15.00 10.32
CA LEU M 94 -25.99 -14.35 9.03
C LEU M 94 -27.19 -13.43 9.13
N TYR M 95 -28.31 -13.95 9.61
CA TYR M 95 -29.51 -13.13 9.66
C TYR M 95 -29.35 -11.97 10.63
N MET M 96 -28.73 -12.23 11.78
CA MET M 96 -28.39 -11.16 12.73
C MET M 96 -27.58 -10.07 12.03
N HIS M 97 -26.53 -10.53 11.34
CA HIS M 97 -25.59 -9.69 10.61
C HIS M 97 -26.26 -8.86 9.51
N VAL M 98 -27.21 -9.46 8.80
CA VAL M 98 -27.98 -8.74 7.77
C VAL M 98 -28.91 -7.72 8.42
N GLY M 99 -29.63 -8.18 9.44
CA GLY M 99 -30.50 -7.29 10.22
C GLY M 99 -29.77 -6.04 10.67
N ARG M 100 -28.66 -6.25 11.38
CA ARG M 100 -27.79 -5.14 11.79
C ARG M 100 -27.68 -4.08 10.69
N GLY M 101 -27.21 -4.52 9.52
CA GLY M 101 -27.02 -3.64 8.36
C GLY M 101 -28.27 -2.87 8.02
N LEU M 102 -29.39 -3.60 8.00
CA LEU M 102 -30.71 -3.05 7.68
C LEU M 102 -31.16 -1.99 8.68
N TYR M 103 -30.96 -2.26 9.97
CA TYR M 103 -31.33 -1.31 11.02
C TYR M 103 -30.42 -0.07 11.04
N TYR M 104 -29.10 -0.29 10.96
CA TYR M 104 -28.20 0.86 11.07
C TYR M 104 -27.87 1.50 9.73
N GLY M 105 -28.47 1.01 8.65
CA GLY M 105 -28.33 1.60 7.32
C GLY M 105 -27.01 1.25 6.64
N SER M 106 -26.28 0.30 7.21
CA SER M 106 -24.90 0.01 6.76
C SER M 106 -24.85 -0.30 5.26
N TYR M 107 -26.00 -0.70 4.72
CA TYR M 107 -26.18 -0.88 3.29
C TYR M 107 -25.83 0.34 2.43
N THR M 108 -25.47 1.47 3.06
CA THR M 108 -24.86 2.58 2.30
C THR M 108 -23.44 2.23 1.82
N PHE M 109 -22.79 1.26 2.44
CA PHE M 109 -21.52 0.73 1.90
C PHE M 109 -21.78 -0.25 0.75
N LEU M 110 -22.35 0.33 -0.31
CA LEU M 110 -22.92 -0.40 -1.42
C LEU M 110 -22.17 -1.66 -1.82
N GLU M 111 -20.88 -1.52 -2.13
CA GLU M 111 -20.10 -2.67 -2.55
C GLU M 111 -20.09 -3.72 -1.46
N THR M 112 -19.67 -3.31 -0.27
CA THR M 112 -19.59 -4.21 0.87
C THR M 112 -20.93 -4.95 0.98
N TRP M 113 -22.00 -4.18 0.98
CA TRP M 113 -23.36 -4.70 1.05
C TRP M 113 -23.69 -5.73 -0.02
N ASN M 114 -23.43 -5.38 -1.28
CA ASN M 114 -23.74 -6.26 -2.42
C ASN M 114 -22.90 -7.55 -2.43
N ILE M 115 -21.60 -7.38 -2.16
CA ILE M 115 -20.72 -8.52 -1.93
C ILE M 115 -21.31 -9.39 -0.80
N GLY M 116 -21.85 -8.75 0.24
CA GLY M 116 -22.63 -9.47 1.26
C GLY M 116 -23.80 -10.27 0.68
N VAL M 117 -24.70 -9.56 0.01
CA VAL M 117 -25.83 -10.18 -0.68
C VAL M 117 -25.34 -11.42 -1.42
N ILE M 118 -24.23 -11.29 -2.14
CA ILE M 118 -23.58 -12.43 -2.79
C ILE M 118 -23.24 -13.54 -1.76
N LEU M 119 -22.37 -13.19 -0.82
CA LEU M 119 -21.95 -14.12 0.24
C LEU M 119 -23.11 -14.96 0.74
N LEU M 120 -24.20 -14.27 1.08
CA LEU M 120 -25.39 -14.94 1.59
C LEU M 120 -25.88 -16.04 0.65
N LEU M 121 -26.08 -15.66 -0.61
CA LEU M 121 -26.51 -16.59 -1.65
C LEU M 121 -25.55 -17.77 -1.75
N THR M 122 -24.24 -17.49 -1.73
CA THR M 122 -23.25 -18.58 -1.74
C THR M 122 -23.38 -19.53 -0.57
N VAL M 123 -23.49 -18.95 0.62
CA VAL M 123 -23.64 -19.79 1.79
C VAL M 123 -24.90 -20.64 1.72
N MET M 124 -26.01 -19.99 1.39
CA MET M 124 -27.26 -20.73 1.15
C MET M 124 -27.01 -21.91 0.20
N ALA M 125 -26.49 -21.56 -0.97
CA ALA M 125 -26.14 -22.55 -1.97
C ALA M 125 -25.36 -23.72 -1.36
N THR M 126 -24.26 -23.41 -0.69
CA THR M 126 -23.44 -24.43 -0.02
C THR M 126 -24.29 -25.30 0.92
N ALA M 127 -24.85 -24.65 1.93
CA ALA M 127 -25.62 -25.33 2.96
C ALA M 127 -26.72 -26.22 2.38
N PHE M 128 -27.32 -25.79 1.28
CA PHE M 128 -28.29 -26.64 0.60
C PHE M 128 -27.69 -27.96 0.13
N MET M 129 -26.56 -27.87 -0.58
CA MET M 129 -25.91 -29.06 -1.13
C MET M 129 -25.45 -29.93 0.02
N GLY M 130 -24.82 -29.30 1.01
CA GLY M 130 -24.38 -30.00 2.22
C GLY M 130 -25.43 -30.95 2.75
N TYR M 131 -26.67 -30.49 2.79
CA TYR M 131 -27.78 -31.28 3.34
C TYR M 131 -28.15 -32.51 2.53
N VAL M 132 -27.79 -32.55 1.24
CA VAL M 132 -28.11 -33.71 0.40
C VAL M 132 -27.15 -34.88 0.67
N LEU M 133 -25.90 -34.49 0.96
CA LEU M 133 -24.77 -35.42 1.12
C LEU M 133 -25.01 -36.73 1.91
N PRO M 134 -25.76 -36.66 3.03
CA PRO M 134 -25.98 -37.92 3.77
C PRO M 134 -26.96 -38.92 3.12
N TRP M 135 -27.68 -38.47 2.09
CA TRP M 135 -28.59 -39.34 1.31
C TRP M 135 -29.76 -39.94 2.10
N GLY M 136 -30.30 -39.13 3.00
CA GLY M 136 -31.51 -39.45 3.72
C GLY M 136 -32.78 -39.02 3.00
N GLN M 137 -33.91 -39.51 3.50
CA GLN M 137 -35.20 -39.15 2.92
C GLN M 137 -35.33 -37.65 2.63
N MET M 138 -35.11 -36.82 3.64
CA MET M 138 -35.21 -35.37 3.43
C MET M 138 -34.10 -34.85 2.53
N SER M 139 -32.93 -35.50 2.58
CA SER M 139 -31.79 -35.12 1.74
C SER M 139 -32.16 -35.24 0.27
N PHE M 140 -32.77 -36.38 -0.07
CA PHE M 140 -33.23 -36.63 -1.44
C PHE M 140 -34.36 -35.69 -1.82
N TRP M 141 -35.50 -35.88 -1.18
CA TRP M 141 -36.73 -35.20 -1.58
C TRP M 141 -36.62 -33.69 -1.44
N GLY M 142 -35.76 -33.25 -0.51
CA GLY M 142 -35.38 -31.83 -0.42
C GLY M 142 -34.78 -31.34 -1.73
N ALA M 143 -33.76 -32.07 -2.20
CA ALA M 143 -33.12 -31.75 -3.48
C ALA M 143 -34.11 -31.85 -4.64
N THR M 144 -34.85 -32.96 -4.71
CA THR M 144 -35.83 -33.13 -5.82
C THR M 144 -36.85 -31.99 -5.84
N VAL M 145 -37.47 -31.69 -4.71
CA VAL M 145 -38.48 -30.62 -4.63
C VAL M 145 -37.85 -29.24 -4.90
N ILE M 146 -36.72 -28.96 -4.24
CA ILE M 146 -36.08 -27.65 -4.37
C ILE M 146 -35.52 -27.40 -5.77
N THR M 147 -34.65 -28.27 -6.27
CA THR M 147 -34.02 -28.09 -7.60
C THR M 147 -35.06 -27.93 -8.70
N ASN M 148 -36.02 -28.86 -8.71
CA ASN M 148 -37.06 -28.94 -9.74
C ASN M 148 -37.68 -27.59 -10.09
N LEU M 149 -37.75 -26.71 -9.10
CA LEU M 149 -38.22 -25.33 -9.27
C LEU M 149 -37.64 -24.64 -10.50
N LEU M 150 -36.36 -24.87 -10.80
CA LEU M 150 -35.75 -24.27 -11.98
C LEU M 150 -36.56 -24.57 -13.25
N SER M 151 -37.13 -25.77 -13.33
CA SER M 151 -37.98 -26.15 -14.49
C SER M 151 -39.30 -25.35 -14.56
N ALA M 152 -39.41 -24.29 -13.75
CA ALA M 152 -40.46 -23.29 -13.94
C ALA M 152 -39.99 -22.22 -14.93
N ILE M 153 -38.68 -21.99 -14.99
CA ILE M 153 -38.08 -21.08 -15.98
C ILE M 153 -38.52 -21.55 -17.38
N PRO M 154 -39.03 -20.62 -18.20
CA PRO M 154 -39.64 -21.04 -19.46
C PRO M 154 -38.64 -21.60 -20.48
N TYR M 155 -39.10 -22.58 -21.26
CA TYR M 155 -38.33 -23.22 -22.34
C TYR M 155 -37.18 -24.09 -21.86
N ILE M 156 -36.21 -23.45 -21.22
CA ILE M 156 -34.88 -24.04 -20.99
C ILE M 156 -34.84 -24.70 -19.62
N GLY M 157 -35.56 -24.13 -18.66
CA GLY M 157 -35.53 -24.62 -17.28
C GLY M 157 -35.58 -26.12 -17.16
N THR M 158 -36.55 -26.71 -17.84
CA THR M 158 -36.76 -28.16 -17.82
C THR M 158 -35.49 -28.93 -18.21
N ASN M 159 -34.75 -28.43 -19.19
CA ASN M 159 -33.45 -29.00 -19.56
C ASN M 159 -32.40 -28.66 -18.49
N LEU M 160 -32.34 -27.38 -18.13
CA LEU M 160 -31.40 -26.84 -17.13
C LEU M 160 -31.35 -27.71 -15.88
N VAL M 161 -32.53 -28.04 -15.36
CA VAL M 161 -32.69 -28.97 -14.23
C VAL M 161 -32.03 -30.33 -14.47
N GLU M 162 -32.24 -30.91 -15.66
CA GLU M 162 -31.66 -32.21 -15.98
C GLU M 162 -30.14 -32.11 -16.21
N TRP M 163 -29.67 -30.93 -16.62
CA TRP M 163 -28.23 -30.64 -16.73
C TRP M 163 -27.58 -30.51 -15.35
N ILE M 164 -28.28 -29.82 -14.46
CA ILE M 164 -27.93 -29.81 -13.04
C ILE M 164 -27.85 -31.26 -12.52
N TRP M 165 -28.97 -31.98 -12.56
CA TRP M 165 -29.01 -33.34 -12.02
C TRP M 165 -28.02 -34.30 -12.67
N GLY M 166 -27.81 -34.17 -13.98
CA GLY M 166 -27.03 -35.14 -14.74
C GLY M 166 -27.82 -36.43 -14.90
N GLY M 167 -29.08 -36.26 -15.33
CA GLY M 167 -29.99 -37.38 -15.51
C GLY M 167 -31.47 -36.97 -15.51
N PHE M 168 -32.33 -37.92 -15.18
CA PHE M 168 -33.78 -37.69 -15.16
C PHE M 168 -34.35 -37.55 -13.75
N SER M 169 -33.53 -37.82 -12.74
CA SER M 169 -33.91 -37.59 -11.35
C SER M 169 -32.68 -37.23 -10.53
N VAL M 170 -32.92 -36.72 -9.32
CA VAL M 170 -31.84 -36.51 -8.36
C VAL M 170 -31.23 -37.87 -8.07
N ASP M 171 -29.98 -38.07 -8.48
CA ASP M 171 -29.39 -39.40 -8.43
C ASP M 171 -27.92 -39.37 -7.99
N LYS M 172 -27.30 -40.55 -8.02
CA LYS M 172 -25.89 -40.72 -7.70
C LYS M 172 -25.02 -39.78 -8.54
N ALA M 173 -25.43 -39.58 -9.78
CA ALA M 173 -24.81 -38.57 -10.65
C ALA M 173 -24.76 -37.20 -9.98
N THR M 174 -25.89 -36.79 -9.40
CA THR M 174 -26.01 -35.53 -8.65
C THR M 174 -25.19 -35.57 -7.36
N LEU M 175 -25.52 -36.53 -6.51
CA LEU M 175 -24.89 -36.63 -5.18
C LEU M 175 -23.37 -36.48 -5.21
N THR M 176 -22.73 -37.06 -6.22
CA THR M 176 -21.26 -36.98 -6.36
C THR M 176 -20.78 -35.56 -6.71
N ARG M 177 -21.51 -34.87 -7.59
CA ARG M 177 -21.13 -33.49 -7.96
C ARG M 177 -21.45 -32.51 -6.84
N PHE M 178 -22.61 -32.70 -6.22
CA PHE M 178 -23.02 -31.90 -5.06
C PHE M 178 -21.96 -31.86 -3.97
N PHE M 179 -21.36 -33.01 -3.69
CA PHE M 179 -20.21 -33.08 -2.79
C PHE M 179 -19.00 -32.28 -3.31
N ALA M 180 -18.75 -32.38 -4.61
CA ALA M 180 -17.62 -31.69 -5.24
C ALA M 180 -17.76 -30.20 -5.10
N PHE M 181 -18.96 -29.69 -5.40
CA PHE M 181 -19.29 -28.28 -5.21
C PHE M 181 -19.28 -27.88 -3.74
N HIS M 182 -20.01 -28.63 -2.92
CA HIS M 182 -20.03 -28.40 -1.49
C HIS M 182 -18.64 -28.35 -0.86
N PHE M 183 -17.71 -29.14 -1.37
CA PHE M 183 -16.32 -29.04 -0.92
C PHE M 183 -15.72 -27.70 -1.35
N ILE M 184 -15.94 -27.28 -2.60
CA ILE M 184 -15.24 -26.09 -3.14
C ILE M 184 -15.81 -24.75 -2.64
N LEU M 185 -17.13 -24.59 -2.74
CA LEU M 185 -17.77 -23.29 -2.51
C LEU M 185 -17.24 -22.52 -1.32
N PRO M 186 -17.15 -23.14 -0.12
CA PRO M 186 -16.63 -22.49 1.07
C PRO M 186 -15.38 -21.64 0.84
N PHE M 187 -14.55 -22.08 -0.10
CA PHE M 187 -13.32 -21.38 -0.39
C PHE M 187 -13.61 -20.14 -1.20
N ILE M 188 -14.42 -20.31 -2.23
CA ILE M 188 -14.91 -19.19 -3.01
C ILE M 188 -15.52 -18.14 -2.05
N ILE M 189 -16.34 -18.62 -1.12
CA ILE M 189 -16.93 -17.80 -0.08
C ILE M 189 -15.87 -17.02 0.70
N MET M 190 -14.80 -17.70 1.10
CA MET M 190 -13.78 -17.06 1.94
C MET M 190 -12.93 -16.07 1.15
N ALA M 191 -12.81 -16.34 -0.14
CA ALA M 191 -12.16 -15.41 -1.03
C ALA M 191 -13.05 -14.19 -1.06
N ILE M 192 -14.30 -14.39 -1.44
CA ILE M 192 -15.26 -13.29 -1.52
C ILE M 192 -15.18 -12.49 -0.23
N ALA M 193 -15.15 -13.19 0.90
CA ALA M 193 -15.07 -12.58 2.23
C ALA M 193 -13.94 -11.57 2.34
N MET M 194 -12.79 -11.92 1.78
CA MET M 194 -11.66 -11.00 1.73
C MET M 194 -11.94 -9.74 0.89
N VAL M 195 -12.72 -9.89 -0.17
CA VAL M 195 -13.17 -8.74 -0.95
C VAL M 195 -14.10 -7.88 -0.09
N HIS M 196 -15.06 -8.57 0.50
CA HIS M 196 -16.05 -8.00 1.37
C HIS M 196 -15.41 -7.16 2.47
N LEU M 197 -14.35 -7.69 3.07
CA LEU M 197 -13.57 -6.89 4.01
C LEU M 197 -12.84 -5.75 3.30
N LEU M 198 -12.17 -6.07 2.20
CA LEU M 198 -11.36 -5.09 1.44
C LEU M 198 -12.18 -3.81 1.19
N PHE M 199 -13.40 -3.99 0.70
CA PHE M 199 -14.26 -2.85 0.46
C PHE M 199 -14.77 -2.07 1.68
N LEU M 200 -14.94 -2.78 2.79
CA LEU M 200 -15.30 -2.13 4.03
C LEU M 200 -14.10 -1.33 4.52
N HIS M 201 -12.89 -1.90 4.41
CA HIS M 201 -11.71 -1.19 4.98
C HIS M 201 -11.25 0.02 4.19
N GLU M 202 -11.92 0.27 3.08
CA GLU M 202 -11.90 1.58 2.45
C GLU M 202 -12.57 2.65 3.28
N THR M 203 -13.63 2.26 3.97
CA THR M 203 -14.53 3.17 4.67
C THR M 203 -14.48 3.06 6.20
N GLY M 204 -14.02 1.92 6.72
CA GLY M 204 -14.11 1.63 8.16
C GLY M 204 -15.55 1.38 8.55
N SER M 205 -15.77 0.89 9.77
CA SER M 205 -17.14 0.46 10.17
C SER M 205 -18.13 1.60 10.45
N ASN M 206 -19.40 1.30 10.20
CA ASN M 206 -20.52 2.17 10.61
C ASN M 206 -20.61 2.17 12.14
N ASN M 207 -21.52 2.95 12.70
CA ASN M 207 -21.80 2.86 14.13
C ASN M 207 -23.27 3.12 14.48
N PRO M 208 -23.72 2.63 15.65
CA PRO M 208 -25.15 2.68 15.99
C PRO M 208 -25.85 4.01 15.74
N THR M 209 -25.17 5.13 15.96
CA THR M 209 -25.78 6.44 15.82
C THR M 209 -26.03 6.79 14.37
N GLY M 210 -25.18 6.29 13.48
CA GLY M 210 -25.22 6.69 12.08
C GLY M 210 -24.57 8.05 11.86
N ILE M 211 -23.73 8.46 12.82
CA ILE M 211 -22.99 9.72 12.74
C ILE M 211 -21.48 9.48 12.65
N SER M 212 -20.86 10.03 11.60
CA SER M 212 -19.43 9.83 11.32
C SER M 212 -18.53 9.91 12.57
N SER M 213 -17.88 8.79 12.86
CA SER M 213 -17.13 8.61 14.10
C SER M 213 -15.64 8.94 13.99
N ASP M 214 -15.23 9.60 12.89
CA ASP M 214 -13.81 9.99 12.69
C ASP M 214 -13.33 10.92 13.77
N VAL M 215 -14.28 11.56 14.45
CA VAL M 215 -14.01 12.41 15.61
C VAL M 215 -13.60 11.63 16.86
N ASP M 216 -13.85 10.32 16.85
CA ASP M 216 -13.64 9.46 18.03
C ASP M 216 -13.39 8.01 17.61
N LYS M 217 -12.15 7.72 17.23
CA LYS M 217 -11.73 6.36 16.90
C LYS M 217 -10.84 5.78 17.99
N ILE M 218 -10.91 4.47 18.14
CA ILE M 218 -10.03 3.72 19.03
C ILE M 218 -9.44 2.52 18.28
N PRO M 219 -8.20 2.12 18.65
CA PRO M 219 -7.52 1.06 17.92
C PRO M 219 -8.24 -0.25 18.09
N PHE M 220 -8.42 -0.96 16.98
CA PHE M 220 -9.09 -2.27 17.04
C PHE M 220 -8.53 -3.15 18.16
N HIS M 221 -7.23 -3.03 18.42
CA HIS M 221 -6.60 -3.73 19.52
C HIS M 221 -6.09 -2.72 20.55
N PRO M 222 -6.35 -2.96 21.84
CA PRO M 222 -6.83 -4.25 22.33
C PRO M 222 -8.34 -4.36 22.51
N TYR M 223 -9.05 -3.29 22.20
CA TYR M 223 -10.46 -3.18 22.56
C TYR M 223 -11.33 -4.22 21.87
N TYR M 224 -11.41 -4.12 20.56
CA TYR M 224 -12.34 -4.98 19.82
C TYR M 224 -11.85 -6.41 19.63
N THR M 225 -10.57 -6.65 19.88
CA THR M 225 -10.07 -8.02 19.89
C THR M 225 -10.74 -8.72 21.07
N ILE M 226 -10.46 -8.23 22.27
CA ILE M 226 -10.98 -8.86 23.49
C ILE M 226 -12.50 -8.95 23.47
N LYS M 227 -13.17 -7.93 22.94
CA LYS M 227 -14.61 -7.99 22.79
C LYS M 227 -14.99 -9.20 21.94
N ASP M 228 -14.31 -9.34 20.80
CA ASP M 228 -14.63 -10.40 19.84
C ASP M 228 -14.23 -11.80 20.34
N ILE M 229 -13.18 -11.90 21.15
CA ILE M 229 -12.84 -13.20 21.76
C ILE M 229 -14.02 -13.64 22.62
N LEU M 230 -14.47 -12.71 23.45
CA LEU M 230 -15.63 -12.90 24.31
C LEU M 230 -16.86 -13.25 23.51
N GLY M 231 -17.07 -12.52 22.42
CA GLY M 231 -18.15 -12.83 21.47
C GLY M 231 -18.10 -14.25 20.92
N ALA M 232 -16.91 -14.67 20.51
CA ALA M 232 -16.70 -16.02 19.98
C ALA M 232 -17.02 -17.03 21.06
N LEU M 233 -16.38 -16.85 22.22
CA LEU M 233 -16.63 -17.68 23.39
C LEU M 233 -18.13 -18.03 23.54
N LEU M 234 -18.98 -17.02 23.36
CA LEU M 234 -20.44 -17.20 23.45
C LEU M 234 -21.00 -18.09 22.33
N LEU M 235 -20.65 -17.77 21.08
CA LEU M 235 -21.06 -18.59 19.92
C LEU M 235 -20.66 -20.04 20.12
N ILE M 236 -19.45 -20.22 20.66
CA ILE M 236 -18.95 -21.54 21.05
C ILE M 236 -19.87 -22.18 22.09
N LEU M 237 -20.26 -21.41 23.11
CA LEU M 237 -21.16 -21.94 24.16
C LEU M 237 -22.47 -22.38 23.54
N ALA M 238 -23.10 -21.47 22.81
CA ALA M 238 -24.35 -21.69 22.09
C ALA M 238 -24.28 -22.92 21.19
N LEU M 239 -23.21 -23.04 20.41
CA LEU M 239 -23.01 -24.24 19.58
C LEU M 239 -22.93 -25.49 20.45
N MET M 240 -21.95 -25.49 21.35
CA MET M 240 -21.67 -26.66 22.20
C MET M 240 -22.89 -27.12 23.03
N LEU M 241 -23.73 -26.18 23.44
CA LEU M 241 -25.01 -26.52 24.05
C LEU M 241 -25.85 -27.38 23.10
N LEU M 242 -26.03 -26.93 21.87
CA LEU M 242 -26.75 -27.71 20.85
C LEU M 242 -26.09 -29.07 20.64
N VAL M 243 -24.80 -29.03 20.31
CA VAL M 243 -24.05 -30.26 19.99
C VAL M 243 -24.13 -31.27 21.12
N LEU M 244 -23.86 -30.83 22.35
CA LEU M 244 -23.73 -31.76 23.49
C LEU M 244 -25.03 -32.04 24.22
N PHE M 245 -26.04 -31.19 24.06
CA PHE M 245 -27.32 -31.44 24.73
C PHE M 245 -28.51 -31.68 23.78
N ALA M 246 -28.60 -30.91 22.70
CA ALA M 246 -29.75 -30.99 21.78
C ALA M 246 -29.30 -31.21 20.34
N PRO M 247 -28.44 -32.23 20.11
CA PRO M 247 -27.77 -32.40 18.84
C PRO M 247 -28.73 -32.56 17.67
N ASP M 248 -29.96 -32.95 17.93
CA ASP M 248 -30.94 -33.11 16.87
C ASP M 248 -32.01 -32.03 16.85
N LEU M 249 -31.92 -31.07 17.76
CA LEU M 249 -32.95 -30.04 17.92
C LEU M 249 -33.37 -29.38 16.62
N LEU M 250 -32.40 -28.89 15.86
CA LEU M 250 -32.69 -28.21 14.61
C LEU M 250 -32.74 -29.17 13.41
N GLY M 251 -32.74 -30.47 13.69
CA GLY M 251 -32.70 -31.50 12.65
C GLY M 251 -34.03 -32.19 12.45
N ASP M 252 -34.23 -32.71 11.23
CA ASP M 252 -35.45 -33.46 10.90
C ASP M 252 -35.19 -34.97 11.02
N PRO M 253 -36.11 -35.70 11.64
CA PRO M 253 -35.92 -37.14 11.85
C PRO M 253 -35.95 -37.97 10.58
N ASP M 254 -36.75 -37.55 9.59
CA ASP M 254 -36.90 -38.31 8.34
C ASP M 254 -35.57 -38.60 7.67
N ASN M 255 -34.61 -37.69 7.84
CA ASN M 255 -33.28 -37.85 7.28
C ASN M 255 -32.43 -38.93 7.98
N TYR M 256 -32.96 -39.53 9.04
CA TYR M 256 -32.33 -40.70 9.67
C TYR M 256 -32.80 -42.02 9.03
N THR M 257 -33.66 -41.92 8.02
CA THR M 257 -34.01 -43.07 7.18
C THR M 257 -33.51 -42.85 5.73
N PRO M 258 -32.75 -43.83 5.19
CA PRO M 258 -32.11 -43.74 3.89
C PRO M 258 -33.09 -43.33 2.81
N ALA M 259 -32.63 -42.44 1.93
CA ALA M 259 -33.49 -41.98 0.84
C ALA M 259 -34.17 -43.14 0.11
N ASN M 260 -35.38 -42.91 -0.37
CA ASN M 260 -36.09 -43.87 -1.21
C ASN M 260 -36.97 -43.16 -2.24
N PRO M 261 -36.54 -43.18 -3.52
CA PRO M 261 -37.25 -42.48 -4.61
C PRO M 261 -38.68 -42.98 -4.90
N LEU M 262 -39.10 -44.06 -4.23
CA LEU M 262 -40.38 -44.68 -4.47
C LEU M 262 -41.43 -44.24 -3.45
N ASN M 263 -41.01 -43.55 -2.40
CA ASN M 263 -41.90 -43.28 -1.27
C ASN M 263 -41.64 -41.90 -0.71
N THR M 264 -42.50 -40.94 -1.04
CA THR M 264 -42.33 -39.56 -0.61
C THR M 264 -42.76 -39.37 0.85
N PRO M 265 -41.95 -38.63 1.63
CA PRO M 265 -42.31 -38.35 3.02
C PRO M 265 -43.59 -37.53 3.13
N PRO M 266 -44.30 -37.68 4.26
CA PRO M 266 -45.57 -36.96 4.44
C PRO M 266 -45.42 -35.43 4.37
N HIS M 267 -44.51 -34.85 5.16
CA HIS M 267 -44.39 -33.39 5.24
C HIS M 267 -43.00 -32.91 4.88
N ILE M 268 -42.81 -32.81 3.57
CA ILE M 268 -41.58 -32.28 2.98
C ILE M 268 -41.43 -30.78 3.27
N LYS M 269 -40.31 -30.42 3.92
CA LYS M 269 -39.93 -29.02 4.17
C LYS M 269 -38.40 -28.89 4.09
N PRO M 270 -37.90 -27.74 3.61
CA PRO M 270 -36.46 -27.55 3.69
C PRO M 270 -36.06 -27.16 5.10
N GLU M 271 -34.78 -27.32 5.44
CA GLU M 271 -34.29 -27.01 6.79
C GLU M 271 -34.51 -25.53 7.22
N TRP M 272 -34.61 -25.33 8.54
CA TRP M 272 -35.25 -24.13 9.10
C TRP M 272 -34.92 -22.80 8.42
N TYR M 273 -33.63 -22.52 8.26
CA TYR M 273 -33.19 -21.22 7.74
C TYR M 273 -33.71 -20.92 6.36
N PHE M 274 -34.36 -21.89 5.71
CA PHE M 274 -34.99 -21.62 4.41
C PHE M 274 -36.50 -21.35 4.51
N LEU M 275 -37.12 -21.85 5.57
CA LEU M 275 -38.59 -21.91 5.65
C LEU M 275 -39.31 -20.65 5.19
N PHE M 276 -38.87 -19.50 5.66
CA PHE M 276 -39.56 -18.26 5.37
C PHE M 276 -39.70 -17.97 3.88
N ALA M 277 -38.73 -18.41 3.08
CA ALA M 277 -38.85 -18.22 1.64
C ALA M 277 -39.76 -19.31 1.04
N TYR M 278 -39.71 -20.52 1.63
CA TYR M 278 -40.58 -21.63 1.22
C TYR M 278 -42.03 -21.17 1.35
N ALA M 279 -42.33 -20.55 2.50
CA ALA M 279 -43.66 -19.96 2.74
C ALA M 279 -44.07 -18.95 1.65
N ILE M 280 -43.14 -18.03 1.33
CA ILE M 280 -43.36 -17.01 0.30
C ILE M 280 -43.58 -17.61 -1.08
N LEU M 281 -42.89 -18.70 -1.36
CA LEU M 281 -43.12 -19.47 -2.58
C LEU M 281 -44.51 -20.14 -2.57
N ARG M 282 -44.86 -20.78 -1.46
CA ARG M 282 -46.17 -21.45 -1.33
C ARG M 282 -47.36 -20.49 -1.25
N SER M 283 -47.11 -19.22 -0.91
CA SER M 283 -48.17 -18.20 -0.98
C SER M 283 -48.71 -18.04 -2.40
N ILE M 284 -47.82 -17.91 -3.38
CA ILE M 284 -48.21 -17.67 -4.78
C ILE M 284 -48.75 -18.94 -5.46
N PRO M 285 -49.88 -18.81 -6.21
CA PRO M 285 -50.49 -19.94 -6.89
C PRO M 285 -49.78 -20.38 -8.16
N ASN M 286 -49.25 -19.41 -8.90
CA ASN M 286 -48.52 -19.69 -10.12
C ASN M 286 -47.13 -20.31 -9.85
N LYS M 287 -46.78 -21.31 -10.65
CA LYS M 287 -45.53 -22.03 -10.51
C LYS M 287 -44.33 -21.09 -10.60
N LEU M 288 -44.24 -20.38 -11.72
CA LEU M 288 -43.15 -19.43 -11.96
C LEU M 288 -43.25 -18.27 -10.99
N GLY M 289 -44.45 -17.71 -10.85
CA GLY M 289 -44.74 -16.70 -9.83
C GLY M 289 -44.09 -17.03 -8.49
N GLY M 290 -44.34 -18.25 -7.99
CA GLY M 290 -43.71 -18.73 -6.76
C GLY M 290 -42.19 -18.64 -6.79
N VAL M 291 -41.62 -19.09 -7.91
CA VAL M 291 -40.17 -19.09 -8.12
C VAL M 291 -39.59 -17.67 -8.06
N LEU M 292 -40.12 -16.80 -8.92
CA LEU M 292 -39.67 -15.41 -8.99
C LEU M 292 -39.90 -14.68 -7.66
N ALA M 293 -41.03 -14.97 -7.01
CA ALA M 293 -41.30 -14.45 -5.67
C ALA M 293 -40.22 -14.89 -4.70
N LEU M 294 -39.92 -16.19 -4.71
CA LEU M 294 -38.84 -16.74 -3.89
C LEU M 294 -37.48 -16.09 -4.21
N ALA M 295 -37.25 -15.77 -5.48
CA ALA M 295 -36.03 -15.07 -5.86
C ALA M 295 -36.01 -13.67 -5.27
N PHE M 296 -36.99 -12.86 -5.66
CA PHE M 296 -37.11 -11.50 -5.17
C PHE M 296 -36.99 -11.48 -3.64
N SER M 297 -37.57 -12.49 -2.99
CA SER M 297 -37.53 -12.61 -1.52
C SER M 297 -36.12 -12.51 -0.91
N ILE M 298 -35.12 -12.97 -1.66
CA ILE M 298 -33.72 -12.86 -1.22
C ILE M 298 -33.02 -11.72 -1.95
N LEU M 299 -33.34 -11.53 -3.22
CA LEU M 299 -32.67 -10.51 -4.02
C LEU M 299 -33.01 -9.08 -3.64
N ILE M 300 -34.16 -8.86 -2.99
CA ILE M 300 -34.60 -7.50 -2.63
C ILE M 300 -33.58 -6.77 -1.74
N LEU M 301 -32.72 -7.55 -1.07
CA LEU M 301 -31.58 -7.03 -0.33
C LEU M 301 -30.68 -6.14 -1.19
N ALA M 302 -30.60 -6.45 -2.49
CA ALA M 302 -29.91 -5.61 -3.46
C ALA M 302 -30.65 -4.30 -3.72
N LEU M 303 -31.99 -4.38 -3.70
CA LEU M 303 -32.85 -3.20 -3.85
C LEU M 303 -32.82 -2.27 -2.63
N ILE M 304 -32.75 -2.84 -1.44
CA ILE M 304 -32.75 -2.05 -0.18
C ILE M 304 -32.06 -0.66 -0.26
N PRO M 305 -30.77 -0.60 -0.68
CA PRO M 305 -30.08 0.70 -0.68
C PRO M 305 -30.75 1.76 -1.53
N LEU M 306 -31.47 1.35 -2.56
CA LEU M 306 -32.17 2.29 -3.42
C LEU M 306 -33.48 2.79 -2.79
N LEU M 307 -33.87 2.20 -1.67
CA LEU M 307 -35.16 2.51 -1.04
C LEU M 307 -35.04 3.38 0.21
N HIS M 308 -33.80 3.64 0.66
CA HIS M 308 -33.57 4.52 1.80
C HIS M 308 -33.99 5.93 1.44
N THR M 309 -34.63 6.62 2.37
CA THR M 309 -35.18 7.96 2.12
C THR M 309 -34.93 8.95 3.26
N SER M 310 -34.77 8.45 4.48
CA SER M 310 -34.53 9.31 5.64
C SER M 310 -33.17 9.99 5.53
N LYS M 311 -33.13 11.28 5.88
CA LYS M 311 -31.90 12.06 5.84
C LYS M 311 -30.96 11.68 6.98
N GLN M 312 -31.50 10.90 7.94
CA GLN M 312 -30.71 10.24 8.96
C GLN M 312 -30.33 8.84 8.47
N ARG M 313 -29.08 8.45 8.71
CA ARG M 313 -28.57 7.16 8.25
C ARG M 313 -29.15 5.99 9.03
N SER M 314 -28.99 6.06 10.35
CA SER M 314 -29.37 4.97 11.25
C SER M 314 -30.79 5.09 11.78
N MET M 315 -31.41 3.95 12.07
CA MET M 315 -32.77 3.93 12.63
C MET M 315 -32.83 4.36 14.10
N MET M 316 -31.67 4.55 14.73
CA MET M 316 -31.62 4.89 16.15
C MET M 316 -32.58 6.02 16.47
N PHE M 317 -32.55 7.10 15.68
CA PHE M 317 -33.43 8.26 15.91
C PHE M 317 -34.63 8.27 14.97
N ARG M 318 -35.14 7.09 14.62
CA ARG M 318 -36.25 6.96 13.66
C ARG M 318 -37.35 5.99 14.14
N PRO M 319 -38.25 6.52 14.99
CA PRO M 319 -39.38 5.86 15.64
C PRO M 319 -40.26 5.01 14.72
N LEU M 320 -40.83 5.64 13.70
CA LEU M 320 -41.76 4.93 12.80
C LEU M 320 -41.05 3.72 12.20
N SER M 321 -40.03 3.99 11.39
CA SER M 321 -39.15 2.95 10.84
C SER M 321 -38.87 1.86 11.86
N GLN M 322 -38.31 2.25 13.01
CA GLN M 322 -38.01 1.30 14.10
C GLN M 322 -39.09 0.24 14.31
N CYS M 323 -40.36 0.65 14.28
CA CYS M 323 -41.45 -0.30 14.46
C CYS M 323 -41.57 -1.20 13.24
N LEU M 324 -41.68 -0.57 12.08
CA LEU M 324 -41.83 -1.31 10.84
C LEU M 324 -40.76 -2.38 10.70
N PHE M 325 -39.55 -2.07 11.13
CA PHE M 325 -38.46 -3.04 11.13
C PHE M 325 -38.87 -4.26 11.94
N TRP M 326 -39.21 -4.03 13.20
CA TRP M 326 -39.54 -5.14 14.09
C TRP M 326 -40.74 -5.92 13.55
N ALA M 327 -41.63 -5.18 12.88
CA ALA M 327 -42.73 -5.75 12.09
C ALA M 327 -42.23 -6.70 11.02
N LEU M 328 -41.20 -6.27 10.30
CA LEU M 328 -40.52 -7.13 9.36
C LEU M 328 -39.98 -8.40 10.03
N VAL M 329 -39.25 -8.22 11.14
CA VAL M 329 -38.71 -9.40 11.89
C VAL M 329 -39.78 -10.39 12.31
N ALA M 330 -40.83 -9.84 12.92
CA ALA M 330 -41.97 -10.66 13.35
C ALA M 330 -42.66 -11.33 12.15
N ASP M 331 -42.78 -10.61 11.05
CA ASP M 331 -43.35 -11.17 9.83
C ASP M 331 -42.50 -12.30 9.29
N LEU M 332 -41.17 -12.15 9.37
CA LEU M 332 -40.22 -13.21 8.95
C LEU M 332 -40.29 -14.42 9.87
N LEU M 333 -40.39 -14.17 11.17
CA LEU M 333 -40.67 -15.23 12.13
C LEU M 333 -41.98 -15.96 11.79
N THR M 334 -43.01 -15.17 11.49
CA THR M 334 -44.31 -15.68 11.03
C THR M 334 -44.13 -16.59 9.83
N LEU M 335 -43.67 -16.02 8.72
CA LEU M 335 -43.44 -16.80 7.51
C LEU M 335 -42.59 -18.03 7.79
N THR M 336 -41.62 -17.91 8.69
CA THR M 336 -40.79 -19.05 9.11
C THR M 336 -41.64 -20.17 9.73
N TRP M 337 -42.55 -19.79 10.61
CA TRP M 337 -43.48 -20.75 11.24
C TRP M 337 -44.42 -21.35 10.20
N ILE M 338 -45.06 -20.46 9.43
CA ILE M 338 -45.98 -20.83 8.35
C ILE M 338 -45.36 -21.79 7.35
N GLY M 339 -44.08 -21.58 7.06
CA GLY M 339 -43.33 -22.47 6.18
C GLY M 339 -43.08 -23.85 6.77
N GLY M 340 -43.10 -23.93 8.10
CA GLY M 340 -42.94 -25.20 8.81
C GLY M 340 -44.18 -26.07 8.82
N GLN M 341 -45.35 -25.46 8.60
CA GLN M 341 -46.64 -26.17 8.67
C GLN M 341 -47.10 -26.68 7.30
N PRO M 342 -47.98 -27.71 7.31
CA PRO M 342 -48.64 -28.15 6.07
C PRO M 342 -49.56 -27.07 5.51
N VAL M 343 -49.76 -27.09 4.19
CA VAL M 343 -50.51 -26.02 3.52
C VAL M 343 -52.01 -26.24 3.66
N GLU M 344 -52.53 -25.91 4.84
CA GLU M 344 -53.94 -26.07 5.16
C GLU M 344 -54.43 -24.88 5.99
N HIS M 345 -55.74 -24.75 6.09
CA HIS M 345 -56.35 -23.60 6.77
C HIS M 345 -56.03 -23.59 8.28
N PRO M 346 -55.67 -22.44 8.86
CA PRO M 346 -55.60 -21.12 8.20
C PRO M 346 -54.23 -20.74 7.63
N TYR M 347 -53.26 -21.64 7.76
CA TYR M 347 -51.86 -21.35 7.43
C TYR M 347 -51.66 -20.70 6.07
N ILE M 348 -52.52 -21.04 5.12
CA ILE M 348 -52.39 -20.53 3.75
C ILE M 348 -52.72 -19.04 3.68
N THR M 349 -53.69 -18.59 4.48
CA THR M 349 -54.09 -17.19 4.50
C THR M 349 -53.06 -16.35 5.25
N ILE M 350 -52.72 -16.81 6.45
CA ILE M 350 -51.67 -16.16 7.25
C ILE M 350 -50.38 -16.09 6.41
N GLY M 351 -50.10 -17.19 5.72
CA GLY M 351 -49.05 -17.24 4.68
C GLY M 351 -49.22 -16.12 3.67
N GLN M 352 -50.40 -16.00 3.08
CA GLN M 352 -50.70 -14.91 2.11
C GLN M 352 -50.32 -13.54 2.71
N LEU M 353 -51.05 -13.20 3.76
CA LEU M 353 -50.98 -11.88 4.35
C LEU M 353 -49.55 -11.56 4.79
N ALA M 354 -48.89 -12.54 5.42
CA ALA M 354 -47.47 -12.39 5.77
C ALA M 354 -46.59 -12.09 4.55
N SER M 355 -46.82 -12.84 3.47
CA SER M 355 -46.02 -12.67 2.26
C SER M 355 -46.23 -11.29 1.68
N VAL M 356 -47.49 -10.89 1.53
CA VAL M 356 -47.81 -9.55 1.01
C VAL M 356 -47.21 -8.45 1.92
N LEU M 357 -47.35 -8.67 3.22
CA LEU M 357 -46.81 -7.77 4.22
C LEU M 357 -45.30 -7.60 4.07
N TYR M 358 -44.58 -8.72 3.92
CA TYR M 358 -43.13 -8.70 3.70
C TYR M 358 -42.72 -7.67 2.65
N PHE M 359 -43.25 -7.80 1.43
CA PHE M 359 -42.89 -6.92 0.32
C PHE M 359 -43.50 -5.52 0.47
N LEU M 360 -44.72 -5.44 1.01
CA LEU M 360 -45.36 -4.14 1.30
C LEU M 360 -44.53 -3.25 2.25
N LEU M 361 -44.07 -3.87 3.35
CA LEU M 361 -43.18 -3.20 4.31
C LEU M 361 -41.95 -2.61 3.62
N ILE M 362 -41.16 -3.47 3.00
CA ILE M 362 -39.88 -3.08 2.37
C ILE M 362 -40.04 -2.16 1.16
N LEU M 363 -41.01 -2.43 0.30
CA LEU M 363 -41.21 -1.64 -0.92
C LEU M 363 -42.03 -0.37 -0.70
N VAL M 364 -43.15 -0.47 0.01
CA VAL M 364 -44.07 0.67 0.15
C VAL M 364 -43.89 1.42 1.46
N LEU M 365 -44.06 0.70 2.56
CA LEU M 365 -44.22 1.36 3.86
C LEU M 365 -42.93 2.06 4.37
N MET M 366 -41.87 1.27 4.51
CA MET M 366 -40.62 1.73 5.17
C MET M 366 -40.01 2.96 4.50
N PRO M 367 -40.00 2.99 3.17
CA PRO M 367 -39.56 4.23 2.51
C PRO M 367 -40.45 5.42 2.87
N THR M 368 -41.75 5.21 2.96
CA THR M 368 -42.69 6.28 3.28
C THR M 368 -42.49 6.78 4.72
N ALA M 369 -42.46 5.83 5.65
CA ALA M 369 -42.15 6.12 7.05
C ALA M 369 -40.94 7.07 7.11
N GLY M 370 -39.88 6.70 6.39
CA GLY M 370 -38.68 7.53 6.29
C GLY M 370 -38.93 8.94 5.77
N THR M 371 -39.77 9.07 4.75
CA THR M 371 -40.09 10.38 4.20
C THR M 371 -40.83 11.21 5.24
N ILE M 372 -41.95 10.67 5.71
CA ILE M 372 -42.75 11.33 6.76
C ILE M 372 -41.83 11.77 7.91
N GLU M 373 -41.00 10.84 8.40
CA GLU M 373 -40.02 11.12 9.46
C GLU M 373 -39.25 12.41 9.23
N ASN M 374 -38.90 12.69 7.99
CA ASN M 374 -38.22 13.96 7.65
C ASN M 374 -39.16 15.15 7.68
N LYS M 375 -40.34 14.97 7.09
CA LYS M 375 -41.35 16.02 7.12
C LYS M 375 -41.50 16.47 8.56
N LEU M 376 -41.60 15.49 9.47
CA LEU M 376 -41.81 15.76 10.89
C LEU M 376 -40.63 16.52 11.54
N LEU M 377 -39.42 16.36 11.00
CA LEU M 377 -38.23 17.05 11.53
C LEU M 377 -37.91 18.35 10.77
N LYS M 378 -38.66 18.60 9.70
CA LYS M 378 -38.56 19.78 8.84
C LYS M 378 -37.28 19.80 8.04
N TRP M 379 -37.08 18.68 7.34
CA TRP M 379 -36.09 18.56 6.29
C TRP M 379 -36.38 17.36 5.39
N SER N 85 -57.16 -41.99 9.78
CA SER N 85 -55.93 -41.80 8.96
C SER N 85 -55.35 -40.38 8.97
N ASP N 86 -56.21 -39.38 9.12
CA ASP N 86 -55.81 -37.97 9.09
C ASP N 86 -55.96 -37.27 10.45
N LEU N 87 -56.20 -38.05 11.51
CA LEU N 87 -56.03 -37.58 12.89
C LEU N 87 -54.94 -38.40 13.54
N GLU N 88 -54.21 -37.80 14.45
CA GLU N 88 -53.09 -38.48 15.08
C GLU N 88 -52.98 -38.21 16.58
N LEU N 89 -52.63 -39.26 17.32
CA LEU N 89 -52.43 -39.21 18.76
C LEU N 89 -50.95 -39.16 19.07
N HIS N 90 -50.52 -38.07 19.69
CA HIS N 90 -49.12 -37.88 20.06
C HIS N 90 -48.81 -38.56 21.39
N PRO N 91 -47.62 -39.21 21.47
CA PRO N 91 -47.15 -39.89 22.67
C PRO N 91 -47.10 -39.00 23.92
N PRO N 92 -47.22 -39.59 25.11
CA PRO N 92 -47.00 -38.88 26.36
C PRO N 92 -45.53 -38.81 26.72
N SER N 93 -45.22 -38.15 27.83
CA SER N 93 -43.82 -37.89 28.23
C SER N 93 -43.32 -38.83 29.31
N TYR N 94 -43.27 -40.12 28.99
CA TYR N 94 -42.80 -41.14 29.93
C TYR N 94 -41.40 -40.75 30.40
N PRO N 95 -41.15 -40.76 31.73
CA PRO N 95 -39.88 -40.26 32.25
C PRO N 95 -38.81 -41.37 32.37
N TRP N 96 -37.85 -41.34 31.44
CA TRP N 96 -36.78 -42.35 31.38
C TRP N 96 -35.64 -42.00 32.34
N SER N 97 -34.99 -43.03 32.87
CA SER N 97 -33.81 -42.89 33.73
C SER N 97 -32.72 -42.02 33.11
N HIS N 98 -32.74 -41.91 31.78
CA HIS N 98 -31.78 -41.09 31.01
C HIS N 98 -32.42 -39.83 30.38
N ARG N 99 -33.57 -39.41 30.89
CA ARG N 99 -34.30 -38.27 30.32
C ARG N 99 -33.53 -36.96 30.43
N GLY N 100 -33.08 -36.64 31.66
CA GLY N 100 -32.47 -35.33 31.99
C GLY N 100 -31.13 -35.02 31.34
N LEU N 101 -30.80 -33.73 31.29
CA LEU N 101 -29.67 -33.22 30.50
C LEU N 101 -28.30 -33.80 30.84
N LEU N 102 -28.12 -34.27 32.08
CA LEU N 102 -26.88 -34.96 32.48
C LEU N 102 -27.09 -36.45 32.70
N SER N 103 -28.33 -36.90 32.53
CA SER N 103 -28.71 -38.27 32.88
C SER N 103 -28.28 -39.28 31.82
N SER N 104 -27.61 -40.34 32.27
CA SER N 104 -27.08 -41.39 31.38
C SER N 104 -28.06 -42.54 31.20
N LEU N 105 -27.81 -43.33 30.17
CA LEU N 105 -28.57 -44.56 29.91
C LEU N 105 -28.34 -45.58 31.03
N ASP N 106 -29.33 -46.43 31.25
CA ASP N 106 -29.23 -47.52 32.22
C ASP N 106 -28.73 -48.80 31.52
N HIS N 107 -27.43 -49.06 31.67
CA HIS N 107 -26.74 -50.15 30.98
C HIS N 107 -27.34 -51.54 31.28
N THR N 108 -27.90 -51.69 32.47
CA THR N 108 -28.66 -52.88 32.83
C THR N 108 -29.88 -53.02 31.89
N SER N 109 -30.65 -51.93 31.78
CA SER N 109 -31.84 -51.89 30.92
C SER N 109 -31.49 -52.02 29.43
N ILE N 110 -30.30 -51.53 29.07
CA ILE N 110 -29.76 -51.80 27.73
C ILE N 110 -29.50 -53.30 27.56
N ARG N 111 -28.77 -53.89 28.52
CA ARG N 111 -28.48 -55.32 28.50
C ARG N 111 -29.73 -56.16 28.38
N ARG N 112 -30.74 -55.85 29.19
CA ARG N 112 -32.03 -56.53 29.09
C ARG N 112 -32.66 -56.29 27.72
N GLY N 113 -32.86 -55.01 27.42
CA GLY N 113 -33.42 -54.58 26.13
C GLY N 113 -32.85 -55.31 24.93
N PHE N 114 -31.53 -55.53 24.92
CA PHE N 114 -30.88 -56.30 23.84
C PHE N 114 -31.48 -57.70 23.68
N GLN N 115 -31.56 -58.41 24.80
CA GLN N 115 -32.14 -59.74 24.79
C GLN N 115 -33.52 -59.67 24.18
N VAL N 116 -34.25 -58.60 24.47
CA VAL N 116 -35.60 -58.40 23.88
C VAL N 116 -35.55 -58.32 22.36
N TYR N 117 -34.51 -57.64 21.83
CA TYR N 117 -34.33 -57.59 20.37
C TYR N 117 -34.03 -58.99 19.86
N LYS N 118 -32.95 -59.54 20.42
CA LYS N 118 -32.44 -60.86 20.02
C LYS N 118 -33.52 -61.96 20.05
N GLN N 119 -34.40 -61.91 21.04
CA GLN N 119 -35.46 -62.91 21.16
C GLN N 119 -36.66 -62.52 20.32
N VAL N 120 -37.14 -61.30 20.48
CA VAL N 120 -38.45 -60.93 19.95
C VAL N 120 -38.43 -60.41 18.52
N CYS N 121 -37.43 -59.61 18.14
CA CYS N 121 -37.48 -58.94 16.81
C CYS N 121 -36.37 -59.26 15.80
N SER N 122 -35.27 -59.85 16.26
CA SER N 122 -34.17 -60.19 15.36
C SER N 122 -34.64 -61.02 14.15
N SER N 123 -35.89 -61.46 14.17
CA SER N 123 -36.50 -62.29 13.13
C SER N 123 -37.31 -61.52 12.07
N CYS N 124 -37.55 -60.23 12.30
CA CYS N 124 -38.20 -59.37 11.29
C CYS N 124 -37.53 -58.02 11.14
N HIS N 125 -36.77 -57.63 12.17
CA HIS N 125 -36.15 -56.33 12.23
C HIS N 125 -34.65 -56.42 12.14
N SER N 126 -34.13 -55.80 11.09
CA SER N 126 -32.71 -55.65 10.89
C SER N 126 -32.19 -54.51 11.77
N MET N 127 -30.97 -54.67 12.24
CA MET N 127 -30.26 -53.60 12.95
C MET N 127 -28.85 -53.57 12.36
N ASP N 128 -28.82 -53.14 11.10
CA ASP N 128 -27.65 -53.28 10.22
C ASP N 128 -26.36 -52.62 10.73
N TYR N 129 -26.50 -51.60 11.56
CA TYR N 129 -25.36 -50.79 11.96
C TYR N 129 -24.78 -51.15 13.33
N VAL N 130 -25.21 -52.27 13.89
CA VAL N 130 -24.66 -52.74 15.17
C VAL N 130 -23.99 -54.11 15.00
N ALA N 131 -22.86 -54.27 15.68
CA ALA N 131 -22.06 -55.50 15.68
C ALA N 131 -21.75 -55.87 17.12
N TYR N 132 -21.55 -57.16 17.36
CA TYR N 132 -21.41 -57.68 18.74
C TYR N 132 -20.36 -56.93 19.56
N ARG N 133 -19.23 -56.61 18.93
CA ARG N 133 -18.18 -55.80 19.58
C ARG N 133 -18.72 -54.50 20.21
N HIS N 134 -19.63 -53.82 19.50
CA HIS N 134 -20.28 -52.61 20.02
C HIS N 134 -20.86 -52.82 21.43
N LEU N 135 -21.26 -54.06 21.74
CA LEU N 135 -21.82 -54.38 23.07
C LEU N 135 -20.75 -54.45 24.16
N VAL N 136 -19.54 -54.89 23.78
CA VAL N 136 -18.45 -55.05 24.74
C VAL N 136 -18.22 -53.77 25.52
N GLY N 137 -18.32 -53.83 26.85
CA GLY N 137 -18.08 -52.66 27.69
C GLY N 137 -19.26 -51.71 27.78
N VAL N 138 -20.36 -52.05 27.11
CA VAL N 138 -21.61 -51.30 27.28
C VAL N 138 -22.49 -52.10 28.22
N CYS N 139 -22.93 -53.27 27.77
CA CYS N 139 -23.86 -54.10 28.52
C CYS N 139 -23.44 -55.57 28.56
N TYR N 140 -22.29 -55.89 27.96
CA TYR N 140 -21.72 -57.24 27.99
C TYR N 140 -20.19 -57.18 28.10
N THR N 141 -19.62 -58.25 28.64
CA THR N 141 -18.17 -58.43 28.63
C THR N 141 -17.79 -58.98 27.27
N GLU N 142 -16.51 -58.94 26.95
CA GLU N 142 -16.00 -59.45 25.67
C GLU N 142 -16.35 -60.93 25.47
N ASP N 143 -16.19 -61.71 26.53
CA ASP N 143 -16.49 -63.14 26.51
C ASP N 143 -17.98 -63.36 26.29
N GLU N 144 -18.78 -62.65 27.05
CA GLU N 144 -20.25 -62.69 26.89
C GLU N 144 -20.64 -62.35 25.46
N ALA N 145 -20.09 -61.25 24.94
CA ALA N 145 -20.38 -60.80 23.58
C ALA N 145 -19.97 -61.82 22.53
N LYS N 146 -18.75 -62.34 22.68
CA LYS N 146 -18.23 -63.36 21.77
C LYS N 146 -19.13 -64.61 21.81
N ALA N 147 -19.50 -65.01 23.03
CA ALA N 147 -20.43 -66.11 23.23
C ALA N 147 -21.74 -65.82 22.51
N LEU N 148 -22.18 -64.56 22.57
CA LEU N 148 -23.37 -64.12 21.84
C LEU N 148 -23.19 -64.09 20.31
N ALA N 149 -21.94 -63.96 19.87
CA ALA N 149 -21.62 -64.06 18.43
C ALA N 149 -21.63 -65.51 17.95
N GLU N 150 -20.82 -66.35 18.60
CA GLU N 150 -20.67 -67.77 18.21
C GLU N 150 -22.00 -68.55 18.22
N GLU N 151 -23.00 -67.98 18.86
CA GLU N 151 -24.35 -68.51 18.82
C GLU N 151 -24.93 -68.56 17.41
N VAL N 152 -24.45 -67.69 16.51
CA VAL N 152 -25.07 -67.57 15.18
C VAL N 152 -24.15 -67.90 14.00
N GLU N 153 -24.73 -68.53 12.98
CA GLU N 153 -24.06 -68.87 11.72
C GLU N 153 -24.14 -67.68 10.77
N VAL N 154 -22.98 -67.14 10.40
CA VAL N 154 -22.89 -66.05 9.44
C VAL N 154 -22.12 -66.55 8.23
N GLN N 155 -22.46 -66.02 7.04
CA GLN N 155 -21.79 -66.42 5.81
C GLN N 155 -20.43 -65.76 5.65
N ASP N 156 -19.52 -66.50 5.02
CA ASP N 156 -18.17 -66.07 4.71
C ASP N 156 -17.75 -66.73 3.40
N GLY N 157 -16.50 -66.48 3.01
CA GLY N 157 -15.97 -66.93 1.74
C GLY N 157 -15.52 -65.74 0.90
N PRO N 158 -15.10 -65.99 -0.32
CA PRO N 158 -15.01 -67.34 -0.90
C PRO N 158 -13.71 -68.07 -0.52
N ASN N 159 -13.84 -69.39 -0.36
CA ASN N 159 -12.71 -70.25 -0.03
C ASN N 159 -11.89 -70.61 -1.27
N GLU N 160 -10.94 -71.52 -1.12
CA GLU N 160 -10.10 -72.01 -2.23
C GLU N 160 -10.86 -72.36 -3.50
N ASP N 161 -11.98 -73.05 -3.35
CA ASP N 161 -12.80 -73.48 -4.48
C ASP N 161 -13.78 -72.41 -4.96
N GLY N 162 -13.70 -71.22 -4.37
CA GLY N 162 -14.58 -70.13 -4.76
C GLY N 162 -16.01 -70.45 -4.43
N GLU N 163 -16.25 -70.75 -3.17
CA GLU N 163 -17.58 -71.03 -2.67
C GLU N 163 -17.77 -70.43 -1.28
N MET N 164 -18.93 -69.82 -1.09
CA MET N 164 -19.27 -69.21 0.19
C MET N 164 -19.69 -70.29 1.17
N PHE N 165 -19.32 -70.12 2.43
CA PHE N 165 -19.61 -71.11 3.47
C PHE N 165 -19.96 -70.40 4.77
N MET N 166 -20.77 -71.05 5.60
CA MET N 166 -21.19 -70.47 6.86
C MET N 166 -20.10 -70.71 7.91
N ARG N 167 -20.09 -69.88 8.94
CA ARG N 167 -19.20 -70.05 10.10
C ARG N 167 -19.83 -69.41 11.34
N PRO N 168 -19.34 -69.78 12.53
CA PRO N 168 -19.87 -69.12 13.72
C PRO N 168 -19.43 -67.65 13.72
N GLY N 169 -20.28 -66.79 14.27
CA GLY N 169 -19.98 -65.36 14.36
C GLY N 169 -18.82 -65.03 15.30
N LYS N 170 -18.17 -63.90 15.04
CA LYS N 170 -17.13 -63.36 15.93
C LYS N 170 -17.44 -61.90 16.23
N LEU N 171 -16.76 -61.35 17.23
CA LEU N 171 -17.06 -60.00 17.75
C LEU N 171 -17.36 -58.98 16.66
N SER N 172 -16.59 -59.06 15.57
CA SER N 172 -16.68 -58.09 14.47
C SER N 172 -17.86 -58.27 13.50
N ASP N 173 -18.78 -59.17 13.81
CA ASP N 173 -19.94 -59.41 12.95
C ASP N 173 -21.12 -58.50 13.27
N TYR N 174 -21.65 -57.87 12.24
CA TYR N 174 -22.86 -57.05 12.36
C TYR N 174 -24.08 -57.95 12.49
N PHE N 175 -24.97 -57.59 13.43
CA PHE N 175 -26.19 -58.37 13.73
C PHE N 175 -26.83 -59.04 12.51
N PRO N 176 -27.19 -60.33 12.65
CA PRO N 176 -27.71 -61.06 11.53
C PRO N 176 -29.01 -60.50 11.08
N LYS N 177 -29.18 -60.57 9.80
CA LYS N 177 -30.22 -59.92 9.17
C LYS N 177 -31.42 -60.84 8.85
N PRO N 178 -32.64 -60.43 9.21
CA PRO N 178 -33.83 -61.28 9.11
C PRO N 178 -34.18 -61.75 7.69
N TYR N 179 -33.94 -60.91 6.70
CA TYR N 179 -34.25 -61.25 5.30
C TYR N 179 -33.03 -60.97 4.43
N PRO N 180 -33.02 -61.47 3.19
CA PRO N 180 -32.03 -61.01 2.22
C PRO N 180 -32.36 -59.65 1.57
N ASN N 181 -33.64 -59.29 1.48
CA ASN N 181 -34.04 -58.02 0.84
C ASN N 181 -35.50 -57.57 1.12
N PRO N 182 -35.78 -56.24 0.96
CA PRO N 182 -37.09 -55.59 1.18
C PRO N 182 -38.26 -56.34 0.55
N GLU N 183 -38.02 -56.91 -0.62
CA GLU N 183 -39.04 -57.69 -1.32
C GLU N 183 -39.36 -58.98 -0.55
N ALA N 184 -38.31 -59.68 -0.10
CA ALA N 184 -38.48 -60.92 0.67
C ALA N 184 -39.15 -60.59 1.99
N ALA N 185 -38.67 -59.51 2.60
CA ALA N 185 -39.26 -58.96 3.82
C ALA N 185 -40.75 -58.66 3.69
N ARG N 186 -41.12 -57.94 2.62
CA ARG N 186 -42.53 -57.63 2.34
C ARG N 186 -43.35 -58.90 2.12
N ALA N 187 -42.85 -59.72 1.18
CA ALA N 187 -43.50 -60.98 0.80
C ALA N 187 -43.68 -61.96 1.95
N ALA N 188 -42.74 -61.97 2.91
CA ALA N 188 -42.88 -62.80 4.10
C ALA N 188 -43.75 -62.15 5.18
N ASN N 189 -44.15 -60.90 4.96
CA ASN N 189 -45.18 -60.29 5.81
C ASN N 189 -46.31 -59.96 4.87
N ASN N 190 -47.38 -59.29 5.32
CA ASN N 190 -48.42 -58.92 4.33
C ASN N 190 -47.99 -57.69 3.56
N GLY N 191 -46.90 -57.83 2.80
CA GLY N 191 -46.48 -56.72 1.94
C GLY N 191 -46.00 -55.51 2.72
N ALA N 192 -45.87 -55.67 4.03
CA ALA N 192 -45.39 -54.61 4.89
C ALA N 192 -43.95 -54.94 5.25
N LEU N 193 -43.04 -53.99 5.00
CA LEU N 193 -41.62 -54.17 5.28
C LEU N 193 -41.31 -53.63 6.67
N PRO N 194 -40.79 -54.50 7.56
CA PRO N 194 -40.36 -54.01 8.86
C PRO N 194 -39.10 -53.15 8.74
N PRO N 195 -39.21 -51.83 9.02
CA PRO N 195 -38.07 -50.91 8.96
C PRO N 195 -36.94 -51.28 9.91
N ASP N 196 -35.72 -50.89 9.51
CA ASP N 196 -34.51 -51.15 10.29
C ASP N 196 -34.57 -50.43 11.62
N LEU N 197 -34.10 -51.08 12.67
CA LEU N 197 -34.24 -50.55 14.04
C LEU N 197 -33.01 -49.81 14.56
N SER N 198 -31.93 -49.79 13.79
CA SER N 198 -30.71 -49.10 14.20
C SER N 198 -31.03 -47.67 14.65
N TYR N 199 -31.57 -46.86 13.75
CA TYR N 199 -31.82 -45.44 14.04
C TYR N 199 -33.30 -45.12 14.30
N ILE N 200 -34.13 -46.14 14.52
CA ILE N 200 -35.59 -45.96 14.59
C ILE N 200 -36.00 -44.91 15.62
N VAL N 201 -35.29 -44.89 16.73
CA VAL N 201 -35.55 -43.95 17.82
C VAL N 201 -35.39 -42.50 17.35
N ARG N 202 -34.44 -42.25 16.44
CA ARG N 202 -34.18 -40.92 15.90
C ARG N 202 -34.90 -40.70 14.57
N ALA N 203 -35.42 -41.79 14.01
CA ALA N 203 -36.08 -41.74 12.71
C ALA N 203 -37.57 -41.40 12.84
N ARG N 204 -38.05 -41.36 14.08
CA ARG N 204 -39.45 -41.05 14.34
C ARG N 204 -39.58 -39.92 15.35
N HIS N 205 -40.57 -39.04 15.13
CA HIS N 205 -40.91 -37.97 16.07
C HIS N 205 -41.36 -38.56 17.40
N GLY N 206 -40.84 -38.05 18.52
CA GLY N 206 -41.23 -38.53 19.86
C GLY N 206 -40.33 -39.60 20.46
N GLY N 207 -39.72 -40.41 19.60
CA GLY N 207 -38.67 -41.33 20.01
C GLY N 207 -39.14 -42.51 20.84
N GLU N 208 -38.37 -42.81 21.88
CA GLU N 208 -38.73 -43.91 22.77
C GLU N 208 -40.14 -43.73 23.35
N ASP N 209 -40.47 -42.51 23.73
CA ASP N 209 -41.84 -42.19 24.16
C ASP N 209 -42.88 -42.63 23.13
N TYR N 210 -42.54 -42.50 21.84
CA TYR N 210 -43.37 -43.05 20.77
C TYR N 210 -43.31 -44.58 20.77
N VAL N 211 -42.13 -45.14 20.54
CA VAL N 211 -42.00 -46.59 20.34
C VAL N 211 -42.68 -47.37 21.48
N PHE N 212 -42.42 -46.96 22.71
CA PHE N 212 -43.08 -47.50 23.91
C PHE N 212 -44.61 -47.47 23.80
N SER N 213 -45.12 -46.28 23.48
CA SER N 213 -46.56 -46.05 23.30
C SER N 213 -47.19 -46.84 22.16
N LEU N 214 -46.43 -47.08 21.09
CA LEU N 214 -46.87 -48.00 20.04
C LEU N 214 -46.89 -49.42 20.63
N LEU N 215 -45.70 -49.92 20.97
CA LEU N 215 -45.54 -51.29 21.49
C LEU N 215 -46.60 -51.68 22.53
N THR N 216 -46.81 -50.82 23.53
CA THR N 216 -47.82 -51.13 24.55
C THR N 216 -49.24 -50.68 24.16
N GLY N 217 -49.37 -49.71 23.24
CA GLY N 217 -50.66 -49.03 23.03
C GLY N 217 -51.73 -49.74 22.19
N TYR N 218 -51.42 -50.95 21.74
CA TYR N 218 -52.36 -51.75 20.92
C TYR N 218 -53.72 -51.88 21.58
N CYS N 219 -54.79 -51.76 20.78
CA CYS N 219 -56.16 -51.87 21.32
C CYS N 219 -57.19 -52.24 20.24
N GLU N 220 -58.47 -52.13 20.60
CA GLU N 220 -59.59 -52.55 19.74
C GLU N 220 -60.07 -51.45 18.80
N PRO N 221 -60.41 -51.81 17.55
CA PRO N 221 -60.99 -50.81 16.63
C PRO N 221 -62.35 -50.34 17.15
N PRO N 222 -62.56 -49.01 17.26
CA PRO N 222 -63.82 -48.50 17.75
C PRO N 222 -64.93 -48.55 16.70
N THR N 223 -66.17 -48.60 17.17
CA THR N 223 -67.34 -48.64 16.29
C THR N 223 -67.15 -47.67 15.13
N GLY N 224 -67.11 -48.24 13.93
CA GLY N 224 -66.90 -47.49 12.70
C GLY N 224 -65.65 -47.92 11.95
N VAL N 225 -64.62 -48.33 12.70
CA VAL N 225 -63.35 -48.74 12.09
C VAL N 225 -63.27 -50.24 11.86
N SER N 226 -63.24 -50.62 10.58
CA SER N 226 -62.83 -51.97 10.21
C SER N 226 -61.44 -51.89 9.58
N LEU N 227 -60.80 -53.03 9.38
CA LEU N 227 -59.42 -53.07 8.85
C LEU N 227 -59.24 -54.18 7.81
N ARG N 228 -58.17 -54.06 7.01
CA ARG N 228 -57.75 -55.15 6.12
C ARG N 228 -57.21 -56.28 6.98
N GLU N 229 -57.19 -57.50 6.44
CA GLU N 229 -56.56 -58.61 7.16
C GLU N 229 -55.05 -58.41 7.18
N GLY N 230 -54.44 -58.77 8.31
CA GLY N 230 -53.02 -58.51 8.51
C GLY N 230 -52.74 -57.13 9.05
N LEU N 231 -53.74 -56.25 9.01
CA LEU N 231 -53.62 -54.92 9.61
C LEU N 231 -54.19 -54.97 11.03
N TYR N 232 -53.43 -54.42 11.96
CA TYR N 232 -53.87 -54.34 13.35
C TYR N 232 -54.00 -52.89 13.75
N PHE N 233 -54.95 -52.63 14.64
CA PHE N 233 -55.24 -51.27 15.09
C PHE N 233 -54.35 -50.90 16.27
N ASN N 234 -53.53 -49.87 16.04
CA ASN N 234 -52.75 -49.24 17.09
C ASN N 234 -52.96 -47.74 17.02
N PRO N 235 -53.54 -47.15 18.08
CA PRO N 235 -53.93 -45.72 18.08
C PRO N 235 -52.76 -44.74 17.94
N TYR N 236 -51.57 -45.18 18.33
CA TYR N 236 -50.37 -44.33 18.29
C TYR N 236 -49.76 -44.23 16.89
N PHE N 237 -49.90 -45.31 16.12
CA PHE N 237 -49.47 -45.33 14.72
C PHE N 237 -50.28 -44.33 13.89
N PRO N 238 -49.64 -43.67 12.91
CA PRO N 238 -50.36 -42.76 12.02
C PRO N 238 -51.19 -43.52 11.03
N GLY N 239 -52.45 -43.13 10.88
CA GLY N 239 -53.41 -43.88 10.09
C GLY N 239 -54.08 -44.96 10.90
N GLN N 240 -53.48 -45.25 12.06
CA GLN N 240 -53.99 -46.23 13.02
C GLN N 240 -54.06 -47.69 12.54
N ALA N 241 -53.58 -47.96 11.34
CA ALA N 241 -53.59 -49.32 10.82
C ALA N 241 -52.15 -49.73 10.66
N ILE N 242 -51.62 -50.40 11.67
CA ILE N 242 -50.23 -50.85 11.59
C ILE N 242 -50.20 -52.25 10.98
N GLY N 243 -49.16 -52.53 10.20
CA GLY N 243 -48.97 -53.84 9.61
C GLY N 243 -48.31 -54.82 10.56
N MET N 244 -47.98 -54.34 11.77
CA MET N 244 -47.21 -55.12 12.74
C MET N 244 -48.08 -55.93 13.70
N ALA N 245 -47.78 -57.23 13.76
CA ALA N 245 -48.39 -58.14 14.73
C ALA N 245 -47.91 -57.77 16.13
N PRO N 246 -48.85 -57.45 17.05
CA PRO N 246 -48.49 -57.00 18.38
C PRO N 246 -47.37 -57.85 18.97
N PRO N 247 -46.18 -57.26 19.12
CA PRO N 247 -44.96 -58.06 19.19
C PRO N 247 -44.60 -58.54 20.57
N ILE N 248 -45.06 -57.83 21.61
CA ILE N 248 -44.78 -58.22 22.98
C ILE N 248 -46.07 -58.36 23.77
N TYR N 249 -46.09 -59.44 24.54
CA TYR N 249 -47.10 -59.71 25.52
C TYR N 249 -46.34 -60.12 26.77
N ASN N 250 -47.03 -60.27 27.88
CA ASN N 250 -46.41 -60.70 29.12
C ASN N 250 -45.63 -62.00 28.96
N GLU N 251 -44.42 -61.99 29.50
CA GLU N 251 -43.50 -63.15 29.52
C GLU N 251 -43.20 -63.69 28.12
N VAL N 252 -42.90 -62.78 27.20
CA VAL N 252 -42.55 -63.15 25.83
C VAL N 252 -41.13 -63.71 25.76
N LEU N 253 -40.34 -63.40 26.79
CA LEU N 253 -39.05 -64.05 27.06
C LEU N 253 -38.84 -64.08 28.58
N GLU N 254 -37.64 -64.49 28.99
CA GLU N 254 -37.23 -64.37 30.39
C GLU N 254 -35.78 -63.89 30.52
N PHE N 255 -35.56 -62.90 31.37
CA PHE N 255 -34.28 -62.18 31.46
C PHE N 255 -33.22 -62.89 32.29
N ASP N 256 -31.97 -62.74 31.87
CA ASP N 256 -30.82 -63.34 32.56
C ASP N 256 -30.75 -63.04 34.06
N ASP N 257 -31.00 -61.78 34.44
CA ASP N 257 -30.99 -61.37 35.84
C ASP N 257 -32.26 -61.82 36.57
N GLY N 258 -33.25 -62.28 35.82
CA GLY N 258 -34.52 -62.70 36.39
C GLY N 258 -35.30 -61.53 36.94
N THR N 259 -35.56 -60.56 36.09
CA THR N 259 -36.48 -59.49 36.42
C THR N 259 -37.88 -59.93 35.97
N PRO N 260 -38.92 -59.42 36.63
CA PRO N 260 -40.31 -59.57 36.19
C PRO N 260 -40.49 -59.30 34.70
N ALA N 261 -40.68 -60.37 33.94
CA ALA N 261 -40.85 -60.27 32.48
C ALA N 261 -42.27 -59.85 32.09
N THR N 262 -42.70 -58.69 32.58
CA THR N 262 -43.99 -58.13 32.19
C THR N 262 -43.90 -57.60 30.75
N MET N 263 -45.00 -57.08 30.22
CA MET N 263 -44.99 -56.44 28.90
C MET N 263 -44.32 -55.06 28.95
N SER N 264 -44.92 -54.18 29.77
CA SER N 264 -44.45 -52.81 29.90
C SER N 264 -43.00 -52.74 30.42
N GLN N 265 -42.60 -53.73 31.22
CA GLN N 265 -41.17 -53.85 31.66
C GLN N 265 -40.24 -54.27 30.51
N VAL N 266 -40.79 -54.99 29.53
CA VAL N 266 -40.03 -55.35 28.32
C VAL N 266 -39.90 -54.09 27.44
N ALA N 267 -41.07 -53.52 27.08
CA ALA N 267 -41.06 -52.32 26.20
C ALA N 267 -40.04 -51.26 26.66
N LYS N 268 -40.11 -50.93 27.95
CA LYS N 268 -39.14 -50.04 28.59
C LYS N 268 -37.68 -50.42 28.28
N ASP N 269 -37.34 -51.68 28.54
CA ASP N 269 -35.96 -52.15 28.37
C ASP N 269 -35.51 -52.15 26.90
N VAL N 270 -36.38 -52.66 26.03
CA VAL N 270 -36.06 -52.65 24.59
C VAL N 270 -35.97 -51.21 24.03
N CYS N 271 -36.79 -50.30 24.55
CA CYS N 271 -36.64 -48.87 24.20
C CYS N 271 -35.30 -48.32 24.70
N THR N 272 -35.00 -48.59 25.98
CA THR N 272 -33.70 -48.20 26.58
C THR N 272 -32.50 -48.78 25.79
N PHE N 273 -32.69 -49.95 25.18
CA PHE N 273 -31.68 -50.46 24.25
C PHE N 273 -31.66 -49.70 22.92
N LEU N 274 -32.83 -49.62 22.26
CA LEU N 274 -32.98 -48.91 20.96
C LEU N 274 -32.43 -47.48 20.98
N ARG N 275 -32.60 -46.83 22.12
CA ARG N 275 -31.97 -45.52 22.32
C ARG N 275 -30.44 -45.58 22.18
N TRP N 276 -29.82 -46.53 22.89
CA TRP N 276 -28.36 -46.72 22.83
C TRP N 276 -27.92 -47.09 21.44
N ALA N 277 -28.66 -48.03 20.86
CA ALA N 277 -28.45 -48.45 19.47
C ALA N 277 -28.45 -47.24 18.55
N ALA N 278 -29.48 -46.41 18.67
CA ALA N 278 -29.56 -45.22 17.84
C ALA N 278 -28.50 -44.17 18.18
N GLU N 279 -28.02 -44.15 19.43
CA GLU N 279 -27.12 -43.09 19.89
C GLU N 279 -26.03 -43.54 20.88
N PRO N 280 -25.13 -44.45 20.47
CA PRO N 280 -24.09 -45.00 21.36
C PRO N 280 -23.24 -43.96 22.13
N GLU N 281 -23.25 -42.71 21.67
CA GLU N 281 -22.48 -41.63 22.28
C GLU N 281 -23.23 -40.90 23.40
N HIS N 282 -24.49 -41.27 23.62
CA HIS N 282 -25.37 -40.58 24.58
C HIS N 282 -24.68 -40.28 25.89
N ASP N 283 -24.14 -41.32 26.50
CA ASP N 283 -23.49 -41.23 27.82
C ASP N 283 -22.29 -40.28 27.82
N HIS N 284 -21.37 -40.49 26.88
CA HIS N 284 -20.15 -39.68 26.78
C HIS N 284 -20.52 -38.21 26.52
N ARG N 285 -21.39 -38.00 25.52
CA ARG N 285 -21.87 -36.67 25.11
C ARG N 285 -22.33 -35.81 26.28
N LYS N 286 -23.17 -36.41 27.11
CA LYS N 286 -23.67 -35.72 28.30
C LYS N 286 -22.59 -35.49 29.35
N ARG N 287 -21.58 -36.38 29.41
CA ARG N 287 -20.43 -36.20 30.31
C ARG N 287 -19.58 -35.01 29.86
N MET N 288 -19.33 -34.94 28.56
CA MET N 288 -18.68 -33.77 27.98
C MET N 288 -19.51 -32.51 28.25
N GLY N 289 -20.80 -32.58 27.93
CA GLY N 289 -21.74 -31.49 28.23
C GLY N 289 -21.45 -30.80 29.56
N LEU N 290 -21.42 -31.58 30.64
CA LEU N 290 -21.14 -31.09 32.00
C LEU N 290 -19.80 -30.36 32.10
N LYS N 291 -18.76 -30.96 31.51
CA LYS N 291 -17.43 -30.37 31.55
C LYS N 291 -17.43 -29.04 30.80
N MET N 292 -18.07 -29.03 29.63
CA MET N 292 -18.27 -27.80 28.86
C MET N 292 -19.00 -26.75 29.70
N LEU N 293 -20.04 -27.17 30.40
CA LEU N 293 -20.81 -26.28 31.27
C LEU N 293 -19.95 -25.67 32.39
N LEU N 294 -19.30 -26.54 33.15
CA LEU N 294 -18.39 -26.08 34.20
C LEU N 294 -17.31 -25.17 33.66
N MET N 295 -16.74 -25.55 32.53
CA MET N 295 -15.68 -24.77 31.88
C MET N 295 -16.12 -23.38 31.38
N MET N 296 -17.21 -23.34 30.61
CA MET N 296 -17.79 -22.06 30.23
C MET N 296 -18.09 -21.24 31.48
N GLY N 297 -18.66 -21.94 32.46
CA GLY N 297 -18.92 -21.41 33.79
C GLY N 297 -17.71 -20.75 34.41
N LEU N 298 -16.53 -21.37 34.30
CA LEU N 298 -15.30 -20.75 34.82
C LEU N 298 -14.74 -19.62 33.92
N LEU N 299 -14.71 -19.86 32.60
CA LEU N 299 -14.05 -18.95 31.64
C LEU N 299 -14.83 -17.68 31.32
N LEU N 300 -16.11 -17.85 30.98
CA LEU N 300 -16.91 -16.74 30.45
C LEU N 300 -16.99 -15.50 31.35
N PRO N 301 -16.87 -15.68 32.68
CA PRO N 301 -16.71 -14.49 33.49
C PRO N 301 -15.30 -13.97 33.38
N LEU N 302 -14.33 -14.86 33.58
CA LEU N 302 -12.92 -14.51 33.57
C LEU N 302 -12.57 -13.65 32.36
N VAL N 303 -13.05 -14.05 31.19
CA VAL N 303 -12.81 -13.29 29.97
C VAL N 303 -13.51 -11.93 30.02
N TYR N 304 -14.79 -11.96 30.39
CA TYR N 304 -15.61 -10.74 30.45
C TYR N 304 -14.92 -9.70 31.35
N ALA N 305 -14.33 -10.20 32.43
CA ALA N 305 -13.53 -9.44 33.35
C ALA N 305 -12.31 -8.79 32.69
N MET N 306 -11.64 -9.53 31.81
CA MET N 306 -10.51 -8.98 31.05
C MET N 306 -11.00 -7.91 30.05
N LYS N 307 -12.10 -8.22 29.36
CA LYS N 307 -12.76 -7.24 28.49
C LYS N 307 -13.01 -5.94 29.25
N ARG N 308 -13.62 -6.06 30.42
CA ARG N 308 -13.91 -4.87 31.24
C ARG N 308 -12.66 -4.19 31.79
N HIS N 309 -11.68 -4.98 32.17
CA HIS N 309 -10.36 -4.46 32.59
C HIS N 309 -9.77 -3.60 31.49
N LYS N 310 -9.81 -4.10 30.26
CA LYS N 310 -9.32 -3.36 29.10
C LYS N 310 -10.19 -2.11 28.83
N TRP N 311 -11.50 -2.30 28.75
CA TRP N 311 -12.43 -1.21 28.41
C TRP N 311 -12.58 -0.12 29.48
N SER N 312 -12.21 -0.44 30.71
CA SER N 312 -12.23 0.54 31.81
C SER N 312 -11.75 1.93 31.38
N VAL N 313 -10.54 1.96 30.83
CA VAL N 313 -9.89 3.18 30.39
C VAL N 313 -10.85 4.06 29.62
N LEU N 314 -11.67 3.42 28.78
CA LEU N 314 -12.65 4.10 27.93
C LEU N 314 -13.99 4.35 28.63
N LYS N 315 -14.48 3.37 29.39
CA LYS N 315 -15.77 3.54 30.09
C LYS N 315 -15.71 4.61 31.18
N SER N 316 -14.53 4.82 31.77
CA SER N 316 -14.37 5.79 32.85
C SER N 316 -14.14 7.24 32.38
N ARG N 317 -13.61 7.41 31.18
CA ARG N 317 -13.11 8.72 30.70
C ARG N 317 -14.13 9.88 30.78
N LYS N 318 -13.58 11.10 30.77
CA LYS N 318 -14.37 12.33 30.81
C LYS N 318 -13.85 13.29 29.76
N LEU N 319 -14.77 13.90 29.01
CA LEU N 319 -14.41 14.88 27.96
C LEU N 319 -14.66 16.31 28.44
N ALA N 320 -13.87 17.26 27.96
CA ALA N 320 -14.01 18.65 28.37
C ALA N 320 -13.78 19.61 27.23
N TYR N 321 -14.84 20.31 26.85
CA TYR N 321 -14.78 21.28 25.76
C TYR N 321 -14.30 22.62 26.31
N ARG N 322 -13.19 23.13 25.75
CA ARG N 322 -12.53 24.34 26.24
C ARG N 322 -12.17 25.33 25.10
N PRO N 323 -13.18 25.80 24.32
CA PRO N 323 -12.87 26.75 23.27
C PRO N 323 -12.65 28.13 23.86
N PRO N 324 -11.71 28.91 23.29
CA PRO N 324 -11.46 30.24 23.82
C PRO N 324 -12.29 31.27 23.08
N LYS N 325 -12.49 32.46 23.65
CA LYS N 325 -13.15 33.54 22.91
C LYS N 325 -12.49 34.88 23.17
N SER O 79 -6.85 30.65 31.74
CA SER O 79 -5.54 29.99 31.93
C SER O 79 -5.66 28.48 31.78
N HIS O 80 -4.53 27.85 31.51
CA HIS O 80 -4.40 26.39 31.46
C HIS O 80 -4.30 25.78 32.86
N THR O 81 -4.17 26.63 33.89
CA THR O 81 -4.07 26.18 35.27
C THR O 81 -5.41 26.12 36.01
N ASP O 82 -6.47 26.62 35.35
CA ASP O 82 -7.86 26.42 35.81
C ASP O 82 -8.28 24.97 35.54
N ILE O 83 -7.60 24.35 34.58
CA ILE O 83 -7.82 22.96 34.22
C ILE O 83 -7.31 22.06 35.35
N LYS O 84 -8.26 21.59 36.18
CA LYS O 84 -7.96 20.58 37.19
C LYS O 84 -8.62 19.26 36.81
N VAL O 85 -7.85 18.19 36.95
CA VAL O 85 -8.33 16.82 36.73
C VAL O 85 -9.62 16.50 37.51
N PRO O 86 -10.66 16.01 36.80
CA PRO O 86 -11.87 15.55 37.48
C PRO O 86 -11.63 14.46 38.52
N ASP O 87 -12.62 14.22 39.37
CA ASP O 87 -12.44 13.30 40.49
C ASP O 87 -12.86 11.88 40.12
N PHE O 88 -11.87 10.99 40.18
CA PHE O 88 -12.05 9.58 39.78
C PHE O 88 -12.32 8.65 40.97
N SER O 89 -12.41 9.21 42.18
CA SER O 89 -12.63 8.41 43.38
C SER O 89 -13.93 7.61 43.33
N ASP O 90 -14.78 7.92 42.35
CA ASP O 90 -15.95 7.12 42.03
C ASP O 90 -15.60 5.74 41.46
N TYR O 91 -14.65 5.68 40.54
CA TYR O 91 -14.28 4.42 39.88
C TYR O 91 -13.03 3.75 40.43
N ARG O 92 -12.29 4.44 41.30
CA ARG O 92 -11.00 3.94 41.79
C ARG O 92 -11.06 2.58 42.49
N ARG O 93 -9.89 1.93 42.51
CA ARG O 93 -9.70 0.73 43.31
C ARG O 93 -9.52 1.15 44.77
N PRO O 94 -10.27 0.51 45.70
CA PRO O 94 -10.16 0.86 47.11
C PRO O 94 -8.73 1.20 47.54
N GLU O 95 -7.84 0.23 47.38
CA GLU O 95 -6.44 0.36 47.84
C GLU O 95 -5.71 1.63 47.38
N VAL O 96 -6.23 2.31 46.35
CA VAL O 96 -5.67 3.62 45.94
C VAL O 96 -6.70 4.74 46.01
N LEU O 97 -7.43 4.81 47.11
CA LEU O 97 -8.37 5.93 47.34
C LEU O 97 -7.77 7.08 48.16
N ASP O 98 -6.81 6.77 49.03
CA ASP O 98 -6.21 7.77 49.92
C ASP O 98 -5.19 8.66 49.19
N SER O 99 -5.64 9.88 48.85
CA SER O 99 -4.81 10.87 48.17
C SER O 99 -3.66 11.41 49.02
N THR O 100 -3.38 10.73 50.12
CA THR O 100 -2.20 11.01 50.92
C THR O 100 -1.43 9.73 51.27
N LYS O 101 -1.78 8.62 50.61
CA LYS O 101 -1.06 7.37 50.80
C LYS O 101 -0.46 6.93 49.47
N SER O 102 0.78 6.43 49.53
CA SER O 102 1.52 6.02 48.35
C SER O 102 0.91 4.78 47.69
N SER O 103 0.75 4.82 46.38
CA SER O 103 0.20 3.69 45.62
C SER O 103 1.18 2.50 45.57
N LYS O 104 2.47 2.82 45.54
CA LYS O 104 3.55 1.83 45.28
C LYS O 104 3.42 0.47 45.96
N GLU O 105 2.81 0.48 47.12
CA GLU O 105 2.63 -0.71 47.88
C GLU O 105 1.52 -1.61 47.28
N SER O 106 0.36 -1.02 46.98
CA SER O 106 -0.80 -1.80 46.49
C SER O 106 -0.57 -2.28 45.06
N SER O 107 0.14 -1.49 44.23
CA SER O 107 0.39 -1.87 42.82
C SER O 107 0.81 -3.33 42.67
N GLU O 108 1.70 -3.76 43.57
CA GLU O 108 2.16 -5.15 43.65
C GLU O 108 1.00 -6.13 43.61
N ALA O 109 0.05 -5.95 44.53
CA ALA O 109 -1.14 -6.80 44.60
C ALA O 109 -2.10 -6.53 43.44
N ARG O 110 -2.33 -5.26 43.14
CA ARG O 110 -3.25 -4.83 42.08
C ARG O 110 -2.93 -5.47 40.75
N LYS O 111 -1.66 -5.42 40.36
CA LYS O 111 -1.23 -6.01 39.10
C LYS O 111 -1.44 -7.52 39.17
N GLY O 112 -0.78 -8.15 40.13
CA GLY O 112 -0.94 -9.58 40.36
C GLY O 112 -2.37 -10.06 40.22
N PHE O 113 -3.28 -9.39 40.90
CA PHE O 113 -4.70 -9.74 40.85
C PHE O 113 -5.22 -9.80 39.42
N SER O 114 -4.93 -8.79 38.61
CA SER O 114 -5.48 -8.72 37.26
C SER O 114 -4.75 -9.69 36.33
N TYR O 115 -3.42 -9.78 36.50
CA TYR O 115 -2.62 -10.75 35.73
C TYR O 115 -2.96 -12.20 36.09
N LEU O 116 -3.56 -12.41 37.25
CA LEU O 116 -4.08 -13.73 37.63
C LEU O 116 -5.22 -14.13 36.71
N VAL O 117 -6.22 -13.26 36.62
CA VAL O 117 -7.41 -13.47 35.76
C VAL O 117 -6.99 -13.99 34.40
N THR O 118 -6.07 -13.24 33.81
CA THR O 118 -5.43 -13.62 32.57
C THR O 118 -4.82 -15.04 32.67
N ALA O 119 -3.92 -15.25 33.63
CA ALA O 119 -3.26 -16.56 33.79
C ALA O 119 -4.24 -17.74 33.86
N THR O 120 -5.28 -17.61 34.68
CA THR O 120 -6.35 -18.62 34.78
C THR O 120 -7.11 -18.78 33.46
N THR O 121 -7.61 -17.65 32.94
CA THR O 121 -8.25 -17.66 31.62
C THR O 121 -7.42 -18.52 30.65
N THR O 122 -6.11 -18.22 30.61
CA THR O 122 -5.17 -18.94 29.74
C THR O 122 -5.09 -20.44 30.05
N VAL O 123 -5.09 -20.80 31.32
CA VAL O 123 -5.06 -22.23 31.70
C VAL O 123 -6.34 -22.93 31.21
N GLY O 124 -7.50 -22.34 31.53
CA GLY O 124 -8.80 -22.90 31.09
C GLY O 124 -8.84 -23.05 29.59
N VAL O 125 -8.53 -21.97 28.91
CA VAL O 125 -8.43 -21.95 27.45
C VAL O 125 -7.47 -23.04 26.93
N ALA O 126 -6.32 -23.18 27.60
CA ALA O 126 -5.34 -24.22 27.25
C ALA O 126 -5.91 -25.62 27.37
N TYR O 127 -6.44 -25.95 28.54
CA TYR O 127 -7.15 -27.22 28.71
C TYR O 127 -8.13 -27.39 27.54
N ALA O 128 -9.00 -26.39 27.37
CA ALA O 128 -10.03 -26.44 26.33
C ALA O 128 -9.45 -26.82 24.97
N ALA O 129 -8.46 -26.04 24.52
CA ALA O 129 -7.84 -26.26 23.21
C ALA O 129 -7.23 -27.66 23.13
N LYS O 130 -6.35 -27.93 24.10
CA LYS O 130 -5.69 -29.24 24.24
C LYS O 130 -6.70 -30.31 23.97
N ASN O 131 -7.86 -30.20 24.62
CA ASN O 131 -8.89 -31.23 24.46
C ASN O 131 -9.52 -31.35 23.07
N VAL O 132 -9.78 -30.25 22.37
CA VAL O 132 -10.39 -30.39 21.01
C VAL O 132 -9.36 -30.70 19.94
N VAL O 133 -8.13 -30.22 20.11
CA VAL O 133 -7.06 -30.56 19.16
C VAL O 133 -6.94 -32.09 19.08
N SER O 134 -6.55 -32.69 20.20
CA SER O 134 -6.31 -34.13 20.32
C SER O 134 -7.48 -35.01 19.86
N GLN O 135 -8.70 -34.50 20.02
CA GLN O 135 -9.90 -35.15 19.48
C GLN O 135 -9.83 -35.19 17.96
N PHE O 136 -9.67 -34.01 17.37
CA PHE O 136 -9.56 -33.85 15.92
C PHE O 136 -8.39 -34.69 15.39
N VAL O 137 -7.32 -34.79 16.16
CA VAL O 137 -6.20 -35.65 15.79
C VAL O 137 -6.60 -37.13 15.83
N SER O 138 -7.10 -37.56 16.98
CA SER O 138 -7.62 -38.93 17.15
C SER O 138 -8.60 -39.32 16.04
N SER O 139 -9.38 -38.36 15.54
CA SER O 139 -10.22 -38.58 14.32
C SER O 139 -9.53 -39.43 13.25
N MET O 140 -8.20 -39.33 13.20
CA MET O 140 -7.45 -39.88 12.09
C MET O 140 -6.74 -41.21 12.35
N SER O 141 -6.59 -41.60 13.62
CA SER O 141 -6.07 -42.92 13.92
C SER O 141 -7.14 -43.92 13.56
N ALA O 142 -6.70 -45.15 13.31
CA ALA O 142 -7.60 -46.25 12.93
C ALA O 142 -8.88 -46.29 13.78
N SER O 143 -10.02 -46.39 13.09
CA SER O 143 -11.31 -46.51 13.75
C SER O 143 -11.49 -47.89 14.37
N ALA O 144 -12.40 -47.99 15.33
CA ALA O 144 -12.77 -49.29 15.89
C ALA O 144 -13.18 -50.27 14.77
N ASP O 145 -13.64 -49.72 13.66
CA ASP O 145 -13.92 -50.47 12.43
C ASP O 145 -12.67 -51.17 11.90
N VAL O 146 -11.58 -50.41 11.76
CA VAL O 146 -10.30 -50.96 11.24
C VAL O 146 -9.64 -51.84 12.31
N LEU O 147 -9.70 -51.38 13.56
CA LEU O 147 -9.16 -52.14 14.69
C LEU O 147 -9.87 -53.47 14.91
N ALA O 148 -11.16 -53.52 14.58
CA ALA O 148 -11.95 -54.75 14.69
C ALA O 148 -11.18 -55.92 14.10
N MET O 149 -10.61 -55.70 12.92
CA MET O 149 -9.90 -56.74 12.15
C MET O 149 -8.46 -56.96 12.65
N SER O 150 -7.94 -55.97 13.37
CA SER O 150 -6.51 -55.88 13.68
C SER O 150 -5.65 -56.91 14.45
N LYS O 151 -6.05 -57.26 15.67
CA LYS O 151 -5.25 -58.17 16.50
C LYS O 151 -5.88 -59.52 16.13
N ILE O 152 -7.17 -59.49 15.81
CA ILE O 152 -7.95 -60.71 15.58
C ILE O 152 -7.49 -61.40 14.29
N GLU O 153 -7.44 -62.73 14.33
CA GLU O 153 -7.00 -63.56 13.21
C GLU O 153 -7.49 -64.90 13.78
N ILE O 154 -8.56 -65.44 13.18
CA ILE O 154 -9.13 -66.73 13.61
C ILE O 154 -8.86 -67.52 12.32
N LYS O 155 -8.25 -68.69 12.44
CA LYS O 155 -7.63 -69.35 11.27
C LYS O 155 -8.00 -70.82 11.03
N LEU O 156 -7.44 -71.37 9.96
CA LEU O 156 -7.75 -72.72 9.47
C LEU O 156 -6.54 -73.66 9.69
N SER O 157 -6.80 -74.89 10.16
CA SER O 157 -5.81 -75.98 10.05
C SER O 157 -6.05 -76.75 8.75
N ASP O 158 -6.39 -76.03 7.69
CA ASP O 158 -6.72 -76.62 6.40
C ASP O 158 -5.58 -76.37 5.42
N ILE O 159 -4.40 -76.87 5.78
CA ILE O 159 -3.20 -76.75 4.95
C ILE O 159 -2.57 -78.14 4.75
N PRO O 160 -2.51 -78.62 3.50
CA PRO O 160 -1.77 -79.82 3.12
C PRO O 160 -0.30 -79.75 3.53
N GLU O 161 0.16 -80.77 4.24
CA GLU O 161 1.53 -80.81 4.76
C GLU O 161 2.51 -80.55 3.59
N GLY O 162 3.29 -79.46 3.70
CA GLY O 162 4.16 -79.01 2.60
C GLY O 162 3.70 -77.75 1.88
N LYS O 163 2.40 -77.68 1.61
CA LYS O 163 1.78 -76.53 0.94
C LYS O 163 1.82 -75.25 1.81
N ASN O 164 2.10 -74.11 1.19
CA ASN O 164 2.07 -72.79 1.84
C ASN O 164 0.71 -72.11 1.63
N MET O 165 0.37 -71.16 2.50
CA MET O 165 -0.92 -70.48 2.44
C MET O 165 -0.81 -69.00 2.83
N ALA O 166 -1.13 -68.13 1.87
CA ALA O 166 -1.08 -66.68 2.07
C ALA O 166 -2.46 -66.13 2.40
N PHE O 167 -2.54 -65.36 3.47
CA PHE O 167 -3.79 -64.73 3.91
C PHE O 167 -3.61 -63.22 4.04
N LYS O 168 -4.65 -62.47 3.66
CA LYS O 168 -4.63 -61.02 3.85
C LYS O 168 -4.99 -60.68 5.28
N TRP O 169 -4.04 -60.09 6.01
CA TRP O 169 -4.21 -59.71 7.41
C TRP O 169 -3.45 -58.42 7.71
N ARG O 170 -4.14 -57.45 8.30
CA ARG O 170 -3.64 -56.07 8.47
C ARG O 170 -3.22 -55.44 7.13
N GLY O 171 -3.94 -55.77 6.07
CA GLY O 171 -3.58 -55.41 4.70
C GLY O 171 -2.25 -55.99 4.25
N LYS O 172 -1.77 -57.02 4.97
CA LYS O 172 -0.47 -57.65 4.72
C LYS O 172 -0.65 -59.09 4.26
N PRO O 173 0.31 -59.61 3.49
CA PRO O 173 0.36 -61.06 3.35
C PRO O 173 0.82 -61.71 4.66
N LEU O 174 0.19 -62.83 5.01
CA LEU O 174 0.57 -63.63 6.19
C LEU O 174 0.63 -65.08 5.74
N PHE O 175 1.78 -65.71 5.91
CA PHE O 175 1.94 -67.11 5.46
C PHE O 175 1.77 -68.11 6.61
N VAL O 176 0.87 -69.09 6.41
CA VAL O 176 0.72 -70.24 7.33
C VAL O 176 1.05 -71.56 6.63
N ARG O 177 2.26 -72.06 6.85
CA ARG O 177 2.74 -73.25 6.15
C ARG O 177 2.80 -74.48 7.04
N HIS O 178 2.23 -75.56 6.52
CA HIS O 178 2.33 -76.89 7.09
C HIS O 178 3.62 -77.47 6.47
N ARG O 179 4.40 -78.20 7.26
CA ARG O 179 5.66 -78.77 6.77
C ARG O 179 5.81 -80.26 7.12
N THR O 180 6.14 -81.09 6.12
CA THR O 180 6.44 -82.51 6.35
C THR O 180 7.63 -82.59 7.30
N LYS O 181 7.78 -83.72 7.98
CA LYS O 181 8.86 -83.87 8.95
C LYS O 181 10.24 -83.92 8.24
N LYS O 182 10.23 -84.51 7.05
CA LYS O 182 11.32 -84.41 6.08
C LYS O 182 11.67 -82.95 5.74
N GLU O 183 10.70 -82.04 5.86
CA GLU O 183 10.91 -80.59 5.69
C GLU O 183 11.40 -79.94 7.01
N ILE O 184 10.72 -80.24 8.12
CA ILE O 184 11.03 -79.63 9.43
C ILE O 184 12.42 -80.02 9.92
N ASP O 185 12.75 -81.31 9.85
CA ASP O 185 14.07 -81.80 10.25
C ASP O 185 15.17 -81.26 9.33
N GLN O 186 14.84 -81.11 8.05
CA GLN O 186 15.76 -80.59 7.04
C GLN O 186 16.05 -79.10 7.25
N GLU O 187 15.01 -78.33 7.60
CA GLU O 187 15.17 -76.91 7.92
C GLU O 187 15.86 -76.71 9.27
N ALA O 188 15.37 -77.40 10.29
CA ALA O 188 16.05 -77.43 11.58
C ALA O 188 17.53 -77.78 11.41
N ALA O 189 17.80 -78.80 10.58
CA ALA O 189 19.17 -79.22 10.30
C ALA O 189 19.98 -78.21 9.47
N VAL O 190 19.36 -77.11 9.05
CA VAL O 190 20.09 -76.04 8.33
C VAL O 190 21.11 -75.35 9.27
N GLU O 191 22.19 -74.87 8.66
CA GLU O 191 23.35 -74.30 9.35
C GLU O 191 23.04 -72.95 10.01
N VAL O 192 23.35 -72.83 11.31
CA VAL O 192 22.92 -71.68 12.15
C VAL O 192 23.94 -70.52 12.17
N SER O 193 25.18 -70.79 11.73
CA SER O 193 26.20 -69.74 11.63
C SER O 193 26.39 -69.23 10.19
N GLN O 194 26.00 -70.04 9.20
CA GLN O 194 26.09 -69.66 7.79
C GLN O 194 25.12 -68.53 7.41
N LEU O 195 24.00 -68.44 8.11
CA LEU O 195 22.95 -67.45 7.81
C LEU O 195 23.42 -66.01 8.07
N ARG O 196 22.87 -65.07 7.30
CA ARG O 196 23.20 -63.65 7.46
C ARG O 196 22.54 -63.09 8.72
N ASP O 197 21.36 -63.61 9.04
CA ASP O 197 20.70 -63.37 10.33
C ASP O 197 20.81 -64.69 11.09
N PRO O 198 21.93 -64.91 11.83
CA PRO O 198 22.13 -66.18 12.53
C PRO O 198 21.00 -66.45 13.53
N GLN O 199 20.17 -67.44 13.20
CA GLN O 199 18.96 -67.70 13.95
C GLN O 199 18.44 -69.08 13.54
N HIS O 200 18.03 -69.87 14.51
CA HIS O 200 17.57 -71.23 14.25
C HIS O 200 16.05 -71.30 14.12
N ASP O 201 15.58 -72.22 13.27
CA ASP O 201 14.14 -72.52 13.08
C ASP O 201 13.38 -72.53 14.42
N LEU O 202 13.95 -73.21 15.41
CA LEU O 202 13.35 -73.35 16.74
C LEU O 202 13.32 -72.05 17.58
N GLU O 203 13.64 -70.90 16.99
CA GLU O 203 13.26 -69.62 17.63
C GLU O 203 12.30 -68.78 16.76
N ARG O 204 11.90 -69.34 15.63
CA ARG O 204 11.05 -68.64 14.67
C ARG O 204 9.63 -69.20 14.71
N VAL O 205 9.53 -70.53 14.76
CA VAL O 205 8.23 -71.20 14.87
C VAL O 205 7.90 -71.42 16.33
N LYS O 206 6.64 -71.75 16.59
CA LYS O 206 6.24 -72.22 17.92
C LYS O 206 5.82 -73.68 17.88
N LYS O 207 5.32 -74.15 16.74
CA LYS O 207 5.10 -75.56 16.54
C LYS O 207 5.78 -76.02 15.24
N PRO O 208 6.62 -77.08 15.33
CA PRO O 208 7.50 -77.60 14.27
C PRO O 208 6.93 -77.60 12.84
N GLU O 209 5.74 -78.18 12.67
CA GLU O 209 5.11 -78.29 11.34
C GLU O 209 4.45 -76.98 10.89
N TRP O 210 4.23 -76.05 11.82
CA TRP O 210 3.58 -74.76 11.52
C TRP O 210 4.56 -73.60 11.51
N VAL O 211 5.11 -73.28 10.33
CA VAL O 211 5.86 -72.03 10.18
C VAL O 211 4.89 -70.98 9.67
N ILE O 212 4.74 -69.89 10.43
CA ILE O 212 3.90 -68.79 9.98
C ILE O 212 4.71 -67.49 10.00
N LEU O 213 4.56 -66.69 8.95
CA LEU O 213 5.49 -65.55 8.70
C LEU O 213 4.83 -64.32 8.05
N ILE O 214 5.43 -63.16 8.33
CA ILE O 214 4.97 -61.91 7.72
C ILE O 214 5.43 -61.87 6.27
N GLY O 215 4.48 -61.62 5.36
CA GLY O 215 4.74 -61.72 3.93
C GLY O 215 5.41 -60.52 3.29
N VAL O 216 5.66 -59.47 4.07
CA VAL O 216 6.37 -58.28 3.61
C VAL O 216 7.86 -58.63 3.47
N CYS O 217 8.49 -58.26 2.35
CA CYS O 217 9.96 -58.42 2.23
C CYS O 217 10.69 -57.23 2.87
N THR O 218 12.00 -57.41 3.04
CA THR O 218 12.82 -56.45 3.79
C THR O 218 13.32 -55.28 2.93
N HIS O 219 13.97 -55.61 1.80
CA HIS O 219 14.70 -54.63 0.97
C HIS O 219 13.91 -53.34 0.68
N LEU O 220 12.80 -53.47 -0.03
CA LEU O 220 11.78 -52.44 -0.05
C LEU O 220 10.52 -53.27 -0.07
N GLY O 221 9.46 -52.79 0.58
CA GLY O 221 8.22 -53.55 0.69
C GLY O 221 8.14 -54.19 -0.70
N CYS O 222 7.96 -55.52 -0.70
CA CYS O 222 7.78 -56.28 -1.95
C CYS O 222 7.43 -57.67 -1.42
N VAL O 223 6.52 -58.35 -2.11
CA VAL O 223 5.97 -59.59 -1.60
C VAL O 223 6.59 -60.76 -2.34
N PRO O 224 7.20 -61.69 -1.58
CA PRO O 224 7.72 -62.94 -2.14
C PRO O 224 6.62 -63.92 -2.54
N ILE O 225 6.93 -64.85 -3.44
CA ILE O 225 6.03 -65.98 -3.73
C ILE O 225 6.67 -67.27 -3.20
N ALA O 226 5.82 -68.06 -2.52
CA ALA O 226 6.25 -69.26 -1.82
C ALA O 226 6.61 -70.40 -2.78
N ASN O 227 7.15 -71.49 -2.21
CA ASN O 227 7.50 -72.70 -2.97
C ASN O 227 8.44 -72.48 -4.17
N ALA O 228 8.89 -71.24 -4.37
CA ALA O 228 9.84 -70.90 -5.40
C ALA O 228 11.16 -70.56 -4.70
N GLY O 229 12.26 -70.58 -5.45
CA GLY O 229 13.56 -70.17 -4.92
C GLY O 229 14.52 -71.31 -4.59
N ASP O 230 15.82 -70.96 -4.57
CA ASP O 230 16.95 -71.85 -4.32
C ASP O 230 16.69 -72.87 -3.22
N PHE O 231 16.35 -72.37 -2.04
CA PHE O 231 16.18 -73.23 -0.87
C PHE O 231 14.72 -73.73 -0.72
N GLY O 232 13.96 -73.65 -1.81
CA GLY O 232 12.62 -74.22 -1.91
C GLY O 232 11.59 -73.71 -0.92
N GLY O 233 11.89 -72.59 -0.26
CA GLY O 233 10.99 -72.01 0.73
C GLY O 233 10.19 -70.88 0.13
N TYR O 234 10.85 -69.75 -0.07
CA TYR O 234 10.20 -68.57 -0.67
C TYR O 234 11.14 -67.88 -1.65
N TYR O 235 10.56 -67.23 -2.67
CA TYR O 235 11.34 -66.41 -3.62
C TYR O 235 10.68 -65.06 -3.91
N CYS O 236 11.41 -63.98 -3.63
CA CYS O 236 10.97 -62.63 -3.98
C CYS O 236 11.23 -62.36 -5.46
N PRO O 237 10.18 -61.99 -6.22
CA PRO O 237 10.35 -61.62 -7.63
C PRO O 237 10.55 -60.11 -7.86
N CYS O 238 10.74 -59.34 -6.79
CA CYS O 238 10.91 -57.89 -6.90
C CYS O 238 12.33 -57.50 -7.29
N HIS O 239 13.32 -57.94 -6.50
CA HIS O 239 14.75 -57.76 -6.84
C HIS O 239 15.65 -58.91 -6.33
N GLY O 240 15.23 -60.15 -6.57
CA GLY O 240 16.12 -61.32 -6.56
C GLY O 240 16.33 -62.11 -5.27
N SER O 241 15.61 -61.76 -4.20
CA SER O 241 15.82 -62.39 -2.89
C SER O 241 15.28 -63.82 -2.79
N HIS O 242 16.05 -64.69 -2.13
CA HIS O 242 15.64 -66.07 -1.86
C HIS O 242 15.44 -66.27 -0.37
N TYR O 243 14.67 -67.30 -0.01
CA TYR O 243 14.35 -67.58 1.38
C TYR O 243 14.13 -69.08 1.58
N ASP O 244 14.54 -69.60 2.73
CA ASP O 244 14.33 -71.04 3.03
C ASP O 244 12.94 -71.36 3.63
N ALA O 245 12.59 -72.64 3.70
CA ALA O 245 11.24 -73.09 4.08
C ALA O 245 10.78 -72.73 5.51
N SER O 246 11.72 -72.32 6.37
CA SER O 246 11.43 -71.78 7.71
C SER O 246 11.25 -70.26 7.71
N GLY O 247 11.71 -69.61 6.65
CA GLY O 247 11.59 -68.16 6.48
C GLY O 247 12.89 -67.39 6.59
N ARG O 248 14.00 -68.11 6.75
CA ARG O 248 15.32 -67.49 6.85
C ARG O 248 15.85 -67.04 5.50
N ILE O 249 16.48 -65.88 5.54
CA ILE O 249 17.17 -65.30 4.40
C ILE O 249 18.49 -66.04 4.18
N ARG O 250 18.74 -66.42 2.94
CA ARG O 250 19.98 -67.09 2.56
C ARG O 250 20.74 -66.28 1.50
N LYS O 251 20.03 -65.88 0.44
CA LYS O 251 20.62 -65.09 -0.62
C LYS O 251 20.56 -63.60 -0.29
N GLY O 252 20.43 -62.77 -1.32
CA GLY O 252 20.35 -61.33 -1.14
C GLY O 252 19.21 -60.70 -1.92
N PRO O 253 18.89 -59.33 -1.77
CA PRO O 253 19.73 -58.58 -0.83
C PRO O 253 19.03 -58.37 0.51
N ALA O 254 17.89 -59.03 0.69
CA ALA O 254 17.13 -58.91 1.93
C ALA O 254 18.01 -59.21 3.15
N PRO O 255 18.46 -58.15 3.81
CA PRO O 255 19.31 -58.30 5.00
C PRO O 255 18.77 -59.27 6.04
N LEU O 256 17.51 -59.09 6.45
CA LEU O 256 16.91 -59.90 7.52
C LEU O 256 16.09 -61.05 6.94
N ASN O 257 15.84 -62.05 7.79
CA ASN O 257 14.91 -63.13 7.49
C ASN O 257 13.48 -62.58 7.45
N LEU O 258 12.51 -63.43 7.10
CA LEU O 258 11.10 -63.05 7.21
C LEU O 258 10.77 -62.79 8.69
N GLU O 259 9.95 -61.78 8.96
CA GLU O 259 9.57 -61.47 10.34
C GLU O 259 8.48 -62.43 10.84
N VAL O 260 8.56 -62.77 12.13
CA VAL O 260 7.61 -63.69 12.78
C VAL O 260 6.58 -62.93 13.62
N PRO O 261 5.28 -63.05 13.27
CA PRO O 261 4.24 -62.31 13.98
C PRO O 261 3.91 -62.94 15.32
N SER O 262 3.07 -62.27 16.11
CA SER O 262 2.77 -62.73 17.47
C SER O 262 1.52 -63.62 17.47
N TYR O 263 1.72 -64.92 17.66
CA TYR O 263 0.61 -65.89 17.59
C TYR O 263 0.51 -66.85 18.76
N GLU O 264 -0.72 -67.30 19.01
CA GLU O 264 -1.00 -68.37 19.96
C GLU O 264 -1.98 -69.33 19.29
N PHE O 265 -1.69 -70.62 19.40
CA PHE O 265 -2.53 -71.67 18.81
C PHE O 265 -3.80 -71.84 19.66
N THR O 266 -4.83 -71.07 19.33
CA THR O 266 -6.06 -71.01 20.15
C THR O 266 -6.72 -72.37 20.42
N SER O 267 -6.90 -73.14 19.36
CA SER O 267 -7.27 -74.53 19.45
C SER O 267 -6.12 -75.22 18.74
N ASP O 268 -6.26 -76.52 18.43
CA ASP O 268 -5.30 -77.18 17.54
C ASP O 268 -5.88 -77.43 16.13
N ASP O 269 -6.95 -76.71 15.80
CA ASP O 269 -7.41 -76.56 14.41
C ASP O 269 -7.50 -75.07 13.98
N MET O 270 -7.30 -74.16 14.94
CA MET O 270 -7.31 -72.71 14.71
C MET O 270 -6.06 -72.07 15.35
N VAL O 271 -5.53 -71.03 14.70
CA VAL O 271 -4.39 -70.27 15.25
C VAL O 271 -4.73 -68.77 15.29
N ILE O 272 -4.31 -68.08 16.36
CA ILE O 272 -4.61 -66.65 16.54
C ILE O 272 -3.35 -65.78 16.45
N VAL O 273 -3.36 -64.83 15.53
CA VAL O 273 -2.21 -63.99 15.24
C VAL O 273 -2.54 -62.49 15.37
N GLY O 274 -1.85 -61.82 16.28
CA GLY O 274 -2.01 -60.38 16.51
C GLY O 274 -1.30 -59.91 17.78
N TRP P 13 -53.04 19.78 15.77
CA TRP P 13 -52.22 20.51 14.73
C TRP P 13 -50.93 19.74 14.47
N LEU P 14 -50.22 20.13 13.42
CA LEU P 14 -48.95 19.47 13.05
C LEU P 14 -47.84 19.78 14.04
N GLU P 15 -47.82 21.01 14.54
CA GLU P 15 -46.76 21.50 15.39
C GLU P 15 -46.72 20.77 16.71
N GLY P 16 -47.82 20.13 17.09
CA GLY P 16 -47.85 19.22 18.23
C GLY P 16 -47.16 17.91 17.89
N ILE P 17 -47.47 17.38 16.70
CA ILE P 17 -46.93 16.10 16.27
C ILE P 17 -45.42 16.24 16.09
N ARG P 18 -45.00 17.24 15.32
CA ARG P 18 -43.57 17.56 15.17
C ARG P 18 -42.87 17.57 16.52
N LYS P 19 -43.49 18.24 17.48
CA LYS P 19 -42.96 18.37 18.84
C LYS P 19 -42.85 17.02 19.53
N TRP P 20 -43.81 16.14 19.28
CA TRP P 20 -43.77 14.81 19.87
C TRP P 20 -42.64 14.03 19.22
N TYR P 21 -42.69 13.93 17.90
CA TYR P 21 -41.72 13.18 17.12
C TYR P 21 -40.29 13.64 17.43
N TYR P 22 -40.08 14.95 17.53
CA TYR P 22 -38.76 15.46 17.92
C TYR P 22 -38.27 14.79 19.20
N ASN P 23 -39.17 14.68 20.17
CA ASN P 23 -38.84 14.10 21.47
C ASN P 23 -38.79 12.57 21.45
N ALA P 24 -39.49 11.98 20.48
CA ALA P 24 -39.51 10.55 20.27
C ALA P 24 -38.24 10.04 19.60
N ALA P 25 -37.76 10.77 18.59
CA ALA P 25 -36.47 10.50 17.94
C ALA P 25 -35.38 10.46 19.01
N GLY P 26 -35.37 11.48 19.85
CA GLY P 26 -34.65 11.43 21.11
C GLY P 26 -33.15 11.51 21.00
N PHE P 27 -32.66 12.16 19.96
CA PHE P 27 -31.23 12.49 19.89
C PHE P 27 -30.87 13.55 20.93
N ASN P 28 -31.88 14.35 21.28
CA ASN P 28 -31.76 15.39 22.30
C ASN P 28 -31.22 14.87 23.63
N LYS P 29 -31.63 13.67 24.00
CA LYS P 29 -31.13 13.00 25.20
C LYS P 29 -29.60 12.87 25.20
N LEU P 30 -29.02 12.89 23.99
CA LEU P 30 -27.56 12.82 23.81
C LEU P 30 -26.91 14.19 23.61
N GLY P 31 -27.71 15.25 23.73
CA GLY P 31 -27.21 16.60 23.50
C GLY P 31 -26.77 16.79 22.06
N LEU P 32 -27.65 16.41 21.16
CA LEU P 32 -27.42 16.58 19.73
C LEU P 32 -28.47 17.51 19.17
N MET P 33 -28.06 18.33 18.21
CA MET P 33 -29.00 19.09 17.39
C MET P 33 -29.28 18.32 16.10
N ARG P 34 -30.46 18.53 15.52
CA ARG P 34 -30.89 17.83 14.31
C ARG P 34 -29.79 17.76 13.23
N ASP P 35 -29.24 18.91 12.85
CA ASP P 35 -28.19 19.00 11.83
C ASP P 35 -26.86 18.32 12.21
N ASP P 36 -26.78 17.75 13.41
CA ASP P 36 -25.65 16.91 13.79
C ASP P 36 -25.84 15.49 13.30
N THR P 37 -27.08 15.10 13.01
CA THR P 37 -27.39 13.72 12.64
C THR P 37 -27.60 13.51 11.15
N ILE P 38 -27.54 14.59 10.38
CA ILE P 38 -27.72 14.50 8.93
C ILE P 38 -26.74 13.51 8.32
N HIS P 39 -27.23 12.68 7.41
CA HIS P 39 -26.41 11.65 6.77
C HIS P 39 -25.28 12.31 5.97
N GLU P 40 -24.05 11.96 6.31
CA GLU P 40 -22.85 12.45 5.63
C GLU P 40 -22.89 12.19 4.12
N ASN P 41 -22.68 13.24 3.34
CA ASN P 41 -22.85 13.19 1.90
C ASN P 41 -22.14 14.36 1.27
N ASP P 42 -21.70 14.26 0.03
CA ASP P 42 -20.93 15.32 -0.63
C ASP P 42 -21.41 16.74 -0.26
N ASP P 43 -22.70 17.00 -0.45
CA ASP P 43 -23.30 18.29 -0.09
C ASP P 43 -23.07 18.66 1.37
N VAL P 44 -23.39 17.70 2.24
CA VAL P 44 -23.19 17.82 3.68
C VAL P 44 -21.72 18.10 4.03
N LYS P 45 -20.84 17.22 3.56
CA LYS P 45 -19.39 17.36 3.69
C LYS P 45 -18.90 18.74 3.27
N GLU P 46 -19.39 19.21 2.12
CA GLU P 46 -19.05 20.55 1.68
C GLU P 46 -19.58 21.58 2.69
N ALA P 47 -20.89 21.57 2.94
CA ALA P 47 -21.51 22.49 3.90
C ALA P 47 -20.65 22.61 5.15
N ILE P 48 -20.40 21.45 5.76
CA ILE P 48 -19.55 21.34 6.95
C ILE P 48 -18.21 22.06 6.78
N ARG P 49 -17.52 21.80 5.67
CA ARG P 49 -16.23 22.45 5.44
C ARG P 49 -16.39 23.96 5.48
N ARG P 50 -17.54 24.44 4.97
CA ARG P 50 -17.80 25.87 4.93
C ARG P 50 -18.10 26.48 6.31
N LEU P 51 -18.43 25.63 7.28
CA LEU P 51 -18.79 26.12 8.62
C LEU P 51 -17.68 26.93 9.28
N PRO P 52 -18.05 27.94 10.11
CA PRO P 52 -17.07 28.70 10.86
C PRO P 52 -16.51 27.97 12.08
N GLU P 53 -15.27 28.31 12.41
CA GLU P 53 -14.49 27.67 13.47
C GLU P 53 -15.32 27.27 14.67
N ASN P 54 -16.04 28.23 15.24
CA ASN P 54 -16.96 27.95 16.34
C ASN P 54 -18.02 26.90 16.01
N LEU P 55 -18.82 27.18 14.99
CA LEU P 55 -19.94 26.31 14.62
C LEU P 55 -19.47 24.89 14.38
N TYR P 56 -18.31 24.78 13.73
CA TYR P 56 -17.68 23.48 13.50
C TYR P 56 -17.24 22.86 14.84
N ASP P 57 -16.32 23.53 15.52
CA ASP P 57 -15.75 23.03 16.80
C ASP P 57 -16.80 22.63 17.82
N ASP P 58 -17.95 23.28 17.77
CA ASP P 58 -19.10 22.90 18.60
C ASP P 58 -19.64 21.51 18.20
N ARG P 59 -19.96 21.38 16.91
CA ARG P 59 -20.45 20.13 16.31
C ARG P 59 -19.54 18.96 16.71
N VAL P 60 -18.24 19.19 16.46
CA VAL P 60 -17.17 18.34 16.94
C VAL P 60 -17.51 17.78 18.32
N PHE P 61 -17.72 18.68 19.28
CA PHE P 61 -17.87 18.25 20.67
C PHE P 61 -19.22 17.63 20.95
N ARG P 62 -20.28 18.20 20.41
CA ARG P 62 -21.62 17.61 20.57
C ARG P 62 -21.54 16.13 20.15
N ILE P 63 -21.03 15.92 18.94
CA ILE P 63 -20.92 14.54 18.42
C ILE P 63 -19.96 13.69 19.27
N LYS P 64 -18.80 14.27 19.56
CA LYS P 64 -17.80 13.57 20.35
C LYS P 64 -18.34 13.12 21.71
N ARG P 65 -19.20 13.92 22.33
CA ARG P 65 -19.82 13.57 23.62
C ARG P 65 -20.95 12.58 23.42
N ALA P 66 -21.81 12.84 22.42
CA ALA P 66 -22.92 11.93 22.09
C ALA P 66 -22.45 10.50 21.81
N LEU P 67 -21.38 10.37 21.02
CA LEU P 67 -20.78 9.04 20.78
C LEU P 67 -20.31 8.37 22.07
N ASP P 68 -19.59 9.13 22.90
CA ASP P 68 -19.14 8.64 24.21
C ASP P 68 -20.31 8.19 25.08
N LEU P 69 -21.37 8.98 25.12
CA LEU P 69 -22.61 8.54 25.78
C LEU P 69 -23.08 7.22 25.19
N SER P 70 -23.30 7.20 23.87
CA SER P 70 -23.77 5.99 23.20
C SER P 70 -22.93 4.75 23.55
N MET P 71 -21.61 4.94 23.68
CA MET P 71 -20.69 3.85 24.07
C MET P 71 -20.95 3.31 25.47
N ARG P 72 -21.29 4.21 26.38
CA ARG P 72 -21.62 3.82 27.76
C ARG P 72 -23.07 3.36 27.86
N GLN P 73 -23.85 3.65 26.83
CA GLN P 73 -25.29 3.30 26.76
C GLN P 73 -26.20 4.18 27.63
N GLN P 74 -25.62 5.26 28.18
CA GLN P 74 -26.37 6.21 29.01
C GLN P 74 -26.69 7.47 28.22
N ILE P 75 -27.49 8.33 28.84
CA ILE P 75 -27.87 9.60 28.22
C ILE P 75 -27.61 10.77 29.19
N LEU P 76 -27.90 11.99 28.74
CA LEU P 76 -27.70 13.17 29.58
C LEU P 76 -28.82 13.33 30.59
N PRO P 77 -28.59 14.13 31.65
CA PRO P 77 -29.68 14.51 32.56
C PRO P 77 -30.75 15.33 31.86
N LYS P 78 -32.03 15.07 32.21
CA LYS P 78 -33.16 15.73 31.55
C LYS P 78 -32.90 17.20 31.23
N GLU P 79 -32.20 17.88 32.13
CA GLU P 79 -31.94 19.31 31.99
C GLU P 79 -31.08 19.71 30.79
N GLN P 80 -30.06 18.90 30.50
CA GLN P 80 -29.11 19.23 29.42
C GLN P 80 -29.57 18.70 28.05
N TRP P 81 -30.77 18.12 27.99
CA TRP P 81 -31.33 17.64 26.73
C TRP P 81 -31.53 18.81 25.78
N THR P 82 -31.38 18.56 24.49
CA THR P 82 -31.62 19.58 23.49
C THR P 82 -33.13 19.89 23.41
N LYS P 83 -33.45 21.18 23.48
CA LYS P 83 -34.84 21.64 23.56
C LYS P 83 -35.39 22.03 22.19
N TYR P 84 -36.58 21.51 21.86
CA TYR P 84 -37.21 21.80 20.57
C TYR P 84 -37.11 23.29 20.25
N GLU P 85 -37.59 24.13 21.16
CA GLU P 85 -37.60 25.58 20.97
C GLU P 85 -36.20 26.12 20.64
N GLU P 86 -35.19 25.60 21.34
CA GLU P 86 -33.81 26.12 21.27
C GLU P 86 -32.91 25.38 20.25
N ASP P 87 -33.45 24.39 19.55
CA ASP P 87 -32.65 23.60 18.59
C ASP P 87 -32.25 24.37 17.33
N LYS P 88 -30.99 24.82 17.31
CA LYS P 88 -30.46 25.58 16.16
C LYS P 88 -30.43 24.68 14.91
N SER P 89 -30.76 25.28 13.78
CA SER P 89 -30.62 24.65 12.47
C SER P 89 -29.36 25.22 11.77
N TYR P 90 -28.24 25.19 12.50
CA TYR P 90 -26.98 25.88 12.12
C TYR P 90 -26.40 25.55 10.74
N LEU P 91 -26.59 24.31 10.30
CA LEU P 91 -25.99 23.82 9.04
C LEU P 91 -26.85 24.07 7.81
N GLU P 92 -28.13 24.37 8.03
CA GLU P 92 -29.10 24.56 6.94
C GLU P 92 -28.73 25.67 5.92
N PRO P 93 -28.48 26.93 6.40
CA PRO P 93 -28.22 28.00 5.43
C PRO P 93 -27.04 27.72 4.49
N TYR P 94 -26.04 27.03 5.01
CA TYR P 94 -24.84 26.68 4.24
C TYR P 94 -25.17 25.66 3.18
N LEU P 95 -25.90 24.62 3.59
CA LEU P 95 -26.17 23.47 2.73
C LEU P 95 -27.03 23.83 1.53
N LYS P 96 -28.14 24.51 1.81
CA LYS P 96 -29.08 24.97 0.78
C LYS P 96 -28.34 25.62 -0.41
N GLU P 97 -27.37 26.47 -0.07
CA GLU P 97 -26.50 27.09 -1.07
C GLU P 97 -25.72 26.01 -1.83
N VAL P 98 -25.00 25.17 -1.10
CA VAL P 98 -24.22 24.10 -1.71
C VAL P 98 -25.07 23.34 -2.73
N ILE P 99 -26.27 22.93 -2.30
CA ILE P 99 -27.24 22.28 -3.19
C ILE P 99 -27.51 23.17 -4.40
N ARG P 100 -27.95 24.39 -4.15
CA ARG P 100 -28.42 25.26 -5.23
C ARG P 100 -27.33 25.48 -6.29
N GLU P 101 -26.09 25.62 -5.83
CA GLU P 101 -24.93 25.73 -6.71
C GLU P 101 -24.78 24.50 -7.60
N ARG P 102 -24.98 23.33 -7.03
CA ARG P 102 -24.85 22.07 -7.77
C ARG P 102 -26.00 21.90 -8.75
N LYS P 103 -27.21 22.26 -8.31
CA LYS P 103 -28.36 22.27 -9.20
C LYS P 103 -28.14 23.22 -10.38
N GLU P 104 -27.61 24.41 -10.08
CA GLU P 104 -27.15 25.34 -11.12
C GLU P 104 -26.10 24.70 -12.05
N ARG P 105 -25.11 24.03 -11.45
CA ARG P 105 -24.05 23.35 -12.21
C ARG P 105 -24.56 22.23 -13.12
N GLU P 106 -25.59 21.52 -12.68
CA GLU P 106 -26.27 20.53 -13.54
C GLU P 106 -27.05 21.27 -14.63
N GLU P 107 -27.91 22.20 -14.21
CA GLU P 107 -28.68 23.03 -15.13
C GLU P 107 -27.83 23.60 -16.28
N TRP P 108 -26.65 24.11 -15.94
CA TRP P 108 -25.71 24.61 -16.96
C TRP P 108 -25.29 23.49 -17.93
N ALA P 109 -24.93 22.33 -17.39
CA ALA P 109 -24.42 21.23 -18.23
C ALA P 109 -25.54 20.52 -19.00
N LYS P 110 -26.79 20.78 -18.62
CA LYS P 110 -27.96 20.06 -19.16
C LYS P 110 -28.59 20.71 -20.39
N LYS P 111 -28.13 21.90 -20.76
CA LYS P 111 -28.66 22.62 -21.94
C LYS P 111 -28.78 21.73 -23.19
N ARG Q 3 -6.65 5.42 5.82
CA ARG Q 3 -7.02 6.41 6.88
C ARG Q 3 -6.68 5.82 8.22
N GLN Q 4 -5.79 6.49 8.94
CA GLN Q 4 -5.38 6.05 10.28
C GLN Q 4 -5.04 7.22 11.17
N PHE Q 5 -4.70 6.91 12.41
CA PHE Q 5 -4.45 7.92 13.43
C PHE Q 5 -3.43 8.95 12.91
N GLY Q 6 -3.86 10.21 12.92
CA GLY Q 6 -3.11 11.31 12.35
C GLY Q 6 -3.79 11.91 11.13
N HIS Q 7 -4.45 11.08 10.33
CA HIS Q 7 -5.09 11.57 9.12
C HIS Q 7 -6.62 11.50 9.17
N LEU Q 8 -7.21 11.31 10.35
CA LEU Q 8 -8.66 11.05 10.44
C LEU Q 8 -9.54 12.28 10.29
N THR Q 9 -9.44 13.24 11.22
CA THR Q 9 -10.16 14.52 11.10
C THR Q 9 -9.60 15.61 12.02
N ARG Q 10 -10.16 16.81 11.91
CA ARG Q 10 -9.69 17.98 12.66
C ARG Q 10 -10.56 18.23 13.91
N VAL Q 11 -9.93 18.13 15.07
CA VAL Q 11 -10.59 18.27 16.37
C VAL Q 11 -9.89 19.35 17.16
N ARG Q 12 -10.65 20.34 17.61
CA ARG Q 12 -10.06 21.47 18.34
C ARG Q 12 -10.67 21.69 19.73
N HIS Q 13 -9.78 22.00 20.66
CA HIS Q 13 -10.10 22.36 22.05
C HIS Q 13 -10.92 21.33 22.79
N VAL Q 14 -10.42 20.10 22.85
CA VAL Q 14 -11.05 19.05 23.60
C VAL Q 14 -10.03 18.40 24.50
N ILE Q 15 -10.40 18.22 25.76
CA ILE Q 15 -9.53 17.55 26.72
C ILE Q 15 -10.17 16.21 27.10
N THR Q 16 -9.35 15.16 27.09
CA THR Q 16 -9.76 13.82 27.52
C THR Q 16 -8.94 13.36 28.73
N TYR Q 17 -9.64 13.11 29.84
CA TYR Q 17 -9.01 12.53 31.03
C TYR Q 17 -9.39 11.06 31.08
N SER Q 18 -8.43 10.21 31.41
CA SER Q 18 -8.68 8.78 31.60
C SER Q 18 -7.75 8.22 32.67
N LEU Q 19 -7.97 6.96 33.03
CA LEU Q 19 -7.28 6.35 34.17
C LEU Q 19 -6.87 4.91 33.91
N SER Q 20 -5.72 4.54 34.43
CA SER Q 20 -5.13 3.20 34.20
C SER Q 20 -6.08 2.11 34.59
N PRO Q 21 -6.20 1.08 33.73
CA PRO Q 21 -7.02 -0.07 34.05
C PRO Q 21 -6.60 -0.73 35.37
N PHE Q 22 -5.32 -0.59 35.73
CA PHE Q 22 -4.82 -1.10 37.00
C PHE Q 22 -5.11 -0.18 38.19
N GLU Q 23 -5.40 1.10 37.90
CA GLU Q 23 -5.71 2.07 38.97
C GLU Q 23 -7.21 2.12 39.32
N GLN Q 24 -8.05 1.46 38.52
CA GLN Q 24 -9.51 1.50 38.70
C GLN Q 24 -10.22 0.16 38.71
N ARG Q 25 -11.47 0.20 39.20
CA ARG Q 25 -12.28 -1.01 39.37
C ARG Q 25 -12.83 -1.48 38.01
N ALA Q 26 -12.84 -2.82 37.86
CA ALA Q 26 -13.31 -3.45 36.63
C ALA Q 26 -14.83 -3.34 36.47
N PHE Q 27 -15.57 -3.64 37.54
CA PHE Q 27 -17.03 -3.59 37.53
C PHE Q 27 -17.56 -2.54 38.50
N PRO Q 28 -17.38 -1.23 38.18
CA PRO Q 28 -17.88 -0.18 39.08
C PRO Q 28 -19.40 -0.05 39.15
N HIS Q 29 -19.93 0.15 40.34
CA HIS Q 29 -21.37 0.28 40.57
C HIS Q 29 -22.23 -0.61 39.67
N TYR Q 30 -21.83 -1.88 39.55
CA TYR Q 30 -22.37 -2.79 38.53
C TYR Q 30 -23.91 -2.86 38.55
N PHE Q 31 -24.47 -3.45 39.60
CA PHE Q 31 -25.92 -3.56 39.71
C PHE Q 31 -26.46 -2.22 40.22
N SER Q 32 -25.69 -1.59 41.09
CA SER Q 32 -26.02 -0.29 41.68
C SER Q 32 -26.57 0.67 40.63
N LYS Q 33 -25.79 0.88 39.58
CA LYS Q 33 -26.18 1.80 38.51
C LYS Q 33 -26.62 1.06 37.26
N GLY Q 34 -26.33 -0.24 37.21
CA GLY Q 34 -26.65 -1.04 36.02
C GLY Q 34 -28.13 -1.26 35.87
N ILE Q 35 -28.70 -2.00 36.81
CA ILE Q 35 -30.08 -2.47 36.69
C ILE Q 35 -31.03 -1.33 36.29
N PRO Q 36 -30.96 -0.18 36.97
CA PRO Q 36 -31.81 0.97 36.61
C PRO Q 36 -31.63 1.42 35.15
N ASN Q 37 -30.37 1.51 34.72
CA ASN Q 37 -30.06 1.90 33.34
C ASN Q 37 -30.61 0.86 32.37
N VAL Q 38 -30.43 -0.41 32.70
CA VAL Q 38 -31.00 -1.52 31.92
C VAL Q 38 -32.49 -1.36 31.77
N LEU Q 39 -33.16 -1.11 32.89
CA LEU Q 39 -34.62 -0.99 32.91
C LEU Q 39 -35.11 0.26 32.16
N ARG Q 40 -34.38 1.36 32.28
CA ARG Q 40 -34.66 2.56 31.48
C ARG Q 40 -34.49 2.26 29.99
N ARG Q 41 -33.41 1.56 29.66
CA ARG Q 41 -33.13 1.17 28.28
C ARG Q 41 -34.27 0.33 27.75
N THR Q 42 -34.64 -0.70 28.50
CA THR Q 42 -35.75 -1.55 28.12
C THR Q 42 -37.03 -0.74 27.90
N ARG Q 43 -37.33 0.07 28.93
CA ARG Q 43 -38.45 0.99 28.90
C ARG Q 43 -38.48 1.75 27.58
N ALA Q 44 -37.36 2.39 27.27
CA ALA Q 44 -37.23 3.26 26.10
C ALA Q 44 -37.74 2.60 24.81
N CYS Q 45 -37.32 1.36 24.57
CA CYS Q 45 -37.54 0.69 23.29
C CYS Q 45 -38.72 -0.29 23.26
N ILE Q 46 -39.18 -0.75 24.43
CA ILE Q 46 -40.17 -1.85 24.42
C ILE Q 46 -41.46 -1.59 23.62
N LEU Q 47 -41.96 -0.36 23.65
CA LEU Q 47 -43.15 0.04 22.87
C LEU Q 47 -42.91 -0.04 21.36
N ARG Q 48 -41.65 0.08 20.94
CA ARG Q 48 -41.27 -0.05 19.53
C ARG Q 48 -41.05 -1.52 19.18
N VAL Q 49 -40.42 -2.26 20.09
CA VAL Q 49 -40.07 -3.67 19.83
C VAL Q 49 -41.23 -4.67 19.99
N ALA Q 50 -41.94 -4.62 21.12
CA ALA Q 50 -42.86 -5.70 21.50
C ALA Q 50 -44.15 -5.89 20.67
N PRO Q 51 -44.84 -4.80 20.27
CA PRO Q 51 -46.11 -4.94 19.52
C PRO Q 51 -46.06 -5.95 18.36
N PRO Q 52 -45.10 -5.79 17.42
CA PRO Q 52 -44.92 -6.78 16.35
C PRO Q 52 -44.83 -8.22 16.83
N PHE Q 53 -44.19 -8.44 17.98
CA PHE Q 53 -43.99 -9.81 18.49
C PHE Q 53 -45.22 -10.34 19.23
N VAL Q 54 -45.80 -9.53 20.11
CA VAL Q 54 -47.11 -9.88 20.70
C VAL Q 54 -48.07 -10.27 19.57
N ALA Q 55 -48.14 -9.39 18.56
CA ALA Q 55 -48.88 -9.66 17.32
C ALA Q 55 -48.59 -11.04 16.75
N PHE Q 56 -47.31 -11.42 16.73
CA PHE Q 56 -46.94 -12.76 16.28
C PHE Q 56 -47.53 -13.80 17.20
N TYR Q 57 -47.41 -13.57 18.51
CA TYR Q 57 -47.92 -14.51 19.49
C TYR Q 57 -49.43 -14.75 19.36
N LEU Q 58 -50.19 -13.69 19.14
CA LEU Q 58 -51.65 -13.84 18.94
C LEU Q 58 -51.96 -14.75 17.73
N VAL Q 59 -51.47 -14.31 16.58
CA VAL Q 59 -51.73 -14.97 15.28
C VAL Q 59 -51.19 -16.39 15.26
N TYR Q 60 -50.05 -16.61 15.92
CA TYR Q 60 -49.51 -17.96 16.06
C TYR Q 60 -50.55 -18.88 16.71
N THR Q 61 -50.79 -18.67 18.00
CA THR Q 61 -51.68 -19.53 18.77
C THR Q 61 -53.10 -19.58 18.18
N TRP Q 62 -53.61 -18.41 17.76
CA TRP Q 62 -54.87 -18.36 16.99
C TRP Q 62 -54.83 -19.37 15.84
N GLY Q 63 -53.82 -19.21 14.97
CA GLY Q 63 -53.69 -20.03 13.75
C GLY Q 63 -53.50 -21.51 14.01
N THR Q 64 -52.78 -21.81 15.08
CA THR Q 64 -52.56 -23.20 15.48
C THR Q 64 -53.83 -23.83 16.06
N GLN Q 65 -54.42 -23.21 17.09
CA GLN Q 65 -55.68 -23.75 17.64
C GLN Q 65 -56.77 -23.84 16.54
N GLU Q 66 -56.78 -22.82 15.68
CA GLU Q 66 -57.70 -22.79 14.54
C GLU Q 66 -57.42 -23.91 13.54
N PHE Q 67 -56.14 -24.18 13.26
CA PHE Q 67 -55.77 -25.36 12.46
C PHE Q 67 -56.20 -26.65 13.16
N GLU Q 68 -56.18 -26.65 14.49
CA GLU Q 68 -56.62 -27.80 15.25
C GLU Q 68 -58.14 -28.02 15.23
N LYS Q 69 -58.93 -26.95 15.28
CA LYS Q 69 -60.38 -27.09 15.08
C LYS Q 69 -60.69 -27.80 13.75
N SER Q 70 -60.21 -27.21 12.65
CA SER Q 70 -60.50 -27.66 11.28
C SER Q 70 -60.12 -29.12 10.95
N LYS Q 71 -59.20 -29.69 11.74
CA LYS Q 71 -58.78 -31.09 11.57
C LYS Q 71 -59.60 -32.04 12.45
N ARG Q 72 -60.36 -31.48 13.39
CA ARG Q 72 -61.18 -32.26 14.32
C ARG Q 72 -62.44 -32.67 13.56
N LYS Q 73 -63.34 -33.28 14.28
CA LYS Q 73 -64.66 -33.67 13.81
C LYS Q 73 -65.59 -32.60 13.19
N ASN Q 74 -66.65 -33.10 12.53
CA ASN Q 74 -67.73 -32.26 12.00
C ASN Q 74 -69.05 -32.61 12.68
N PRO Q 75 -69.88 -31.59 12.95
CA PRO Q 75 -71.19 -31.88 13.48
C PRO Q 75 -72.16 -32.16 12.28
N ALA Q 76 -71.64 -32.69 11.15
CA ALA Q 76 -72.42 -32.78 9.90
C ALA Q 76 -73.12 -34.14 9.80
N LEU R 26 -48.76 -63.86 37.02
CA LEU R 26 -48.06 -62.53 37.07
C LEU R 26 -48.84 -61.47 36.29
N VAL R 27 -48.94 -60.25 36.84
CA VAL R 27 -49.71 -59.17 36.21
C VAL R 27 -48.92 -57.86 36.04
N ASP R 28 -49.33 -57.10 35.03
CA ASP R 28 -48.60 -55.93 34.58
C ASP R 28 -48.91 -54.67 35.38
N PRO R 29 -47.90 -54.10 36.07
CA PRO R 29 -47.98 -52.78 36.67
C PRO R 29 -48.78 -51.78 35.85
N LEU R 30 -48.65 -51.84 34.52
CA LEU R 30 -49.46 -51.03 33.58
C LEU R 30 -50.96 -51.23 33.76
N THR R 31 -51.39 -52.47 33.60
CA THR R 31 -52.82 -52.81 33.59
C THR R 31 -53.53 -52.40 34.89
N THR R 32 -52.77 -52.10 35.94
CA THR R 32 -53.28 -51.46 37.17
C THR R 32 -53.39 -49.95 36.97
N VAL R 33 -52.27 -49.32 36.66
CA VAL R 33 -52.18 -47.85 36.61
C VAL R 33 -53.13 -47.30 35.53
N ARG R 34 -53.44 -48.10 34.52
CA ARG R 34 -54.50 -47.74 33.57
C ARG R 34 -55.87 -47.68 34.25
N GLU R 35 -56.22 -48.74 34.98
CA GLU R 35 -57.48 -48.76 35.74
C GLU R 35 -57.52 -47.57 36.67
N GLN R 36 -56.46 -47.42 37.46
CA GLN R 36 -56.36 -46.31 38.41
C GLN R 36 -56.40 -44.94 37.73
N CYS R 37 -55.91 -44.85 36.50
CA CYS R 37 -55.92 -43.57 35.78
C CYS R 37 -57.27 -43.24 35.16
N GLU R 38 -57.83 -44.18 34.39
CA GLU R 38 -59.12 -43.92 33.74
C GLU R 38 -60.27 -43.74 34.75
N GLN R 39 -59.90 -43.51 36.01
CA GLN R 39 -60.82 -43.02 37.03
C GLN R 39 -61.06 -41.54 36.82
N LEU R 40 -60.00 -40.79 36.54
CA LEU R 40 -60.05 -39.31 36.58
C LEU R 40 -61.08 -38.70 35.66
N GLU R 41 -61.63 -37.55 36.08
CA GLU R 41 -62.89 -37.03 35.52
C GLU R 41 -62.93 -36.97 33.99
N LYS R 42 -61.86 -36.46 33.38
CA LYS R 42 -61.81 -36.32 31.92
C LYS R 42 -61.80 -37.67 31.19
N CYS R 43 -61.26 -38.70 31.83
CA CYS R 43 -61.24 -40.05 31.26
C CYS R 43 -62.67 -40.61 31.11
N VAL R 44 -63.39 -40.67 32.22
CA VAL R 44 -64.79 -41.07 32.20
C VAL R 44 -65.60 -40.11 31.32
N LYS R 45 -65.30 -38.81 31.40
CA LYS R 45 -65.95 -37.80 30.53
C LYS R 45 -65.76 -38.06 29.02
N ALA R 46 -64.57 -38.50 28.64
CA ALA R 46 -64.29 -38.84 27.24
C ALA R 46 -64.93 -40.18 26.88
N ARG R 47 -64.63 -41.22 27.67
CA ARG R 47 -65.23 -42.55 27.50
C ARG R 47 -66.74 -42.50 27.37
N GLU R 48 -67.36 -41.57 28.12
CA GLU R 48 -68.80 -41.27 28.00
C GLU R 48 -69.15 -40.85 26.58
N ARG R 49 -68.47 -39.83 26.06
CA ARG R 49 -68.76 -39.37 24.70
C ARG R 49 -68.28 -40.38 23.66
N LEU R 50 -67.51 -41.37 24.10
CA LEU R 50 -67.22 -42.52 23.27
C LEU R 50 -68.53 -43.30 23.07
N GLU R 51 -69.32 -43.47 24.13
CA GLU R 51 -70.63 -44.15 24.00
C GLU R 51 -71.62 -43.23 23.31
N LEU R 52 -71.60 -41.95 23.69
CA LEU R 52 -72.51 -40.96 23.13
C LEU R 52 -72.33 -40.78 21.62
N CYS R 53 -71.08 -40.69 21.19
CA CYS R 53 -70.72 -40.81 19.76
C CYS R 53 -70.96 -42.22 19.21
N ASP R 54 -70.91 -43.21 20.08
CA ASP R 54 -71.08 -44.60 19.66
C ASP R 54 -72.48 -44.93 19.22
N GLU R 55 -73.46 -44.47 19.98
CA GLU R 55 -74.84 -44.58 19.55
C GLU R 55 -75.01 -44.00 18.16
N ARG R 56 -74.55 -42.75 18.03
CA ARG R 56 -74.59 -42.01 16.77
C ARG R 56 -74.32 -42.89 15.56
N VAL R 57 -73.17 -43.55 15.66
CA VAL R 57 -72.63 -44.41 14.66
C VAL R 57 -73.33 -45.78 14.67
N SER R 58 -73.06 -46.56 15.72
CA SER R 58 -73.48 -47.95 15.83
C SER R 58 -74.98 -48.15 15.64
N SER R 59 -75.78 -47.13 15.98
CA SER R 59 -77.24 -47.22 15.82
C SER R 59 -77.71 -47.00 14.38
N ARG R 60 -76.95 -46.26 13.55
CA ARG R 60 -77.45 -45.94 12.20
C ARG R 60 -77.06 -46.98 11.13
N SER R 61 -77.73 -46.94 9.97
CA SER R 61 -77.64 -48.00 8.94
C SER R 61 -76.42 -48.05 8.01
N GLN R 62 -76.25 -47.04 7.13
CA GLN R 62 -75.15 -47.06 6.14
C GLN R 62 -74.46 -45.73 6.11
N THR R 63 -73.67 -45.51 7.15
CA THR R 63 -73.05 -44.24 7.34
C THR R 63 -71.57 -44.30 7.82
N GLU R 64 -70.61 -44.08 6.93
CA GLU R 64 -69.14 -44.15 7.22
C GLU R 64 -69.02 -43.07 8.36
N GLU R 65 -68.69 -43.46 9.60
CA GLU R 65 -68.36 -42.46 10.63
C GLU R 65 -67.72 -43.53 11.54
N ASP R 66 -66.73 -43.13 12.34
CA ASP R 66 -66.17 -43.97 13.40
C ASP R 66 -65.87 -43.12 14.62
N CYS R 67 -65.73 -43.74 15.78
CA CYS R 67 -65.38 -42.99 16.99
C CYS R 67 -63.86 -43.05 17.29
N THR R 68 -63.04 -43.40 16.30
CA THR R 68 -61.57 -43.36 16.43
C THR R 68 -61.12 -42.04 17.09
N GLU R 69 -61.61 -40.91 16.58
CA GLU R 69 -61.32 -39.59 17.16
C GLU R 69 -61.51 -39.61 18.68
N GLU R 70 -62.64 -40.14 19.13
CA GLU R 70 -63.03 -40.07 20.53
C GLU R 70 -62.27 -41.09 21.38
N LEU R 71 -62.01 -42.26 20.79
CA LEU R 71 -61.12 -43.24 21.41
C LEU R 71 -59.74 -42.65 21.68
N LEU R 72 -59.21 -41.90 20.72
CA LEU R 72 -57.94 -41.19 20.90
C LEU R 72 -58.10 -40.06 21.94
N ASP R 73 -59.22 -39.33 21.85
CA ASP R 73 -59.57 -38.32 22.86
C ASP R 73 -59.39 -38.92 24.26
N PHE R 74 -60.03 -40.07 24.48
CA PHE R 74 -59.89 -40.81 25.75
C PHE R 74 -58.42 -41.19 26.00
N LEU R 75 -57.92 -42.05 25.13
CA LEU R 75 -56.57 -42.63 25.25
C LEU R 75 -55.49 -41.59 25.59
N HIS R 76 -55.58 -40.40 25.00
CA HIS R 76 -54.64 -39.32 25.33
C HIS R 76 -54.77 -38.91 26.80
N ALA R 77 -56.00 -38.51 27.16
CA ALA R 77 -56.30 -38.07 28.52
C ALA R 77 -55.85 -39.12 29.52
N ARG R 78 -56.06 -40.39 29.14
CA ARG R 78 -55.62 -41.51 29.97
C ARG R 78 -54.09 -41.58 30.06
N ASP R 79 -53.44 -41.80 28.92
CA ASP R 79 -52.00 -42.06 28.88
C ASP R 79 -51.17 -40.88 29.39
N HIS R 80 -51.70 -39.65 29.29
CA HIS R 80 -51.06 -38.53 29.96
C HIS R 80 -50.87 -38.93 31.42
N CYS R 81 -51.97 -39.31 32.07
CA CYS R 81 -51.92 -39.84 33.44
C CYS R 81 -51.01 -41.07 33.54
N VAL R 82 -51.26 -42.07 32.69
CA VAL R 82 -50.50 -43.34 32.72
C VAL R 82 -49.01 -43.06 32.85
N ALA R 83 -48.50 -42.27 31.90
CA ALA R 83 -47.08 -41.93 31.84
C ALA R 83 -46.59 -41.21 33.09
N HIS R 84 -47.46 -40.35 33.65
CA HIS R 84 -47.12 -39.56 34.83
C HIS R 84 -46.54 -40.44 35.96
N LYS R 85 -47.00 -41.69 36.07
CA LYS R 85 -46.55 -42.56 37.15
C LYS R 85 -46.25 -44.03 36.86
N LEU R 86 -46.47 -44.48 35.62
CA LEU R 86 -46.32 -45.91 35.30
C LEU R 86 -44.91 -46.35 35.65
N PHE R 87 -43.96 -45.46 35.42
CA PHE R 87 -42.54 -45.79 35.51
C PHE R 87 -42.05 -46.05 36.93
N ASN R 88 -42.84 -45.66 37.94
CA ASN R 88 -42.46 -45.91 39.33
C ASN R 88 -42.51 -47.40 39.69
N SER R 89 -43.32 -48.15 38.95
CA SER R 89 -43.45 -49.59 39.15
C SER R 89 -42.28 -50.38 38.56
N LEU R 90 -41.80 -49.91 37.42
CA LEU R 90 -40.88 -50.70 36.59
C LEU R 90 -39.46 -50.17 36.67
N LYS R 91 -38.50 -51.08 36.62
CA LYS R 91 -37.08 -50.73 36.51
C LYS R 91 -36.22 -51.97 36.21
N ARG S 62 21.72 42.15 24.00
CA ARG S 62 23.14 41.96 23.57
C ARG S 62 23.53 41.53 22.12
N PRO S 63 24.72 41.99 21.56
CA PRO S 63 25.18 41.63 20.17
C PRO S 63 25.57 40.18 20.05
N VAL S 64 25.75 39.68 18.81
CA VAL S 64 25.42 38.28 18.42
C VAL S 64 26.60 37.33 18.15
N VAL S 65 26.63 36.27 18.95
CA VAL S 65 27.51 35.12 18.78
C VAL S 65 26.69 33.89 18.39
N ALA S 66 26.91 33.31 17.21
CA ALA S 66 26.25 32.04 16.88
C ALA S 66 27.11 30.88 17.37
N SER S 67 26.49 29.85 17.91
CA SER S 67 27.23 28.71 18.45
C SER S 67 26.50 27.38 18.26
N VAL S 68 26.89 26.62 17.25
CA VAL S 68 26.40 25.25 17.07
C VAL S 68 27.40 24.33 17.75
N SER S 69 26.97 23.12 18.09
CA SER S 69 27.83 22.18 18.80
C SER S 69 27.45 20.74 18.53
N LEU S 70 28.20 19.83 19.14
CA LEU S 70 27.90 18.39 19.18
C LEU S 70 26.90 18.07 20.28
N ASN S 71 27.28 18.38 21.52
CA ASN S 71 26.43 18.09 22.69
C ASN S 71 25.44 19.22 23.02
N VAL S 72 25.96 20.34 23.55
CA VAL S 72 25.12 21.51 23.92
C VAL S 72 24.20 21.95 22.77
N PRO S 73 22.89 22.09 23.02
CA PRO S 73 22.00 22.56 21.96
C PRO S 73 22.44 23.91 21.41
N ALA S 74 22.33 24.08 20.10
CA ALA S 74 22.83 25.29 19.44
C ALA S 74 22.30 26.58 20.09
N SER S 75 23.22 27.48 20.42
CA SER S 75 22.89 28.73 21.10
C SER S 75 23.20 29.96 20.24
N VAL S 76 22.25 30.91 20.24
CA VAL S 76 22.43 32.20 19.57
C VAL S 76 22.84 33.23 20.61
N ARG S 77 24.04 33.05 21.21
CA ARG S 77 24.48 33.95 22.26
C ARG S 77 24.25 35.38 21.88
N TYR S 78 23.28 35.96 22.58
CA TYR S 78 22.88 37.33 22.43
C TYR S 78 22.60 37.68 20.98
N ALA T 3 4.63 -6.17 54.50
CA ALA T 3 4.01 -7.52 54.23
C ALA T 3 3.10 -7.50 53.00
N PRO T 4 3.21 -8.52 52.14
CA PRO T 4 2.45 -8.70 50.91
C PRO T 4 1.29 -9.71 51.02
N THR T 5 0.30 -9.55 50.15
CA THR T 5 -0.82 -10.49 50.02
C THR T 5 -0.53 -11.57 48.97
N LEU T 6 -1.33 -12.63 48.97
CA LEU T 6 -1.18 -13.71 48.01
C LEU T 6 -1.09 -13.16 46.59
N THR T 7 -1.97 -12.21 46.25
CA THR T 7 -1.91 -11.55 44.95
C THR T 7 -0.54 -10.91 44.72
N ALA T 8 -0.08 -10.16 45.73
CA ALA T 8 1.18 -9.43 45.64
C ALA T 8 2.41 -10.35 45.47
N ARG T 9 2.49 -11.37 46.30
CA ARG T 9 3.56 -12.35 46.19
C ARG T 9 3.46 -13.12 44.87
N LEU T 10 2.24 -13.54 44.52
CA LEU T 10 1.97 -14.21 43.22
C LEU T 10 2.47 -13.37 42.05
N TYR T 11 2.19 -12.06 42.10
CA TYR T 11 2.66 -11.15 41.04
C TYR T 11 4.15 -11.26 40.84
N SER T 12 4.89 -10.86 41.87
CA SER T 12 6.34 -10.74 41.81
C SER T 12 7.07 -12.08 41.72
N LEU T 13 6.42 -13.14 42.19
CA LEU T 13 6.99 -14.49 42.07
C LEU T 13 6.73 -15.09 40.68
N LEU T 14 5.48 -15.02 40.21
CA LEU T 14 5.09 -15.79 39.02
C LEU T 14 4.65 -14.97 37.79
N PHE T 15 4.05 -13.79 38.00
CA PHE T 15 3.51 -13.03 36.86
C PHE T 15 4.44 -11.94 36.35
N ARG T 16 5.48 -11.63 37.09
CA ARG T 16 6.34 -10.51 36.71
C ARG T 16 7.15 -10.83 35.45
N ARG T 17 7.96 -11.89 35.46
CA ARG T 17 8.71 -12.27 34.26
C ARG T 17 7.88 -13.15 33.30
N THR T 18 7.74 -12.69 32.05
CA THR T 18 6.89 -13.34 31.03
C THR T 18 7.28 -14.80 30.78
N SER T 19 8.55 -15.11 31.03
CA SER T 19 9.02 -16.50 31.08
C SER T 19 8.29 -17.29 32.16
N THR T 20 8.41 -16.85 33.41
CA THR T 20 7.78 -17.56 34.52
C THR T 20 6.26 -17.57 34.35
N PHE T 21 5.72 -16.47 33.83
CA PHE T 21 4.27 -16.37 33.56
C PHE T 21 3.73 -17.52 32.75
N ALA T 22 4.41 -17.84 31.65
CA ALA T 22 3.97 -18.92 30.77
C ALA T 22 4.16 -20.28 31.44
N LEU T 23 5.35 -20.50 32.00
CA LEU T 23 5.66 -21.72 32.77
C LEU T 23 4.58 -22.03 33.80
N THR T 24 4.21 -20.99 34.55
CA THR T 24 3.07 -21.01 35.46
C THR T 24 1.80 -21.53 34.78
N ILE T 25 1.45 -20.95 33.63
CA ILE T 25 0.26 -21.38 32.89
C ILE T 25 0.37 -22.86 32.48
N VAL T 26 1.58 -23.27 32.10
CA VAL T 26 1.89 -24.66 31.74
C VAL T 26 1.69 -25.64 32.91
N VAL T 27 2.49 -25.45 33.95
CA VAL T 27 2.38 -26.26 35.16
C VAL T 27 0.92 -26.28 35.64
N GLY T 28 0.36 -25.08 35.77
CA GLY T 28 -1.00 -24.89 36.27
C GLY T 28 -2.07 -25.53 35.41
N ALA T 29 -1.87 -25.51 34.09
CA ALA T 29 -2.79 -26.19 33.17
C ALA T 29 -2.65 -27.71 33.32
N LEU T 30 -1.40 -28.18 33.40
CA LEU T 30 -1.15 -29.61 33.69
C LEU T 30 -1.89 -30.07 34.93
N PHE T 31 -1.59 -29.40 36.05
CA PHE T 31 -2.24 -29.72 37.32
C PHE T 31 -3.76 -29.61 37.20
N PHE T 32 -4.21 -28.48 36.67
CA PHE T 32 -5.64 -28.25 36.45
C PHE T 32 -6.28 -29.45 35.78
N GLU T 33 -5.81 -29.75 34.57
CA GLU T 33 -6.50 -30.71 33.70
C GLU T 33 -6.94 -31.95 34.45
N ARG T 34 -5.97 -32.65 35.03
CA ARG T 34 -6.27 -33.90 35.75
C ARG T 34 -7.28 -33.65 36.86
N ALA T 35 -7.08 -32.57 37.62
CA ALA T 35 -7.99 -32.23 38.70
C ALA T 35 -9.41 -32.08 38.19
N PHE T 36 -9.62 -31.17 37.23
CA PHE T 36 -10.95 -30.92 36.65
C PHE T 36 -11.55 -32.20 36.03
N ASP T 37 -10.80 -32.84 35.15
CA ASP T 37 -11.20 -34.14 34.59
C ASP T 37 -11.68 -35.10 35.68
N GLN T 38 -10.77 -35.49 36.56
CA GLN T 38 -11.03 -36.44 37.65
C GLN T 38 -12.28 -36.02 38.47
N GLY T 39 -12.30 -34.76 38.88
CA GLY T 39 -13.44 -34.18 39.59
C GLY T 39 -14.78 -34.27 38.87
N ALA T 40 -14.90 -33.58 37.74
CA ALA T 40 -16.16 -33.60 36.99
C ALA T 40 -16.56 -35.03 36.61
N ASP T 41 -15.57 -35.87 36.34
CA ASP T 41 -15.80 -37.31 36.10
C ASP T 41 -16.48 -37.96 37.29
N ALA T 42 -15.89 -37.81 38.48
CA ALA T 42 -16.51 -38.36 39.70
C ALA T 42 -17.91 -37.74 39.99
N ILE T 43 -18.05 -36.45 39.69
CA ILE T 43 -19.37 -35.78 39.81
C ILE T 43 -20.39 -36.42 38.86
N TYR T 44 -20.05 -36.60 37.59
CA TYR T 44 -20.94 -37.31 36.63
C TYR T 44 -21.25 -38.76 37.02
N GLU T 45 -20.19 -39.49 37.37
CA GLU T 45 -20.32 -40.89 37.80
C GLU T 45 -21.20 -41.00 39.04
N HIS T 46 -21.08 -40.03 39.96
CA HIS T 46 -22.01 -39.98 41.07
C HIS T 46 -23.45 -39.64 40.60
N ILE T 47 -23.61 -38.53 39.86
CA ILE T 47 -24.92 -38.14 39.29
C ILE T 47 -25.63 -39.32 38.63
N ASN T 48 -24.86 -40.17 37.95
CA ASN T 48 -25.43 -41.34 37.29
C ASN T 48 -25.02 -42.65 37.97
N GLU T 49 -25.01 -42.62 39.30
CA GLU T 49 -24.59 -43.77 40.10
C GLU T 49 -25.36 -45.05 39.76
N GLY T 50 -24.62 -46.15 39.62
CA GLY T 50 -25.18 -47.48 39.42
C GLY T 50 -25.52 -47.85 37.99
N LYS T 51 -25.71 -46.83 37.14
CA LYS T 51 -26.24 -47.01 35.78
C LYS T 51 -25.19 -47.43 34.74
N LEU T 52 -23.92 -47.31 35.10
CA LEU T 52 -22.83 -47.45 34.14
C LEU T 52 -22.13 -48.81 34.18
N TRP T 53 -21.46 -49.12 33.06
CA TRP T 53 -20.79 -50.41 32.90
C TRP T 53 -19.69 -50.62 33.94
N LYS T 54 -19.03 -49.53 34.31
CA LYS T 54 -18.05 -49.58 35.39
C LYS T 54 -18.69 -49.87 36.75
N HIS T 55 -19.98 -49.53 36.90
CA HIS T 55 -20.73 -49.85 38.12
C HIS T 55 -21.32 -51.27 38.10
N ILE T 56 -21.88 -51.70 36.96
CA ILE T 56 -22.38 -53.10 36.87
C ILE T 56 -21.37 -54.09 36.23
N LYS T 57 -20.09 -53.73 36.25
CA LYS T 57 -19.04 -54.57 35.67
C LYS T 57 -18.80 -55.81 36.53
N HIS T 58 -18.40 -55.57 37.78
CA HIS T 58 -18.02 -56.63 38.72
C HIS T 58 -18.96 -57.83 38.70
N LYS T 59 -20.23 -57.57 38.43
CA LYS T 59 -21.26 -58.62 38.42
C LYS T 59 -21.04 -59.70 37.37
N TYR T 60 -20.35 -59.38 36.27
CA TYR T 60 -20.15 -60.36 35.20
C TYR T 60 -18.68 -60.65 34.98
N GLU T 61 -17.90 -60.65 36.06
CA GLU T 61 -16.45 -60.89 36.04
C GLU T 61 -15.98 -61.56 37.34
#